data_7UJE
#
_entry.id   7UJE
#
_cell.length_a   259.560
_cell.length_b   143.710
_cell.length_c   105.170
_cell.angle_alpha   90.000
_cell.angle_beta   90.000
_cell.angle_gamma   90.000
#
_symmetry.space_group_name_H-M   'P 21 21 2'
#
loop_
_entity.id
_entity.type
_entity.pdbx_description
1 polymer 'Integrin alpha-IIb'
2 polymer 'Integrin beta-3'
3 polymer 'Fab heavy chain'
4 polymer 'Fab light chain'
5 branched alpha-D-mannopyranose-(1-3)-[alpha-D-mannopyranose-(1-6)]beta-D-mannopyranose-(1-4)-2-acetamido-2-deoxy-beta-D-glucopyranose-(1-4)-2-acetamido-2-deoxy-beta-D-glucopyranose
6 branched 2-acetamido-2-deoxy-beta-D-glucopyranose-(1-4)-2-acetamido-2-deoxy-beta-D-glucopyranose
7 non-polymer 'SULFATE ION'
8 non-polymer 'CALCIUM ION'
9 non-polymer GLYCEROL
10 non-polymer 'MANGANESE (II) ION'
11 non-polymer 2-acetamido-2-deoxy-beta-D-glucopyranose
12 non-polymer '{5-[N-(4-carbamimidoylbenzoyl)-4-nitro-L-phenylalanyl]-4,5,6,7-tetrahydro-2H-pyrazolo[4,3-c]pyridin-2-yl}acetic acid'
13 non-polymer 'CHLORIDE ION'
14 water water
#
loop_
_entity_poly.entity_id
_entity_poly.type
_entity_poly.pdbx_seq_one_letter_code
_entity_poly.pdbx_strand_id
1 'polypeptide(L)'
;LNLDPVQLTFYAGPNGSQFGFSLDFHKDSHGRVAIVVGAPRTLGPSQEETGGVFLCPWRAEGGQCPSLLFDLRDETRNVG
SQTLQTFKARQGLGASVVSWSDVIVACAPWQHWNVLEKTEEAEKTPVGSCFLAQPESGRRAEYSPCRGNTLSRIYVENDF
SWDKRYCEAGFSSVVTQAGELVLGAPGGYYFLGLLAQAPVADIFSSYRPGILLWHVSSQSLSFDSSNPEYFDGYWGYSVA
VGEFDGDLNTTEYVVGAPTWSWTLGAVEILDSYYQRLHRLRGEQMASYFGHSVAVTDVNGDGRHDLLVGAPLYMESRADR
KLAEVGRVYLFLQPRGPHALGAPSLLLTGTQLYGRFGSAIAPLGDLDRDGYNDIAVAAPYGGPSGRGQVLVFLGQSEGLR
SRPSQVLDSPFPTGSAFGFSLRGAVDIDDNGYPDLIVGAYGANQVAVYRAQPVV
;
A,C
2 'polypeptide(L)'
;GPNICTTRGVSSCQQCLAVSPMCAWCSDEALPLGSPRCDLKENLLKDNCAPESIEFPVSEARVLEDRPLSDKGSGDSSQV
TQVSPQRIALRLRPDDSKNFSIQVRQVEDYPVDIYYLMDLSYSMKDDLWSIQNLGTKLATQMRKLTSNLRIGFGAFVDKP
VSPYMYISPPEALENPCYDMKTTCLPMFGYKHVLTLTDQVTRFNEEVKKQSVSRNRDAPEGGFDAIMQATVCDEKIGWRN
DASHLLVFTTDAKTHIALDGRLAGIVQPNDGQCHVGSDNHYSASTTMDYPSLGLMTEKLSQKNINLIFAVTENVVNLYQN
YSELIPGTTVGVLSMDSSNVLQLIVDAYGKIRSKVELEVRDLPEELSLSFNATCLNNEVIPGLKSCMGLKIGDTVSFSIE
AKVRGCPQEKEKSFTIKPVGFKDSLIVQVTFDCDCACQAQAEPNSHRCNNGNGTFECGVCRCGPGWLGSQC
;
B,D
3 'polypeptide(L)'
;EVQLQQSGAELVKPGASVKLSCTASGFNIKDTYVHWVKQRPEQGLEWIGRIDPANGYTKYDPKFQGKATITADTSSNTAY
LQLSSLTSEDTAVYYCVRPLYDYYAMDYWGQGTSVTVSSAKTTAPSVYPLAPVCTGSSVTLGCLVKGYFPEPVTLTWNSG
SLSSGVHTFPAVLQSDLYTLSSSVTVTSSTWPSQSITCNVAHPASSTKVDKKIEPR
;
E,H
4 'polypeptide(L)'
;DILMTQSPSSMSVSLGDTVSITCHASQGISSNIGWLQQKPGKSFMGLIYYGTNLVDGVPSRFSGSGSGADYSLTISSLDS
EDFADYYCVQYAQLPYTFGGGTKLEIKRADAAPTVSIFPPSSEQLTSGGASVVCFLNNFYPKDINVKWKIDGSERQNGVL
NSWTDQDSKDSTYSMSSTLTLTKDEYERHNSYTCEATHKTSTSPIVKSFNRNEC
;
F,L
#
loop_
_chem_comp.id
_chem_comp.type
_chem_comp.name
_chem_comp.formula
BMA D-saccharide, beta linking beta-D-mannopyranose 'C6 H12 O6'
CA non-polymer 'CALCIUM ION' 'Ca 2'
CL non-polymer 'CHLORIDE ION' 'Cl -1'
GOL non-polymer GLYCEROL 'C3 H8 O3'
I1F non-polymer '{5-[N-(4-carbamimidoylbenzoyl)-4-nitro-L-phenylalanyl]-4,5,6,7-tetrahydro-2H-pyrazolo[4,3-c]pyridin-2-yl}acetic acid' 'C25 H25 N7 O6'
MAN D-saccharide, alpha linking alpha-D-mannopyranose 'C6 H12 O6'
MN non-polymer 'MANGANESE (II) ION' 'Mn 2'
NAG D-saccharide, beta linking 2-acetamido-2-deoxy-beta-D-glucopyranose 'C8 H15 N O6'
SO4 non-polymer 'SULFATE ION' 'O4 S -2'
#
# COMPACT_ATOMS: atom_id res chain seq x y z
N LEU A 1 -41.18 -19.77 17.56
CA LEU A 1 -42.18 -20.79 17.27
C LEU A 1 -43.25 -20.85 18.35
N ASN A 2 -42.81 -20.99 19.60
CA ASN A 2 -43.70 -21.23 20.73
C ASN A 2 -43.75 -20.06 21.69
N LEU A 3 -43.46 -18.85 21.21
CA LEU A 3 -43.73 -17.66 21.99
C LEU A 3 -45.21 -17.31 21.89
N ASP A 4 -45.75 -16.75 22.98
CA ASP A 4 -47.18 -16.44 23.06
C ASP A 4 -47.40 -15.00 22.61
N PRO A 5 -47.97 -14.75 21.44
CA PRO A 5 -48.26 -13.38 21.01
C PRO A 5 -49.64 -12.87 21.41
N VAL A 6 -50.39 -13.63 22.19
CA VAL A 6 -51.75 -13.23 22.57
C VAL A 6 -51.76 -12.51 23.91
N GLN A 7 -51.18 -13.11 24.95
CA GLN A 7 -51.16 -12.53 26.29
C GLN A 7 -49.75 -12.03 26.57
N LEU A 8 -49.52 -10.75 26.33
CA LEU A 8 -48.24 -10.12 26.58
C LEU A 8 -48.27 -9.41 27.93
N THR A 9 -47.08 -9.00 28.38
CA THR A 9 -46.92 -8.18 29.58
C THR A 9 -46.26 -6.88 29.18
N PHE A 10 -46.80 -5.76 29.66
CA PHE A 10 -46.34 -4.44 29.26
C PHE A 10 -45.85 -3.68 30.50
N TYR A 11 -44.60 -3.23 30.44
CA TYR A 11 -44.05 -2.28 31.39
C TYR A 11 -43.90 -0.93 30.70
N ALA A 12 -43.99 0.14 31.48
CA ALA A 12 -44.01 1.48 30.91
C ALA A 12 -43.24 2.44 31.80
N GLY A 13 -42.71 3.50 31.18
CA GLY A 13 -42.03 4.56 31.88
C GLY A 13 -42.63 5.91 31.54
N PRO A 14 -41.96 6.98 31.96
CA PRO A 14 -42.46 8.32 31.66
C PRO A 14 -42.51 8.60 30.16
N ASN A 15 -43.31 9.59 29.79
CA ASN A 15 -43.42 9.98 28.39
C ASN A 15 -42.15 10.71 27.95
N GLY A 16 -41.62 10.32 26.80
CA GLY A 16 -40.42 10.91 26.25
C GLY A 16 -39.12 10.47 26.92
N SER A 17 -39.19 9.58 27.91
CA SER A 17 -37.99 9.11 28.59
C SER A 17 -37.20 8.10 27.77
N GLN A 18 -37.72 7.66 26.62
CA GLN A 18 -37.12 6.58 25.83
C GLN A 18 -36.91 5.33 26.67
N PHE A 19 -37.83 5.12 27.61
CA PHE A 19 -37.88 3.89 28.40
C PHE A 19 -37.93 2.68 27.49
N GLY A 20 -37.00 1.75 27.67
CA GLY A 20 -36.87 0.60 26.82
C GLY A 20 -35.79 0.70 25.78
N PHE A 21 -34.99 1.78 25.79
CA PHE A 21 -33.87 1.91 24.87
C PHE A 21 -32.86 0.79 25.07
N SER A 22 -32.74 0.28 26.30
CA SER A 22 -31.88 -0.85 26.61
C SER A 22 -32.50 -1.62 27.75
N LEU A 23 -32.26 -2.93 27.77
CA LEU A 23 -32.87 -3.80 28.77
C LEU A 23 -32.03 -5.05 28.96
N ASP A 24 -32.23 -5.69 30.11
CA ASP A 24 -31.55 -6.94 30.43
C ASP A 24 -32.29 -7.61 31.58
N PHE A 25 -32.11 -8.93 31.69
CA PHE A 25 -32.64 -9.66 32.83
C PHE A 25 -31.68 -9.53 34.01
N HIS A 26 -32.26 -9.42 35.21
CA HIS A 26 -31.47 -9.26 36.43
C HIS A 26 -31.97 -10.24 37.47
N LYS A 27 -31.07 -11.10 37.95
CA LYS A 27 -31.36 -12.02 39.04
C LYS A 27 -30.73 -11.48 40.32
N ASP A 28 -31.52 -11.38 41.38
CA ASP A 28 -31.01 -10.95 42.68
C ASP A 28 -30.23 -12.11 43.30
N SER A 29 -29.80 -11.95 44.56
CA SER A 29 -29.02 -12.97 45.24
C SER A 29 -29.79 -14.27 45.46
N HIS A 30 -31.12 -14.26 45.27
CA HIS A 30 -31.95 -15.44 45.48
C HIS A 30 -32.36 -16.10 44.17
N GLY A 31 -32.02 -15.52 43.03
CA GLY A 31 -32.37 -16.09 41.74
C GLY A 31 -33.69 -15.61 41.18
N ARG A 32 -34.35 -14.65 41.82
CA ARG A 32 -35.60 -14.10 41.33
C ARG A 32 -35.32 -13.13 40.19
N VAL A 33 -35.83 -13.42 39.01
CA VAL A 33 -35.51 -12.66 37.81
C VAL A 33 -36.33 -11.38 37.78
N ALA A 34 -35.67 -10.26 37.52
CA ALA A 34 -36.32 -8.97 37.27
C ALA A 34 -35.90 -8.47 35.89
N ILE A 35 -36.31 -7.26 35.55
CA ILE A 35 -35.99 -6.64 34.27
C ILE A 35 -35.45 -5.23 34.55
N VAL A 36 -34.19 -5.00 34.24
CA VAL A 36 -33.59 -3.67 34.32
C VAL A 36 -33.80 -2.99 32.98
N VAL A 37 -34.28 -1.75 33.01
CA VAL A 37 -34.62 -0.99 31.81
C VAL A 37 -33.93 0.36 31.87
N GLY A 38 -33.31 0.75 30.76
CA GLY A 38 -32.67 2.05 30.64
C GLY A 38 -33.57 3.03 29.91
N ALA A 39 -33.64 4.25 30.45
CA ALA A 39 -34.43 5.33 29.87
C ALA A 39 -33.52 6.56 29.75
N PRO A 40 -32.80 6.69 28.63
CA PRO A 40 -31.72 7.69 28.57
C PRO A 40 -32.17 9.14 28.55
N ARG A 41 -33.46 9.44 28.38
CA ARG A 41 -33.93 10.81 28.35
C ARG A 41 -34.87 11.11 29.53
N THR A 42 -34.71 10.38 30.63
CA THR A 42 -35.49 10.66 31.82
C THR A 42 -35.04 11.97 32.46
N LEU A 43 -36.02 12.77 32.88
CA LEU A 43 -35.72 14.05 33.51
C LEU A 43 -34.98 13.83 34.83
N GLY A 44 -34.08 14.76 35.14
CA GLY A 44 -33.33 14.71 36.37
C GLY A 44 -33.86 15.66 37.42
N PRO A 45 -32.97 16.15 38.28
CA PRO A 45 -33.43 17.11 39.30
C PRO A 45 -33.73 18.49 38.73
N SER A 46 -32.95 18.94 37.75
CA SER A 46 -33.08 20.29 37.24
C SER A 46 -34.08 20.33 36.08
N GLN A 47 -35.01 19.38 36.08
CA GLN A 47 -36.00 19.23 35.02
C GLN A 47 -35.35 19.05 33.66
N GLU A 48 -34.10 18.57 33.64
CA GLU A 48 -33.33 18.41 32.41
C GLU A 48 -33.09 16.93 32.15
N GLU A 49 -33.00 16.57 30.88
CA GLU A 49 -32.76 15.19 30.50
C GLU A 49 -31.39 14.73 31.02
N THR A 50 -31.40 13.73 31.90
CA THR A 50 -30.17 13.08 32.35
C THR A 50 -30.18 11.58 32.16
N GLY A 51 -31.34 10.95 31.97
CA GLY A 51 -31.44 9.52 31.92
C GLY A 51 -31.80 8.92 33.27
N GLY A 52 -32.22 7.65 33.22
CA GLY A 52 -32.61 6.96 34.42
C GLY A 52 -32.68 5.47 34.17
N VAL A 53 -32.69 4.72 35.28
CA VAL A 53 -32.69 3.26 35.23
C VAL A 53 -33.82 2.76 36.12
N PHE A 54 -34.58 1.79 35.62
CA PHE A 54 -35.71 1.21 36.34
C PHE A 54 -35.51 -0.29 36.51
N LEU A 55 -35.86 -0.79 37.68
CA LEU A 55 -35.73 -2.21 38.01
C LEU A 55 -37.13 -2.78 38.19
N CYS A 56 -37.63 -3.45 37.15
CA CYS A 56 -39.01 -3.91 37.13
C CYS A 56 -39.12 -5.30 37.74
N PRO A 57 -39.91 -5.49 38.80
CA PRO A 57 -40.20 -6.84 39.28
C PRO A 57 -41.12 -7.55 38.30
N TRP A 58 -40.96 -8.87 38.20
CA TRP A 58 -41.76 -9.65 37.27
C TRP A 58 -43.19 -9.75 37.77
N ARG A 59 -44.13 -9.25 36.96
CA ARG A 59 -45.56 -9.39 37.22
C ARG A 59 -46.25 -9.65 35.89
N ALA A 60 -47.12 -10.65 35.85
CA ALA A 60 -47.81 -10.98 34.61
C ALA A 60 -48.63 -9.80 34.08
N GLU A 61 -49.00 -8.86 34.95
CA GLU A 61 -49.73 -7.69 34.53
C GLU A 61 -48.80 -6.54 34.11
N GLY A 62 -47.57 -6.53 34.62
CA GLY A 62 -46.62 -5.45 34.39
C GLY A 62 -46.95 -4.13 35.05
N GLY A 63 -46.92 -3.05 34.26
CA GLY A 63 -47.23 -1.74 34.80
C GLY A 63 -46.02 -0.87 35.04
N GLN A 64 -46.07 -0.05 36.09
CA GLN A 64 -44.97 0.86 36.38
C GLN A 64 -43.86 0.15 37.16
N CYS A 65 -42.67 0.72 37.12
CA CYS A 65 -41.51 0.15 37.77
C CYS A 65 -40.86 1.15 38.71
N PRO A 66 -40.25 0.69 39.79
CA PRO A 66 -39.48 1.59 40.65
C PRO A 66 -38.16 1.98 40.01
N SER A 67 -37.61 3.10 40.46
CA SER A 67 -36.36 3.61 39.95
C SER A 67 -35.17 2.99 40.66
N LEU A 68 -34.11 2.74 39.92
CA LEU A 68 -32.80 2.38 40.47
C LEU A 68 -31.99 3.67 40.54
N LEU A 69 -31.90 4.24 41.73
CA LEU A 69 -31.41 5.60 41.91
C LEU A 69 -29.89 5.68 41.72
N PHE A 70 -29.47 6.79 41.12
CA PHE A 70 -28.05 7.13 40.98
C PHE A 70 -27.90 8.62 41.24
N ASP A 71 -26.65 9.04 41.47
CA ASP A 71 -26.34 10.44 41.73
C ASP A 71 -26.29 11.19 40.41
N LEU A 72 -27.14 12.21 40.27
CA LEU A 72 -27.25 12.98 39.04
C LEU A 72 -26.67 14.37 39.15
N ARG A 73 -26.02 14.70 40.26
CA ARG A 73 -25.48 16.03 40.47
C ARG A 73 -24.12 16.17 39.79
N ASP A 74 -23.90 17.31 39.15
CA ASP A 74 -22.59 17.61 38.59
C ASP A 74 -21.56 17.75 39.70
N GLU A 75 -20.34 17.31 39.44
CA GLU A 75 -19.29 17.28 40.44
C GLU A 75 -18.13 18.18 40.01
N THR A 76 -17.54 18.85 41.00
CA THR A 76 -16.39 19.72 40.79
C THR A 76 -15.41 19.51 41.93
N ARG A 77 -14.15 19.21 41.58
CA ARG A 77 -13.10 19.01 42.57
C ARG A 77 -11.90 19.84 42.18
N ASN A 78 -11.47 20.72 43.08
CA ASN A 78 -10.26 21.52 42.90
C ASN A 78 -9.13 20.81 43.63
N VAL A 79 -8.24 20.18 42.86
CA VAL A 79 -7.16 19.37 43.42
C VAL A 79 -5.96 19.46 42.48
N GLY A 80 -4.76 19.44 43.07
CA GLY A 80 -3.53 19.49 42.30
C GLY A 80 -3.43 20.69 41.38
N SER A 81 -3.88 21.86 41.83
CA SER A 81 -3.89 23.09 41.04
C SER A 81 -4.69 22.95 39.75
N GLN A 82 -5.63 22.01 39.71
CA GLN A 82 -6.50 21.80 38.56
C GLN A 82 -7.95 21.84 39.04
N THR A 83 -8.87 21.82 38.07
CA THR A 83 -10.31 21.83 38.34
C THR A 83 -10.96 20.75 37.49
N LEU A 84 -11.44 19.70 38.14
CA LEU A 84 -12.08 18.58 37.47
C LEU A 84 -13.59 18.78 37.46
N GLN A 85 -14.22 18.54 36.32
CA GLN A 85 -15.63 18.82 36.14
C GLN A 85 -16.33 17.65 35.45
N THR A 86 -17.47 17.25 35.99
CA THR A 86 -18.36 16.29 35.35
C THR A 86 -19.68 16.98 35.01
N PHE A 87 -20.23 16.63 33.84
CA PHE A 87 -21.47 17.23 33.36
C PHE A 87 -22.42 16.10 32.96
N LYS A 88 -23.54 16.01 33.66
CA LYS A 88 -24.48 14.90 33.50
C LYS A 88 -25.74 15.29 32.74
N ALA A 89 -25.81 16.51 32.22
CA ALA A 89 -26.95 16.90 31.41
C ALA A 89 -26.90 16.20 30.06
N ARG A 90 -28.03 15.57 29.68
CA ARG A 90 -28.15 14.84 28.42
C ARG A 90 -27.10 13.74 28.30
N GLN A 91 -26.66 13.19 29.43
CA GLN A 91 -25.65 12.14 29.42
C GLN A 91 -26.20 10.82 28.91
N GLY A 92 -27.51 10.65 28.89
CA GLY A 92 -28.11 9.42 28.40
C GLY A 92 -27.92 8.22 29.28
N LEU A 93 -27.96 8.41 30.60
CA LEU A 93 -27.88 7.30 31.53
C LEU A 93 -28.98 6.30 31.24
N GLY A 94 -28.59 5.05 30.96
CA GLY A 94 -29.51 4.03 30.54
C GLY A 94 -29.51 3.76 29.04
N ALA A 95 -28.62 4.41 28.29
CA ALA A 95 -28.47 4.09 26.87
C ALA A 95 -27.96 2.67 26.67
N SER A 96 -27.35 2.09 27.71
CA SER A 96 -27.00 0.67 27.72
C SER A 96 -27.05 0.17 29.15
N VAL A 97 -27.69 -0.97 29.35
CA VAL A 97 -27.74 -1.61 30.66
C VAL A 97 -27.39 -3.08 30.50
N VAL A 98 -26.75 -3.64 31.53
CA VAL A 98 -26.34 -5.03 31.51
C VAL A 98 -26.28 -5.50 32.96
N SER A 99 -26.58 -6.78 33.16
CA SER A 99 -26.63 -7.36 34.49
C SER A 99 -25.69 -8.54 34.59
N TRP A 100 -24.99 -8.63 35.72
CA TRP A 100 -24.12 -9.76 36.03
C TRP A 100 -24.17 -10.02 37.52
N SER A 101 -24.47 -11.26 37.90
CA SER A 101 -24.62 -11.66 39.31
C SER A 101 -25.71 -10.77 39.91
N ASP A 102 -25.51 -10.20 41.09
CA ASP A 102 -26.48 -9.28 41.69
C ASP A 102 -26.08 -7.82 41.48
N VAL A 103 -25.46 -7.52 40.35
CA VAL A 103 -24.94 -6.18 40.06
C VAL A 103 -25.51 -5.71 38.73
N ILE A 104 -25.91 -4.45 38.67
CA ILE A 104 -26.38 -3.80 37.46
C ILE A 104 -25.38 -2.72 37.06
N VAL A 105 -25.05 -2.68 35.76
CA VAL A 105 -24.15 -1.68 35.21
C VAL A 105 -24.91 -0.88 34.17
N ALA A 106 -25.21 0.38 34.49
CA ALA A 106 -25.89 1.28 33.57
C ALA A 106 -24.93 2.40 33.19
N CYS A 107 -24.87 2.73 31.91
CA CYS A 107 -23.88 3.64 31.38
C CYS A 107 -24.52 4.86 30.76
N ALA A 108 -23.84 6.01 30.90
CA ALA A 108 -24.22 7.26 30.27
C ALA A 108 -23.17 7.61 29.22
N PRO A 109 -23.32 7.16 27.98
CA PRO A 109 -22.25 7.36 26.99
C PRO A 109 -21.89 8.81 26.71
N TRP A 110 -22.81 9.75 26.96
CA TRP A 110 -22.58 11.14 26.60
C TRP A 110 -22.39 12.04 27.82
N GLN A 111 -21.95 11.47 28.94
CA GLN A 111 -21.55 12.29 30.08
C GLN A 111 -20.27 13.04 29.74
N HIS A 112 -20.29 14.35 29.91
CA HIS A 112 -19.17 15.17 29.49
C HIS A 112 -18.20 15.41 30.65
N TRP A 113 -16.99 15.84 30.29
CA TRP A 113 -15.89 15.98 31.23
C TRP A 113 -14.97 17.09 30.75
N ASN A 114 -14.39 17.81 31.70
CA ASN A 114 -13.48 18.90 31.37
C ASN A 114 -12.55 19.13 32.55
N VAL A 115 -11.34 19.58 32.25
CA VAL A 115 -10.33 19.91 33.25
C VAL A 115 -9.85 21.33 32.99
N LEU A 116 -9.98 22.19 33.98
CA LEU A 116 -9.57 23.59 33.87
C LEU A 116 -8.29 23.82 34.65
N GLU A 117 -7.30 24.42 33.99
CA GLU A 117 -6.04 24.78 34.63
C GLU A 117 -5.67 26.18 34.14
N LYS A 118 -5.96 27.19 34.97
CA LYS A 118 -5.73 28.60 34.65
C LYS A 118 -6.55 28.93 33.41
N THR A 119 -5.95 29.48 32.35
CA THR A 119 -6.66 29.83 31.12
C THR A 119 -6.74 28.67 30.14
N GLU A 120 -6.08 27.56 30.43
CA GLU A 120 -6.11 26.39 29.57
C GLU A 120 -7.21 25.43 30.01
N GLU A 121 -7.47 24.43 29.17
CA GLU A 121 -8.46 23.42 29.48
C GLU A 121 -8.16 22.17 28.67
N ALA A 122 -8.85 21.08 29.02
CA ALA A 122 -8.75 19.82 28.31
C ALA A 122 -9.82 19.66 27.24
N GLU A 123 -10.71 20.66 27.10
CA GLU A 123 -11.88 20.65 26.23
C GLU A 123 -13.00 19.79 26.81
N LYS A 124 -14.17 20.40 26.97
CA LYS A 124 -15.37 19.72 27.48
C LYS A 124 -15.86 18.73 26.44
N THR A 125 -15.67 17.44 26.71
CA THR A 125 -15.87 16.38 25.74
C THR A 125 -16.62 15.22 26.37
N PRO A 126 -17.31 14.39 25.56
CA PRO A 126 -18.05 13.26 26.12
C PRO A 126 -17.19 12.02 26.35
N VAL A 127 -16.61 11.90 27.54
CA VAL A 127 -15.82 10.71 27.86
C VAL A 127 -16.71 9.51 28.19
N GLY A 128 -17.95 9.74 28.59
CA GLY A 128 -18.82 8.66 29.01
C GLY A 128 -18.50 8.19 30.42
N SER A 129 -19.47 7.47 31.00
CA SER A 129 -19.32 6.93 32.35
C SER A 129 -20.39 5.87 32.56
N CYS A 130 -20.06 4.88 33.39
CA CYS A 130 -20.98 3.82 33.76
C CYS A 130 -21.22 3.85 35.26
N PHE A 131 -22.48 3.70 35.65
CA PHE A 131 -22.88 3.61 37.04
C PHE A 131 -23.13 2.16 37.40
N LEU A 132 -22.59 1.73 38.54
CA LEU A 132 -22.72 0.36 39.01
C LEU A 132 -23.49 0.34 40.32
N ALA A 133 -24.34 -0.67 40.49
CA ALA A 133 -25.21 -0.73 41.65
C ALA A 133 -25.46 -2.18 42.05
N GLN A 134 -25.36 -2.45 43.35
CA GLN A 134 -25.82 -3.70 43.93
C GLN A 134 -27.14 -3.41 44.62
N PRO A 135 -28.29 -3.71 43.99
CA PRO A 135 -29.56 -3.18 44.50
C PRO A 135 -29.90 -3.59 45.92
N GLU A 136 -29.68 -4.86 46.29
CA GLU A 136 -30.09 -5.32 47.61
C GLU A 136 -29.28 -4.66 48.72
N SER A 137 -28.01 -4.38 48.48
CA SER A 137 -27.15 -3.78 49.49
C SER A 137 -27.15 -2.26 49.45
N GLY A 138 -27.37 -1.67 48.28
CA GLY A 138 -27.28 -0.24 48.12
C GLY A 138 -25.91 0.28 47.74
N ARG A 139 -24.92 -0.61 47.59
CA ARG A 139 -23.59 -0.18 47.18
C ARG A 139 -23.65 0.47 45.80
N ARG A 140 -22.84 1.51 45.62
CA ARG A 140 -22.75 2.22 44.34
C ARG A 140 -21.28 2.36 43.96
N ALA A 141 -21.04 2.50 42.66
CA ALA A 141 -19.70 2.68 42.14
C ALA A 141 -19.80 3.24 40.73
N GLU A 142 -18.74 3.89 40.30
CA GLU A 142 -18.66 4.47 38.96
C GLU A 142 -17.38 3.98 38.28
N TYR A 143 -17.40 4.00 36.95
CA TYR A 143 -16.23 3.61 36.16
C TYR A 143 -16.20 4.47 34.91
N SER A 144 -15.19 5.34 34.82
CA SER A 144 -15.02 6.24 33.68
C SER A 144 -13.55 6.23 33.29
N PRO A 145 -13.11 5.20 32.56
CA PRO A 145 -11.67 5.02 32.31
C PRO A 145 -11.08 6.01 31.31
N CYS A 146 -11.90 6.76 30.58
CA CYS A 146 -11.38 7.68 29.58
C CYS A 146 -11.22 9.10 30.08
N ARG A 147 -11.56 9.36 31.34
CA ARG A 147 -11.30 10.67 31.92
C ARG A 147 -9.81 10.92 32.00
N GLY A 148 -9.37 12.09 31.54
CA GLY A 148 -7.98 12.47 31.60
C GLY A 148 -7.82 13.84 32.25
N ASN A 149 -6.56 14.21 32.48
CA ASN A 149 -6.23 15.52 33.02
C ASN A 149 -5.19 16.22 32.15
N THR A 150 -5.02 15.78 30.91
CA THR A 150 -4.07 16.39 29.99
C THR A 150 -4.73 17.57 29.29
N LEU A 151 -4.03 18.69 29.22
CA LEU A 151 -4.58 19.90 28.63
C LEU A 151 -4.62 19.79 27.11
N SER A 152 -5.41 20.68 26.50
CA SER A 152 -5.69 20.59 25.06
C SER A 152 -4.43 20.75 24.23
N ARG A 153 -3.50 21.60 24.68
CA ARG A 153 -2.31 21.90 23.89
C ARG A 153 -1.47 20.65 23.65
N ILE A 154 -1.41 19.74 24.62
CA ILE A 154 -0.55 18.57 24.51
C ILE A 154 -1.04 17.64 23.39
N TYR A 155 -2.36 17.46 23.28
CA TYR A 155 -2.90 16.62 22.22
C TYR A 155 -2.54 17.14 20.83
N VAL A 156 -2.45 18.46 20.69
CA VAL A 156 -2.10 19.03 19.38
C VAL A 156 -0.64 18.76 19.06
N GLU A 157 0.23 18.84 20.06
CA GLU A 157 1.65 18.58 19.83
C GLU A 157 1.91 17.14 19.42
N ASN A 158 1.12 16.20 19.93
CA ASN A 158 1.28 14.78 19.62
C ASN A 158 0.35 14.33 18.51
N ASP A 159 -0.24 15.26 17.77
CA ASP A 159 -1.08 14.96 16.61
C ASP A 159 -2.28 14.10 17.00
N PHE A 160 -2.84 14.38 18.18
CA PHE A 160 -4.05 13.71 18.68
C PHE A 160 -3.86 12.19 18.77
N SER A 161 -2.72 11.79 19.32
CA SER A 161 -2.47 10.38 19.61
C SER A 161 -2.94 10.07 21.02
N TRP A 162 -3.53 8.88 21.19
CA TRP A 162 -4.02 8.43 22.49
C TRP A 162 -5.04 9.41 23.08
N ASP A 163 -5.90 9.94 22.22
CA ASP A 163 -6.90 10.93 22.62
C ASP A 163 -8.18 10.20 23.00
N LYS A 164 -8.40 10.02 24.30
CA LYS A 164 -9.58 9.35 24.81
C LYS A 164 -10.68 10.31 25.24
N ARG A 165 -10.59 11.59 24.86
CA ARG A 165 -11.53 12.59 25.35
C ARG A 165 -12.95 12.38 24.84
N TYR A 166 -13.12 11.70 23.71
CA TYR A 166 -14.43 11.52 23.10
C TYR A 166 -14.83 10.04 23.07
N CYS A 167 -14.40 9.27 24.08
CA CYS A 167 -14.65 7.83 24.10
C CYS A 167 -16.13 7.50 23.96
N GLU A 168 -16.97 8.12 24.80
CA GLU A 168 -18.34 7.68 25.01
C GLU A 168 -18.36 6.23 25.49
N ALA A 169 -17.55 5.96 26.51
CA ALA A 169 -17.49 4.63 27.10
C ALA A 169 -18.83 4.25 27.70
N GLY A 170 -19.22 2.99 27.52
CA GLY A 170 -20.55 2.53 27.87
C GLY A 170 -21.54 2.62 26.75
N PHE A 171 -21.13 3.12 25.58
CA PHE A 171 -21.96 3.06 24.37
C PHE A 171 -22.50 1.65 24.17
N SER A 172 -21.63 0.66 24.30
CA SER A 172 -22.02 -0.74 24.37
C SER A 172 -21.30 -1.38 25.55
N SER A 173 -21.81 -2.51 26.02
CA SER A 173 -21.25 -3.13 27.20
C SER A 173 -21.57 -4.61 27.24
N VAL A 174 -20.76 -5.33 28.00
CA VAL A 174 -20.95 -6.76 28.22
C VAL A 174 -20.08 -7.16 29.40
N VAL A 175 -20.45 -8.24 30.08
CA VAL A 175 -19.70 -8.73 31.23
C VAL A 175 -19.37 -10.20 31.01
N THR A 176 -18.10 -10.55 31.19
CA THR A 176 -17.69 -11.94 31.11
C THR A 176 -18.21 -12.70 32.34
N GLN A 177 -18.34 -14.03 32.18
CA GLN A 177 -18.79 -14.86 33.28
C GLN A 177 -17.85 -14.80 34.48
N ALA A 178 -16.59 -14.42 34.26
CA ALA A 178 -15.66 -14.21 35.36
C ALA A 178 -15.87 -12.89 36.07
N GLY A 179 -16.73 -12.02 35.55
CA GLY A 179 -17.05 -10.77 36.21
C GLY A 179 -16.18 -9.60 35.79
N GLU A 180 -15.85 -9.55 34.50
CA GLU A 180 -15.00 -8.50 33.95
C GLU A 180 -15.84 -7.65 33.00
N LEU A 181 -16.08 -6.40 33.40
CA LEU A 181 -16.86 -5.48 32.58
C LEU A 181 -16.06 -5.01 31.38
N VAL A 182 -16.67 -5.10 30.19
CA VAL A 182 -16.04 -4.70 28.94
C VAL A 182 -16.92 -3.64 28.30
N LEU A 183 -16.40 -2.42 28.19
CA LEU A 183 -17.14 -1.29 27.65
C LEU A 183 -16.66 -0.95 26.26
N GLY A 184 -17.60 -0.68 25.36
CA GLY A 184 -17.28 -0.21 24.02
C GLY A 184 -17.30 1.31 24.00
N ALA A 185 -16.20 1.89 23.51
CA ALA A 185 -16.03 3.34 23.36
C ALA A 185 -15.74 3.65 21.90
N PRO A 186 -16.78 3.90 21.09
CA PRO A 186 -16.56 4.04 19.63
C PRO A 186 -15.97 5.37 19.23
N GLY A 187 -15.90 6.34 20.13
CA GLY A 187 -15.18 7.57 19.92
C GLY A 187 -13.75 7.62 20.42
N GLY A 188 -13.26 6.59 21.10
CA GLY A 188 -11.90 6.65 21.63
C GLY A 188 -10.86 6.73 20.53
N TYR A 189 -9.72 7.35 20.85
CA TYR A 189 -8.60 7.51 19.92
C TYR A 189 -9.05 8.29 18.67
N TYR A 190 -9.75 9.40 18.92
CA TYR A 190 -10.27 10.28 17.88
C TYR A 190 -11.11 9.51 16.88
N PHE A 191 -12.12 8.84 17.44
CA PHE A 191 -13.17 8.13 16.70
C PHE A 191 -12.66 6.90 15.97
N LEU A 192 -11.47 6.41 16.33
CA LEU A 192 -11.09 5.05 15.93
C LEU A 192 -11.89 4.02 16.71
N GLY A 193 -11.99 4.22 18.02
CA GLY A 193 -12.72 3.32 18.89
C GLY A 193 -11.77 2.50 19.74
N LEU A 194 -12.16 2.27 21.00
CA LEU A 194 -11.35 1.49 21.92
C LEU A 194 -12.28 0.65 22.80
N LEU A 195 -11.68 -0.30 23.49
CA LEU A 195 -12.36 -1.13 24.48
C LEU A 195 -11.72 -0.94 25.83
N ALA A 196 -12.53 -0.89 26.88
CA ALA A 196 -12.06 -0.75 28.25
C ALA A 196 -12.55 -1.93 29.06
N GLN A 197 -11.62 -2.59 29.76
CA GLN A 197 -11.91 -3.77 30.56
C GLN A 197 -11.41 -3.55 31.98
N ALA A 198 -12.19 -4.00 32.96
CA ALA A 198 -11.82 -3.90 34.36
C ALA A 198 -12.68 -4.86 35.16
N PRO A 199 -12.13 -5.53 36.18
CA PRO A 199 -12.98 -6.40 37.02
C PRO A 199 -13.99 -5.59 37.81
N VAL A 200 -15.21 -6.13 37.92
CA VAL A 200 -16.29 -5.45 38.62
C VAL A 200 -15.93 -5.26 40.09
N ALA A 201 -15.36 -6.29 40.72
CA ALA A 201 -15.01 -6.19 42.13
C ALA A 201 -13.97 -5.10 42.39
N ASP A 202 -13.07 -4.88 41.43
CA ASP A 202 -12.06 -3.84 41.61
C ASP A 202 -12.64 -2.45 41.37
N ILE A 203 -13.66 -2.33 40.52
CA ILE A 203 -14.32 -1.04 40.34
C ILE A 203 -14.98 -0.60 41.65
N PHE A 204 -15.54 -1.54 42.39
CA PHE A 204 -16.20 -1.21 43.66
C PHE A 204 -15.17 -0.86 44.73
N SER A 205 -14.10 -1.65 44.83
CA SER A 205 -13.14 -1.46 45.91
C SER A 205 -12.27 -0.23 45.69
N SER A 206 -12.04 0.14 44.44
CA SER A 206 -11.19 1.28 44.13
C SER A 206 -11.96 2.60 44.06
N TYR A 207 -13.29 2.55 44.05
CA TYR A 207 -14.10 3.76 43.89
C TYR A 207 -14.39 4.40 45.24
N ARG A 208 -14.27 5.73 45.29
CA ARG A 208 -14.73 6.56 46.39
C ARG A 208 -15.38 7.79 45.76
N PRO A 209 -16.50 8.25 46.30
CA PRO A 209 -17.16 9.42 45.71
C PRO A 209 -16.31 10.68 45.87
N GLY A 210 -16.35 11.54 44.86
CA GLY A 210 -15.64 12.80 44.87
C GLY A 210 -14.24 12.76 44.28
N ILE A 211 -13.65 11.57 44.11
CA ILE A 211 -12.28 11.49 43.61
C ILE A 211 -12.22 11.84 42.13
N LEU A 212 -13.18 11.36 41.34
CA LEU A 212 -13.33 11.65 39.93
C LEU A 212 -12.21 11.05 39.08
N LEU A 213 -10.95 11.23 39.49
CA LEU A 213 -9.80 10.66 38.80
C LEU A 213 -9.09 9.72 39.76
N TRP A 214 -9.22 8.41 39.52
CA TRP A 214 -8.56 7.42 40.36
C TRP A 214 -8.06 6.27 39.49
N HIS A 215 -7.07 5.56 40.01
CA HIS A 215 -6.41 4.47 39.28
C HIS A 215 -7.15 3.15 39.52
N VAL A 216 -7.44 2.44 38.44
CA VAL A 216 -7.90 1.06 38.51
C VAL A 216 -6.81 0.20 37.90
N SER A 217 -5.88 -0.27 38.72
CA SER A 217 -4.66 -0.91 38.21
C SER A 217 -4.97 -2.17 37.42
N SER A 218 -6.03 -2.89 37.78
CA SER A 218 -6.38 -4.12 37.09
C SER A 218 -7.13 -3.88 35.79
N GLN A 219 -7.24 -2.63 35.34
CA GLN A 219 -7.95 -2.37 34.09
C GLN A 219 -7.02 -2.54 32.90
N SER A 220 -7.62 -2.63 31.73
CA SER A 220 -6.87 -2.90 30.49
C SER A 220 -7.63 -2.32 29.31
N LEU A 221 -7.04 -1.33 28.65
CA LEU A 221 -7.64 -0.69 27.49
C LEU A 221 -6.97 -1.17 26.21
N SER A 222 -7.71 -1.05 25.11
CA SER A 222 -7.17 -1.40 23.80
C SER A 222 -6.15 -0.35 23.39
N PHE A 223 -5.63 -0.47 22.17
CA PHE A 223 -4.50 0.35 21.73
C PHE A 223 -4.90 1.23 20.55
N ASP A 224 -4.27 2.40 20.50
CA ASP A 224 -4.39 3.28 19.35
C ASP A 224 -3.71 2.64 18.14
N SER A 225 -3.84 3.28 16.99
CA SER A 225 -3.25 2.79 15.76
C SER A 225 -2.85 3.99 14.91
N SER A 226 -2.15 3.71 13.81
CA SER A 226 -1.92 4.71 12.77
C SER A 226 -2.50 4.25 11.44
N ASN A 227 -3.27 3.16 11.45
CA ASN A 227 -3.81 2.58 10.23
C ASN A 227 -5.05 3.34 9.79
N PRO A 228 -5.03 3.98 8.61
CA PRO A 228 -6.21 4.74 8.16
C PRO A 228 -7.44 3.87 7.94
N GLU A 229 -7.31 2.54 7.94
CA GLU A 229 -8.48 1.67 7.84
C GLU A 229 -9.37 1.75 9.07
N TYR A 230 -8.82 2.16 10.22
CA TYR A 230 -9.58 2.27 11.44
C TYR A 230 -10.10 3.69 11.71
N PHE A 231 -9.79 4.64 10.83
CA PHE A 231 -10.18 6.02 11.06
C PHE A 231 -11.68 6.18 10.92
N ASP A 232 -12.32 6.74 11.94
CA ASP A 232 -13.77 6.96 11.97
C ASP A 232 -14.52 5.64 11.79
N GLY A 233 -13.97 4.57 12.36
CA GLY A 233 -14.54 3.24 12.22
C GLY A 233 -15.49 2.87 13.34
N TYR A 234 -15.46 3.63 14.44
CA TYR A 234 -16.35 3.42 15.58
C TYR A 234 -16.19 2.01 16.16
N TRP A 235 -14.93 1.62 16.34
CA TRP A 235 -14.61 0.34 16.97
C TRP A 235 -15.17 0.30 18.39
N GLY A 236 -16.09 -0.62 18.64
CA GLY A 236 -16.79 -0.69 19.91
C GLY A 236 -18.23 -0.21 19.86
N TYR A 237 -18.78 0.05 18.68
CA TYR A 237 -20.20 0.33 18.55
C TYR A 237 -21.03 -0.79 19.15
N SER A 238 -20.58 -2.03 18.99
CA SER A 238 -21.22 -3.21 19.55
C SER A 238 -20.14 -4.15 20.06
N VAL A 239 -20.43 -4.84 21.17
CA VAL A 239 -19.47 -5.73 21.81
CA VAL A 239 -19.47 -5.73 21.81
C VAL A 239 -20.19 -6.97 22.30
N ALA A 240 -19.45 -8.07 22.40
CA ALA A 240 -19.94 -9.34 22.89
C ALA A 240 -18.75 -10.22 23.26
N VAL A 241 -19.02 -11.33 23.92
CA VAL A 241 -17.97 -12.25 24.37
C VAL A 241 -18.34 -13.67 23.97
N GLY A 242 -17.33 -14.52 23.89
CA GLY A 242 -17.54 -15.91 23.54
C GLY A 242 -16.24 -16.68 23.61
N GLU A 243 -16.30 -17.93 23.14
CA GLU A 243 -15.15 -18.83 23.11
C GLU A 243 -14.86 -19.18 21.66
N PHE A 244 -13.72 -18.70 21.15
CA PHE A 244 -13.37 -18.88 19.75
C PHE A 244 -11.96 -19.41 19.52
N ASP A 245 -11.15 -19.57 20.56
CA ASP A 245 -9.76 -19.97 20.41
C ASP A 245 -9.47 -21.37 20.92
N GLY A 246 -10.50 -22.12 21.32
CA GLY A 246 -10.32 -23.46 21.84
C GLY A 246 -9.89 -23.53 23.29
N ASP A 247 -9.35 -22.45 23.85
CA ASP A 247 -8.92 -22.41 25.24
C ASP A 247 -10.07 -21.92 26.11
N LEU A 248 -10.55 -22.80 27.01
CA LEU A 248 -11.67 -22.47 27.87
C LEU A 248 -11.27 -21.58 29.06
N ASN A 249 -9.98 -21.43 29.32
CA ASN A 249 -9.54 -20.51 30.37
C ASN A 249 -9.61 -19.06 29.92
N THR A 250 -9.36 -18.80 28.65
CA THR A 250 -9.40 -17.44 28.11
C THR A 250 -10.81 -17.10 27.62
N THR A 251 -11.14 -15.82 27.67
CA THR A 251 -12.38 -15.30 27.12
C THR A 251 -12.04 -14.40 25.95
N GLU A 252 -12.75 -14.59 24.83
CA GLU A 252 -12.51 -13.80 23.63
C GLU A 252 -13.56 -12.70 23.51
N TYR A 253 -13.15 -11.60 22.86
CA TYR A 253 -14.01 -10.44 22.67
C TYR A 253 -14.44 -10.34 21.22
N VAL A 254 -15.71 -10.00 21.01
CA VAL A 254 -16.25 -9.70 19.68
C VAL A 254 -16.61 -8.23 19.63
N VAL A 255 -16.07 -7.52 18.65
CA VAL A 255 -16.20 -6.07 18.57
C VAL A 255 -16.76 -5.70 17.20
N GLY A 256 -17.67 -4.73 17.18
CA GLY A 256 -18.23 -4.20 15.94
C GLY A 256 -17.63 -2.87 15.59
N ALA A 257 -17.29 -2.70 14.31
CA ALA A 257 -16.75 -1.45 13.78
C ALA A 257 -17.49 -1.14 12.49
N PRO A 258 -18.70 -0.57 12.60
CA PRO A 258 -19.61 -0.52 11.44
C PRO A 258 -19.20 0.47 10.36
N THR A 259 -18.22 1.34 10.61
CA THR A 259 -17.70 2.22 9.57
C THR A 259 -16.22 1.96 9.29
N TRP A 260 -15.75 0.74 9.57
CA TRP A 260 -14.35 0.40 9.38
C TRP A 260 -13.98 0.44 7.90
N SER A 261 -12.79 1.00 7.62
CA SER A 261 -12.24 1.12 6.27
C SER A 261 -13.23 1.84 5.33
N TRP A 262 -13.42 3.12 5.64
CA TRP A 262 -14.25 4.02 4.83
C TRP A 262 -15.66 3.45 4.67
N THR A 263 -16.30 3.20 5.82
CA THR A 263 -17.69 2.76 5.91
C THR A 263 -17.91 1.42 5.20
N LEU A 264 -16.88 0.57 5.14
CA LEU A 264 -17.09 -0.81 4.72
C LEU A 264 -17.63 -1.67 5.85
N GLY A 265 -17.26 -1.35 7.09
CA GLY A 265 -17.74 -2.10 8.24
C GLY A 265 -16.97 -3.38 8.45
N ALA A 266 -16.75 -3.76 9.70
CA ALA A 266 -16.04 -4.98 10.02
C ALA A 266 -16.42 -5.44 11.42
N VAL A 267 -16.11 -6.70 11.71
CA VAL A 267 -16.24 -7.28 13.04
C VAL A 267 -14.98 -8.08 13.33
N GLU A 268 -14.39 -7.87 14.51
CA GLU A 268 -13.13 -8.50 14.86
C GLU A 268 -13.27 -9.30 16.15
N ILE A 269 -12.66 -10.48 16.16
CA ILE A 269 -12.59 -11.35 17.33
C ILE A 269 -11.19 -11.24 17.91
N LEU A 270 -11.10 -10.96 19.20
CA LEU A 270 -9.82 -10.73 19.86
C LEU A 270 -9.74 -11.56 21.14
N ASP A 271 -8.51 -11.75 21.61
CA ASP A 271 -8.30 -12.32 22.93
C ASP A 271 -8.45 -11.24 24.00
N SER A 272 -8.24 -11.61 25.25
CA SER A 272 -8.36 -10.64 26.34
C SER A 272 -7.31 -9.54 26.26
N TYR A 273 -6.24 -9.74 25.49
CA TYR A 273 -5.19 -8.73 25.31
C TYR A 273 -5.38 -7.91 24.04
N TYR A 274 -6.56 -8.00 23.42
CA TYR A 274 -6.93 -7.21 22.25
C TYR A 274 -6.07 -7.53 21.03
N GLN A 275 -5.50 -8.72 20.97
CA GLN A 275 -4.81 -9.19 19.79
C GLN A 275 -5.81 -9.89 18.87
N ARG A 276 -5.82 -9.49 17.61
CA ARG A 276 -6.89 -9.90 16.70
C ARG A 276 -6.71 -11.35 16.27
N LEU A 277 -7.77 -12.14 16.44
CA LEU A 277 -7.81 -13.52 15.99
C LEU A 277 -8.48 -13.68 14.63
N HIS A 278 -9.55 -12.94 14.37
CA HIS A 278 -10.16 -12.94 13.05
CA HIS A 278 -10.26 -12.97 13.10
C HIS A 278 -10.73 -11.56 12.77
N ARG A 279 -11.09 -11.36 11.50
CA ARG A 279 -11.74 -10.12 11.08
C ARG A 279 -12.74 -10.45 9.98
N LEU A 280 -14.00 -10.11 10.20
CA LEU A 280 -15.06 -10.29 9.22
C LEU A 280 -15.30 -8.96 8.53
N ARG A 281 -15.09 -8.92 7.22
CA ARG A 281 -15.25 -7.69 6.45
C ARG A 281 -16.68 -7.56 5.95
N GLY A 282 -17.14 -6.32 5.87
CA GLY A 282 -18.48 -6.05 5.37
C GLY A 282 -18.61 -6.37 3.89
N GLU A 283 -19.87 -6.58 3.48
CA GLU A 283 -20.17 -6.91 2.09
C GLU A 283 -20.52 -5.68 1.25
N GLN A 284 -20.99 -4.61 1.88
CA GLN A 284 -21.46 -3.44 1.16
C GLN A 284 -21.27 -2.21 2.02
N MET A 285 -20.82 -1.12 1.39
CA MET A 285 -20.52 0.10 2.11
C MET A 285 -21.80 0.79 2.57
N ALA A 286 -21.72 1.43 3.74
CA ALA A 286 -22.80 2.13 4.42
C ALA A 286 -23.91 1.21 4.90
N SER A 287 -23.79 -0.11 4.69
CA SER A 287 -24.77 -1.06 5.22
C SER A 287 -24.69 -1.17 6.74
N TYR A 288 -23.68 -0.57 7.36
CA TYR A 288 -23.46 -0.64 8.81
C TYR A 288 -23.31 -2.09 9.27
N PHE A 289 -22.48 -2.83 8.56
CA PHE A 289 -22.09 -4.17 8.99
C PHE A 289 -21.34 -4.09 10.30
N GLY A 290 -21.88 -4.75 11.33
CA GLY A 290 -21.33 -4.67 12.66
C GLY A 290 -22.11 -3.79 13.61
N HIS A 291 -23.28 -3.29 13.20
CA HIS A 291 -24.12 -2.50 14.09
C HIS A 291 -24.47 -3.30 15.35
N SER A 292 -24.68 -4.61 15.20
CA SER A 292 -24.99 -5.48 16.33
C SER A 292 -24.32 -6.82 16.11
N VAL A 293 -23.85 -7.42 17.20
CA VAL A 293 -23.21 -8.74 17.18
C VAL A 293 -23.85 -9.61 18.24
N ALA A 294 -23.90 -10.91 17.98
CA ALA A 294 -24.48 -11.88 18.89
C ALA A 294 -23.68 -13.17 18.86
N VAL A 295 -23.49 -13.78 20.02
CA VAL A 295 -22.70 -14.99 20.16
C VAL A 295 -23.56 -16.06 20.80
N THR A 296 -23.77 -17.17 20.09
CA THR A 296 -24.46 -18.34 20.62
C THR A 296 -24.19 -19.50 19.68
N ASP A 297 -24.19 -20.71 20.25
CA ASP A 297 -23.99 -21.94 19.49
C ASP A 297 -25.34 -22.38 18.93
N VAL A 298 -25.51 -22.24 17.61
CA VAL A 298 -26.80 -22.50 16.99
C VAL A 298 -26.94 -23.93 16.47
N ASN A 299 -25.84 -24.59 16.14
CA ASN A 299 -25.89 -25.92 15.52
C ASN A 299 -25.63 -27.04 16.52
N GLY A 300 -25.53 -26.74 17.80
CA GLY A 300 -25.44 -27.77 18.82
C GLY A 300 -24.18 -28.62 18.78
N ASP A 301 -23.05 -28.03 18.40
CA ASP A 301 -21.77 -28.73 18.44
C ASP A 301 -20.88 -28.23 19.57
N GLY A 302 -21.43 -27.44 20.49
CA GLY A 302 -20.68 -26.93 21.62
C GLY A 302 -19.77 -25.75 21.30
N ARG A 303 -19.68 -25.35 20.04
CA ARG A 303 -18.79 -24.26 19.62
C ARG A 303 -19.62 -23.01 19.40
N HIS A 304 -19.26 -21.92 20.09
CA HIS A 304 -19.95 -20.66 19.92
C HIS A 304 -19.90 -20.19 18.48
N ASP A 305 -21.03 -19.72 17.98
CA ASP A 305 -21.14 -19.18 16.62
C ASP A 305 -21.41 -17.69 16.69
N LEU A 306 -21.22 -17.02 15.56
CA LEU A 306 -21.24 -15.56 15.49
C LEU A 306 -22.32 -15.10 14.53
N LEU A 307 -23.04 -14.05 14.94
CA LEU A 307 -24.05 -13.40 14.10
C LEU A 307 -23.76 -11.91 14.04
N VAL A 308 -23.80 -11.35 12.83
CA VAL A 308 -23.52 -9.94 12.60
C VAL A 308 -24.71 -9.33 11.87
N GLY A 309 -25.12 -8.14 12.30
CA GLY A 309 -26.22 -7.43 11.68
C GLY A 309 -25.72 -6.26 10.85
N ALA A 310 -26.31 -6.11 9.66
CA ALA A 310 -26.07 -4.99 8.77
C ALA A 310 -27.41 -4.40 8.40
N PRO A 311 -27.97 -3.54 9.25
CA PRO A 311 -29.37 -3.13 9.10
C PRO A 311 -29.64 -2.27 7.87
N LEU A 312 -28.61 -1.73 7.22
CA LEU A 312 -28.80 -0.84 6.08
C LEU A 312 -28.38 -1.49 4.76
N TYR A 313 -28.24 -2.81 4.73
CA TYR A 313 -27.86 -3.49 3.50
C TYR A 313 -28.92 -3.28 2.43
N MET A 314 -28.45 -3.02 1.20
CA MET A 314 -29.33 -2.77 0.07
C MET A 314 -29.30 -4.00 -0.84
N GLU A 315 -30.43 -4.71 -0.89
CA GLU A 315 -30.53 -5.93 -1.66
C GLU A 315 -30.68 -5.62 -3.15
N SER A 316 -30.04 -6.44 -3.98
CA SER A 316 -30.13 -6.28 -5.42
CA SER A 316 -30.13 -6.28 -5.42
C SER A 316 -31.46 -6.82 -5.92
N ARG A 317 -32.18 -6.01 -6.70
CA ARG A 317 -33.47 -6.38 -7.25
C ARG A 317 -33.49 -6.10 -8.74
N ALA A 318 -34.64 -6.39 -9.36
CA ALA A 318 -34.75 -6.35 -10.81
C ALA A 318 -34.48 -4.95 -11.35
N ASP A 319 -34.05 -4.90 -12.61
CA ASP A 319 -33.78 -3.65 -13.33
C ASP A 319 -32.66 -2.84 -12.66
N ARG A 320 -31.66 -3.57 -12.13
CA ARG A 320 -30.44 -2.97 -11.59
C ARG A 320 -30.72 -1.98 -10.47
N LYS A 321 -31.74 -2.25 -9.65
CA LYS A 321 -32.10 -1.36 -8.56
C LYS A 321 -31.78 -2.01 -7.22
N LEU A 322 -31.55 -1.17 -6.21
CA LEU A 322 -31.22 -1.60 -4.86
C LEU A 322 -32.33 -1.17 -3.91
N ALA A 323 -32.55 -1.99 -2.88
CA ALA A 323 -33.59 -1.73 -1.88
C ALA A 323 -33.01 -1.98 -0.50
N GLU A 324 -32.98 -0.94 0.33
CA GLU A 324 -32.47 -1.06 1.69
C GLU A 324 -33.43 -1.88 2.54
N VAL A 325 -32.95 -3.00 3.08
CA VAL A 325 -33.79 -3.90 3.86
C VAL A 325 -33.06 -4.37 5.11
N GLY A 326 -31.74 -4.48 5.02
CA GLY A 326 -30.94 -5.03 6.10
C GLY A 326 -30.67 -6.51 5.91
N ARG A 327 -29.58 -6.98 6.53
CA ARG A 327 -29.15 -8.35 6.35
C ARG A 327 -28.39 -8.82 7.60
N VAL A 328 -28.56 -10.10 7.92
CA VAL A 328 -27.88 -10.75 9.04
C VAL A 328 -26.98 -11.84 8.49
N TYR A 329 -25.78 -11.96 9.05
CA TYR A 329 -24.79 -12.93 8.63
C TYR A 329 -24.54 -13.94 9.74
N LEU A 330 -24.44 -15.22 9.36
CA LEU A 330 -24.18 -16.29 10.32
C LEU A 330 -22.85 -16.93 9.99
N PHE A 331 -21.95 -16.98 10.98
CA PHE A 331 -20.65 -17.64 10.85
C PHE A 331 -20.58 -18.77 11.86
N LEU A 332 -20.34 -19.98 11.37
CA LEU A 332 -20.18 -21.14 12.23
C LEU A 332 -18.72 -21.36 12.55
N GLN A 333 -18.42 -21.54 13.83
CA GLN A 333 -17.04 -21.75 14.25
C GLN A 333 -16.57 -23.13 13.80
N PRO A 334 -15.48 -23.23 13.05
CA PRO A 334 -15.01 -24.54 12.58
C PRO A 334 -14.35 -25.33 13.70
N ARG A 335 -14.32 -26.64 13.49
CA ARG A 335 -13.74 -27.55 14.47
C ARG A 335 -12.24 -27.29 14.62
N GLY A 336 -11.82 -26.98 15.85
CA GLY A 336 -10.42 -26.78 16.15
C GLY A 336 -9.91 -25.42 15.71
N PRO A 337 -8.59 -25.25 15.73
CA PRO A 337 -8.00 -23.94 15.39
C PRO A 337 -8.03 -23.64 13.90
N HIS A 338 -9.05 -22.94 13.44
CA HIS A 338 -9.16 -22.58 12.03
C HIS A 338 -9.87 -21.24 11.92
N ALA A 339 -9.75 -20.64 10.74
CA ALA A 339 -10.34 -19.32 10.51
C ALA A 339 -11.80 -19.44 10.09
N LEU A 340 -12.63 -18.56 10.64
CA LEU A 340 -14.03 -18.49 10.23
C LEU A 340 -14.11 -18.16 8.74
N GLY A 341 -14.77 -19.04 7.98
CA GLY A 341 -14.85 -18.90 6.55
C GLY A 341 -15.91 -17.90 6.11
N ALA A 342 -16.52 -18.17 4.96
CA ALA A 342 -17.62 -17.36 4.47
C ALA A 342 -18.87 -17.60 5.30
N PRO A 343 -19.86 -16.72 5.21
CA PRO A 343 -21.11 -16.93 5.96
C PRO A 343 -21.78 -18.26 5.60
N SER A 344 -22.26 -18.96 6.62
CA SER A 344 -22.99 -20.19 6.41
C SER A 344 -24.41 -19.93 5.93
N LEU A 345 -24.94 -18.74 6.15
CA LEU A 345 -26.32 -18.41 5.83
C LEU A 345 -26.50 -16.90 5.83
N LEU A 346 -27.24 -16.41 4.85
CA LEU A 346 -27.58 -15.00 4.75
C LEU A 346 -29.08 -14.84 4.92
N LEU A 347 -29.48 -14.00 5.88
CA LEU A 347 -30.87 -13.66 6.13
C LEU A 347 -31.09 -12.21 5.73
N THR A 348 -31.98 -11.99 4.77
CA THR A 348 -32.21 -10.67 4.19
C THR A 348 -33.62 -10.19 4.53
N GLY A 349 -33.74 -8.92 4.86
CA GLY A 349 -35.05 -8.34 5.14
C GLY A 349 -35.91 -8.24 3.90
N THR A 350 -37.16 -7.86 4.13
CA THR A 350 -38.14 -7.75 3.05
CA THR A 350 -38.16 -7.75 3.07
C THR A 350 -38.79 -6.38 2.97
N GLN A 351 -39.03 -5.72 4.10
CA GLN A 351 -39.67 -4.40 4.11
C GLN A 351 -38.63 -3.31 3.88
N LEU A 352 -38.95 -2.40 2.97
CA LEU A 352 -38.06 -1.27 2.68
C LEU A 352 -37.90 -0.41 3.92
N TYR A 353 -36.65 -0.05 4.22
CA TYR A 353 -36.29 0.76 5.38
C TYR A 353 -36.63 0.08 6.70
N GLY A 354 -36.80 -1.25 6.68
CA GLY A 354 -37.15 -1.97 7.90
C GLY A 354 -36.02 -2.12 8.89
N ARG A 355 -34.78 -2.01 8.42
CA ARG A 355 -33.59 -2.15 9.26
C ARG A 355 -33.54 -3.53 9.92
N PHE A 356 -33.83 -4.56 9.13
CA PHE A 356 -33.68 -5.93 9.57
C PHE A 356 -32.23 -6.21 9.96
N GLY A 357 -32.04 -6.74 11.16
CA GLY A 357 -30.72 -6.94 11.71
C GLY A 357 -30.24 -5.84 12.63
N SER A 358 -31.10 -4.91 13.03
CA SER A 358 -30.70 -3.85 13.95
C SER A 358 -30.35 -4.40 15.33
N ALA A 359 -30.92 -5.55 15.69
CA ALA A 359 -30.61 -6.19 16.97
C ALA A 359 -30.79 -7.69 16.81
N ILE A 360 -29.84 -8.46 17.36
CA ILE A 360 -29.87 -9.91 17.31
C ILE A 360 -29.73 -10.43 18.73
N ALA A 361 -30.71 -11.19 19.19
CA ALA A 361 -30.73 -11.69 20.57
C ALA A 361 -30.73 -13.21 20.57
N PRO A 362 -29.77 -13.85 21.23
CA PRO A 362 -29.87 -15.31 21.44
C PRO A 362 -31.03 -15.62 22.37
N LEU A 363 -31.88 -16.55 21.94
CA LEU A 363 -33.04 -16.97 22.72
C LEU A 363 -32.76 -18.20 23.57
N GLY A 364 -31.56 -18.78 23.47
CA GLY A 364 -31.37 -20.10 24.02
C GLY A 364 -32.12 -21.12 23.16
N ASP A 365 -32.51 -22.22 23.78
CA ASP A 365 -33.30 -23.24 23.09
C ASP A 365 -34.78 -22.95 23.39
N LEU A 366 -35.46 -22.34 22.42
CA LEU A 366 -36.84 -21.91 22.65
C LEU A 366 -37.79 -23.11 22.66
N ASP A 367 -37.79 -23.90 21.59
CA ASP A 367 -38.69 -25.03 21.44
C ASP A 367 -38.16 -26.31 22.07
N ARG A 368 -37.01 -26.24 22.75
CA ARG A 368 -36.47 -27.36 23.53
C ARG A 368 -36.18 -28.57 22.64
N ASP A 369 -35.59 -28.32 21.47
CA ASP A 369 -35.26 -29.39 20.53
C ASP A 369 -33.77 -29.75 20.55
N GLY A 370 -32.96 -29.04 21.31
CA GLY A 370 -31.55 -29.31 21.43
C GLY A 370 -30.66 -28.27 20.77
N TYR A 371 -31.22 -27.42 19.92
CA TYR A 371 -30.47 -26.39 19.21
C TYR A 371 -30.91 -25.00 19.69
N ASN A 372 -29.94 -24.13 19.95
CA ASN A 372 -30.24 -22.78 20.35
C ASN A 372 -30.77 -21.98 19.18
N ASP A 373 -31.59 -20.97 19.48
CA ASP A 373 -32.29 -20.18 18.49
C ASP A 373 -32.01 -18.70 18.74
N ILE A 374 -32.37 -17.87 17.76
CA ILE A 374 -32.11 -16.43 17.83
C ILE A 374 -33.36 -15.67 17.43
N ALA A 375 -33.35 -14.37 17.73
CA ALA A 375 -34.40 -13.44 17.34
C ALA A 375 -33.75 -12.23 16.69
N VAL A 376 -34.28 -11.81 15.54
CA VAL A 376 -33.76 -10.68 14.78
C VAL A 376 -34.85 -9.62 14.69
N ALA A 377 -34.45 -8.37 14.86
CA ALA A 377 -35.39 -7.24 14.89
C ALA A 377 -35.35 -6.47 13.58
N ALA A 378 -36.52 -5.99 13.17
CA ALA A 378 -36.67 -5.05 12.07
C ALA A 378 -37.56 -3.92 12.58
N PRO A 379 -36.99 -2.98 13.33
CA PRO A 379 -37.81 -2.01 14.09
C PRO A 379 -38.73 -1.15 13.24
N TYR A 380 -38.53 -1.10 11.93
CA TYR A 380 -39.42 -0.36 11.04
C TYR A 380 -39.90 -1.26 9.91
N GLY A 381 -39.94 -2.57 10.15
CA GLY A 381 -40.39 -3.53 9.18
C GLY A 381 -41.84 -3.95 9.39
N GLY A 382 -42.23 -5.00 8.68
CA GLY A 382 -43.61 -5.42 8.65
C GLY A 382 -44.35 -4.67 7.57
N PRO A 383 -45.53 -5.19 7.17
CA PRO A 383 -46.28 -4.53 6.10
C PRO A 383 -46.67 -3.09 6.43
N SER A 384 -46.79 -2.74 7.70
CA SER A 384 -47.17 -1.40 8.12
C SER A 384 -45.98 -0.54 8.50
N GLY A 385 -44.76 -1.08 8.47
CA GLY A 385 -43.60 -0.37 8.95
C GLY A 385 -43.59 -0.06 10.43
N ARG A 386 -44.42 -0.74 11.22
CA ARG A 386 -44.46 -0.50 12.66
C ARG A 386 -43.38 -1.28 13.41
N GLY A 387 -42.80 -2.30 12.79
CA GLY A 387 -41.74 -3.06 13.43
C GLY A 387 -42.06 -4.53 13.57
N GLN A 388 -41.04 -5.39 13.40
CA GLN A 388 -41.22 -6.83 13.49
C GLN A 388 -40.02 -7.46 14.19
N VAL A 389 -40.28 -8.56 14.88
CA VAL A 389 -39.25 -9.42 15.43
C VAL A 389 -39.46 -10.82 14.89
N LEU A 390 -38.41 -11.41 14.33
CA LEU A 390 -38.49 -12.70 13.68
C LEU A 390 -37.64 -13.72 14.44
N VAL A 391 -38.16 -14.93 14.57
CA VAL A 391 -37.49 -16.01 15.29
C VAL A 391 -36.96 -17.02 14.26
N PHE A 392 -35.67 -17.34 14.35
CA PHE A 392 -35.03 -18.33 13.50
C PHE A 392 -34.52 -19.46 14.37
N LEU A 393 -34.97 -20.68 14.07
CA LEU A 393 -34.62 -21.84 14.87
C LEU A 393 -33.31 -22.45 14.39
N GLY A 394 -32.46 -22.83 15.35
CA GLY A 394 -31.23 -23.50 15.01
C GLY A 394 -31.47 -24.91 14.51
N GLN A 395 -30.47 -25.42 13.80
CA GLN A 395 -30.51 -26.78 13.28
C GLN A 395 -29.09 -27.30 13.20
N SER A 396 -28.95 -28.59 12.85
CA SER A 396 -27.63 -29.21 12.77
C SER A 396 -26.70 -28.47 11.81
N GLU A 397 -27.24 -27.92 10.73
CA GLU A 397 -26.43 -27.23 9.73
C GLU A 397 -26.36 -25.72 9.96
N GLY A 398 -26.91 -25.22 11.06
CA GLY A 398 -26.85 -23.80 11.36
C GLY A 398 -28.18 -23.22 11.81
N LEU A 399 -28.84 -22.48 10.92
CA LEU A 399 -30.13 -21.88 11.21
C LEU A 399 -31.07 -22.13 10.04
N ARG A 400 -32.37 -22.13 10.35
CA ARG A 400 -33.38 -22.21 9.30
C ARG A 400 -33.42 -20.92 8.51
N SER A 401 -33.52 -21.04 7.19
CA SER A 401 -33.55 -19.85 6.34
C SER A 401 -34.87 -19.10 6.41
N ARG A 402 -35.92 -19.71 6.94
CA ARG A 402 -37.22 -19.07 7.07
C ARG A 402 -37.62 -18.98 8.55
N PRO A 403 -38.30 -17.91 8.95
CA PRO A 403 -38.63 -17.74 10.37
C PRO A 403 -39.75 -18.69 10.80
N SER A 404 -39.65 -19.17 12.05
CA SER A 404 -40.69 -20.01 12.62
C SER A 404 -41.82 -19.20 13.22
N GLN A 405 -41.58 -17.93 13.53
CA GLN A 405 -42.59 -17.08 14.15
C GLN A 405 -42.23 -15.63 13.90
N VAL A 406 -43.25 -14.80 13.69
CA VAL A 406 -43.08 -13.37 13.45
C VAL A 406 -43.91 -12.61 14.47
N LEU A 407 -43.27 -11.66 15.17
CA LEU A 407 -43.92 -10.86 16.19
C LEU A 407 -44.17 -9.47 15.63
N ASP A 408 -45.45 -9.11 15.47
CA ASP A 408 -45.82 -7.78 15.02
C ASP A 408 -45.90 -6.84 16.21
N SER A 409 -45.51 -5.59 15.98
CA SER A 409 -45.46 -4.61 17.06
C SER A 409 -46.87 -4.33 17.58
N PRO A 410 -47.11 -4.44 18.88
CA PRO A 410 -48.40 -3.99 19.44
C PRO A 410 -48.45 -2.51 19.73
N PHE A 411 -47.41 -1.76 19.39
CA PHE A 411 -47.28 -0.34 19.67
C PHE A 411 -47.59 0.49 18.44
N PRO A 412 -47.86 1.79 18.59
CA PRO A 412 -48.12 2.63 17.42
C PRO A 412 -46.87 2.85 16.57
N THR A 413 -47.05 3.55 15.45
CA THR A 413 -45.94 3.82 14.54
C THR A 413 -44.85 4.64 15.24
N GLY A 414 -43.60 4.35 14.91
CA GLY A 414 -42.48 5.10 15.45
C GLY A 414 -41.99 4.66 16.80
N SER A 415 -42.45 3.51 17.31
CA SER A 415 -42.03 3.04 18.62
C SER A 415 -40.66 2.38 18.61
N ALA A 416 -40.09 2.11 17.43
CA ALA A 416 -38.83 1.39 17.31
C ALA A 416 -38.90 0.04 18.01
N PHE A 417 -40.02 -0.65 17.81
CA PHE A 417 -40.23 -1.97 18.41
C PHE A 417 -39.16 -2.94 17.94
N GLY A 418 -38.36 -3.44 18.88
CA GLY A 418 -37.27 -4.36 18.58
C GLY A 418 -35.89 -3.73 18.60
N PHE A 419 -35.80 -2.41 18.76
CA PHE A 419 -34.49 -1.75 18.79
C PHE A 419 -33.58 -2.35 19.84
N SER A 420 -34.15 -2.89 20.92
CA SER A 420 -33.40 -3.61 21.95
C SER A 420 -34.09 -4.93 22.24
N LEU A 421 -33.29 -5.98 22.40
CA LEU A 421 -33.80 -7.33 22.61
C LEU A 421 -32.99 -8.01 23.69
N ARG A 422 -33.60 -9.03 24.30
CA ARG A 422 -32.91 -9.87 25.28
C ARG A 422 -33.72 -11.13 25.56
N GLY A 423 -33.08 -12.30 25.51
CA GLY A 423 -33.76 -13.55 25.78
C GLY A 423 -32.93 -14.54 26.58
N ALA A 424 -33.25 -15.83 26.41
CA ALA A 424 -32.49 -16.92 27.03
C ALA A 424 -32.59 -16.90 28.55
N VAL A 425 -33.68 -16.34 29.09
CA VAL A 425 -33.94 -16.35 30.53
C VAL A 425 -35.40 -16.68 30.75
N ASP A 426 -35.66 -17.66 31.62
CA ASP A 426 -37.02 -18.08 31.98
C ASP A 426 -37.48 -17.20 33.14
N ILE A 427 -38.33 -16.22 32.83
CA ILE A 427 -38.71 -15.23 33.83
C ILE A 427 -39.89 -15.68 34.69
N ASP A 428 -40.80 -16.48 34.13
CA ASP A 428 -41.96 -16.97 34.86
C ASP A 428 -41.75 -18.37 35.43
N ASP A 429 -40.55 -18.96 35.23
CA ASP A 429 -40.19 -20.25 35.83
C ASP A 429 -41.11 -21.36 35.34
N ASN A 430 -41.29 -21.45 34.02
CA ASN A 430 -42.09 -22.51 33.41
C ASN A 430 -41.25 -23.46 32.56
N GLY A 431 -39.93 -23.35 32.62
CA GLY A 431 -39.06 -24.25 31.87
C GLY A 431 -38.79 -23.84 30.45
N TYR A 432 -39.20 -22.64 30.03
CA TYR A 432 -39.00 -22.18 28.66
C TYR A 432 -38.41 -20.78 28.68
N PRO A 433 -37.35 -20.52 27.92
CA PRO A 433 -36.74 -19.18 27.92
C PRO A 433 -37.61 -18.19 27.18
N ASP A 434 -37.68 -16.98 27.72
CA ASP A 434 -38.61 -15.95 27.27
C ASP A 434 -37.87 -14.82 26.57
N LEU A 435 -38.64 -13.83 26.12
CA LEU A 435 -38.10 -12.74 25.32
C LEU A 435 -38.70 -11.41 25.78
N ILE A 436 -37.83 -10.44 26.05
CA ILE A 436 -38.24 -9.08 26.36
C ILE A 436 -37.83 -8.19 25.19
N VAL A 437 -38.76 -7.32 24.78
CA VAL A 437 -38.56 -6.45 23.63
C VAL A 437 -38.80 -5.01 24.06
N GLY A 438 -37.87 -4.13 23.73
CA GLY A 438 -37.98 -2.72 24.05
C GLY A 438 -38.54 -1.91 22.88
N ALA A 439 -39.20 -0.81 23.22
CA ALA A 439 -39.77 0.11 22.22
C ALA A 439 -39.70 1.52 22.83
N TYR A 440 -38.52 2.13 22.71
CA TYR A 440 -38.28 3.41 23.38
C TYR A 440 -39.16 4.52 22.79
N GLY A 441 -39.57 4.38 21.53
CA GLY A 441 -40.45 5.37 20.94
C GLY A 441 -41.79 5.46 21.65
N ALA A 442 -42.27 4.35 22.20
CA ALA A 442 -43.50 4.32 22.97
C ALA A 442 -43.25 4.26 24.47
N ASN A 443 -41.98 4.32 24.90
CA ASN A 443 -41.61 4.31 26.31
C ASN A 443 -42.15 3.09 27.05
N GLN A 444 -42.09 1.93 26.39
CA GLN A 444 -42.64 0.71 26.95
C GLN A 444 -41.72 -0.46 26.66
N VAL A 445 -41.98 -1.57 27.35
CA VAL A 445 -41.29 -2.84 27.14
C VAL A 445 -42.34 -3.95 27.17
N ALA A 446 -42.31 -4.83 26.17
CA ALA A 446 -43.24 -5.94 26.09
C ALA A 446 -42.51 -7.25 26.38
N VAL A 447 -43.15 -8.11 27.17
CA VAL A 447 -42.59 -9.39 27.58
C VAL A 447 -43.37 -10.50 26.90
N TYR A 448 -42.68 -11.32 26.11
CA TYR A 448 -43.25 -12.48 25.45
C TYR A 448 -42.87 -13.73 26.24
N ARG A 449 -43.87 -14.46 26.72
CA ARG A 449 -43.63 -15.69 27.46
C ARG A 449 -43.68 -16.89 26.52
N ALA A 450 -42.71 -17.79 26.68
CA ALA A 450 -42.65 -19.00 25.87
C ALA A 450 -43.49 -20.10 26.50
N GLN A 451 -44.27 -20.79 25.68
CA GLN A 451 -45.19 -21.81 26.11
C GLN A 451 -44.82 -23.15 25.48
N PRO A 452 -45.34 -24.26 26.02
CA PRO A 452 -45.11 -25.56 25.38
C PRO A 452 -45.56 -25.56 23.93
N VAL A 453 -44.84 -26.33 23.11
CA VAL A 453 -45.04 -26.31 21.66
C VAL A 453 -46.42 -26.86 21.33
N VAL A 454 -47.11 -26.18 20.41
CA VAL A 454 -48.42 -26.59 19.95
C VAL A 454 -48.33 -27.17 18.55
N GLY B 1 -56.98 -28.61 -45.16
CA GLY B 1 -56.73 -29.63 -44.17
C GLY B 1 -56.96 -29.16 -42.75
N PRO B 2 -57.03 -30.10 -41.81
CA PRO B 2 -57.27 -29.73 -40.41
C PRO B 2 -56.06 -29.05 -39.80
N ASN B 3 -56.32 -28.21 -38.81
CA ASN B 3 -55.28 -27.46 -38.11
C ASN B 3 -55.64 -27.41 -36.63
N ILE B 4 -55.02 -26.47 -35.91
CA ILE B 4 -55.24 -26.39 -34.47
C ILE B 4 -56.59 -25.75 -34.15
N CYS B 5 -57.16 -24.99 -35.09
CA CYS B 5 -58.43 -24.33 -34.82
C CYS B 5 -59.58 -25.34 -34.82
N THR B 6 -59.51 -26.34 -35.69
CA THR B 6 -60.56 -27.34 -35.79
C THR B 6 -60.30 -28.55 -34.89
N THR B 7 -59.06 -29.03 -34.84
CA THR B 7 -58.76 -30.22 -34.05
C THR B 7 -58.90 -29.99 -32.56
N ARG B 8 -58.93 -28.73 -32.11
CA ARG B 8 -59.17 -28.45 -30.71
C ARG B 8 -60.62 -28.72 -30.32
N GLY B 9 -61.55 -28.58 -31.26
CA GLY B 9 -62.95 -28.78 -30.99
C GLY B 9 -63.50 -27.78 -29.99
N VAL B 10 -63.56 -26.51 -30.39
CA VAL B 10 -64.00 -25.45 -29.50
C VAL B 10 -65.51 -25.46 -29.37
N SER B 11 -66.04 -24.72 -28.41
CA SER B 11 -67.47 -24.67 -28.15
C SER B 11 -68.10 -23.30 -28.40
N SER B 12 -67.30 -22.24 -28.50
CA SER B 12 -67.86 -20.91 -28.66
C SER B 12 -66.89 -20.04 -29.47
N CYS B 13 -67.36 -18.84 -29.81
CA CYS B 13 -66.52 -17.89 -30.53
C CYS B 13 -65.36 -17.42 -29.67
N GLN B 14 -65.59 -17.26 -28.36
CA GLN B 14 -64.55 -16.79 -27.47
C GLN B 14 -63.43 -17.82 -27.34
N GLN B 15 -63.79 -19.09 -27.16
CA GLN B 15 -62.78 -20.13 -27.06
C GLN B 15 -62.04 -20.33 -28.38
N CYS B 16 -62.69 -20.05 -29.51
CA CYS B 16 -62.03 -20.20 -30.80
C CYS B 16 -60.90 -19.20 -30.95
N LEU B 17 -61.12 -17.95 -30.54
CA LEU B 17 -60.06 -16.95 -30.59
C LEU B 17 -58.95 -17.24 -29.61
N ALA B 18 -59.23 -18.03 -28.56
CA ALA B 18 -58.22 -18.34 -27.56
C ALA B 18 -57.25 -19.42 -28.01
N VAL B 19 -57.60 -20.18 -29.05
CA VAL B 19 -56.73 -21.26 -29.51
C VAL B 19 -55.43 -20.70 -30.07
N SER B 20 -55.54 -19.79 -31.03
CA SER B 20 -54.37 -19.25 -31.71
C SER B 20 -54.75 -17.91 -32.32
N PRO B 21 -53.80 -16.99 -32.48
CA PRO B 21 -54.11 -15.71 -33.15
C PRO B 21 -54.53 -15.87 -34.59
N MET B 22 -54.40 -17.06 -35.19
CA MET B 22 -54.76 -17.29 -36.57
C MET B 22 -56.18 -17.81 -36.73
N CYS B 23 -56.84 -18.21 -35.65
CA CYS B 23 -58.17 -18.79 -35.76
C CYS B 23 -59.22 -17.71 -35.95
N ALA B 24 -60.23 -18.02 -36.75
CA ALA B 24 -61.38 -17.15 -36.96
C ALA B 24 -62.66 -17.96 -36.71
N TRP B 25 -63.77 -17.24 -36.56
CA TRP B 25 -65.05 -17.86 -36.24
C TRP B 25 -66.11 -17.37 -37.22
N CYS B 26 -66.99 -18.29 -37.61
CA CYS B 26 -68.08 -17.98 -38.53
C CYS B 26 -69.40 -18.06 -37.77
N SER B 27 -70.11 -16.94 -37.68
CA SER B 27 -71.37 -16.85 -36.97
C SER B 27 -72.56 -17.02 -37.90
N ASP B 28 -72.37 -17.64 -39.05
CA ASP B 28 -73.42 -17.75 -40.05
C ASP B 28 -74.34 -18.94 -39.73
N GLU B 29 -75.64 -18.74 -39.98
CA GLU B 29 -76.60 -19.81 -39.77
C GLU B 29 -76.44 -20.90 -40.84
N ALA B 30 -76.36 -20.51 -42.11
CA ALA B 30 -76.26 -21.45 -43.22
C ALA B 30 -74.85 -22.00 -43.26
N LEU B 31 -74.57 -22.96 -42.38
CA LEU B 31 -73.28 -23.61 -42.31
C LEU B 31 -73.53 -25.10 -42.11
N PRO B 32 -72.84 -25.97 -42.85
CA PRO B 32 -73.08 -27.41 -42.73
C PRO B 32 -72.82 -27.91 -41.31
N LEU B 33 -73.54 -28.97 -40.94
CA LEU B 33 -73.39 -29.54 -39.61
C LEU B 33 -71.98 -30.06 -39.37
N GLY B 34 -71.42 -30.76 -40.35
CA GLY B 34 -70.08 -31.30 -40.21
C GLY B 34 -68.97 -30.29 -40.37
N SER B 35 -69.24 -29.18 -41.05
CA SER B 35 -68.21 -28.17 -41.26
C SER B 35 -67.94 -27.42 -39.96
N PRO B 36 -66.71 -27.33 -39.51
CA PRO B 36 -66.42 -26.62 -38.26
C PRO B 36 -66.50 -25.11 -38.44
N ARG B 37 -66.83 -24.43 -37.34
CA ARG B 37 -66.96 -22.98 -37.33
C ARG B 37 -65.66 -22.26 -36.97
N CYS B 38 -64.67 -22.98 -36.47
CA CYS B 38 -63.42 -22.39 -36.00
C CYS B 38 -62.29 -22.86 -36.92
N ASP B 39 -61.96 -22.04 -37.91
CA ASP B 39 -60.97 -22.39 -38.90
C ASP B 39 -60.25 -21.11 -39.35
N LEU B 40 -59.30 -21.28 -40.26
CA LEU B 40 -58.65 -20.12 -40.85
C LEU B 40 -59.67 -19.28 -41.61
N LYS B 41 -59.42 -17.96 -41.64
CA LYS B 41 -60.34 -17.07 -42.35
C LYS B 41 -60.41 -17.41 -43.83
N GLU B 42 -59.34 -17.97 -44.39
CA GLU B 42 -59.35 -18.41 -45.78
C GLU B 42 -60.28 -19.62 -45.96
N ASN B 43 -60.24 -20.55 -44.99
CA ASN B 43 -61.08 -21.73 -45.09
C ASN B 43 -62.55 -21.41 -44.88
N LEU B 44 -62.85 -20.43 -44.04
CA LEU B 44 -64.24 -20.05 -43.80
C LEU B 44 -64.86 -19.43 -45.05
N LEU B 45 -64.16 -18.49 -45.68
CA LEU B 45 -64.63 -17.96 -46.96
C LEU B 45 -64.66 -19.02 -48.04
N LYS B 46 -63.80 -20.04 -47.92
CA LYS B 46 -63.80 -21.13 -48.90
C LYS B 46 -65.04 -22.00 -48.75
N ASP B 47 -65.64 -22.05 -47.56
CA ASP B 47 -66.84 -22.84 -47.31
C ASP B 47 -68.09 -21.98 -47.27
N ASN B 48 -68.10 -20.87 -48.01
CA ASN B 48 -69.31 -20.07 -48.24
C ASN B 48 -69.86 -19.47 -46.95
N CYS B 49 -68.97 -19.05 -46.05
CA CYS B 49 -69.38 -18.31 -44.87
C CYS B 49 -69.53 -16.83 -45.22
N ALA B 50 -70.59 -16.22 -44.70
CA ALA B 50 -70.83 -14.81 -44.97
C ALA B 50 -69.69 -13.96 -44.41
N PRO B 51 -69.11 -13.08 -45.22
CA PRO B 51 -67.97 -12.28 -44.71
C PRO B 51 -68.32 -11.39 -43.53
N GLU B 52 -69.59 -11.01 -43.39
CA GLU B 52 -69.98 -10.20 -42.24
C GLU B 52 -69.98 -10.99 -40.95
N SER B 53 -70.27 -12.29 -41.03
CA SER B 53 -70.37 -13.15 -39.85
C SER B 53 -69.01 -13.67 -39.39
N ILE B 54 -67.91 -13.26 -40.02
CA ILE B 54 -66.59 -13.77 -39.70
C ILE B 54 -65.99 -12.93 -38.58
N GLU B 55 -65.62 -13.59 -37.48
CA GLU B 55 -64.96 -12.94 -36.35
C GLU B 55 -63.48 -13.28 -36.42
N PHE B 56 -62.64 -12.28 -36.68
CA PHE B 56 -61.20 -12.47 -36.84
C PHE B 56 -60.47 -11.19 -36.46
N PRO B 57 -60.26 -10.96 -35.17
CA PRO B 57 -59.52 -9.76 -34.75
C PRO B 57 -58.05 -9.85 -35.12
N VAL B 58 -57.48 -8.70 -35.50
CA VAL B 58 -56.08 -8.60 -35.90
C VAL B 58 -55.38 -7.64 -34.95
N SER B 59 -54.28 -8.08 -34.37
CA SER B 59 -53.49 -7.22 -33.49
C SER B 59 -52.82 -6.12 -34.29
N GLU B 60 -53.00 -4.88 -33.85
CA GLU B 60 -52.49 -3.71 -34.56
C GLU B 60 -51.82 -2.77 -33.57
N ALA B 61 -51.22 -1.70 -34.09
CA ALA B 61 -50.55 -0.70 -33.29
C ALA B 61 -50.57 0.61 -34.07
N ARG B 62 -51.43 1.53 -33.66
CA ARG B 62 -51.58 2.82 -34.30
C ARG B 62 -51.26 3.93 -33.30
N VAL B 63 -50.71 5.03 -33.82
CA VAL B 63 -50.30 6.15 -33.00
C VAL B 63 -51.48 7.09 -32.80
N LEU B 64 -51.55 7.70 -31.62
CA LEU B 64 -52.54 8.71 -31.30
C LEU B 64 -51.97 10.11 -31.20
N GLU B 65 -50.80 10.25 -30.56
CA GLU B 65 -50.06 11.50 -30.52
C GLU B 65 -48.70 11.26 -31.15
N ASP B 66 -48.32 12.12 -32.09
CA ASP B 66 -47.07 11.96 -32.84
C ASP B 66 -46.44 13.34 -33.08
N ARG B 67 -46.11 14.03 -31.99
CA ARG B 67 -45.42 15.30 -32.11
C ARG B 67 -44.02 15.09 -32.65
N PRO B 68 -43.55 15.95 -33.56
CA PRO B 68 -42.17 15.83 -34.03
C PRO B 68 -41.19 16.24 -32.95
N LEU B 69 -40.01 15.63 -33.00
CA LEU B 69 -38.96 15.96 -32.04
C LEU B 69 -38.50 17.40 -32.23
N SER B 70 -38.16 18.05 -31.13
CA SER B 70 -37.75 19.44 -31.15
C SER B 70 -36.32 19.56 -31.65
N ASP B 71 -36.07 20.58 -32.46
CA ASP B 71 -34.71 20.91 -32.87
C ASP B 71 -34.00 21.73 -31.80
N LYS B 72 -34.75 22.49 -31.02
CA LYS B 72 -34.20 23.34 -29.97
C LYS B 72 -35.05 23.23 -28.73
N GLY B 73 -34.39 23.14 -27.57
CA GLY B 73 -35.07 23.16 -26.30
C GLY B 73 -35.30 24.54 -25.74
N SER B 74 -34.66 25.55 -26.33
CA SER B 74 -34.84 26.93 -25.90
C SER B 74 -36.24 27.42 -26.23
N GLY B 75 -36.61 28.54 -25.64
CA GLY B 75 -37.93 29.11 -25.87
C GLY B 75 -39.05 28.22 -25.37
N ASP B 76 -40.27 28.62 -25.74
CA ASP B 76 -41.51 27.91 -25.43
C ASP B 76 -41.80 27.88 -23.93
N SER B 77 -43.06 27.65 -23.59
CA SER B 77 -43.41 27.37 -22.20
C SER B 77 -43.24 25.86 -21.97
N SER B 78 -42.08 25.33 -22.36
CA SER B 78 -41.80 23.91 -22.34
C SER B 78 -42.78 23.13 -23.22
N GLN B 79 -42.84 23.53 -24.49
CA GLN B 79 -43.48 22.76 -25.54
C GLN B 79 -42.47 21.89 -26.28
N VAL B 80 -41.39 21.49 -25.59
CA VAL B 80 -40.35 20.66 -26.19
C VAL B 80 -40.81 19.21 -26.22
N THR B 81 -40.51 18.53 -27.32
CA THR B 81 -40.86 17.13 -27.51
C THR B 81 -39.58 16.31 -27.57
N GLN B 82 -39.28 15.59 -26.49
CA GLN B 82 -38.08 14.76 -26.43
C GLN B 82 -38.35 13.30 -26.81
N VAL B 83 -39.61 12.88 -26.80
CA VAL B 83 -39.99 11.49 -27.09
C VAL B 83 -41.06 11.50 -28.17
N SER B 84 -40.91 10.60 -29.14
CA SER B 84 -41.86 10.49 -30.23
C SER B 84 -42.00 9.02 -30.61
N PRO B 85 -43.23 8.47 -30.67
CA PRO B 85 -44.47 9.18 -30.38
C PRO B 85 -44.73 9.33 -28.88
N GLN B 86 -45.79 10.06 -28.52
CA GLN B 86 -46.13 10.30 -27.12
C GLN B 86 -47.27 9.42 -26.63
N ARG B 87 -48.05 8.84 -27.55
CA ARG B 87 -49.17 7.99 -27.17
C ARG B 87 -49.56 7.13 -28.37
N ILE B 88 -49.74 5.82 -28.12
CA ILE B 88 -50.18 4.90 -29.16
C ILE B 88 -51.29 4.02 -28.59
N ALA B 89 -52.16 3.55 -29.47
CA ALA B 89 -53.19 2.59 -29.13
C ALA B 89 -52.73 1.21 -29.54
N LEU B 90 -52.79 0.26 -28.61
CA LEU B 90 -52.32 -1.10 -28.84
C LEU B 90 -53.47 -2.07 -28.66
N ARG B 91 -53.67 -2.94 -29.65
CA ARG B 91 -54.71 -3.97 -29.60
C ARG B 91 -54.05 -5.33 -29.73
N LEU B 92 -54.40 -6.25 -28.83
CA LEU B 92 -53.82 -7.58 -28.80
C LEU B 92 -54.88 -8.62 -28.54
N ARG B 93 -54.86 -9.69 -29.30
CA ARG B 93 -55.68 -10.87 -29.03
C ARG B 93 -54.87 -11.89 -28.24
N PRO B 94 -55.52 -12.85 -27.59
CA PRO B 94 -54.81 -13.74 -26.65
C PRO B 94 -53.57 -14.39 -27.25
N ASP B 95 -52.49 -14.38 -26.46
CA ASP B 95 -51.23 -15.06 -26.77
C ASP B 95 -50.55 -14.50 -28.02
N ASP B 96 -50.97 -13.33 -28.48
CA ASP B 96 -50.38 -12.72 -29.67
C ASP B 96 -49.36 -11.67 -29.26
N SER B 97 -48.77 -11.02 -30.26
CA SER B 97 -47.78 -9.98 -30.01
C SER B 97 -47.81 -8.97 -31.16
N LYS B 98 -47.51 -7.72 -30.82
CA LYS B 98 -47.41 -6.65 -31.80
C LYS B 98 -46.22 -5.77 -31.43
N ASN B 99 -45.63 -5.13 -32.45
CA ASN B 99 -44.41 -4.35 -32.25
C ASN B 99 -44.67 -2.88 -32.55
N PHE B 100 -43.93 -2.02 -31.84
CA PHE B 100 -43.99 -0.58 -32.04
C PHE B 100 -42.63 0.02 -31.69
N SER B 101 -42.43 1.28 -32.07
CA SER B 101 -41.15 1.94 -31.94
C SER B 101 -41.28 3.22 -31.12
N ILE B 102 -40.13 3.75 -30.70
CA ILE B 102 -40.07 4.99 -29.94
C ILE B 102 -38.74 5.65 -30.21
N GLN B 103 -38.76 6.97 -30.43
CA GLN B 103 -37.57 7.76 -30.66
C GLN B 103 -37.32 8.67 -29.47
N VAL B 104 -36.05 8.79 -29.08
CA VAL B 104 -35.63 9.64 -27.97
C VAL B 104 -34.48 10.51 -28.45
N ARG B 105 -34.57 11.81 -28.16
CA ARG B 105 -33.54 12.76 -28.54
C ARG B 105 -33.11 13.59 -27.34
N GLN B 106 -31.80 13.75 -27.19
CA GLN B 106 -31.23 14.68 -26.22
C GLN B 106 -31.27 16.07 -26.85
N VAL B 107 -32.31 16.84 -26.53
CA VAL B 107 -32.58 18.08 -27.23
C VAL B 107 -31.50 19.10 -26.93
N GLU B 108 -31.15 19.89 -27.94
CA GLU B 108 -30.12 20.91 -27.82
C GLU B 108 -30.69 22.19 -27.22
N ASP B 109 -29.84 22.90 -26.47
CA ASP B 109 -30.20 24.16 -25.81
C ASP B 109 -31.37 23.95 -24.85
N TYR B 110 -31.22 22.97 -23.97
CA TYR B 110 -32.18 22.69 -22.91
C TYR B 110 -31.79 23.43 -21.64
N PRO B 111 -32.75 24.03 -20.93
CA PRO B 111 -32.40 24.80 -19.72
C PRO B 111 -31.75 23.93 -18.66
N VAL B 112 -30.89 24.55 -17.85
CA VAL B 112 -30.07 23.86 -16.87
C VAL B 112 -30.15 24.61 -15.54
N ASP B 113 -30.37 23.86 -14.47
CA ASP B 113 -30.25 24.36 -13.10
C ASP B 113 -28.99 23.77 -12.46
N ILE B 114 -28.24 24.60 -11.74
CA ILE B 114 -27.01 24.18 -11.09
C ILE B 114 -27.01 24.76 -9.68
N TYR B 115 -27.11 23.90 -8.67
CA TYR B 115 -27.10 24.31 -7.27
C TYR B 115 -25.76 23.89 -6.66
N TYR B 116 -24.93 24.88 -6.33
CA TYR B 116 -23.59 24.64 -5.80
C TYR B 116 -23.70 24.37 -4.30
N LEU B 117 -23.59 23.11 -3.90
CA LEU B 117 -23.60 22.71 -2.50
C LEU B 117 -22.15 22.47 -2.07
N MET B 118 -21.70 23.24 -1.10
CA MET B 118 -20.27 23.36 -0.81
C MET B 118 -19.97 23.05 0.65
N ASP B 119 -19.02 22.14 0.86
CA ASP B 119 -18.38 21.98 2.16
C ASP B 119 -17.74 23.30 2.56
N LEU B 120 -18.09 23.79 3.74
CA LEU B 120 -17.50 25.01 4.28
C LEU B 120 -16.89 24.77 5.65
N SER B 121 -16.28 23.61 5.83
CA SER B 121 -15.43 23.41 6.99
C SER B 121 -14.10 24.14 6.78
N TYR B 122 -13.22 24.08 7.79
CA TYR B 122 -12.06 24.97 7.79
C TYR B 122 -11.10 24.68 6.65
N SER B 123 -11.03 23.43 6.18
CA SER B 123 -10.10 23.09 5.10
C SER B 123 -10.57 23.59 3.74
N MET B 124 -11.77 24.17 3.64
CA MET B 124 -12.28 24.71 2.40
C MET B 124 -12.15 26.24 2.34
N LYS B 125 -11.32 26.81 3.22
CA LYS B 125 -11.16 28.26 3.25
C LYS B 125 -10.55 28.78 1.95
N ASP B 126 -9.52 28.11 1.46
CA ASP B 126 -8.93 28.50 0.18
C ASP B 126 -9.83 28.13 -1.00
N ASP B 127 -10.75 27.18 -0.81
CA ASP B 127 -11.70 26.86 -1.86
C ASP B 127 -12.70 27.99 -2.06
N LEU B 128 -13.07 28.68 -0.98
CA LEU B 128 -13.98 29.81 -1.07
C LEU B 128 -13.38 30.94 -1.90
N TRP B 129 -12.08 31.16 -1.77
CA TRP B 129 -11.45 32.32 -2.41
C TRP B 129 -11.41 32.18 -3.92
N SER B 130 -11.22 30.96 -4.43
CA SER B 130 -11.03 30.73 -5.86
C SER B 130 -12.34 30.58 -6.63
N ILE B 131 -13.49 30.69 -5.97
CA ILE B 131 -14.78 30.59 -6.64
C ILE B 131 -15.55 31.90 -6.57
N GLN B 132 -14.91 32.99 -6.16
CA GLN B 132 -15.60 34.27 -6.06
C GLN B 132 -16.04 34.77 -7.43
N ASN B 133 -15.34 34.36 -8.48
CA ASN B 133 -15.70 34.70 -9.85
C ASN B 133 -16.34 33.53 -10.59
N LEU B 134 -16.61 32.43 -9.89
CA LEU B 134 -17.14 31.24 -10.56
C LEU B 134 -18.50 31.48 -11.21
N GLY B 135 -19.32 32.35 -10.60
CA GLY B 135 -20.65 32.60 -11.16
C GLY B 135 -20.61 33.14 -12.57
N THR B 136 -19.76 34.15 -12.80
CA THR B 136 -19.63 34.72 -14.14
C THR B 136 -18.82 33.82 -15.06
N LYS B 137 -17.81 33.14 -14.52
CA LYS B 137 -17.03 32.20 -15.32
C LYS B 137 -17.91 31.06 -15.83
N LEU B 138 -18.73 30.49 -14.95
CA LEU B 138 -19.62 29.40 -15.35
C LEU B 138 -20.65 29.85 -16.37
N ALA B 139 -21.12 31.09 -16.27
CA ALA B 139 -22.13 31.58 -17.22
C ALA B 139 -21.57 31.66 -18.63
N THR B 140 -20.28 31.99 -18.76
CA THR B 140 -19.69 32.12 -20.09
C THR B 140 -19.56 30.76 -20.77
N GLN B 141 -19.12 29.74 -20.05
CA GLN B 141 -18.94 28.42 -20.64
C GLN B 141 -20.26 27.71 -20.88
N MET B 142 -21.21 27.81 -19.94
CA MET B 142 -22.52 27.21 -20.14
C MET B 142 -23.33 27.92 -21.22
N ARG B 143 -22.99 29.17 -21.53
CA ARG B 143 -23.67 29.88 -22.61
C ARG B 143 -23.51 29.17 -23.94
N LYS B 144 -22.42 28.41 -24.10
CA LYS B 144 -22.21 27.65 -25.32
C LYS B 144 -23.15 26.44 -25.42
N LEU B 145 -23.73 26.01 -24.30
CA LEU B 145 -24.58 24.83 -24.27
C LEU B 145 -26.05 25.13 -24.04
N THR B 146 -26.37 26.21 -23.33
CA THR B 146 -27.76 26.53 -23.03
C THR B 146 -27.93 28.04 -22.98
N SER B 147 -29.18 28.47 -23.21
CA SER B 147 -29.56 29.87 -23.11
C SER B 147 -30.35 30.18 -21.85
N ASN B 148 -30.83 29.16 -21.13
CA ASN B 148 -31.59 29.33 -19.90
C ASN B 148 -30.80 28.66 -18.77
N LEU B 149 -29.90 29.42 -18.16
CA LEU B 149 -29.10 28.94 -17.04
C LEU B 149 -29.58 29.59 -15.75
N ARG B 150 -29.65 28.79 -14.68
CA ARG B 150 -29.93 29.27 -13.34
C ARG B 150 -28.96 28.61 -12.37
N ILE B 151 -28.43 29.40 -11.44
CA ILE B 151 -27.46 28.90 -10.48
C ILE B 151 -27.87 29.32 -9.07
N GLY B 152 -27.54 28.47 -8.10
CA GLY B 152 -27.79 28.73 -6.70
C GLY B 152 -26.62 28.25 -5.86
N PHE B 153 -26.72 28.50 -4.56
CA PHE B 153 -25.61 28.19 -3.66
C PHE B 153 -26.14 27.77 -2.29
N GLY B 154 -25.53 26.71 -1.75
CA GLY B 154 -25.79 26.30 -0.39
C GLY B 154 -24.52 25.77 0.23
N ALA B 155 -24.50 25.73 1.56
CA ALA B 155 -23.30 25.35 2.29
C ALA B 155 -23.67 24.48 3.49
N PHE B 156 -22.74 23.60 3.86
CA PHE B 156 -22.92 22.72 5.01
C PHE B 156 -21.60 22.61 5.76
N VAL B 157 -21.69 22.10 7.00
CA VAL B 157 -20.52 21.70 7.76
C VAL B 157 -20.81 20.33 8.37
N ASP B 158 -21.41 20.32 9.55
CA ASP B 158 -21.78 19.10 10.24
C ASP B 158 -22.86 19.44 11.26
N LYS B 159 -23.36 18.42 11.94
CA LYS B 159 -24.40 18.63 12.94
C LYS B 159 -23.87 19.48 14.09
N PRO B 160 -24.40 20.69 14.31
CA PRO B 160 -23.88 21.55 15.38
C PRO B 160 -24.18 21.02 16.77
N VAL B 161 -23.54 19.91 17.13
CA VAL B 161 -23.74 19.28 18.43
C VAL B 161 -22.50 18.48 18.77
N SER B 162 -22.17 18.45 20.06
CA SER B 162 -21.07 17.63 20.54
C SER B 162 -21.33 16.17 20.16
N PRO B 163 -20.29 15.39 19.82
CA PRO B 163 -18.87 15.76 19.82
C PRO B 163 -18.36 16.37 18.51
N TYR B 164 -19.25 16.56 17.53
CA TYR B 164 -18.83 17.20 16.29
C TYR B 164 -18.46 18.67 16.51
N MET B 165 -19.08 19.30 17.49
CA MET B 165 -18.96 20.73 17.73
C MET B 165 -18.17 21.00 19.01
N TYR B 166 -17.26 21.97 18.95
CA TYR B 166 -16.54 22.40 20.14
C TYR B 166 -17.50 23.18 21.04
N ILE B 167 -17.55 22.80 22.31
CA ILE B 167 -18.52 23.37 23.25
C ILE B 167 -17.83 24.00 24.46
N SER B 168 -16.52 24.27 24.37
CA SER B 168 -15.81 24.90 25.47
C SER B 168 -14.57 25.62 24.94
N PRO B 169 -14.25 26.81 25.47
CA PRO B 169 -15.00 27.62 26.43
C PRO B 169 -16.22 28.27 25.78
N PRO B 170 -17.04 29.01 26.54
CA PRO B 170 -18.19 29.71 25.91
C PRO B 170 -17.80 30.54 24.70
N GLU B 171 -16.57 31.06 24.67
CA GLU B 171 -16.09 31.79 23.51
C GLU B 171 -16.09 30.93 22.24
N ALA B 172 -15.85 29.62 22.39
CA ALA B 172 -15.76 28.74 21.23
C ALA B 172 -17.11 28.53 20.54
N LEU B 173 -18.21 28.83 21.21
CA LEU B 173 -19.52 28.67 20.57
C LEU B 173 -19.79 29.80 19.58
N GLU B 174 -19.46 31.04 19.95
CA GLU B 174 -19.59 32.15 19.02
C GLU B 174 -18.46 32.17 18.00
N ASN B 175 -17.28 31.67 18.36
CA ASN B 175 -16.12 31.64 17.47
C ASN B 175 -15.38 30.32 17.68
N PRO B 176 -15.65 29.31 16.85
CA PRO B 176 -14.94 28.02 17.01
C PRO B 176 -13.44 28.14 16.84
N CYS B 177 -12.96 29.14 16.08
CA CYS B 177 -11.54 29.34 15.85
C CYS B 177 -10.88 30.22 16.93
N TYR B 178 -11.45 30.23 18.14
CA TYR B 178 -10.92 31.11 19.19
C TYR B 178 -9.51 30.71 19.59
N ASP B 179 -9.23 29.40 19.69
CA ASP B 179 -7.93 28.94 20.17
C ASP B 179 -6.82 29.17 19.17
N MET B 180 -7.16 29.43 17.91
CA MET B 180 -6.21 29.87 16.91
C MET B 180 -6.16 31.40 16.93
N LYS B 181 -5.56 32.00 15.90
CA LYS B 181 -5.48 33.44 15.80
C LYS B 181 -6.42 34.01 14.72
N THR B 182 -7.57 33.38 14.54
CA THR B 182 -8.52 33.78 13.50
C THR B 182 -9.94 33.71 14.05
N THR B 183 -10.89 34.15 13.23
CA THR B 183 -12.30 34.13 13.56
C THR B 183 -13.05 33.40 12.45
N CYS B 184 -13.93 32.49 12.83
CA CYS B 184 -14.78 31.78 11.88
C CYS B 184 -16.22 31.79 12.37
N LEU B 185 -17.12 31.38 11.48
CA LEU B 185 -18.54 31.41 11.78
C LEU B 185 -18.91 30.39 12.86
N PRO B 186 -19.95 30.66 13.64
CA PRO B 186 -20.53 29.61 14.49
C PRO B 186 -20.94 28.42 13.64
N MET B 187 -20.88 27.23 14.23
N MET B 187 -20.88 27.24 14.25
CA MET B 187 -21.12 26.01 13.49
CA MET B 187 -21.18 26.00 13.54
C MET B 187 -22.58 25.90 13.06
C MET B 187 -22.61 26.00 13.02
N PHE B 188 -22.79 25.40 11.84
CA PHE B 188 -24.12 25.27 11.26
C PHE B 188 -24.18 23.95 10.49
N GLY B 189 -25.34 23.30 10.54
CA GLY B 189 -25.53 22.06 9.81
C GLY B 189 -25.54 22.27 8.31
N TYR B 190 -26.66 22.77 7.79
CA TYR B 190 -26.79 23.13 6.38
C TYR B 190 -27.61 24.41 6.29
N LYS B 191 -27.18 25.33 5.44
CA LYS B 191 -27.90 26.58 5.25
C LYS B 191 -28.03 26.88 3.76
N HIS B 192 -29.26 27.21 3.35
CA HIS B 192 -29.51 27.72 2.01
C HIS B 192 -29.08 29.18 1.93
N VAL B 193 -28.49 29.55 0.79
CA VAL B 193 -27.90 30.87 0.61
C VAL B 193 -28.54 31.62 -0.56
N LEU B 194 -28.66 30.97 -1.71
CA LEU B 194 -29.14 31.62 -2.92
C LEU B 194 -30.04 30.68 -3.70
N THR B 195 -31.28 31.10 -3.92
CA THR B 195 -32.21 30.35 -4.77
C THR B 195 -31.74 30.41 -6.22
N LEU B 196 -31.99 29.33 -6.95
CA LEU B 196 -31.65 29.23 -8.37
C LEU B 196 -32.14 30.45 -9.15
N THR B 197 -31.21 31.30 -9.58
CA THR B 197 -31.52 32.50 -10.32
C THR B 197 -30.64 32.60 -11.56
N ASP B 198 -31.10 33.37 -12.54
CA ASP B 198 -30.32 33.63 -13.74
C ASP B 198 -29.46 34.88 -13.63
N GLN B 199 -29.58 35.63 -12.54
CA GLN B 199 -28.74 36.79 -12.27
C GLN B 199 -27.44 36.30 -11.66
N VAL B 200 -26.45 36.01 -12.52
CA VAL B 200 -25.24 35.33 -12.09
C VAL B 200 -24.44 36.17 -11.11
N THR B 201 -24.55 37.50 -11.18
CA THR B 201 -23.82 38.35 -10.25
C THR B 201 -24.31 38.19 -8.81
N ARG B 202 -25.54 37.68 -8.63
CA ARG B 202 -26.00 37.35 -7.29
C ARG B 202 -25.19 36.20 -6.70
N PHE B 203 -24.69 35.30 -7.55
CA PHE B 203 -23.84 34.20 -7.06
C PHE B 203 -22.51 34.74 -6.55
N ASN B 204 -21.87 35.62 -7.33
CA ASN B 204 -20.58 36.17 -6.92
C ASN B 204 -20.69 36.91 -5.60
N GLU B 205 -21.68 37.80 -5.50
CA GLU B 205 -21.77 38.65 -4.32
C GLU B 205 -22.25 37.89 -3.08
N GLU B 206 -22.87 36.72 -3.26
CA GLU B 206 -23.21 35.89 -2.11
C GLU B 206 -22.01 35.07 -1.66
N VAL B 207 -21.23 34.55 -2.61
CA VAL B 207 -20.04 33.77 -2.27
C VAL B 207 -19.01 34.63 -1.56
N LYS B 208 -18.87 35.89 -1.99
CA LYS B 208 -17.90 36.80 -1.39
C LYS B 208 -18.25 37.17 0.05
N LYS B 209 -19.48 36.91 0.50
CA LYS B 209 -19.86 37.16 1.89
C LYS B 209 -19.85 35.89 2.74
N GLN B 210 -19.64 34.72 2.14
CA GLN B 210 -19.59 33.48 2.88
C GLN B 210 -18.25 33.32 3.59
N SER B 211 -18.23 32.45 4.60
CA SER B 211 -17.01 32.13 5.32
C SER B 211 -17.17 30.75 5.95
N VAL B 212 -16.04 30.14 6.28
CA VAL B 212 -16.02 28.76 6.76
C VAL B 212 -16.29 28.72 8.26
N SER B 213 -16.60 27.53 8.76
CA SER B 213 -16.66 27.24 10.19
C SER B 213 -15.68 26.10 10.49
N ARG B 214 -15.75 25.56 11.70
CA ARG B 214 -14.78 24.57 12.15
C ARG B 214 -15.46 23.56 13.04
N ASN B 215 -15.31 22.28 12.70
CA ASN B 215 -15.80 21.17 13.51
C ASN B 215 -14.66 20.21 13.79
N ARG B 216 -14.93 19.19 14.61
CA ARG B 216 -13.87 18.38 15.18
C ARG B 216 -13.55 17.14 14.35
N ASP B 217 -14.54 16.46 13.78
CA ASP B 217 -14.32 15.15 13.17
C ASP B 217 -14.30 15.26 11.64
N ALA B 218 -13.40 14.48 11.02
CA ALA B 218 -13.19 14.57 9.59
C ALA B 218 -14.45 14.30 8.76
N PRO B 219 -15.27 13.29 9.04
CA PRO B 219 -16.50 13.13 8.27
C PRO B 219 -17.45 14.29 8.53
N GLU B 220 -18.11 14.75 7.47
CA GLU B 220 -18.99 15.91 7.56
C GLU B 220 -20.41 15.52 7.17
N GLY B 221 -21.34 16.41 7.51
CA GLY B 221 -22.75 16.14 7.30
C GLY B 221 -23.28 16.64 5.97
N GLY B 222 -22.55 16.34 4.89
CA GLY B 222 -22.99 16.78 3.57
C GLY B 222 -24.21 16.04 3.06
N PHE B 223 -24.41 14.81 3.51
CA PHE B 223 -25.59 14.06 3.08
C PHE B 223 -26.87 14.65 3.65
N ASP B 224 -26.80 15.24 4.85
CA ASP B 224 -27.92 16.03 5.35
C ASP B 224 -28.26 17.16 4.39
N ALA B 225 -27.23 17.81 3.83
CA ALA B 225 -27.46 18.93 2.92
C ALA B 225 -27.98 18.44 1.57
N ILE B 226 -27.50 17.29 1.10
CA ILE B 226 -27.99 16.74 -0.17
C ILE B 226 -29.47 16.45 -0.09
N MET B 227 -29.94 15.98 1.06
CA MET B 227 -31.36 15.67 1.22
C MET B 227 -32.22 16.92 1.15
N GLN B 228 -31.86 17.95 1.93
CA GLN B 228 -32.68 19.16 1.97
C GLN B 228 -32.67 19.90 0.63
N ALA B 229 -31.49 19.99 -0.01
CA ALA B 229 -31.41 20.63 -1.31
C ALA B 229 -32.23 19.88 -2.37
N THR B 230 -32.61 18.63 -2.09
CA THR B 230 -33.38 17.83 -3.03
C THR B 230 -34.89 17.94 -2.77
N VAL B 231 -35.31 17.81 -1.51
CA VAL B 231 -36.74 17.76 -1.18
C VAL B 231 -37.34 19.13 -0.92
N CYS B 232 -36.53 20.18 -0.79
CA CYS B 232 -37.06 21.54 -0.66
C CYS B 232 -37.14 22.18 -2.04
N ASP B 233 -38.12 21.71 -2.82
CA ASP B 233 -38.25 22.14 -4.21
C ASP B 233 -38.45 23.65 -4.31
N GLU B 234 -39.31 24.21 -3.46
CA GLU B 234 -39.67 25.61 -3.58
C GLU B 234 -38.55 26.54 -3.10
N LYS B 235 -37.79 26.11 -2.08
CA LYS B 235 -36.75 26.97 -1.53
C LYS B 235 -35.51 27.00 -2.43
N ILE B 236 -35.07 25.85 -2.92
CA ILE B 236 -33.93 25.82 -3.83
C ILE B 236 -34.35 26.38 -5.19
N GLY B 237 -35.54 26.03 -5.66
CA GLY B 237 -36.10 26.60 -6.85
C GLY B 237 -35.92 25.81 -8.13
N TRP B 238 -35.89 24.48 -8.05
CA TRP B 238 -35.75 23.67 -9.26
C TRP B 238 -36.92 23.92 -10.20
N ARG B 239 -36.62 24.19 -11.46
CA ARG B 239 -37.65 24.34 -12.47
C ARG B 239 -38.13 22.98 -12.94
N ASN B 240 -39.41 22.92 -13.32
CA ASN B 240 -40.00 21.65 -13.72
C ASN B 240 -39.38 21.10 -15.00
N ASP B 241 -39.04 21.98 -15.94
CA ASP B 241 -38.52 21.59 -17.25
C ASP B 241 -37.09 22.10 -17.39
N ALA B 242 -36.16 21.42 -16.75
CA ALA B 242 -34.74 21.77 -16.82
C ALA B 242 -33.93 20.62 -16.22
N SER B 243 -32.71 20.46 -16.71
CA SER B 243 -31.79 19.50 -16.14
C SER B 243 -31.29 20.00 -14.79
N HIS B 244 -31.41 19.16 -13.77
CA HIS B 244 -31.12 19.55 -12.38
C HIS B 244 -29.76 18.98 -11.99
N LEU B 245 -28.79 19.87 -11.80
CA LEU B 245 -27.44 19.49 -11.38
C LEU B 245 -27.21 19.95 -9.95
N LEU B 246 -26.82 19.01 -9.08
CA LEU B 246 -26.48 19.31 -7.69
C LEU B 246 -24.98 19.02 -7.54
N VAL B 247 -24.19 20.09 -7.45
CA VAL B 247 -22.73 19.97 -7.41
C VAL B 247 -22.31 19.92 -5.95
N PHE B 248 -21.87 18.73 -5.50
CA PHE B 248 -21.49 18.48 -4.12
C PHE B 248 -19.97 18.49 -4.03
N THR B 249 -19.42 19.53 -3.42
CA THR B 249 -17.97 19.71 -3.31
C THR B 249 -17.54 19.51 -1.85
N THR B 250 -16.62 18.57 -1.63
CA THR B 250 -16.05 18.34 -0.32
C THR B 250 -14.66 17.73 -0.50
N ASP B 251 -13.88 17.77 0.57
CA ASP B 251 -12.53 17.21 0.56
C ASP B 251 -12.35 16.08 1.57
N ALA B 252 -13.43 15.65 2.23
CA ALA B 252 -13.33 14.72 3.34
C ALA B 252 -14.36 13.61 3.18
N LYS B 253 -14.32 12.66 4.12
CA LYS B 253 -15.32 11.62 4.21
C LYS B 253 -16.66 12.25 4.59
N THR B 254 -17.72 11.43 4.52
CA THR B 254 -19.06 11.90 4.84
C THR B 254 -19.69 11.01 5.90
N HIS B 255 -20.46 11.62 6.78
CA HIS B 255 -21.27 10.86 7.71
C HIS B 255 -22.40 10.17 6.98
N ILE B 256 -22.80 9.01 7.50
CA ILE B 256 -23.88 8.22 6.92
C ILE B 256 -24.90 7.91 8.00
N ALA B 257 -25.99 7.28 7.60
CA ALA B 257 -27.03 6.92 8.54
C ALA B 257 -26.47 6.04 9.65
N LEU B 258 -26.99 6.23 10.87
CA LEU B 258 -26.63 5.57 12.12
C LEU B 258 -25.34 6.13 12.71
N ASP B 259 -24.66 7.07 12.04
CA ASP B 259 -23.56 7.78 12.69
C ASP B 259 -24.07 8.73 13.77
N GLY B 260 -25.30 9.23 13.61
CA GLY B 260 -25.84 10.23 14.52
C GLY B 260 -25.96 9.76 15.95
N ARG B 261 -25.91 8.45 16.20
CA ARG B 261 -26.01 7.93 17.56
C ARG B 261 -24.86 8.42 18.45
N LEU B 262 -23.70 8.75 17.88
CA LEU B 262 -22.63 9.32 18.67
C LEU B 262 -22.94 10.72 19.19
N ALA B 263 -23.99 11.36 18.69
CA ALA B 263 -24.47 12.61 19.24
C ALA B 263 -25.83 12.43 19.93
N GLY B 264 -26.10 11.22 20.42
CA GLY B 264 -27.39 10.91 21.00
C GLY B 264 -28.58 10.98 20.05
N ILE B 265 -28.35 11.11 18.74
CA ILE B 265 -29.42 11.26 17.76
C ILE B 265 -29.75 9.88 17.19
N VAL B 266 -31.00 9.44 17.34
CA VAL B 266 -31.40 8.13 16.88
C VAL B 266 -32.60 8.16 15.96
N GLN B 267 -33.35 9.26 15.91
CA GLN B 267 -34.52 9.34 15.08
C GLN B 267 -34.12 9.24 13.61
N PRO B 268 -34.68 8.30 12.85
CA PRO B 268 -34.30 8.16 11.44
C PRO B 268 -34.64 9.41 10.64
N ASN B 269 -33.98 9.53 9.49
CA ASN B 269 -34.25 10.63 8.57
C ASN B 269 -35.61 10.41 7.90
N ASP B 270 -36.47 11.42 7.99
CA ASP B 270 -37.83 11.31 7.45
C ASP B 270 -37.94 11.69 5.98
N GLY B 271 -36.86 12.18 5.38
CA GLY B 271 -36.88 12.57 3.98
C GLY B 271 -37.72 13.77 3.65
N GLN B 272 -38.12 14.55 4.64
CA GLN B 272 -38.94 15.74 4.44
C GLN B 272 -38.11 17.00 4.57
N CYS B 273 -38.61 18.08 3.96
CA CYS B 273 -37.92 19.36 4.03
C CYS B 273 -38.10 19.99 5.41
N HIS B 274 -37.00 20.52 5.95
CA HIS B 274 -37.02 21.16 7.25
C HIS B 274 -36.21 22.46 7.25
N VAL B 275 -36.19 23.16 6.12
CA VAL B 275 -35.50 24.44 6.00
C VAL B 275 -36.56 25.53 5.93
N GLY B 276 -36.62 26.35 6.97
CA GLY B 276 -37.66 27.35 7.14
C GLY B 276 -37.26 28.71 6.64
N SER B 277 -37.77 29.75 7.32
CA SER B 277 -37.52 31.12 6.88
C SER B 277 -36.09 31.56 7.16
N ASP B 278 -35.45 30.99 8.19
CA ASP B 278 -34.08 31.33 8.52
C ASP B 278 -33.07 30.65 7.60
N ASN B 279 -33.53 29.84 6.66
CA ASN B 279 -32.71 29.16 5.66
C ASN B 279 -31.73 28.16 6.27
N HIS B 280 -31.97 27.73 7.51
CA HIS B 280 -31.13 26.73 8.15
C HIS B 280 -31.90 25.44 8.38
N TYR B 281 -31.20 24.32 8.28
CA TYR B 281 -31.78 23.00 8.48
C TYR B 281 -32.05 22.79 9.96
N SER B 282 -33.35 22.84 10.33
CA SER B 282 -33.72 22.88 11.74
C SER B 282 -33.63 21.52 12.44
N ALA B 283 -33.71 20.42 11.69
CA ALA B 283 -33.66 19.09 12.27
C ALA B 283 -32.24 18.53 12.32
N SER B 284 -31.23 19.40 12.24
CA SER B 284 -29.85 18.92 12.20
C SER B 284 -29.45 18.25 13.52
N THR B 285 -29.96 18.74 14.64
CA THR B 285 -29.56 18.26 15.96
C THR B 285 -30.58 17.29 16.56
N THR B 286 -31.62 16.92 15.82
CA THR B 286 -32.63 16.00 16.32
C THR B 286 -32.91 14.83 15.39
N MET B 287 -32.35 14.80 14.18
CA MET B 287 -32.66 13.79 13.18
C MET B 287 -31.36 13.26 12.59
N ASP B 288 -31.27 11.94 12.45
CA ASP B 288 -30.05 11.28 12.02
C ASP B 288 -29.77 11.57 10.54
N TYR B 289 -28.52 11.34 10.14
CA TYR B 289 -28.14 11.48 8.75
C TYR B 289 -28.95 10.50 7.89
N PRO B 290 -29.20 10.83 6.63
CA PRO B 290 -29.96 9.93 5.76
C PRO B 290 -29.12 8.73 5.35
N SER B 291 -29.81 7.74 4.78
CA SER B 291 -29.17 6.56 4.22
C SER B 291 -29.11 6.67 2.70
N LEU B 292 -28.24 5.84 2.10
CA LEU B 292 -28.06 5.88 0.65
C LEU B 292 -29.35 5.55 -0.08
N GLY B 293 -30.12 4.59 0.44
CA GLY B 293 -31.38 4.23 -0.20
C GLY B 293 -32.39 5.36 -0.17
N LEU B 294 -32.47 6.07 0.96
CA LEU B 294 -33.40 7.19 1.06
C LEU B 294 -32.95 8.35 0.17
N MET B 295 -31.64 8.57 0.06
CA MET B 295 -31.14 9.61 -0.84
C MET B 295 -31.48 9.28 -2.29
N THR B 296 -31.32 8.01 -2.68
CA THR B 296 -31.61 7.61 -4.06
C THR B 296 -33.08 7.83 -4.40
N GLU B 297 -33.98 7.52 -3.46
CA GLU B 297 -35.41 7.71 -3.70
C GLU B 297 -35.74 9.17 -3.96
N LYS B 298 -35.17 10.08 -3.17
CA LYS B 298 -35.50 11.49 -3.33
C LYS B 298 -34.81 12.08 -4.55
N LEU B 299 -33.59 11.64 -4.83
CA LEU B 299 -32.90 12.10 -6.04
C LEU B 299 -33.65 11.69 -7.30
N SER B 300 -34.18 10.47 -7.32
CA SER B 300 -34.95 10.01 -8.47
C SER B 300 -36.33 10.64 -8.51
N GLN B 301 -36.92 10.94 -7.36
CA GLN B 301 -38.24 11.57 -7.31
C GLN B 301 -38.20 12.99 -7.86
N LYS B 302 -37.11 13.71 -7.64
CA LYS B 302 -37.00 15.11 -8.05
C LYS B 302 -36.14 15.29 -9.30
N ASN B 303 -35.68 14.20 -9.92
CA ASN B 303 -34.86 14.25 -11.13
C ASN B 303 -33.59 15.06 -10.91
N ILE B 304 -32.94 14.86 -9.76
CA ILE B 304 -31.71 15.55 -9.43
C ILE B 304 -30.53 14.70 -9.87
N ASN B 305 -29.60 15.30 -10.62
CA ASN B 305 -28.36 14.65 -11.02
C ASN B 305 -27.28 15.06 -10.03
N LEU B 306 -26.96 14.16 -9.10
CA LEU B 306 -25.96 14.43 -8.09
C LEU B 306 -24.55 14.27 -8.65
N ILE B 307 -23.69 15.23 -8.33
CA ILE B 307 -22.31 15.25 -8.83
C ILE B 307 -21.38 15.33 -7.63
N PHE B 308 -20.59 14.28 -7.41
CA PHE B 308 -19.58 14.26 -6.37
C PHE B 308 -18.30 14.90 -6.92
N ALA B 309 -18.05 16.14 -6.53
CA ALA B 309 -16.83 16.85 -6.89
C ALA B 309 -15.93 16.85 -5.66
N VAL B 310 -15.10 15.81 -5.54
CA VAL B 310 -14.31 15.60 -4.33
C VAL B 310 -12.84 15.52 -4.69
N THR B 311 -12.00 15.76 -3.69
CA THR B 311 -10.56 15.75 -3.87
C THR B 311 -10.06 14.32 -4.05
N GLU B 312 -8.82 14.21 -4.55
CA GLU B 312 -8.28 12.92 -4.95
C GLU B 312 -8.18 11.95 -3.77
N ASN B 313 -8.04 12.46 -2.56
CA ASN B 313 -7.89 11.59 -1.40
C ASN B 313 -9.17 10.85 -1.02
N VAL B 314 -10.30 11.16 -1.65
CA VAL B 314 -11.56 10.49 -1.34
C VAL B 314 -12.33 10.16 -2.61
N VAL B 315 -11.65 10.19 -3.77
CA VAL B 315 -12.34 9.91 -5.03
C VAL B 315 -12.86 8.48 -5.03
N ASN B 316 -12.00 7.52 -4.68
CA ASN B 316 -12.43 6.12 -4.64
C ASN B 316 -13.56 5.91 -3.65
N LEU B 317 -13.57 6.66 -2.54
CA LEU B 317 -14.67 6.58 -1.59
C LEU B 317 -15.98 6.97 -2.25
N TYR B 318 -16.02 8.13 -2.90
CA TYR B 318 -17.25 8.61 -3.52
C TYR B 318 -17.53 7.93 -4.85
N GLN B 319 -16.51 7.39 -5.53
CA GLN B 319 -16.77 6.58 -6.71
CA GLN B 319 -16.77 6.57 -6.71
C GLN B 319 -17.52 5.30 -6.34
N ASN B 320 -17.29 4.78 -5.14
CA ASN B 320 -18.00 3.60 -4.67
C ASN B 320 -19.41 3.94 -4.21
N TYR B 321 -19.57 5.04 -3.48
CA TYR B 321 -20.91 5.53 -3.16
C TYR B 321 -21.72 5.75 -4.43
N SER B 322 -21.09 6.28 -5.48
CA SER B 322 -21.79 6.55 -6.73
C SER B 322 -22.29 5.26 -7.38
N GLU B 323 -21.62 4.14 -7.14
CA GLU B 323 -22.08 2.87 -7.70
C GLU B 323 -23.32 2.35 -6.99
N LEU B 324 -23.52 2.74 -5.74
CA LEU B 324 -24.73 2.39 -5.00
C LEU B 324 -25.85 3.41 -5.18
N ILE B 325 -25.57 4.52 -5.85
CA ILE B 325 -26.57 5.54 -6.15
C ILE B 325 -26.57 5.79 -7.66
N PRO B 326 -27.37 5.06 -8.43
CA PRO B 326 -27.34 5.22 -9.88
C PRO B 326 -27.66 6.65 -10.32
N GLY B 327 -27.12 7.03 -11.48
CA GLY B 327 -27.28 8.36 -12.00
C GLY B 327 -26.31 9.39 -11.48
N THR B 328 -25.39 8.99 -10.58
CA THR B 328 -24.47 9.92 -9.95
C THR B 328 -23.15 9.97 -10.73
N THR B 329 -22.57 11.17 -10.80
CA THR B 329 -21.32 11.40 -11.50
C THR B 329 -20.24 11.82 -10.51
N VAL B 330 -18.99 11.46 -10.80
CA VAL B 330 -17.85 11.77 -9.95
C VAL B 330 -16.81 12.54 -10.75
N GLY B 331 -16.27 13.59 -10.16
CA GLY B 331 -15.18 14.33 -10.76
C GLY B 331 -14.14 14.67 -9.72
N VAL B 332 -12.89 14.74 -10.18
CA VAL B 332 -11.75 14.97 -9.30
C VAL B 332 -11.58 16.46 -9.08
N LEU B 333 -11.81 16.91 -7.85
CA LEU B 333 -11.71 18.32 -7.49
C LEU B 333 -10.31 18.61 -6.96
N SER B 334 -9.82 19.81 -7.27
N SER B 334 -9.82 19.82 -7.26
CA SER B 334 -8.52 20.23 -6.77
CA SER B 334 -8.52 20.25 -6.77
C SER B 334 -8.61 20.59 -5.29
C SER B 334 -8.61 20.60 -5.29
N MET B 335 -7.44 20.80 -4.68
CA MET B 335 -7.38 21.15 -3.26
C MET B 335 -7.89 22.57 -2.99
N ASP B 336 -8.10 23.37 -4.03
CA ASP B 336 -8.64 24.71 -3.88
C ASP B 336 -9.86 24.96 -4.78
N SER B 337 -10.44 23.90 -5.36
CA SER B 337 -11.60 24.00 -6.24
C SER B 337 -11.32 24.88 -7.46
N SER B 338 -10.04 24.96 -7.86
CA SER B 338 -9.67 25.79 -9.01
C SER B 338 -10.14 25.20 -10.34
N ASN B 339 -10.43 23.89 -10.37
CA ASN B 339 -10.84 23.22 -11.60
C ASN B 339 -12.31 22.83 -11.59
N VAL B 340 -13.12 23.40 -10.69
CA VAL B 340 -14.50 22.98 -10.57
C VAL B 340 -15.32 23.41 -11.79
N LEU B 341 -14.89 24.47 -12.48
CA LEU B 341 -15.62 24.94 -13.65
C LEU B 341 -15.62 23.89 -14.76
N GLN B 342 -14.43 23.44 -15.17
CA GLN B 342 -14.35 22.39 -16.17
C GLN B 342 -14.93 21.08 -15.64
N LEU B 343 -14.83 20.85 -14.33
CA LEU B 343 -15.42 19.65 -13.73
C LEU B 343 -16.93 19.64 -13.91
N ILE B 344 -17.57 20.79 -13.76
CA ILE B 344 -19.03 20.86 -13.93
C ILE B 344 -19.41 20.63 -15.39
N VAL B 345 -18.69 21.26 -16.32
CA VAL B 345 -19.00 21.13 -17.74
C VAL B 345 -18.82 19.68 -18.20
N ASP B 346 -17.75 19.04 -17.74
CA ASP B 346 -17.52 17.64 -18.10
C ASP B 346 -18.62 16.74 -17.55
N ALA B 347 -19.07 17.00 -16.33
CA ALA B 347 -20.13 16.20 -15.74
C ALA B 347 -21.45 16.39 -16.49
N TYR B 348 -21.74 17.63 -16.90
CA TYR B 348 -22.98 17.89 -17.64
C TYR B 348 -22.98 17.18 -18.98
N GLY B 349 -21.84 17.17 -19.68
CA GLY B 349 -21.74 16.41 -20.92
C GLY B 349 -21.84 14.91 -20.67
N LYS B 350 -21.30 14.44 -19.55
CA LYS B 350 -21.41 13.02 -19.21
C LYS B 350 -22.84 12.65 -18.79
N ILE B 351 -23.61 13.63 -18.30
CA ILE B 351 -24.96 13.35 -17.85
C ILE B 351 -25.91 13.17 -19.03
N ARG B 352 -25.77 14.01 -20.06
CA ARG B 352 -26.64 13.93 -21.23
C ARG B 352 -26.05 13.07 -22.34
N SER B 353 -25.14 12.15 -22.00
CA SER B 353 -24.56 11.23 -22.96
C SER B 353 -25.22 9.86 -22.93
N LYS B 354 -26.26 9.68 -22.13
CA LYS B 354 -26.92 8.39 -21.98
C LYS B 354 -28.42 8.55 -22.12
N VAL B 355 -29.05 7.52 -22.68
CA VAL B 355 -30.50 7.40 -22.77
C VAL B 355 -30.87 5.99 -22.33
N GLU B 356 -31.62 5.89 -21.23
CA GLU B 356 -32.00 4.60 -20.66
C GLU B 356 -33.52 4.57 -20.48
N LEU B 357 -34.17 3.61 -21.14
CA LEU B 357 -35.61 3.51 -21.06
C LEU B 357 -36.05 2.89 -19.74
N GLU B 358 -37.23 3.29 -19.28
CA GLU B 358 -37.81 2.80 -18.05
C GLU B 358 -39.30 2.58 -18.25
N VAL B 359 -39.81 1.46 -17.74
CA VAL B 359 -41.21 1.07 -17.90
C VAL B 359 -41.93 1.27 -16.58
N ARG B 360 -43.16 1.79 -16.65
CA ARG B 360 -43.99 2.00 -15.47
C ARG B 360 -45.38 1.46 -15.73
N ASP B 361 -45.94 0.80 -14.70
CA ASP B 361 -47.32 0.30 -14.73
C ASP B 361 -47.52 -0.79 -15.78
N LEU B 362 -46.49 -1.58 -16.04
CA LEU B 362 -46.63 -2.69 -16.99
C LEU B 362 -47.45 -3.81 -16.36
N PRO B 363 -48.55 -4.23 -16.98
CA PRO B 363 -49.36 -5.31 -16.40
C PRO B 363 -48.57 -6.60 -16.26
N GLU B 364 -49.05 -7.46 -15.36
CA GLU B 364 -48.34 -8.70 -15.06
C GLU B 364 -48.28 -9.62 -16.28
N GLU B 365 -49.35 -9.68 -17.06
CA GLU B 365 -49.43 -10.60 -18.19
C GLU B 365 -48.59 -10.16 -19.38
N LEU B 366 -48.16 -8.90 -19.42
CA LEU B 366 -47.37 -8.40 -20.54
C LEU B 366 -45.88 -8.58 -20.28
N SER B 367 -45.12 -8.73 -21.38
CA SER B 367 -43.67 -8.84 -21.33
C SER B 367 -43.10 -8.13 -22.54
N LEU B 368 -42.08 -7.31 -22.31
CA LEU B 368 -41.53 -6.44 -23.34
C LEU B 368 -40.13 -6.87 -23.74
N SER B 369 -39.75 -6.53 -24.98
CA SER B 369 -38.42 -6.76 -25.51
C SER B 369 -37.98 -5.51 -26.25
N PHE B 370 -36.70 -5.16 -26.12
CA PHE B 370 -36.20 -3.88 -26.59
C PHE B 370 -34.98 -4.06 -27.49
N ASN B 371 -34.84 -3.12 -28.44
CA ASN B 371 -33.70 -3.04 -29.32
C ASN B 371 -33.20 -1.61 -29.37
N ALA B 372 -31.89 -1.43 -29.39
CA ALA B 372 -31.27 -0.11 -29.36
C ALA B 372 -30.61 0.18 -30.71
N THR B 373 -30.96 1.32 -31.29
CA THR B 373 -30.33 1.80 -32.52
C THR B 373 -29.50 3.04 -32.18
N CYS B 374 -28.40 2.81 -31.47
CA CYS B 374 -27.48 3.89 -31.15
C CYS B 374 -26.49 4.08 -32.29
N LEU B 375 -25.68 5.13 -32.18
CA LEU B 375 -24.60 5.44 -33.14
C LEU B 375 -25.25 5.66 -34.51
N ASN B 376 -24.74 5.03 -35.57
CA ASN B 376 -25.24 5.23 -36.93
C ASN B 376 -25.98 3.97 -37.37
N ASN B 377 -27.28 3.91 -37.04
CA ASN B 377 -28.19 2.90 -37.56
C ASN B 377 -27.73 1.47 -37.24
N GLU B 378 -27.03 1.29 -36.13
CA GLU B 378 -26.54 -0.02 -35.72
C GLU B 378 -27.52 -0.60 -34.71
N VAL B 379 -28.18 -1.70 -35.09
CA VAL B 379 -29.17 -2.34 -34.22
C VAL B 379 -28.46 -3.17 -33.17
N ILE B 380 -28.93 -3.05 -31.92
CA ILE B 380 -28.38 -3.82 -30.81
C ILE B 380 -29.54 -4.57 -30.14
N PRO B 381 -29.62 -5.89 -30.28
CA PRO B 381 -30.75 -6.62 -29.73
C PRO B 381 -30.70 -6.76 -28.21
N GLY B 382 -31.88 -6.86 -27.62
CA GLY B 382 -32.01 -7.08 -26.19
C GLY B 382 -31.43 -5.97 -25.34
N LEU B 383 -31.49 -4.73 -25.81
CA LEU B 383 -30.93 -3.60 -25.09
C LEU B 383 -31.90 -2.43 -25.12
N LYS B 384 -32.08 -1.77 -23.96
CA LYS B 384 -32.99 -0.64 -23.83
C LYS B 384 -32.26 0.62 -23.37
N SER B 385 -31.01 0.80 -23.80
CA SER B 385 -30.23 1.96 -23.38
C SER B 385 -29.10 2.20 -24.37
N CYS B 386 -28.66 3.45 -24.45
CA CYS B 386 -27.54 3.84 -25.30
C CYS B 386 -26.57 4.68 -24.49
N MET B 387 -25.32 4.71 -24.94
CA MET B 387 -24.26 5.46 -24.26
C MET B 387 -23.38 6.15 -25.30
N GLY B 388 -22.54 7.06 -24.81
CA GLY B 388 -21.62 7.79 -25.67
C GLY B 388 -22.26 8.83 -26.54
N LEU B 389 -23.44 9.32 -26.17
CA LEU B 389 -24.19 10.26 -26.99
C LEU B 389 -23.67 11.67 -26.79
N LYS B 390 -24.10 12.57 -27.68
CA LYS B 390 -23.80 13.99 -27.60
C LYS B 390 -25.10 14.77 -27.69
N ILE B 391 -25.02 16.05 -27.37
CA ILE B 391 -26.21 16.91 -27.43
C ILE B 391 -26.68 17.01 -28.87
N GLY B 392 -27.96 16.73 -29.09
CA GLY B 392 -28.58 16.79 -30.40
C GLY B 392 -28.74 15.45 -31.07
N ASP B 393 -28.08 14.41 -30.58
CA ASP B 393 -28.22 13.09 -31.16
C ASP B 393 -29.60 12.52 -30.89
N THR B 394 -29.96 11.50 -31.67
CA THR B 394 -31.28 10.87 -31.56
C THR B 394 -31.12 9.36 -31.71
N VAL B 395 -31.72 8.62 -30.78
CA VAL B 395 -31.73 7.17 -30.82
C VAL B 395 -33.18 6.69 -30.93
N SER B 396 -33.35 5.44 -31.30
CA SER B 396 -34.66 4.84 -31.47
C SER B 396 -34.66 3.42 -30.91
N PHE B 397 -35.82 2.99 -30.43
CA PHE B 397 -35.97 1.68 -29.80
C PHE B 397 -37.20 0.99 -30.37
N SER B 398 -36.99 -0.19 -30.95
CA SER B 398 -38.09 -1.03 -31.43
C SER B 398 -38.54 -1.95 -30.32
N ILE B 399 -39.84 -1.94 -30.03
CA ILE B 399 -40.41 -2.64 -28.88
C ILE B 399 -41.46 -3.61 -29.35
N GLU B 400 -41.54 -4.77 -28.68
CA GLU B 400 -42.57 -5.77 -28.94
C GLU B 400 -43.19 -6.18 -27.61
N ALA B 401 -44.53 -6.20 -27.57
CA ALA B 401 -45.28 -6.62 -26.40
C ALA B 401 -45.91 -7.98 -26.65
N LYS B 402 -45.74 -8.90 -25.69
CA LYS B 402 -46.28 -10.24 -25.78
C LYS B 402 -47.20 -10.48 -24.59
N VAL B 403 -48.47 -10.70 -24.87
CA VAL B 403 -49.48 -10.93 -23.83
C VAL B 403 -49.62 -12.42 -23.58
N ARG B 404 -49.81 -12.79 -22.32
CA ARG B 404 -49.99 -14.19 -21.92
C ARG B 404 -51.47 -14.41 -21.62
N GLY B 405 -52.15 -15.16 -22.49
CA GLY B 405 -53.55 -15.44 -22.27
C GLY B 405 -54.41 -14.20 -22.48
N CYS B 406 -55.49 -14.11 -21.69
CA CYS B 406 -56.39 -12.96 -21.73
C CYS B 406 -56.68 -12.54 -20.30
N PRO B 407 -56.32 -11.32 -19.90
CA PRO B 407 -56.57 -10.88 -18.52
C PRO B 407 -58.06 -10.57 -18.32
N GLN B 408 -58.40 -10.33 -17.05
CA GLN B 408 -59.78 -9.99 -16.71
C GLN B 408 -60.13 -8.59 -17.22
N GLU B 409 -59.33 -7.59 -16.84
CA GLU B 409 -59.56 -6.24 -17.31
C GLU B 409 -59.11 -6.12 -18.77
N LYS B 410 -60.00 -5.62 -19.63
CA LYS B 410 -59.75 -5.59 -21.05
C LYS B 410 -59.03 -4.32 -21.53
N GLU B 411 -58.84 -3.34 -20.65
CA GLU B 411 -58.18 -2.10 -21.03
C GLU B 411 -57.26 -1.65 -19.92
N LYS B 412 -55.97 -1.49 -20.25
CA LYS B 412 -54.97 -0.96 -19.33
C LYS B 412 -54.04 -0.04 -20.11
N SER B 413 -53.19 0.68 -19.38
CA SER B 413 -52.25 1.60 -20.02
C SER B 413 -50.99 1.71 -19.17
N PHE B 414 -49.84 1.62 -19.81
CA PHE B 414 -48.55 1.76 -19.15
C PHE B 414 -47.73 2.85 -19.85
N THR B 415 -46.49 3.05 -19.41
CA THR B 415 -45.70 4.18 -19.84
C THR B 415 -44.26 3.75 -20.10
N ILE B 416 -43.66 4.31 -21.15
CA ILE B 416 -42.24 4.17 -21.45
C ILE B 416 -41.61 5.55 -21.34
N LYS B 417 -40.60 5.69 -20.47
CA LYS B 417 -39.98 6.98 -20.25
C LYS B 417 -38.47 6.83 -20.08
N PRO B 418 -37.67 7.66 -20.75
CA PRO B 418 -36.23 7.67 -20.47
C PRO B 418 -35.94 8.22 -19.09
N VAL B 419 -34.80 7.80 -18.53
CA VAL B 419 -34.44 8.20 -17.18
C VAL B 419 -34.09 9.68 -17.17
N GLY B 420 -34.81 10.45 -16.35
CA GLY B 420 -34.56 11.87 -16.20
C GLY B 420 -35.33 12.76 -17.16
N PHE B 421 -35.96 12.20 -18.19
CA PHE B 421 -36.65 12.99 -19.19
C PHE B 421 -38.04 13.39 -18.70
N LYS B 422 -38.54 14.51 -19.24
CA LYS B 422 -39.88 14.98 -18.90
C LYS B 422 -40.94 14.22 -19.70
N ASP B 423 -40.71 14.06 -21.00
CA ASP B 423 -41.68 13.43 -21.88
C ASP B 423 -41.61 11.91 -21.77
N SER B 424 -42.62 11.25 -22.32
CA SER B 424 -42.72 9.79 -22.26
C SER B 424 -43.68 9.32 -23.34
N LEU B 425 -43.84 8.00 -23.42
CA LEU B 425 -44.75 7.36 -24.36
C LEU B 425 -45.78 6.57 -23.58
N ILE B 426 -47.06 6.83 -23.84
CA ILE B 426 -48.18 6.18 -23.16
C ILE B 426 -48.79 5.16 -24.12
N VAL B 427 -48.75 3.90 -23.73
CA VAL B 427 -49.27 2.80 -24.56
C VAL B 427 -50.61 2.38 -23.99
N GLN B 428 -51.70 2.73 -24.71
CA GLN B 428 -53.05 2.35 -24.30
C GLN B 428 -53.37 0.99 -24.91
N VAL B 429 -53.40 -0.04 -24.06
CA VAL B 429 -53.58 -1.42 -24.49
C VAL B 429 -55.05 -1.79 -24.42
N THR B 430 -55.51 -2.57 -25.40
CA THR B 430 -56.86 -3.12 -25.40
C THR B 430 -56.77 -4.60 -25.79
N PHE B 431 -57.30 -5.46 -24.93
CA PHE B 431 -57.24 -6.91 -25.14
C PHE B 431 -58.54 -7.35 -25.80
N ASP B 432 -58.47 -7.64 -27.10
CA ASP B 432 -59.64 -8.07 -27.88
C ASP B 432 -59.70 -9.59 -27.83
N CYS B 433 -60.39 -10.12 -26.82
CA CYS B 433 -60.59 -11.56 -26.68
C CYS B 433 -62.00 -12.01 -27.04
N ASP B 434 -63.00 -11.16 -26.88
CA ASP B 434 -64.38 -11.52 -27.14
C ASP B 434 -64.77 -11.21 -28.58
N CYS B 435 -65.96 -11.67 -28.96
CA CYS B 435 -66.48 -11.48 -30.31
C CYS B 435 -67.61 -10.47 -30.30
N ALA B 436 -67.80 -9.79 -31.43
CA ALA B 436 -68.86 -8.80 -31.53
C ALA B 436 -70.24 -9.45 -31.50
N CYS B 437 -70.35 -10.70 -31.93
CA CYS B 437 -71.64 -11.39 -31.93
C CYS B 437 -72.12 -11.69 -30.52
N GLN B 438 -71.22 -11.63 -29.52
CA GLN B 438 -71.65 -11.89 -28.15
C GLN B 438 -72.50 -10.75 -27.61
N ALA B 439 -72.35 -9.56 -28.18
CA ALA B 439 -73.16 -8.42 -27.73
C ALA B 439 -74.60 -8.55 -28.15
N GLN B 440 -74.91 -9.46 -29.07
CA GLN B 440 -76.28 -9.67 -29.51
C GLN B 440 -76.69 -11.12 -29.26
N ALA B 441 -76.47 -11.60 -28.04
CA ALA B 441 -76.79 -12.97 -27.68
C ALA B 441 -78.27 -13.11 -27.30
N GLU B 442 -78.75 -14.34 -27.34
CA GLU B 442 -80.15 -14.65 -27.05
C GLU B 442 -80.24 -15.52 -25.81
N PRO B 443 -80.45 -14.94 -24.62
CA PRO B 443 -80.64 -15.76 -23.42
C PRO B 443 -82.02 -16.39 -23.41
N ASN B 444 -82.08 -17.62 -22.87
CA ASN B 444 -83.30 -18.41 -22.85
C ASN B 444 -83.82 -18.64 -24.27
N SER B 445 -82.91 -19.02 -25.17
CA SER B 445 -83.28 -19.22 -26.56
C SER B 445 -84.10 -20.48 -26.74
N HIS B 446 -85.14 -20.38 -27.56
CA HIS B 446 -86.00 -21.52 -27.86
C HIS B 446 -85.42 -22.43 -28.93
N ARG B 447 -84.25 -22.09 -29.48
CA ARG B 447 -83.48 -23.02 -30.29
C ARG B 447 -82.62 -23.95 -29.46
N CYS B 448 -82.42 -23.66 -28.18
CA CYS B 448 -81.41 -24.32 -27.35
C CYS B 448 -82.09 -25.07 -26.21
N ASN B 449 -82.46 -26.32 -26.48
CA ASN B 449 -82.89 -27.26 -25.44
C ASN B 449 -84.09 -26.72 -24.66
N ASN B 450 -85.05 -26.11 -25.38
CA ASN B 450 -86.28 -25.58 -24.79
C ASN B 450 -85.98 -24.49 -23.76
N GLY B 451 -85.20 -23.50 -24.19
CA GLY B 451 -84.96 -22.36 -23.32
C GLY B 451 -84.00 -22.63 -22.19
N ASN B 452 -83.28 -23.74 -22.24
CA ASN B 452 -82.30 -24.07 -21.20
C ASN B 452 -80.91 -23.58 -21.53
N GLY B 453 -80.73 -22.83 -22.62
CA GLY B 453 -79.42 -22.35 -23.01
C GLY B 453 -79.50 -21.00 -23.68
N THR B 454 -78.33 -20.47 -24.01
CA THR B 454 -78.20 -19.16 -24.64
C THR B 454 -77.67 -19.34 -26.05
N PHE B 455 -78.31 -18.67 -27.02
CA PHE B 455 -77.94 -18.75 -28.43
C PHE B 455 -77.10 -17.50 -28.76
N GLU B 456 -75.79 -17.68 -28.87
CA GLU B 456 -74.89 -16.61 -29.25
C GLU B 456 -73.98 -17.09 -30.36
N CYS B 457 -73.76 -16.22 -31.36
CA CYS B 457 -72.80 -16.46 -32.43
C CYS B 457 -73.11 -17.74 -33.20
N GLY B 458 -74.39 -18.10 -33.30
CA GLY B 458 -74.80 -19.25 -34.09
C GLY B 458 -74.64 -20.59 -33.39
N VAL B 459 -74.44 -20.60 -32.08
CA VAL B 459 -74.33 -21.85 -31.31
C VAL B 459 -75.10 -21.68 -30.00
N CYS B 460 -75.35 -22.81 -29.35
CA CYS B 460 -76.05 -22.85 -28.08
C CYS B 460 -75.06 -23.00 -26.93
N ARG B 461 -75.22 -22.19 -25.90
CA ARG B 461 -74.37 -22.21 -24.72
C ARG B 461 -75.20 -22.50 -23.48
N CYS B 462 -74.63 -23.26 -22.55
CA CYS B 462 -75.30 -23.50 -21.28
C CYS B 462 -75.41 -22.20 -20.49
N GLY B 463 -76.63 -21.84 -20.12
CA GLY B 463 -76.89 -20.59 -19.46
C GLY B 463 -76.36 -20.52 -18.05
N PRO B 464 -76.65 -19.43 -17.35
CA PRO B 464 -76.19 -19.28 -15.96
C PRO B 464 -76.86 -20.29 -15.05
N GLY B 465 -76.06 -20.91 -14.18
CA GLY B 465 -76.54 -21.91 -13.26
C GLY B 465 -76.31 -23.34 -13.70
N TRP B 466 -75.91 -23.56 -14.95
CA TRP B 466 -75.66 -24.90 -15.43
C TRP B 466 -74.16 -25.18 -15.47
N LEU C 1 56.77 -16.28 -20.53
CA LEU C 1 55.38 -15.90 -20.30
C LEU C 1 54.50 -16.20 -21.50
N ASN C 2 53.19 -16.16 -21.30
CA ASN C 2 52.26 -16.53 -22.36
C ASN C 2 51.98 -15.35 -23.29
N LEU C 3 51.28 -14.33 -22.77
CA LEU C 3 50.97 -13.14 -23.54
C LEU C 3 52.11 -12.13 -23.39
N ASP C 4 52.57 -11.59 -24.51
CA ASP C 4 53.67 -10.64 -24.53
C ASP C 4 53.22 -9.27 -24.04
N PRO C 5 53.70 -8.82 -22.88
CA PRO C 5 53.34 -7.48 -22.38
C PRO C 5 54.32 -6.38 -22.76
N VAL C 6 55.29 -6.66 -23.62
CA VAL C 6 56.35 -5.72 -23.95
C VAL C 6 56.09 -5.04 -25.29
N GLN C 7 55.71 -5.81 -26.31
N GLN C 7 55.71 -5.81 -26.31
CA GLN C 7 55.43 -5.30 -27.64
CA GLN C 7 55.42 -5.30 -27.64
C GLN C 7 53.93 -5.47 -27.91
C GLN C 7 53.93 -5.47 -27.89
N LEU C 8 53.17 -4.43 -27.56
CA LEU C 8 51.73 -4.41 -27.75
C LEU C 8 51.38 -3.71 -29.06
N THR C 9 50.18 -3.99 -29.55
CA THR C 9 49.64 -3.32 -30.73
C THR C 9 48.41 -2.54 -30.31
N PHE C 10 48.39 -1.25 -30.65
CA PHE C 10 47.33 -0.35 -30.23
C PHE C 10 46.52 0.12 -31.44
N TYR C 11 45.20 0.06 -31.33
CA TYR C 11 44.28 0.69 -32.26
C TYR C 11 43.55 1.82 -31.55
N ALA C 12 43.18 2.86 -32.29
CA ALA C 12 42.61 4.06 -31.68
C ALA C 12 41.48 4.60 -32.54
N GLY C 13 40.52 5.25 -31.87
CA GLY C 13 39.41 5.89 -32.54
C GLY C 13 39.25 7.33 -32.11
N PRO C 14 38.16 7.96 -32.53
CA PRO C 14 37.97 9.39 -32.22
C PRO C 14 37.76 9.64 -30.74
N ASN C 15 38.08 10.88 -30.33
CA ASN C 15 37.90 11.29 -28.94
C ASN C 15 36.42 11.27 -28.56
N GLY C 16 36.14 10.83 -27.34
CA GLY C 16 34.77 10.75 -26.87
C GLY C 16 33.87 9.77 -27.60
N SER C 17 34.40 8.98 -28.56
CA SER C 17 33.60 7.99 -29.27
C SER C 17 33.41 6.70 -28.48
N GLN C 18 34.13 6.54 -27.37
CA GLN C 18 34.15 5.30 -26.60
C GLN C 18 34.57 4.12 -27.49
N PHE C 19 35.54 4.38 -28.36
CA PHE C 19 36.14 3.35 -29.18
C PHE C 19 36.72 2.25 -28.31
N GLY C 20 36.26 1.03 -28.50
CA GLY C 20 36.67 -0.09 -27.68
C GLY C 20 35.67 -0.52 -26.64
N PHE C 21 34.46 0.05 -26.63
CA PHE C 21 33.43 -0.38 -25.69
C PHE C 21 33.06 -1.85 -25.91
N SER C 22 33.11 -2.32 -27.15
CA SER C 22 32.85 -3.71 -27.48
C SER C 22 33.76 -4.10 -28.64
N LEU C 23 34.10 -5.38 -28.71
CA LEU C 23 35.01 -5.88 -29.73
C LEU C 23 34.82 -7.37 -29.93
N ASP C 24 35.31 -7.85 -31.07
CA ASP C 24 35.27 -9.27 -31.42
C ASP C 24 36.21 -9.49 -32.59
N PHE C 25 36.58 -10.76 -32.80
CA PHE C 25 37.37 -11.15 -33.96
C PHE C 25 36.44 -11.44 -35.13
N HIS C 26 36.86 -11.05 -36.33
CA HIS C 26 36.06 -11.22 -37.54
C HIS C 26 36.91 -11.90 -38.61
N LYS C 27 36.46 -13.06 -39.06
CA LYS C 27 37.06 -13.75 -40.20
C LYS C 27 36.27 -13.43 -41.44
N ASP C 28 36.96 -12.90 -42.46
CA ASP C 28 36.32 -12.72 -43.76
C ASP C 28 36.19 -14.07 -44.46
N SER C 29 35.72 -14.05 -45.71
CA SER C 29 35.50 -15.29 -46.43
C SER C 29 36.80 -16.05 -46.64
N HIS C 30 37.94 -15.35 -46.69
CA HIS C 30 39.23 -15.97 -46.90
C HIS C 30 39.94 -16.33 -45.58
N GLY C 31 39.20 -16.42 -44.48
CA GLY C 31 39.77 -16.80 -43.21
C GLY C 31 40.71 -15.80 -42.59
N ARG C 32 40.85 -14.61 -43.18
CA ARG C 32 41.74 -13.58 -42.66
C ARG C 32 41.07 -12.90 -41.48
N VAL C 33 41.75 -12.88 -40.34
CA VAL C 33 41.18 -12.39 -39.10
C VAL C 33 41.39 -10.88 -39.00
N ALA C 34 40.32 -10.16 -38.69
CA ALA C 34 40.35 -8.73 -38.41
C ALA C 34 39.71 -8.49 -37.04
N ILE C 35 39.68 -7.23 -36.63
CA ILE C 35 39.09 -6.83 -35.35
C ILE C 35 37.98 -5.82 -35.63
N VAL C 36 36.78 -6.12 -35.16
CA VAL C 36 35.64 -5.21 -35.25
C VAL C 36 35.48 -4.52 -33.90
N VAL C 37 35.36 -3.20 -33.91
CA VAL C 37 35.34 -2.40 -32.69
C VAL C 37 34.06 -1.59 -32.66
N GLY C 38 33.48 -1.48 -31.47
CA GLY C 38 32.28 -0.68 -31.26
C GLY C 38 32.61 0.62 -30.55
N ALA C 39 32.13 1.72 -31.11
CA ALA C 39 32.32 3.06 -30.54
C ALA C 39 30.95 3.70 -30.41
N PRO C 40 30.26 3.47 -29.29
CA PRO C 40 28.84 3.82 -29.19
C PRO C 40 28.55 5.32 -29.11
N ARG C 41 29.56 6.18 -28.99
CA ARG C 41 29.34 7.62 -28.93
C ARG C 41 30.05 8.35 -30.06
N THR C 42 30.28 7.66 -31.18
CA THR C 42 30.80 8.30 -32.36
C THR C 42 29.78 9.29 -32.91
N LEU C 43 30.26 10.47 -33.29
CA LEU C 43 29.39 11.48 -33.87
C LEU C 43 28.82 10.99 -35.19
N GLY C 44 27.52 11.21 -35.37
CA GLY C 44 26.84 10.86 -36.60
C GLY C 44 26.94 11.96 -37.63
N PRO C 45 26.08 11.93 -38.63
CA PRO C 45 26.08 12.99 -39.65
C PRO C 45 25.45 14.27 -39.12
N SER C 46 24.46 14.14 -38.24
CA SER C 46 23.72 15.24 -37.64
C SER C 46 24.52 15.98 -36.58
N GLN C 47 25.82 15.69 -36.45
CA GLN C 47 26.67 16.27 -35.42
C GLN C 47 26.21 15.91 -34.01
N GLU C 48 25.41 14.84 -33.89
CA GLU C 48 24.99 14.31 -32.60
C GLU C 48 25.51 12.89 -32.45
N GLU C 49 25.69 12.49 -31.20
CA GLU C 49 26.18 11.14 -30.92
C GLU C 49 25.20 10.09 -31.41
N THR C 50 25.69 9.16 -32.23
CA THR C 50 24.91 8.03 -32.70
C THR C 50 25.63 6.70 -32.57
N GLY C 51 26.94 6.69 -32.43
CA GLY C 51 27.67 5.43 -32.40
C GLY C 51 28.11 4.98 -33.78
N GLY C 52 29.20 4.23 -33.82
CA GLY C 52 29.74 3.74 -35.06
C GLY C 52 30.47 2.43 -34.84
N VAL C 53 30.87 1.82 -35.96
CA VAL C 53 31.57 0.54 -35.96
C VAL C 53 32.80 0.67 -36.84
N PHE C 54 33.93 0.14 -36.34
CA PHE C 54 35.20 0.18 -37.06
C PHE C 54 35.70 -1.24 -37.26
N LEU C 55 36.15 -1.54 -38.48
CA LEU C 55 36.68 -2.85 -38.83
C LEU C 55 38.19 -2.68 -39.01
N CYS C 56 38.96 -3.10 -38.01
CA CYS C 56 40.40 -2.90 -38.01
C CYS C 56 41.10 -4.10 -38.66
N PRO C 57 41.83 -3.90 -39.75
CA PRO C 57 42.67 -5.00 -40.26
C PRO C 57 43.86 -5.23 -39.36
N TRP C 58 44.35 -6.47 -39.37
CA TRP C 58 45.46 -6.83 -38.49
C TRP C 58 46.74 -6.21 -39.00
N ARG C 59 47.31 -5.28 -38.22
CA ARG C 59 48.63 -4.72 -38.47
C ARG C 59 49.38 -4.71 -37.15
N ALA C 60 50.59 -5.25 -37.15
CA ALA C 60 51.38 -5.31 -35.92
C ALA C 60 51.65 -3.93 -35.34
N GLU C 61 51.63 -2.88 -36.16
CA GLU C 61 51.79 -1.52 -35.69
C GLU C 61 50.48 -0.85 -35.31
N GLY C 62 49.34 -1.43 -35.69
CA GLY C 62 48.06 -0.84 -35.32
C GLY C 62 47.78 0.43 -36.10
N GLY C 63 47.15 1.39 -35.43
CA GLY C 63 46.83 2.67 -36.01
C GLY C 63 45.33 2.89 -36.11
N GLN C 64 44.93 3.71 -37.07
CA GLN C 64 43.52 4.01 -37.29
C GLN C 64 42.84 2.85 -38.01
N CYS C 65 41.52 2.89 -38.04
CA CYS C 65 40.72 1.85 -38.68
C CYS C 65 39.66 2.47 -39.57
N PRO C 66 39.30 1.82 -40.66
CA PRO C 66 38.18 2.28 -41.48
C PRO C 66 36.85 2.06 -40.76
N SER C 67 35.85 2.83 -41.18
CA SER C 67 34.53 2.77 -40.58
C SER C 67 33.66 1.78 -41.33
N LEU C 68 32.97 0.91 -40.59
CA LEU C 68 31.93 0.05 -41.14
C LEU C 68 30.64 0.86 -41.14
N LEU C 69 30.27 1.37 -42.31
CA LEU C 69 29.20 2.35 -42.40
C LEU C 69 27.82 1.70 -42.26
N PHE C 70 26.90 2.46 -41.67
CA PHE C 70 25.51 2.05 -41.53
C PHE C 70 24.62 3.26 -41.76
N ASP C 71 23.35 3.00 -42.03
CA ASP C 71 22.38 4.07 -42.21
C ASP C 71 22.04 4.67 -40.84
N LEU C 72 22.28 5.98 -40.71
CA LEU C 72 22.03 6.70 -39.47
C LEU C 72 20.87 7.69 -39.59
N ARG C 73 20.04 7.55 -40.62
CA ARG C 73 18.93 8.46 -40.83
C ARG C 73 17.72 8.04 -40.01
N ASP C 74 17.08 9.01 -39.35
CA ASP C 74 15.80 8.75 -38.71
C ASP C 74 14.76 8.45 -39.78
N GLU C 75 13.98 7.40 -39.55
CA GLU C 75 13.03 6.90 -40.54
C GLU C 75 11.60 7.24 -40.12
N THR C 76 10.76 7.50 -41.11
CA THR C 76 9.37 7.87 -40.88
C THR C 76 8.51 7.24 -41.97
N ARG C 77 7.56 6.39 -41.58
CA ARG C 77 6.66 5.74 -42.51
C ARG C 77 5.22 6.01 -42.09
N ASN C 78 4.43 6.55 -43.01
CA ASN C 78 2.99 6.77 -42.80
C ASN C 78 2.25 5.61 -43.47
N VAL C 79 1.71 4.71 -42.67
CA VAL C 79 1.06 3.50 -43.18
C VAL C 79 -0.01 3.06 -42.19
N GLY C 80 -1.09 2.50 -42.71
CA GLY C 80 -2.17 2.01 -41.87
C GLY C 80 -2.79 3.06 -40.99
N SER C 81 -2.88 4.29 -41.46
CA SER C 81 -3.37 5.42 -40.66
C SER C 81 -2.54 5.62 -39.40
N GLN C 82 -1.27 5.22 -39.45
CA GLN C 82 -0.34 5.38 -38.35
C GLN C 82 0.96 5.98 -38.88
N THR C 83 1.73 6.56 -37.97
CA THR C 83 3.02 7.17 -38.30
C THR C 83 4.10 6.44 -37.50
N LEU C 84 4.94 5.69 -38.19
CA LEU C 84 6.04 4.95 -37.56
C LEU C 84 7.30 5.81 -37.56
N GLN C 85 8.00 5.81 -36.43
CA GLN C 85 9.14 6.69 -36.24
C GLN C 85 10.30 5.94 -35.60
N THR C 86 11.50 6.17 -36.12
CA THR C 86 12.73 5.69 -35.51
C THR C 86 13.60 6.88 -35.14
N PHE C 87 14.34 6.74 -34.05
CA PHE C 87 15.21 7.81 -33.54
C PHE C 87 16.57 7.20 -33.22
N LYS C 88 17.58 7.58 -33.99
CA LYS C 88 18.93 7.03 -33.85
C LYS C 88 19.88 7.98 -33.13
N ALA C 89 19.36 9.04 -32.51
CA ALA C 89 20.19 9.95 -31.74
C ALA C 89 20.51 9.33 -30.39
N ARG C 90 21.80 9.29 -30.05
CA ARG C 90 22.28 8.67 -28.82
C ARG C 90 21.83 7.22 -28.70
N GLN C 91 21.71 6.53 -29.84
CA GLN C 91 21.28 5.14 -29.84
C GLN C 91 22.37 4.20 -29.35
N GLY C 92 23.63 4.60 -29.40
CA GLY C 92 24.71 3.76 -28.94
C GLY C 92 25.05 2.62 -29.89
N LEU C 93 25.00 2.87 -31.19
CA LEU C 93 25.41 1.86 -32.16
C LEU C 93 26.85 1.46 -31.91
N GLY C 94 27.07 0.18 -31.62
CA GLY C 94 28.37 -0.30 -31.23
C GLY C 94 28.52 -0.60 -29.76
N ALA C 95 27.47 -0.41 -28.96
CA ALA C 95 27.50 -0.82 -27.56
C ALA C 95 27.68 -2.32 -27.39
N SER C 96 27.47 -3.09 -28.46
CA SER C 96 27.79 -4.51 -28.48
C SER C 96 28.02 -4.91 -29.93
N VAL C 97 29.09 -5.67 -30.16
CA VAL C 97 29.40 -6.20 -31.48
C VAL C 97 29.74 -7.68 -31.35
N VAL C 98 29.40 -8.44 -32.39
CA VAL C 98 29.66 -9.87 -32.43
C VAL C 98 29.82 -10.27 -33.89
N SER C 99 30.65 -11.28 -34.14
CA SER C 99 30.93 -11.74 -35.48
C SER C 99 30.63 -13.23 -35.59
N TRP C 100 30.10 -13.62 -36.74
CA TRP C 100 29.82 -15.02 -37.05
C TRP C 100 29.85 -15.18 -38.56
N SER C 101 30.62 -16.16 -39.04
CA SER C 101 30.88 -16.31 -40.46
C SER C 101 31.44 -15.01 -41.02
N ASP C 102 31.00 -14.61 -42.21
CA ASP C 102 31.40 -13.33 -42.79
C ASP C 102 30.40 -12.22 -42.50
N VAL C 103 29.71 -12.29 -41.36
CA VAL C 103 28.66 -11.34 -41.00
C VAL C 103 29.02 -10.69 -39.67
N ILE C 104 28.74 -9.38 -39.58
CA ILE C 104 28.95 -8.61 -38.37
C ILE C 104 27.59 -8.11 -37.87
N VAL C 105 27.38 -8.18 -36.56
CA VAL C 105 26.14 -7.75 -35.94
C VAL C 105 26.47 -6.70 -34.89
N ALA C 106 26.18 -5.44 -35.20
CA ALA C 106 26.35 -4.33 -34.27
C ALA C 106 24.99 -3.79 -33.87
N CYS C 107 24.82 -3.53 -32.57
CA CYS C 107 23.52 -3.21 -32.00
C CYS C 107 23.53 -1.83 -31.36
N ALA C 108 22.37 -1.15 -31.43
CA ALA C 108 22.15 0.14 -30.80
C ALA C 108 21.05 -0.05 -29.76
N PRO C 109 21.41 -0.49 -28.55
CA PRO C 109 20.39 -0.81 -27.54
C PRO C 109 19.53 0.37 -27.11
N TRP C 110 19.94 1.60 -27.41
CA TRP C 110 19.16 2.78 -27.00
C TRP C 110 18.53 3.50 -28.18
N GLN C 111 18.33 2.81 -29.30
CA GLN C 111 17.58 3.39 -30.40
C GLN C 111 16.12 3.51 -29.99
N HIS C 112 15.55 4.69 -30.19
CA HIS C 112 14.19 4.96 -29.76
C HIS C 112 13.20 4.77 -30.90
N TRP C 113 11.96 4.49 -30.52
CA TRP C 113 10.90 4.12 -31.46
C TRP C 113 9.58 4.64 -30.93
N ASN C 114 8.71 5.05 -31.85
CA ASN C 114 7.40 5.58 -31.47
C ASN C 114 6.42 5.38 -32.62
N VAL C 115 5.14 5.29 -32.27
CA VAL C 115 4.06 5.15 -33.23
C VAL C 115 3.00 6.18 -32.92
N LEU C 116 2.63 6.97 -33.92
CA LEU C 116 1.61 7.99 -33.76
C LEU C 116 0.31 7.56 -34.41
N GLU C 117 -0.81 7.97 -33.80
CA GLU C 117 -2.14 7.75 -34.37
C GLU C 117 -3.04 8.85 -33.84
N LYS C 118 -3.27 9.87 -34.67
CA LYS C 118 -4.04 11.05 -34.28
C LYS C 118 -3.43 11.73 -33.07
N THR C 119 -4.10 11.66 -31.92
CA THR C 119 -3.59 12.24 -30.68
C THR C 119 -3.03 11.19 -29.73
N GLU C 120 -3.15 9.91 -30.06
CA GLU C 120 -2.62 8.82 -29.26
C GLU C 120 -1.24 8.41 -29.78
N GLU C 121 -0.51 7.68 -28.95
CA GLU C 121 0.83 7.22 -29.31
C GLU C 121 1.16 5.96 -28.54
N ALA C 122 2.25 5.32 -28.96
CA ALA C 122 2.80 4.16 -28.26
C ALA C 122 3.89 4.54 -27.28
N GLU C 123 4.22 5.83 -27.18
CA GLU C 123 5.28 6.40 -26.35
C GLU C 123 6.66 6.16 -26.96
N LYS C 124 7.46 7.22 -27.04
CA LYS C 124 8.80 7.18 -27.60
C LYS C 124 9.72 6.48 -26.61
N THR C 125 10.02 5.21 -26.86
CA THR C 125 10.74 4.37 -25.92
C THR C 125 11.91 3.68 -26.60
N PRO C 126 12.95 3.30 -25.84
CA PRO C 126 14.11 2.63 -26.46
C PRO C 126 13.92 1.14 -26.65
N VAL C 127 13.44 0.73 -27.83
CA VAL C 127 13.28 -0.69 -28.11
C VAL C 127 14.60 -1.36 -28.50
N GLY C 128 15.59 -0.57 -28.90
CA GLY C 128 16.83 -1.11 -29.37
C GLY C 128 16.71 -1.66 -30.78
N SER C 129 17.88 -1.84 -31.40
CA SER C 129 17.95 -2.34 -32.76
C SER C 129 19.38 -2.79 -33.05
N CYS C 130 19.50 -3.87 -33.82
CA CYS C 130 20.79 -4.40 -34.24
C CYS C 130 20.94 -4.24 -35.75
N PHE C 131 22.11 -3.77 -36.16
CA PHE C 131 22.47 -3.61 -37.57
C PHE C 131 23.39 -4.76 -37.98
N LEU C 132 23.01 -5.45 -39.06
CA LEU C 132 23.80 -6.56 -39.58
C LEU C 132 24.50 -6.12 -40.86
N ALA C 133 25.66 -6.73 -41.12
CA ALA C 133 26.46 -6.33 -42.27
C ALA C 133 27.34 -7.49 -42.72
N GLN C 134 27.43 -7.66 -44.04
CA GLN C 134 28.40 -8.56 -44.67
C GLN C 134 29.43 -7.69 -45.36
N PRO C 135 30.55 -7.37 -44.69
CA PRO C 135 31.45 -6.32 -45.20
C PRO C 135 31.97 -6.55 -46.60
N GLU C 136 32.20 -7.80 -47.01
CA GLU C 136 32.75 -8.04 -48.34
C GLU C 136 31.73 -7.77 -49.42
N SER C 137 30.48 -8.15 -49.21
CA SER C 137 29.43 -7.95 -50.19
C SER C 137 28.71 -6.61 -50.05
N GLY C 138 28.95 -5.88 -48.96
CA GLY C 138 28.26 -4.64 -48.71
C GLY C 138 26.80 -4.77 -48.35
N ARG C 139 26.28 -5.98 -48.22
CA ARG C 139 24.88 -6.16 -47.86
C ARG C 139 24.60 -5.67 -46.45
N ARG C 140 23.36 -5.29 -46.21
CA ARG C 140 22.94 -4.77 -44.91
C ARG C 140 21.57 -5.33 -44.56
N ALA C 141 21.29 -5.37 -43.26
CA ALA C 141 20.00 -5.79 -42.76
C ALA C 141 19.86 -5.35 -41.32
N GLU C 142 18.62 -5.07 -40.91
CA GLU C 142 18.32 -4.65 -39.55
C GLU C 142 17.42 -5.68 -38.88
N TYR C 143 17.39 -5.64 -37.55
CA TYR C 143 16.55 -6.54 -36.77
C TYR C 143 16.17 -5.84 -35.48
N SER C 144 14.88 -5.54 -35.34
CA SER C 144 14.35 -4.86 -34.14
C SER C 144 13.08 -5.58 -33.74
N PRO C 145 13.20 -6.68 -32.99
CA PRO C 145 12.02 -7.52 -32.71
C PRO C 145 11.06 -6.92 -31.68
N CYS C 146 11.45 -5.84 -30.99
CA CYS C 146 10.61 -5.27 -29.94
C CYS C 146 9.81 -4.07 -30.39
N ARG C 147 9.89 -3.69 -31.67
CA ARG C 147 9.03 -2.63 -32.18
C ARG C 147 7.58 -3.09 -32.21
N GLY C 148 6.69 -2.20 -31.80
CA GLY C 148 5.28 -2.52 -31.79
C GLY C 148 4.45 -1.35 -32.26
N ASN C 149 3.20 -1.65 -32.60
CA ASN C 149 2.24 -0.64 -33.05
C ASN C 149 1.04 -0.53 -32.11
N THR C 150 1.17 -1.06 -30.90
CA THR C 150 0.12 -0.96 -29.91
C THR C 150 0.20 0.38 -29.18
N LEU C 151 -0.93 1.04 -29.01
CA LEU C 151 -0.95 2.37 -28.41
C LEU C 151 -0.83 2.28 -26.88
N SER C 152 -0.40 3.39 -26.29
CA SER C 152 -0.13 3.43 -24.85
C SER C 152 -1.36 3.10 -24.02
N ARG C 153 -2.55 3.42 -24.53
CA ARG C 153 -3.77 3.15 -23.78
C ARG C 153 -3.97 1.66 -23.53
N ILE C 154 -3.63 0.83 -24.52
CA ILE C 154 -3.89 -0.61 -24.41
C ILE C 154 -2.99 -1.23 -23.34
N TYR C 155 -1.73 -0.80 -23.28
CA TYR C 155 -0.81 -1.35 -22.27
C TYR C 155 -1.31 -1.08 -20.86
N VAL C 156 -1.95 0.08 -20.65
CA VAL C 156 -2.47 0.41 -19.32
C VAL C 156 -3.61 -0.53 -18.95
N GLU C 157 -4.49 -0.83 -19.92
CA GLU C 157 -5.62 -1.70 -19.64
C GLU C 157 -5.19 -3.14 -19.37
N ASN C 158 -4.01 -3.55 -19.83
CA ASN C 158 -3.52 -4.90 -19.65
C ASN C 158 -2.52 -5.01 -18.51
N ASP C 159 -2.46 -4.00 -17.63
CA ASP C 159 -1.53 -3.98 -16.50
C ASP C 159 -0.08 -4.10 -16.96
N PHE C 160 0.23 -3.50 -18.11
CA PHE C 160 1.58 -3.49 -18.68
C PHE C 160 2.12 -4.91 -18.85
N SER C 161 1.28 -5.80 -19.37
CA SER C 161 1.70 -7.16 -19.70
C SER C 161 2.19 -7.21 -21.14
N TRP C 162 3.26 -7.98 -21.37
CA TRP C 162 3.86 -8.12 -22.69
C TRP C 162 4.28 -6.76 -23.25
N ASP C 163 4.91 -5.95 -22.41
CA ASP C 163 5.29 -4.57 -22.75
C ASP C 163 6.75 -4.59 -23.20
N LYS C 164 6.95 -4.71 -24.51
CA LYS C 164 8.29 -4.77 -25.10
C LYS C 164 8.81 -3.41 -25.54
N ARG C 165 8.25 -2.32 -25.01
CA ARG C 165 8.59 -0.99 -25.51
C ARG C 165 9.97 -0.53 -25.07
N TYR C 166 10.46 -1.02 -23.94
CA TYR C 166 11.76 -0.60 -23.41
C TYR C 166 12.77 -1.73 -23.43
N CYS C 167 12.71 -2.58 -24.46
CA CYS C 167 13.57 -3.76 -24.53
C CYS C 167 15.04 -3.41 -24.36
N GLU C 168 15.52 -2.42 -25.12
CA GLU C 168 16.94 -2.20 -25.32
C GLU C 168 17.60 -3.45 -25.90
N ALA C 169 16.96 -3.98 -26.94
CA ALA C 169 17.47 -5.18 -27.61
C ALA C 169 18.87 -4.92 -28.16
N GLY C 170 19.74 -5.91 -28.02
CA GLY C 170 21.13 -5.76 -28.38
C GLY C 170 22.02 -5.29 -27.25
N PHE C 171 21.45 -5.03 -26.07
CA PHE C 171 22.23 -4.74 -24.88
C PHE C 171 23.36 -5.75 -24.70
N SER C 172 23.05 -7.03 -24.92
CA SER C 172 24.04 -8.09 -25.04
C SER C 172 23.68 -8.93 -26.26
N SER C 173 24.68 -9.62 -26.81
CA SER C 173 24.48 -10.38 -28.03
C SER C 173 25.40 -11.59 -28.03
N VAL C 174 24.98 -12.61 -28.80
CA VAL C 174 25.74 -13.84 -28.99
C VAL C 174 25.15 -14.57 -30.17
N VAL C 175 25.98 -15.30 -30.91
CA VAL C 175 25.54 -16.08 -32.07
C VAL C 175 25.94 -17.53 -31.84
N THR C 176 25.00 -18.45 -32.07
CA THR C 176 25.31 -19.86 -31.96
C THR C 176 26.14 -20.31 -33.15
N GLN C 177 26.71 -21.52 -33.03
N GLN C 177 26.70 -21.53 -33.04
CA GLN C 177 27.44 -22.10 -34.15
CA GLN C 177 27.45 -22.08 -34.16
C GLN C 177 26.54 -22.29 -35.37
C GLN C 177 26.55 -22.32 -35.36
N ALA C 178 25.24 -22.49 -35.14
CA ALA C 178 24.30 -22.70 -36.22
C ALA C 178 23.90 -21.41 -36.94
N GLY C 179 24.22 -20.25 -36.36
CA GLY C 179 23.88 -18.98 -36.99
C GLY C 179 22.57 -18.40 -36.50
N GLU C 180 22.30 -18.55 -35.20
CA GLU C 180 21.08 -18.06 -34.59
C GLU C 180 21.45 -16.89 -33.69
N LEU C 181 21.14 -15.67 -34.16
CA LEU C 181 21.42 -14.48 -33.38
C LEU C 181 20.48 -14.42 -32.17
N VAL C 182 21.05 -14.33 -30.98
CA VAL C 182 20.29 -14.23 -29.74
C VAL C 182 20.62 -12.89 -29.09
N LEU C 183 19.59 -12.11 -28.77
CA LEU C 183 19.76 -10.77 -28.23
C LEU C 183 19.23 -10.71 -26.81
N GLY C 184 19.91 -9.93 -25.98
CA GLY C 184 19.48 -9.70 -24.61
C GLY C 184 18.83 -8.34 -24.47
N ALA C 185 17.60 -8.33 -23.95
CA ALA C 185 16.81 -7.12 -23.74
C ALA C 185 16.49 -7.01 -22.26
N PRO C 186 17.35 -6.38 -21.46
CA PRO C 186 17.11 -6.34 -20.01
C PRO C 186 15.94 -5.47 -19.62
N GLY C 187 15.46 -4.61 -20.49
CA GLY C 187 14.31 -3.79 -20.17
C GLY C 187 13.00 -4.32 -20.68
N GLY C 188 13.03 -5.45 -21.39
CA GLY C 188 11.81 -6.00 -21.94
C GLY C 188 10.84 -6.44 -20.86
N TYR C 189 9.56 -6.47 -21.23
CA TYR C 189 8.47 -6.83 -20.32
C TYR C 189 8.51 -5.97 -19.05
N TYR C 190 8.62 -4.66 -19.26
CA TYR C 190 8.68 -3.67 -18.18
C TYR C 190 9.80 -3.99 -17.20
N PHE C 191 11.02 -4.09 -17.75
CA PHE C 191 12.27 -4.24 -17.02
C PHE C 191 12.40 -5.58 -16.30
N LEU C 192 11.53 -6.55 -16.61
CA LEU C 192 11.81 -7.92 -16.19
C LEU C 192 12.96 -8.50 -17.00
N GLY C 193 13.01 -8.19 -18.30
CA GLY C 193 14.03 -8.72 -19.18
C GLY C 193 13.51 -9.82 -20.06
N LEU C 194 13.95 -9.86 -21.32
CA LEU C 194 13.54 -10.91 -22.23
C LEU C 194 14.70 -11.24 -23.16
N LEU C 195 14.53 -12.32 -23.92
CA LEU C 195 15.47 -12.73 -24.94
C LEU C 195 14.77 -12.79 -26.29
N ALA C 196 15.53 -12.47 -27.34
CA ALA C 196 15.01 -12.52 -28.71
C ALA C 196 16.01 -13.28 -29.57
N GLN C 197 15.51 -14.30 -30.28
CA GLN C 197 16.33 -15.14 -31.12
C GLN C 197 15.78 -15.13 -32.55
N ALA C 198 16.70 -15.22 -33.53
CA ALA C 198 16.32 -15.25 -34.93
C ALA C 198 17.49 -15.74 -35.76
N PRO C 199 17.25 -16.54 -36.79
CA PRO C 199 18.35 -16.94 -37.67
C PRO C 199 18.85 -15.76 -38.49
N VAL C 200 20.17 -15.73 -38.72
CA VAL C 200 20.78 -14.61 -39.44
C VAL C 200 20.30 -14.58 -40.88
N ALA C 201 20.28 -15.74 -41.54
CA ALA C 201 19.87 -15.80 -42.94
C ALA C 201 18.43 -15.34 -43.13
N ASP C 202 17.57 -15.60 -42.14
CA ASP C 202 16.19 -15.12 -42.23
C ASP C 202 16.08 -13.63 -41.97
N ILE C 203 17.04 -13.04 -41.26
CA ILE C 203 17.04 -11.60 -41.06
C ILE C 203 17.39 -10.88 -42.37
N PHE C 204 18.36 -11.41 -43.11
CA PHE C 204 18.72 -10.80 -44.39
C PHE C 204 17.63 -11.00 -45.45
N SER C 205 16.98 -12.17 -45.44
CA SER C 205 16.01 -12.50 -46.49
C SER C 205 14.67 -11.82 -46.26
N SER C 206 14.31 -11.54 -45.00
CA SER C 206 13.02 -10.93 -44.69
C SER C 206 13.08 -9.42 -44.55
N TYR C 207 14.29 -8.83 -44.52
CA TYR C 207 14.42 -7.40 -44.33
C TYR C 207 14.39 -6.66 -45.66
N ARG C 208 13.70 -5.52 -45.67
CA ARG C 208 13.67 -4.58 -46.78
C ARG C 208 13.73 -3.18 -46.18
N PRO C 209 14.51 -2.28 -46.78
CA PRO C 209 14.63 -0.94 -46.20
C PRO C 209 13.34 -0.14 -46.32
N GLY C 210 12.97 0.53 -45.23
CA GLY C 210 11.80 1.37 -45.19
C GLY C 210 10.56 0.73 -44.60
N ILE C 211 10.59 -0.58 -44.35
CA ILE C 211 9.40 -1.27 -43.85
C ILE C 211 9.20 -1.01 -42.36
N LEU C 212 10.30 -0.99 -41.59
CA LEU C 212 10.29 -0.69 -40.17
C LEU C 212 9.60 -1.77 -39.34
N LEU C 213 8.42 -2.23 -39.79
CA LEU C 213 7.68 -3.29 -39.11
C LEU C 213 7.46 -4.43 -40.09
N TRP C 214 8.20 -5.52 -39.90
CA TRP C 214 8.05 -6.71 -40.73
C TRP C 214 8.03 -7.95 -39.83
N HIS C 215 7.60 -9.06 -40.42
CA HIS C 215 7.42 -10.31 -39.69
C HIS C 215 8.59 -11.25 -39.96
N VAL C 216 9.24 -11.69 -38.88
CA VAL C 216 10.28 -12.71 -38.93
C VAL C 216 9.66 -13.95 -38.29
N SER C 217 9.11 -14.83 -39.13
CA SER C 217 8.34 -15.96 -38.64
C SER C 217 9.21 -16.91 -37.81
N SER C 218 10.49 -17.01 -38.13
CA SER C 218 11.38 -17.93 -37.43
C SER C 218 11.96 -17.36 -36.14
N GLN C 219 11.55 -16.16 -35.74
CA GLN C 219 12.09 -15.58 -34.52
C GLN C 219 11.39 -16.18 -33.30
N SER C 220 12.09 -16.16 -32.17
CA SER C 220 11.60 -16.77 -30.94
C SER C 220 11.94 -15.86 -29.77
N LEU C 221 10.91 -15.41 -29.05
CA LEU C 221 11.07 -14.54 -27.91
C LEU C 221 10.63 -15.27 -26.64
N SER C 222 11.25 -14.89 -25.52
CA SER C 222 10.91 -15.46 -24.23
C SER C 222 9.53 -14.95 -23.80
N PHE C 223 9.13 -15.25 -22.57
CA PHE C 223 7.79 -15.00 -22.10
C PHE C 223 7.80 -14.09 -20.88
N ASP C 224 6.67 -13.41 -20.66
CA ASP C 224 6.49 -12.56 -19.51
C ASP C 224 6.24 -13.41 -18.27
N SER C 225 6.14 -12.75 -17.11
CA SER C 225 5.95 -13.46 -15.86
C SER C 225 5.33 -12.51 -14.83
N SER C 226 4.38 -13.03 -14.07
CA SER C 226 3.81 -12.30 -12.94
C SER C 226 4.62 -12.49 -11.67
N ASN C 227 5.81 -13.04 -11.77
CA ASN C 227 6.61 -13.34 -10.58
C ASN C 227 7.32 -12.09 -10.11
N PRO C 228 7.04 -11.58 -8.90
CA PRO C 228 7.75 -10.37 -8.43
C PRO C 228 9.24 -10.57 -8.24
N GLU C 229 9.73 -11.82 -8.24
CA GLU C 229 11.18 -12.04 -8.16
C GLU C 229 11.90 -11.46 -9.36
N TYR C 230 11.32 -11.63 -10.55
CA TYR C 230 11.93 -11.14 -11.78
C TYR C 230 11.71 -9.65 -12.00
N PHE C 231 10.99 -8.96 -11.11
CA PHE C 231 10.72 -7.54 -11.30
C PHE C 231 12.01 -6.74 -11.19
N ASP C 232 12.25 -5.89 -12.17
CA ASP C 232 13.45 -5.04 -12.22
C ASP C 232 14.71 -5.90 -12.12
N GLY C 233 14.70 -7.05 -12.79
CA GLY C 233 15.78 -7.99 -12.70
C GLY C 233 16.82 -7.87 -13.81
N TYR C 234 16.45 -7.19 -14.91
CA TYR C 234 17.34 -6.98 -16.05
C TYR C 234 17.81 -8.31 -16.63
N TRP C 235 16.87 -9.26 -16.76
CA TRP C 235 17.10 -10.56 -17.37
C TRP C 235 17.56 -10.41 -18.81
N GLY C 236 18.84 -10.63 -19.06
CA GLY C 236 19.43 -10.39 -20.38
C GLY C 236 20.53 -9.35 -20.38
N TYR C 237 20.91 -8.84 -19.20
CA TYR C 237 22.05 -7.93 -19.09
C TYR C 237 23.31 -8.53 -19.71
N SER C 238 23.46 -9.85 -19.63
CA SER C 238 24.53 -10.58 -20.28
C SER C 238 23.97 -11.90 -20.80
N VAL C 239 24.64 -12.46 -21.80
CA VAL C 239 24.15 -13.67 -22.45
C VAL C 239 25.32 -14.43 -23.05
N ALA C 240 25.19 -15.75 -23.10
CA ALA C 240 26.15 -16.62 -23.77
C ALA C 240 25.43 -17.89 -24.19
N VAL C 241 26.17 -18.81 -24.81
CA VAL C 241 25.63 -20.08 -25.25
C VAL C 241 26.60 -21.20 -24.88
N GLY C 242 26.07 -22.40 -24.77
CA GLY C 242 26.88 -23.55 -24.43
C GLY C 242 26.09 -24.84 -24.51
N GLU C 243 26.72 -25.92 -24.08
CA GLU C 243 26.11 -27.24 -24.06
C GLU C 243 26.01 -27.71 -22.61
N PHE C 244 24.78 -27.89 -22.12
CA PHE C 244 24.57 -28.21 -20.72
C PHE C 244 23.52 -29.28 -20.47
N ASP C 245 22.95 -29.90 -21.51
CA ASP C 245 21.91 -30.90 -21.32
C ASP C 245 22.30 -32.27 -21.84
N GLY C 246 23.46 -32.42 -22.48
CA GLY C 246 23.90 -33.66 -23.05
C GLY C 246 23.54 -33.84 -24.51
N ASP C 247 22.43 -33.27 -24.95
CA ASP C 247 22.02 -33.36 -26.34
C ASP C 247 22.82 -32.35 -27.15
N LEU C 248 23.48 -32.82 -28.21
CA LEU C 248 24.30 -31.93 -29.02
C LEU C 248 23.49 -31.23 -30.11
N ASN C 249 22.37 -31.84 -30.52
CA ASN C 249 21.51 -31.19 -31.51
C ASN C 249 20.94 -29.89 -30.96
N THR C 250 20.63 -29.85 -29.67
CA THR C 250 20.10 -28.65 -29.03
C THR C 250 21.24 -27.75 -28.58
N THR C 251 20.96 -26.45 -28.55
CA THR C 251 21.90 -25.44 -28.09
C THR C 251 21.29 -24.69 -26.92
N GLU C 252 22.00 -24.65 -25.79
CA GLU C 252 21.47 -24.04 -24.58
C GLU C 252 21.91 -22.59 -24.46
N TYR C 253 21.09 -21.80 -23.77
CA TYR C 253 21.34 -20.38 -23.57
C TYR C 253 21.67 -20.10 -22.11
N VAL C 254 22.59 -19.17 -21.87
CA VAL C 254 22.93 -18.70 -20.54
C VAL C 254 22.61 -17.22 -20.46
N VAL C 255 21.86 -16.83 -19.43
CA VAL C 255 21.37 -15.45 -19.28
C VAL C 255 21.73 -14.95 -17.89
N GLY C 256 22.08 -13.67 -17.80
CA GLY C 256 22.40 -13.03 -16.55
C GLY C 256 21.33 -12.02 -16.17
N ALA C 257 20.82 -12.14 -14.95
CA ALA C 257 19.84 -11.23 -14.36
C ALA C 257 20.45 -10.66 -13.10
N PRO C 258 21.33 -9.65 -13.22
CA PRO C 258 22.14 -9.22 -12.06
C PRO C 258 21.36 -8.54 -10.96
N THR C 259 20.12 -8.12 -11.19
CA THR C 259 19.28 -7.56 -10.14
C THR C 259 18.08 -8.44 -9.84
N TRP C 260 18.17 -9.74 -10.14
CA TRP C 260 17.05 -10.64 -9.93
C TRP C 260 16.75 -10.79 -8.44
N SER C 261 15.46 -10.86 -8.12
CA SER C 261 14.97 -11.04 -6.75
C SER C 261 15.56 -9.99 -5.81
N TRP C 262 15.08 -8.75 -6.00
CA TRP C 262 15.44 -7.62 -5.15
C TRP C 262 16.95 -7.45 -5.06
N THR C 263 17.56 -7.29 -6.23
CA THR C 263 19.00 -7.05 -6.40
C THR C 263 19.86 -8.18 -5.83
N LEU C 264 19.30 -9.38 -5.65
CA LEU C 264 20.14 -10.51 -5.28
C LEU C 264 20.96 -11.01 -6.47
N GLY C 265 20.41 -10.94 -7.67
CA GLY C 265 21.12 -11.37 -8.86
C GLY C 265 21.07 -12.87 -9.07
N ALA C 266 21.11 -13.30 -10.33
CA ALA C 266 21.06 -14.72 -10.65
C ALA C 266 21.49 -14.93 -12.10
N VAL C 267 21.89 -16.16 -12.40
CA VAL C 267 22.19 -16.60 -13.75
C VAL C 267 21.39 -17.86 -14.02
N GLU C 268 20.83 -17.97 -15.22
CA GLU C 268 19.97 -19.10 -15.58
C GLU C 268 20.45 -19.73 -16.87
N ILE C 269 20.34 -21.06 -16.93
CA ILE C 269 20.60 -21.83 -18.14
C ILE C 269 19.27 -22.32 -18.69
N LEU C 270 19.09 -22.19 -20.00
CA LEU C 270 17.84 -22.55 -20.65
C LEU C 270 18.12 -23.34 -21.91
N ASP C 271 17.08 -24.00 -22.42
CA ASP C 271 17.14 -24.60 -23.74
C ASP C 271 16.71 -23.57 -24.78
N SER C 272 16.67 -23.99 -26.05
CA SER C 272 16.31 -23.06 -27.11
C SER C 272 14.87 -22.57 -27.00
N TYR C 273 14.04 -23.25 -26.21
CA TYR C 273 12.65 -22.87 -26.01
C TYR C 273 12.44 -22.08 -24.72
N TYR C 274 13.51 -21.54 -24.13
CA TYR C 274 13.46 -20.65 -22.98
C TYR C 274 12.86 -21.32 -21.74
N GLN C 275 13.10 -22.62 -21.58
CA GLN C 275 12.69 -23.35 -20.39
C GLN C 275 13.90 -23.49 -19.46
N ARG C 276 13.72 -23.08 -18.20
CA ARG C 276 14.84 -23.01 -17.28
C ARG C 276 15.30 -24.40 -16.88
N LEU C 277 16.58 -24.67 -17.07
CA LEU C 277 17.21 -25.92 -16.66
C LEU C 277 17.91 -25.80 -15.32
N HIS C 278 18.56 -24.68 -15.05
CA HIS C 278 19.16 -24.43 -13.75
CA HIS C 278 19.22 -24.42 -13.78
C HIS C 278 19.08 -22.95 -13.44
N ARG C 279 19.29 -22.63 -12.16
CA ARG C 279 19.30 -21.24 -11.69
C ARG C 279 20.36 -21.11 -10.62
N LEU C 280 21.33 -20.23 -10.85
CA LEU C 280 22.40 -19.94 -9.91
C LEU C 280 22.14 -18.59 -9.27
N ARG C 281 21.90 -18.59 -7.96
CA ARG C 281 21.55 -17.38 -7.24
C ARG C 281 22.81 -16.64 -6.79
N GLY C 282 22.68 -15.33 -6.62
CA GLY C 282 23.78 -14.54 -6.13
C GLY C 282 24.08 -14.82 -4.66
N GLU C 283 25.28 -14.42 -4.25
CA GLU C 283 25.73 -14.58 -2.87
C GLU C 283 25.46 -13.36 -2.00
N GLN C 284 25.42 -12.17 -2.60
CA GLN C 284 25.34 -10.93 -1.85
C GLN C 284 24.51 -9.93 -2.65
N MET C 285 23.64 -9.19 -1.97
CA MET C 285 22.77 -8.24 -2.65
C MET C 285 23.57 -7.05 -3.17
N ALA C 286 23.18 -6.56 -4.35
CA ALA C 286 23.80 -5.45 -5.06
C ALA C 286 25.21 -5.74 -5.53
N SER C 287 25.67 -7.00 -5.44
CA SER C 287 26.96 -7.40 -5.99
C SER C 287 26.91 -7.57 -7.50
N TYR C 288 25.73 -7.46 -8.11
CA TYR C 288 25.55 -7.60 -9.55
C TYR C 288 26.03 -8.97 -10.05
N PHE C 289 25.69 -10.01 -9.30
CA PHE C 289 25.93 -11.39 -9.72
C PHE C 289 25.22 -11.65 -11.04
N GLY C 290 25.99 -11.89 -12.09
CA GLY C 290 25.44 -12.04 -13.43
C GLY C 290 25.76 -10.90 -14.37
N HIS C 291 26.55 -9.92 -13.94
CA HIS C 291 26.96 -8.83 -14.82
C HIS C 291 27.70 -9.35 -16.05
N SER C 292 28.38 -10.48 -15.92
CA SER C 292 29.11 -11.08 -17.03
C SER C 292 29.12 -12.59 -16.88
N VAL C 293 28.95 -13.29 -18.00
CA VAL C 293 28.94 -14.75 -18.02
C VAL C 293 29.86 -15.22 -19.13
N ALA C 294 30.43 -16.42 -18.95
CA ALA C 294 31.32 -17.01 -19.93
C ALA C 294 31.20 -18.52 -19.86
N VAL C 295 31.34 -19.17 -21.01
CA VAL C 295 31.17 -20.61 -21.14
C VAL C 295 32.38 -21.19 -21.85
N THR C 296 33.04 -22.15 -21.21
CA THR C 296 34.15 -22.89 -21.80
C THR C 296 34.48 -24.07 -20.90
N ASP C 297 35.18 -25.05 -21.47
CA ASP C 297 35.59 -26.26 -20.74
C ASP C 297 36.99 -26.02 -20.20
N VAL C 298 37.08 -25.67 -18.90
CA VAL C 298 38.36 -25.32 -18.31
C VAL C 298 39.17 -26.52 -17.83
N ASN C 299 38.53 -27.65 -17.53
CA ASN C 299 39.21 -28.82 -16.98
C ASN C 299 39.37 -29.95 -17.99
N GLY C 300 39.07 -29.69 -19.27
CA GLY C 300 39.38 -30.64 -20.32
C GLY C 300 38.61 -31.94 -20.25
N ASP C 301 37.40 -31.91 -19.71
CA ASP C 301 36.56 -33.09 -19.67
C ASP C 301 35.50 -33.09 -20.76
N GLY C 302 35.58 -32.15 -21.71
CA GLY C 302 34.65 -32.08 -22.81
C GLY C 302 33.31 -31.46 -22.50
N ARG C 303 33.05 -31.11 -21.24
CA ARG C 303 31.78 -30.51 -20.83
C ARG C 303 32.01 -29.04 -20.53
N HIS C 304 31.23 -28.18 -21.19
CA HIS C 304 31.34 -26.75 -20.98
C HIS C 304 31.08 -26.38 -19.53
N ASP C 305 31.87 -25.44 -19.00
CA ASP C 305 31.73 -24.95 -17.64
C ASP C 305 31.28 -23.50 -17.68
N LEU C 306 30.84 -23.01 -16.53
CA LEU C 306 30.20 -21.70 -16.43
C LEU C 306 30.98 -20.79 -15.49
N LEU C 307 31.21 -19.55 -15.92
CA LEU C 307 31.86 -18.53 -15.12
C LEU C 307 30.93 -17.33 -14.99
N VAL C 308 30.75 -16.86 -13.76
CA VAL C 308 29.86 -15.75 -13.46
C VAL C 308 30.63 -14.68 -12.71
N GLY C 309 30.44 -13.42 -13.11
CA GLY C 309 31.10 -12.29 -12.49
C GLY C 309 30.13 -11.47 -11.65
N ALA C 310 30.59 -11.12 -10.44
CA ALA C 310 29.87 -10.25 -9.52
C ALA C 310 30.80 -9.09 -9.19
N PRO C 311 30.94 -8.12 -10.09
CA PRO C 311 32.00 -7.11 -9.96
C PRO C 311 31.88 -6.20 -8.74
N LEU C 312 30.73 -6.17 -8.06
CA LEU C 312 30.55 -5.32 -6.90
C LEU C 312 30.46 -6.11 -5.60
N TYR C 313 30.88 -7.37 -5.60
CA TYR C 313 30.88 -8.16 -4.38
C TYR C 313 31.80 -7.54 -3.34
N MET C 314 31.34 -7.53 -2.10
CA MET C 314 32.08 -6.95 -0.99
C MET C 314 32.66 -8.06 -0.13
N GLU C 315 33.99 -8.15 -0.09
CA GLU C 315 34.66 -9.17 0.68
C GLU C 315 34.70 -8.78 2.16
N SER C 316 34.62 -9.79 3.03
CA SER C 316 34.60 -9.56 4.46
C SER C 316 36.02 -9.40 4.99
N ARG C 317 36.26 -8.31 5.71
CA ARG C 317 37.55 -8.01 6.30
C ARG C 317 37.45 -8.09 7.82
N ALA C 318 38.56 -7.80 8.49
CA ALA C 318 38.59 -7.82 9.94
C ALA C 318 37.74 -6.69 10.52
N ASP C 319 37.31 -6.88 11.78
CA ASP C 319 36.46 -5.92 12.48
C ASP C 319 35.13 -5.72 11.79
N ARG C 320 34.61 -6.79 11.17
CA ARG C 320 33.30 -6.78 10.51
C ARG C 320 33.22 -5.73 9.40
N LYS C 321 34.34 -5.47 8.74
CA LYS C 321 34.38 -4.50 7.65
C LYS C 321 34.10 -5.18 6.32
N LEU C 322 33.64 -4.38 5.36
CA LEU C 322 33.36 -4.84 4.00
C LEU C 322 34.19 -4.05 3.01
N ALA C 323 34.56 -4.70 1.91
CA ALA C 323 35.41 -4.10 0.88
C ALA C 323 34.94 -4.58 -0.47
N GLU C 324 34.44 -3.65 -1.29
CA GLU C 324 33.99 -3.96 -2.64
C GLU C 324 35.20 -4.25 -3.52
N VAL C 325 35.37 -5.50 -3.92
CA VAL C 325 36.48 -5.90 -4.79
C VAL C 325 36.04 -6.68 -6.02
N GLY C 326 34.88 -7.31 -6.01
CA GLY C 326 34.47 -8.14 -7.13
C GLY C 326 34.84 -9.59 -6.93
N ARG C 327 34.07 -10.48 -7.57
CA ARG C 327 34.26 -11.91 -7.39
C ARG C 327 33.78 -12.64 -8.64
N VAL C 328 34.44 -13.75 -8.95
CA VAL C 328 34.09 -14.62 -10.07
C VAL C 328 33.78 -16.00 -9.54
N TYR C 329 32.72 -16.61 -10.06
CA TYR C 329 32.26 -17.92 -9.64
C TYR C 329 32.45 -18.93 -10.76
N LEU C 330 33.08 -20.06 -10.46
CA LEU C 330 33.31 -21.13 -11.42
C LEU C 330 32.39 -22.30 -11.10
N PHE C 331 31.57 -22.68 -12.08
CA PHE C 331 30.68 -23.83 -11.94
C PHE C 331 31.08 -24.87 -12.98
N LEU C 332 31.47 -26.06 -12.52
CA LEU C 332 31.87 -27.14 -13.40
C LEU C 332 30.68 -28.05 -13.68
N GLN C 333 30.47 -28.35 -14.96
CA GLN C 333 29.34 -29.19 -15.34
C GLN C 333 29.62 -30.63 -14.93
N PRO C 334 28.72 -31.26 -14.17
CA PRO C 334 28.98 -32.60 -13.65
C PRO C 334 28.69 -33.67 -14.70
N ARG C 335 29.05 -34.91 -14.34
CA ARG C 335 28.77 -36.06 -15.20
C ARG C 335 27.26 -36.26 -15.31
N GLY C 336 26.81 -36.59 -16.52
CA GLY C 336 25.41 -36.88 -16.76
C GLY C 336 24.52 -35.67 -16.67
N PRO C 337 23.24 -35.90 -16.40
CA PRO C 337 22.25 -34.81 -16.39
C PRO C 337 22.11 -34.07 -15.07
N HIS C 338 23.05 -34.24 -14.13
CA HIS C 338 22.91 -33.65 -12.82
C HIS C 338 23.00 -32.13 -12.88
N ALA C 339 22.37 -31.48 -11.90
CA ALA C 339 22.34 -30.03 -11.86
C ALA C 339 23.69 -29.46 -11.39
N LEU C 340 23.97 -28.24 -11.83
CA LEU C 340 25.20 -27.57 -11.42
C LEU C 340 25.11 -27.21 -9.94
N GLY C 341 26.03 -27.77 -9.15
CA GLY C 341 25.98 -27.59 -7.71
C GLY C 341 26.54 -26.29 -7.21
N ALA C 342 27.28 -26.34 -6.11
CA ALA C 342 27.91 -25.17 -5.52
C ALA C 342 29.13 -24.75 -6.35
N PRO C 343 29.58 -23.50 -6.21
CA PRO C 343 30.76 -23.06 -6.97
C PRO C 343 31.97 -23.91 -6.66
N SER C 344 32.68 -24.33 -7.71
CA SER C 344 33.88 -25.12 -7.55
C SER C 344 35.06 -24.27 -7.11
N LEU C 345 35.07 -23.00 -7.46
CA LEU C 345 36.18 -22.11 -7.15
C LEU C 345 35.68 -20.68 -7.06
N LEU C 346 36.19 -19.94 -6.08
CA LEU C 346 35.86 -18.53 -5.89
C LEU C 346 37.10 -17.70 -6.12
N LEU C 347 37.07 -16.87 -7.15
CA LEU C 347 38.15 -15.92 -7.44
C LEU C 347 37.70 -14.53 -7.02
N THR C 348 38.36 -13.97 -6.02
CA THR C 348 37.99 -12.69 -5.44
C THR C 348 39.04 -11.64 -5.78
N GLY C 349 38.57 -10.43 -6.08
CA GLY C 349 39.48 -9.33 -6.35
C GLY C 349 40.23 -8.89 -5.12
N THR C 350 41.26 -8.06 -5.36
CA THR C 350 42.10 -7.55 -4.28
C THR C 350 42.11 -6.05 -4.19
N GLN C 351 41.87 -5.33 -5.29
CA GLN C 351 41.89 -3.87 -5.28
C GLN C 351 40.49 -3.34 -5.01
N LEU C 352 40.40 -2.38 -4.10
CA LEU C 352 39.12 -1.76 -3.78
C LEU C 352 38.55 -1.07 -5.00
N TYR C 353 37.24 -1.24 -5.21
CA TYR C 353 36.51 -0.66 -6.33
C TYR C 353 37.07 -1.10 -7.68
N GLY C 354 37.85 -2.19 -7.69
CA GLY C 354 38.46 -2.66 -8.93
C GLY C 354 37.46 -3.30 -9.88
N ARG C 355 36.31 -3.72 -9.37
CA ARG C 355 35.27 -4.36 -10.18
C ARG C 355 35.81 -5.61 -10.88
N PHE C 356 36.61 -6.38 -10.15
CA PHE C 356 37.10 -7.67 -10.63
C PHE C 356 35.91 -8.57 -10.96
N GLY C 357 35.86 -9.02 -12.21
CA GLY C 357 34.74 -9.77 -12.71
C GLY C 357 33.82 -9.02 -13.64
N SER C 358 34.19 -7.80 -14.05
CA SER C 358 33.37 -7.05 -14.99
CA SER C 358 33.37 -7.05 -14.99
C SER C 358 33.32 -7.72 -16.36
N ALA C 359 34.29 -8.57 -16.68
CA ALA C 359 34.33 -9.29 -17.94
C ALA C 359 35.14 -10.56 -17.75
N ILE C 360 34.70 -11.64 -18.40
CA ILE C 360 35.36 -12.93 -18.33
C ILE C 360 35.49 -13.45 -19.75
N ALA C 361 36.72 -13.63 -20.21
CA ALA C 361 36.99 -13.99 -21.61
C ALA C 361 37.63 -15.35 -21.69
N PRO C 362 37.01 -16.31 -22.38
CA PRO C 362 37.72 -17.55 -22.71
C PRO C 362 38.89 -17.28 -23.65
N LEU C 363 40.02 -17.92 -23.37
CA LEU C 363 41.24 -17.71 -24.13
C LEU C 363 41.62 -18.91 -24.98
N GLY C 364 40.82 -19.98 -24.96
CA GLY C 364 41.29 -21.23 -25.53
C GLY C 364 42.39 -21.81 -24.65
N ASP C 365 43.28 -22.57 -25.27
CA ASP C 365 44.45 -23.11 -24.56
C ASP C 365 45.62 -22.19 -24.87
N LEU C 366 45.93 -21.29 -23.92
CA LEU C 366 46.96 -20.29 -24.13
C LEU C 366 48.33 -20.93 -24.22
N ASP C 367 48.68 -21.75 -23.23
CA ASP C 367 49.99 -22.41 -23.18
C ASP C 367 50.03 -23.73 -23.93
N ARG C 368 48.90 -24.17 -24.49
CA ARG C 368 48.79 -25.43 -25.21
C ARG C 368 49.26 -26.60 -24.34
N ASP C 369 48.61 -26.73 -23.18
CA ASP C 369 48.90 -27.80 -22.24
C ASP C 369 47.80 -28.85 -22.13
N GLY C 370 46.59 -28.53 -22.56
CA GLY C 370 45.50 -29.48 -22.53
C GLY C 370 44.27 -29.00 -21.78
N TYR C 371 44.32 -27.76 -21.29
CA TYR C 371 43.21 -27.19 -20.53
C TYR C 371 42.98 -25.76 -20.99
N ASN C 372 41.71 -25.43 -21.26
CA ASN C 372 41.36 -24.08 -21.67
C ASN C 372 41.56 -23.11 -20.50
N ASP C 373 41.85 -21.85 -20.85
CA ASP C 373 42.18 -20.82 -19.88
C ASP C 373 41.21 -19.65 -20.04
N ILE C 374 41.23 -18.76 -19.05
CA ILE C 374 40.33 -17.61 -19.01
C ILE C 374 41.12 -16.36 -18.64
N ALA C 375 40.52 -15.21 -18.95
CA ALA C 375 41.03 -13.90 -18.55
C ALA C 375 39.93 -13.14 -17.85
N VAL C 376 40.22 -12.61 -16.67
CA VAL C 376 39.26 -11.86 -15.87
C VAL C 376 39.75 -10.43 -15.75
N ALA C 377 38.84 -9.47 -15.92
CA ALA C 377 39.19 -8.06 -15.96
C ALA C 377 38.76 -7.35 -14.68
N ALA C 378 39.62 -6.45 -14.21
CA ALA C 378 39.30 -5.53 -13.13
C ALA C 378 39.57 -4.12 -13.66
N PRO C 379 38.61 -3.54 -14.38
CA PRO C 379 38.88 -2.31 -15.13
C PRO C 379 39.35 -1.14 -14.27
N TYR C 380 39.18 -1.20 -12.96
CA TYR C 380 39.69 -0.17 -12.06
C TYR C 380 40.55 -0.78 -10.96
N GLY C 381 41.06 -1.98 -11.16
CA GLY C 381 41.90 -2.67 -10.21
C GLY C 381 43.38 -2.43 -10.47
N GLY C 382 44.19 -3.34 -9.96
CA GLY C 382 45.63 -3.17 -9.99
C GLY C 382 46.07 -2.19 -8.92
N PRO C 383 47.35 -2.19 -8.57
CA PRO C 383 47.81 -1.29 -7.50
C PRO C 383 47.64 0.18 -7.83
N SER C 384 47.60 0.52 -9.12
CA SER C 384 47.40 1.90 -9.55
C SER C 384 45.94 2.27 -9.71
N GLY C 385 45.04 1.29 -9.73
CA GLY C 385 43.65 1.56 -10.04
C GLY C 385 43.37 1.90 -11.48
N ARG C 386 44.37 1.77 -12.36
CA ARG C 386 44.22 2.11 -13.78
C ARG C 386 43.58 1.00 -14.59
N GLY C 387 43.40 -0.19 -14.02
CA GLY C 387 42.87 -1.31 -14.76
C GLY C 387 43.84 -2.47 -14.82
N GLN C 388 43.32 -3.69 -14.93
CA GLN C 388 44.16 -4.87 -14.83
C GLN C 388 43.42 -6.12 -15.32
N VAL C 389 44.07 -6.93 -16.14
CA VAL C 389 43.52 -8.19 -16.63
C VAL C 389 44.38 -9.32 -16.07
N LEU C 390 43.72 -10.36 -15.55
CA LEU C 390 44.40 -11.47 -14.92
C LEU C 390 44.09 -12.75 -15.68
N VAL C 391 45.13 -13.53 -15.98
CA VAL C 391 45.00 -14.77 -16.73
C VAL C 391 45.02 -15.93 -15.74
N PHE C 392 44.01 -16.79 -15.82
CA PHE C 392 43.90 -17.97 -14.97
C PHE C 392 43.93 -19.22 -15.86
N LEU C 393 44.80 -20.16 -15.53
CA LEU C 393 45.02 -21.33 -16.36
C LEU C 393 44.15 -22.50 -15.88
N GLY C 394 43.69 -23.30 -16.84
CA GLY C 394 42.89 -24.46 -16.52
C GLY C 394 43.72 -25.60 -15.95
N GLN C 395 43.03 -26.50 -15.25
CA GLN C 395 43.66 -27.66 -14.64
C GLN C 395 42.61 -28.76 -14.52
N SER C 396 43.09 -29.97 -14.16
CA SER C 396 42.19 -31.11 -14.05
C SER C 396 41.11 -30.88 -13.00
N GLU C 397 41.40 -30.08 -11.99
CA GLU C 397 40.45 -29.75 -10.94
C GLU C 397 39.68 -28.47 -11.21
N GLY C 398 39.92 -27.83 -12.36
CA GLY C 398 39.25 -26.59 -12.69
C GLY C 398 40.22 -25.50 -13.10
N LEU C 399 40.34 -24.47 -12.26
CA LEU C 399 41.25 -23.36 -12.51
C LEU C 399 42.22 -23.20 -11.36
N ARG C 400 43.32 -22.49 -11.63
CA ARG C 400 44.27 -22.17 -10.58
C ARG C 400 43.72 -21.07 -9.68
N SER C 401 43.92 -21.22 -8.37
CA SER C 401 43.47 -20.19 -7.43
C SER C 401 44.24 -18.89 -7.61
N ARG C 402 45.43 -18.94 -8.18
CA ARG C 402 46.27 -17.78 -8.39
C ARG C 402 46.54 -17.56 -9.87
N PRO C 403 46.63 -16.31 -10.32
CA PRO C 403 46.85 -16.05 -11.74
C PRO C 403 48.28 -16.36 -12.16
N SER C 404 48.42 -16.84 -13.39
CA SER C 404 49.75 -17.07 -13.95
C SER C 404 50.36 -15.75 -14.44
N GLN C 405 49.54 -14.89 -15.05
CA GLN C 405 50.04 -13.66 -15.63
C GLN C 405 49.06 -12.53 -15.32
N VAL C 406 49.60 -11.31 -15.26
CA VAL C 406 48.82 -10.11 -14.97
C VAL C 406 49.17 -9.06 -16.00
N LEU C 407 48.15 -8.43 -16.58
CA LEU C 407 48.32 -7.42 -17.62
C LEU C 407 47.85 -6.07 -17.08
N ASP C 408 48.79 -5.26 -16.60
CA ASP C 408 48.45 -3.92 -16.14
C ASP C 408 48.14 -3.02 -17.32
N SER C 409 47.27 -2.04 -17.09
CA SER C 409 46.84 -1.15 -18.15
C SER C 409 47.99 -0.27 -18.62
N PRO C 410 48.25 -0.21 -19.93
CA PRO C 410 49.22 0.77 -20.45
C PRO C 410 48.65 2.17 -20.62
N PHE C 411 47.37 2.37 -20.32
CA PHE C 411 46.66 3.62 -20.54
C PHE C 411 46.60 4.43 -19.27
N PRO C 412 46.28 5.74 -19.37
CA PRO C 412 46.12 6.56 -18.15
C PRO C 412 44.90 6.17 -17.34
N THR C 413 44.72 6.84 -16.20
CA THR C 413 43.59 6.55 -15.32
C THR C 413 42.27 6.82 -16.03
N GLY C 414 41.28 5.98 -15.73
CA GLY C 414 39.94 6.15 -16.26
C GLY C 414 39.71 5.54 -17.62
N SER C 415 40.68 4.81 -18.17
CA SER C 415 40.50 4.19 -19.48
C SER C 415 39.52 3.04 -19.47
N ALA C 416 39.16 2.52 -18.29
CA ALA C 416 38.31 1.33 -18.18
C ALA C 416 38.92 0.15 -18.94
N PHE C 417 40.24 0.04 -18.86
CA PHE C 417 40.97 -1.04 -19.51
C PHE C 417 40.48 -2.39 -19.00
N GLY C 418 39.94 -3.19 -19.91
CA GLY C 418 39.39 -4.49 -19.57
C GLY C 418 37.87 -4.54 -19.53
N PHE C 419 37.20 -3.40 -19.69
CA PHE C 419 35.74 -3.39 -19.72
C PHE C 419 35.21 -4.34 -20.79
N SER C 420 35.96 -4.54 -21.87
CA SER C 420 35.63 -5.51 -22.89
C SER C 420 36.84 -6.37 -23.17
N LEU C 421 36.61 -7.66 -23.38
CA LEU C 421 37.67 -8.62 -23.66
C LEU C 421 37.21 -9.56 -24.77
N ARG C 422 38.18 -10.23 -25.39
CA ARG C 422 37.92 -11.26 -26.39
C ARG C 422 39.19 -12.02 -26.73
N GLY C 423 39.15 -13.34 -26.62
CA GLY C 423 40.31 -14.16 -26.91
C GLY C 423 40.02 -15.41 -27.71
N ALA C 424 40.91 -16.40 -27.59
CA ALA C 424 40.76 -17.71 -28.23
C ALA C 424 40.77 -17.62 -29.75
N VAL C 425 41.52 -16.66 -30.29
CA VAL C 425 41.69 -16.50 -31.73
C VAL C 425 43.14 -16.13 -32.02
N ASP C 426 43.74 -16.81 -32.99
CA ASP C 426 45.10 -16.53 -33.43
C ASP C 426 45.03 -15.51 -34.57
N ILE C 427 45.41 -14.26 -34.27
CA ILE C 427 45.27 -13.19 -35.26
C ILE C 427 46.53 -13.04 -36.11
N ASP C 428 47.70 -13.37 -35.59
CA ASP C 428 48.94 -13.25 -36.32
C ASP C 428 49.41 -14.57 -36.91
N ASP C 429 48.62 -15.64 -36.76
CA ASP C 429 48.92 -16.95 -37.36
C ASP C 429 50.27 -17.48 -36.90
N ASN C 430 50.48 -17.50 -35.58
CA ASN C 430 51.68 -18.09 -35.00
C ASN C 430 51.37 -19.35 -34.20
N GLY C 431 50.13 -19.85 -34.28
CA GLY C 431 49.74 -21.07 -33.61
C GLY C 431 49.29 -20.91 -32.17
N TYR C 432 49.14 -19.69 -31.68
CA TYR C 432 48.76 -19.46 -30.29
C TYR C 432 47.63 -18.43 -30.23
N PRO C 433 46.60 -18.69 -29.40
CA PRO C 433 45.47 -17.76 -29.33
C PRO C 433 45.85 -16.48 -28.62
N ASP C 434 45.37 -15.37 -29.17
CA ASP C 434 45.73 -14.03 -28.70
C ASP C 434 44.54 -13.37 -28.01
N LEU C 435 44.80 -12.21 -27.41
CA LEU C 435 43.82 -11.50 -26.60
C LEU C 435 43.77 -10.04 -27.02
N ILE C 436 42.55 -9.51 -27.16
CA ILE C 436 42.33 -8.09 -27.42
C ILE C 436 41.57 -7.51 -26.24
N VAL C 437 41.96 -6.31 -25.82
CA VAL C 437 41.39 -5.65 -24.65
C VAL C 437 40.92 -4.26 -25.05
N GLY C 438 39.67 -3.94 -24.74
CA GLY C 438 39.13 -2.62 -25.00
C GLY C 438 39.29 -1.71 -23.80
N ALA C 439 39.42 -0.41 -24.09
CA ALA C 439 39.51 0.65 -23.08
C ALA C 439 38.77 1.86 -23.64
N TYR C 440 37.44 1.86 -23.46
CA TYR C 440 36.63 2.90 -24.09
C TYR C 440 36.93 4.27 -23.51
N GLY C 441 37.36 4.34 -22.25
CA GLY C 441 37.71 5.63 -21.67
C GLY C 441 38.88 6.30 -22.37
N ALA C 442 39.77 5.51 -22.96
CA ALA C 442 40.91 6.03 -23.72
C ALA C 442 40.70 5.94 -25.22
N ASN C 443 39.56 5.44 -25.67
CA ASN C 443 39.24 5.32 -27.10
C ASN C 443 40.27 4.47 -27.83
N GLN C 444 40.71 3.38 -27.20
CA GLN C 444 41.76 2.55 -27.76
C GLN C 444 41.48 1.08 -27.49
N VAL C 445 42.17 0.23 -28.23
CA VAL C 445 42.14 -1.22 -28.06
C VAL C 445 43.58 -1.72 -28.08
N ALA C 446 43.94 -2.55 -27.10
CA ALA C 446 45.26 -3.14 -27.01
C ALA C 446 45.20 -4.61 -27.41
N VAL C 447 46.19 -5.03 -28.21
CA VAL C 447 46.25 -6.40 -28.71
C VAL C 447 47.48 -7.06 -28.10
N TYR C 448 47.27 -8.18 -27.41
CA TYR C 448 48.34 -8.96 -26.80
C TYR C 448 48.54 -10.25 -27.61
N ARG C 449 49.73 -10.41 -28.16
CA ARG C 449 50.08 -11.61 -28.92
C ARG C 449 50.67 -12.65 -27.99
N ALA C 450 50.17 -13.88 -28.08
CA ALA C 450 50.70 -14.99 -27.30
C ALA C 450 51.98 -15.52 -27.93
N GLN C 451 52.96 -15.83 -27.08
CA GLN C 451 54.27 -16.24 -27.57
C GLN C 451 54.47 -17.74 -27.36
N PRO C 452 55.32 -18.37 -28.18
CA PRO C 452 55.55 -19.82 -28.03
C PRO C 452 56.12 -20.16 -26.66
N VAL C 453 55.67 -21.30 -26.13
CA VAL C 453 56.13 -21.76 -24.83
C VAL C 453 57.32 -22.69 -24.98
N GLY D 1 67.64 -19.90 42.77
CA GLY D 1 68.95 -19.89 42.17
C GLY D 1 68.92 -19.84 40.65
N PRO D 2 68.69 -21.00 40.02
CA PRO D 2 68.63 -21.04 38.57
C PRO D 2 67.26 -20.69 38.02
N ASN D 3 67.27 -20.04 36.86
CA ASN D 3 66.04 -19.64 36.17
C ASN D 3 66.40 -19.28 34.74
N ILE D 4 65.38 -18.85 33.99
CA ILE D 4 65.57 -18.55 32.57
C ILE D 4 66.50 -17.36 32.36
N CYS D 5 66.60 -16.47 33.35
CA CYS D 5 67.48 -15.31 33.20
C CYS D 5 68.94 -15.73 33.24
N THR D 6 69.30 -16.63 34.14
CA THR D 6 70.69 -17.06 34.27
C THR D 6 71.04 -18.12 33.24
N THR D 7 70.17 -19.11 33.05
CA THR D 7 70.48 -20.24 32.18
C THR D 7 70.63 -19.84 30.72
N ARG D 8 70.11 -18.67 30.32
CA ARG D 8 70.21 -18.25 28.93
C ARG D 8 71.65 -17.99 28.53
N GLY D 9 72.44 -17.41 29.42
CA GLY D 9 73.80 -17.01 29.09
C GLY D 9 73.81 -15.82 28.15
N VAL D 10 73.34 -14.68 28.64
CA VAL D 10 73.17 -13.49 27.82
C VAL D 10 74.48 -12.72 27.76
N SER D 11 74.67 -11.98 26.66
CA SER D 11 75.93 -11.28 26.41
C SER D 11 75.83 -9.78 26.62
N SER D 12 74.65 -9.25 26.92
CA SER D 12 74.49 -7.81 27.06
C SER D 12 73.33 -7.52 28.00
N CYS D 13 73.26 -6.27 28.47
CA CYS D 13 72.13 -5.83 29.27
C CYS D 13 70.84 -5.81 28.44
N GLN D 14 70.95 -5.35 27.19
CA GLN D 14 69.79 -5.32 26.30
C GLN D 14 69.27 -6.72 26.04
N GLN D 15 70.18 -7.70 25.93
CA GLN D 15 69.77 -9.08 25.69
C GLN D 15 69.09 -9.69 26.92
N CYS D 16 69.54 -9.30 28.12
CA CYS D 16 68.95 -9.85 29.33
C CYS D 16 67.49 -9.42 29.50
N LEU D 17 67.19 -8.15 29.20
CA LEU D 17 65.82 -7.68 29.31
C LEU D 17 64.89 -8.37 28.31
N ALA D 18 65.44 -8.84 27.18
CA ALA D 18 64.64 -9.51 26.16
C ALA D 18 64.31 -10.95 26.51
N VAL D 19 64.96 -11.52 27.53
CA VAL D 19 64.67 -12.90 27.91
C VAL D 19 63.26 -13.02 28.50
N SER D 20 62.91 -12.11 29.40
CA SER D 20 61.63 -12.12 30.08
C SER D 20 61.44 -10.79 30.82
N PRO D 21 60.21 -10.33 31.00
CA PRO D 21 59.98 -9.15 31.85
C PRO D 21 60.42 -9.38 33.29
N MET D 22 60.68 -10.62 33.67
CA MET D 22 61.08 -10.97 35.02
C MET D 22 62.56 -10.72 35.29
N CYS D 23 63.38 -10.65 34.25
CA CYS D 23 64.83 -10.59 34.41
C CYS D 23 65.31 -9.17 34.68
N ALA D 24 66.42 -9.07 35.41
CA ALA D 24 67.08 -7.81 35.72
C ALA D 24 68.56 -7.94 35.42
N TRP D 25 69.25 -6.80 35.41
CA TRP D 25 70.66 -6.74 35.08
C TRP D 25 71.43 -5.95 36.13
N CYS D 26 72.58 -6.48 36.54
CA CYS D 26 73.48 -5.81 37.48
C CYS D 26 74.70 -5.33 36.71
N SER D 27 74.79 -4.02 36.51
CA SER D 27 75.91 -3.41 35.81
C SER D 27 77.05 -3.02 36.73
N ASP D 28 77.04 -3.51 37.97
CA ASP D 28 78.10 -3.19 38.93
C ASP D 28 79.41 -3.84 38.51
N GLU D 29 80.48 -3.05 38.49
CA GLU D 29 81.77 -3.57 38.03
C GLU D 29 82.42 -4.46 39.08
N ALA D 30 82.10 -4.24 40.36
CA ALA D 30 82.69 -5.01 41.45
C ALA D 30 81.82 -6.19 41.85
N LEU D 31 81.24 -6.89 40.86
CA LEU D 31 80.45 -8.09 41.09
C LEU D 31 81.34 -9.32 41.07
N PRO D 32 81.05 -10.33 41.90
CA PRO D 32 81.83 -11.58 41.85
C PRO D 32 81.82 -12.19 40.45
N LEU D 33 82.97 -12.73 40.06
CA LEU D 33 83.08 -13.39 38.76
C LEU D 33 82.17 -14.63 38.72
N GLY D 34 82.17 -15.41 39.78
CA GLY D 34 81.26 -16.54 39.87
C GLY D 34 79.86 -16.10 40.24
N SER D 35 79.26 -15.27 39.39
CA SER D 35 77.94 -14.71 39.66
C SER D 35 77.33 -14.19 38.36
N PRO D 36 76.06 -14.48 38.10
CA PRO D 36 75.44 -14.01 36.86
C PRO D 36 75.03 -12.55 36.94
N ARG D 37 75.08 -11.89 35.78
CA ARG D 37 74.62 -10.51 35.68
C ARG D 37 73.16 -10.40 35.26
N CYS D 38 72.51 -11.52 34.96
CA CYS D 38 71.12 -11.53 34.50
C CYS D 38 70.35 -12.48 35.41
N ASP D 39 69.64 -11.92 36.38
CA ASP D 39 68.86 -12.73 37.32
C ASP D 39 67.71 -11.87 37.83
N LEU D 40 66.89 -12.47 38.70
CA LEU D 40 65.80 -11.73 39.32
C LEU D 40 66.36 -10.57 40.14
N LYS D 41 65.54 -9.53 40.30
CA LYS D 41 65.98 -8.37 41.07
C LYS D 41 66.34 -8.75 42.50
N GLU D 42 65.66 -9.77 43.05
CA GLU D 42 65.99 -10.23 44.40
C GLU D 42 67.34 -10.94 44.43
N ASN D 43 67.57 -11.84 43.47
CA ASN D 43 68.82 -12.59 43.44
C ASN D 43 70.03 -11.69 43.23
N LEU D 44 69.86 -10.60 42.48
CA LEU D 44 70.97 -9.67 42.29
C LEU D 44 71.31 -8.94 43.58
N LEU D 45 70.29 -8.53 44.34
CA LEU D 45 70.54 -7.82 45.59
C LEU D 45 71.24 -8.69 46.62
N LYS D 46 71.02 -10.01 46.57
CA LYS D 46 71.66 -10.91 47.52
C LYS D 46 73.17 -10.90 47.34
N ASP D 47 73.65 -10.69 46.12
CA ASP D 47 75.08 -10.70 45.81
C ASP D 47 75.72 -9.32 45.98
N ASN D 48 75.16 -8.48 46.85
CA ASN D 48 75.69 -7.14 47.13
C ASN D 48 75.78 -6.28 45.87
N CYS D 49 74.88 -6.51 44.92
CA CYS D 49 74.82 -5.64 43.75
C CYS D 49 74.33 -4.26 44.16
N ALA D 50 75.07 -3.23 43.77
CA ALA D 50 74.72 -1.85 44.09
C ALA D 50 73.28 -1.55 43.66
N PRO D 51 72.38 -1.22 44.58
CA PRO D 51 70.98 -1.01 44.20
C PRO D 51 70.79 0.03 43.12
N GLU D 52 71.71 0.98 43.00
CA GLU D 52 71.65 1.95 41.92
C GLU D 52 72.20 1.39 40.61
N SER D 53 72.94 0.29 40.66
CA SER D 53 73.50 -0.35 39.48
C SER D 53 72.60 -1.46 38.94
N ILE D 54 71.32 -1.47 39.32
CA ILE D 54 70.38 -2.51 38.91
C ILE D 54 69.48 -1.95 37.83
N GLU D 55 69.49 -2.59 36.66
CA GLU D 55 68.62 -2.21 35.55
C GLU D 55 67.42 -3.17 35.53
N PHE D 56 66.23 -2.63 35.78
CA PHE D 56 65.02 -3.43 35.81
C PHE D 56 63.80 -2.56 35.55
N PRO D 57 63.49 -2.27 34.29
CA PRO D 57 62.31 -1.45 33.98
C PRO D 57 61.02 -2.20 34.26
N VAL D 58 59.96 -1.43 34.49
CA VAL D 58 58.66 -1.96 34.87
C VAL D 58 57.60 -1.32 33.98
N SER D 59 56.70 -2.14 33.44
CA SER D 59 55.62 -1.63 32.61
C SER D 59 54.67 -0.79 33.44
N GLU D 60 54.33 0.39 32.94
CA GLU D 60 53.48 1.32 33.66
C GLU D 60 52.54 2.02 32.69
N ALA D 61 51.37 2.42 33.21
CA ALA D 61 50.38 3.17 32.45
C ALA D 61 50.09 4.46 33.23
N ARG D 62 50.51 5.59 32.66
CA ARG D 62 50.38 6.88 33.32
C ARG D 62 49.42 7.77 32.53
N VAL D 63 48.57 8.48 33.26
CA VAL D 63 47.56 9.34 32.65
C VAL D 63 48.13 10.75 32.50
N LEU D 64 47.96 11.32 31.31
CA LEU D 64 48.46 12.66 30.99
C LEU D 64 47.33 13.69 30.95
N GLU D 65 46.31 13.46 30.15
CA GLU D 65 45.11 14.29 30.13
C GLU D 65 43.95 13.50 30.70
N ASP D 66 43.25 14.08 31.68
CA ASP D 66 42.17 13.39 32.37
C ASP D 66 41.05 14.39 32.70
N ARG D 67 40.47 14.99 31.66
CA ARG D 67 39.37 15.91 31.87
C ARG D 67 38.11 15.15 32.28
N PRO D 68 37.31 15.70 33.19
CA PRO D 68 36.09 15.00 33.61
C PRO D 68 35.07 14.91 32.49
N LEU D 69 34.23 13.88 32.58
CA LEU D 69 33.15 13.71 31.60
C LEU D 69 32.10 14.81 31.78
N SER D 70 31.71 15.42 30.68
CA SER D 70 30.72 16.48 30.72
C SER D 70 29.34 15.91 31.05
N ASP D 71 28.56 16.67 31.82
CA ASP D 71 27.17 16.30 32.07
C ASP D 71 26.24 16.80 30.98
N LYS D 72 26.51 18.00 30.45
CA LYS D 72 25.71 18.60 29.40
C LYS D 72 26.58 18.87 28.19
N GLY D 73 26.02 18.69 27.00
CA GLY D 73 26.69 18.99 25.75
C GLY D 73 26.35 20.33 25.15
N SER D 74 25.52 21.13 25.83
CA SER D 74 25.15 22.44 25.33
C SER D 74 26.28 23.44 25.56
N GLY D 75 26.04 24.69 25.19
CA GLY D 75 27.06 25.71 25.36
C GLY D 75 28.14 25.56 24.30
N ASP D 76 29.39 25.55 24.75
CA ASP D 76 30.51 25.44 23.82
C ASP D 76 30.77 23.97 23.50
N SER D 77 30.82 23.65 22.21
CA SER D 77 31.13 22.27 21.80
C SER D 77 32.55 21.90 22.19
N SER D 78 33.45 22.89 22.25
CA SER D 78 34.82 22.61 22.66
C SER D 78 34.88 22.12 24.10
N GLN D 79 33.98 22.60 24.96
CA GLN D 79 33.95 22.21 26.36
C GLN D 79 33.31 20.84 26.60
N VAL D 80 32.91 20.13 25.56
CA VAL D 80 32.26 18.83 25.69
C VAL D 80 33.32 17.75 25.75
N THR D 81 33.21 16.87 26.75
CA THR D 81 34.13 15.75 26.93
C THR D 81 33.31 14.48 27.06
N GLN D 82 33.42 13.60 26.07
CA GLN D 82 32.69 12.34 26.06
C GLN D 82 33.55 11.14 26.42
N VAL D 83 34.87 11.26 26.31
CA VAL D 83 35.79 10.15 26.55
C VAL D 83 36.77 10.56 27.65
N SER D 84 37.06 9.62 28.55
CA SER D 84 38.01 9.85 29.63
C SER D 84 38.75 8.55 29.91
N PRO D 85 40.10 8.57 30.01
CA PRO D 85 40.93 9.76 29.81
C PRO D 85 41.14 10.09 28.32
N GLN D 86 41.84 11.19 28.06
CA GLN D 86 42.10 11.63 26.68
C GLN D 86 43.52 11.37 26.22
N ARG D 87 44.44 11.02 27.14
CA ARG D 87 45.82 10.73 26.77
C ARG D 87 46.55 9.99 27.90
N ILE D 88 47.19 8.86 27.59
CA ILE D 88 47.95 8.10 28.57
C ILE D 88 49.30 7.73 27.97
N ALA D 89 50.30 7.61 28.84
CA ALA D 89 51.64 7.22 28.44
C ALA D 89 51.86 5.76 28.84
N LEU D 90 51.98 4.88 27.85
CA LEU D 90 52.11 3.45 28.06
C LEU D 90 53.56 3.04 27.86
N ARG D 91 54.18 2.48 28.90
CA ARG D 91 55.53 1.96 28.82
C ARG D 91 55.48 0.43 28.86
N LEU D 92 56.24 -0.20 27.96
CA LEU D 92 56.23 -1.65 27.84
C LEU D 92 57.64 -2.15 27.57
N ARG D 93 58.08 -3.13 28.35
CA ARG D 93 59.30 -3.84 28.05
C ARG D 93 58.99 -5.08 27.21
N PRO D 94 59.99 -5.66 26.53
CA PRO D 94 59.70 -6.72 25.55
C PRO D 94 58.84 -7.84 26.10
N ASP D 95 57.87 -8.27 25.28
CA ASP D 95 57.00 -9.42 25.55
C ASP D 95 56.19 -9.26 26.83
N ASP D 96 56.04 -8.03 27.32
CA ASP D 96 55.27 -7.76 28.52
C ASP D 96 53.91 -7.16 28.12
N SER D 97 53.08 -6.91 29.13
CA SER D 97 51.76 -6.33 28.89
C SER D 97 51.33 -5.53 30.12
N LYS D 98 50.73 -4.37 29.86
CA LYS D 98 50.16 -3.52 30.90
C LYS D 98 48.71 -3.24 30.55
N ASN D 99 47.92 -2.91 31.57
CA ASN D 99 46.48 -2.73 31.39
C ASN D 99 46.02 -1.36 31.87
N PHE D 100 45.11 -0.76 31.10
CA PHE D 100 44.57 0.57 31.37
C PHE D 100 43.06 0.54 31.16
N SER D 101 42.42 1.68 31.38
CA SER D 101 40.97 1.77 31.30
C SER D 101 40.56 3.03 30.55
N ILE D 102 39.30 3.05 30.11
CA ILE D 102 38.73 4.17 29.38
C ILE D 102 37.26 4.28 29.73
N GLN D 103 36.76 5.52 29.77
CA GLN D 103 35.36 5.79 30.07
C GLN D 103 34.73 6.54 28.90
N VAL D 104 33.56 6.07 28.45
CA VAL D 104 32.80 6.70 27.39
C VAL D 104 31.40 7.00 27.90
N ARG D 105 30.87 8.15 27.53
CA ARG D 105 29.55 8.58 27.99
C ARG D 105 28.77 9.17 26.83
N GLN D 106 27.50 8.77 26.72
CA GLN D 106 26.55 9.44 25.81
C GLN D 106 26.06 10.69 26.51
N VAL D 107 26.75 11.81 26.23
CA VAL D 107 26.49 13.05 26.94
C VAL D 107 25.07 13.54 26.68
N GLU D 108 24.45 14.11 27.71
CA GLU D 108 23.10 14.64 27.62
C GLU D 108 23.09 16.01 26.96
N ASP D 109 22.01 16.29 26.23
CA ASP D 109 21.79 17.60 25.60
C ASP D 109 22.89 17.93 24.59
N TYR D 110 23.13 16.98 23.67
CA TYR D 110 24.10 17.16 22.60
C TYR D 110 23.40 17.69 21.34
N PRO D 111 24.04 18.59 20.60
CA PRO D 111 23.40 19.15 19.40
C PRO D 111 23.06 18.06 18.38
N VAL D 112 22.05 18.34 17.57
CA VAL D 112 21.53 17.38 16.59
C VAL D 112 21.31 18.10 15.26
N ASP D 113 21.66 17.43 14.16
CA ASP D 113 21.33 17.86 12.81
C ASP D 113 20.45 16.81 12.16
N ILE D 114 19.36 17.25 11.52
CA ILE D 114 18.42 16.35 10.88
C ILE D 114 18.14 16.90 9.48
N TYR D 115 18.57 16.18 8.45
CA TYR D 115 18.28 16.52 7.07
C TYR D 115 17.25 15.55 6.52
N TYR D 116 16.09 16.08 6.14
CA TYR D 116 14.98 15.25 5.64
C TYR D 116 15.16 15.06 4.15
N LEU D 117 15.64 13.88 3.75
CA LEU D 117 15.80 13.51 2.35
C LEU D 117 14.61 12.66 1.95
N MET D 118 13.77 13.18 1.06
CA MET D 118 12.45 12.62 0.80
C MET D 118 12.29 12.21 -0.65
N ASP D 119 11.80 10.99 -0.86
CA ASP D 119 11.33 10.59 -2.18
C ASP D 119 10.12 11.43 -2.55
N LEU D 120 10.19 12.07 -3.72
CA LEU D 120 9.08 12.87 -4.23
C LEU D 120 8.60 12.34 -5.58
N SER D 121 8.62 11.03 -5.75
CA SER D 121 7.92 10.42 -6.88
C SER D 121 6.41 10.55 -6.66
N TYR D 122 5.63 10.08 -7.63
CA TYR D 122 4.21 10.39 -7.62
C TYR D 122 3.49 9.76 -6.44
N SER D 123 3.91 8.57 -6.01
CA SER D 123 3.24 7.88 -4.91
C SER D 123 3.51 8.53 -3.56
N MET D 124 4.33 9.58 -3.50
CA MET D 124 4.60 10.30 -2.26
C MET D 124 3.83 11.62 -2.20
N LYS D 125 2.81 11.79 -3.05
CA LYS D 125 2.00 12.99 -3.03
C LYS D 125 1.22 13.11 -1.72
N ASP D 126 0.65 11.99 -1.26
CA ASP D 126 -0.06 11.99 0.01
C ASP D 126 0.89 12.17 1.19
N ASP D 127 2.14 11.75 1.02
CA ASP D 127 3.13 11.94 2.08
C ASP D 127 3.49 13.41 2.28
N LEU D 128 3.23 14.26 1.28
CA LEU D 128 3.52 15.68 1.43
C LEU D 128 2.48 16.36 2.32
N TRP D 129 1.23 15.89 2.26
CA TRP D 129 0.17 16.50 3.08
C TRP D 129 0.48 16.36 4.56
N SER D 130 1.09 15.25 4.97
CA SER D 130 1.29 14.98 6.37
C SER D 130 2.39 15.86 6.97
N ILE D 131 3.46 16.11 6.22
CA ILE D 131 4.65 16.74 6.78
C ILE D 131 4.66 18.23 6.51
N GLN D 132 3.47 18.80 6.30
CA GLN D 132 3.36 20.23 6.07
C GLN D 132 3.91 21.02 7.25
N ASN D 133 3.51 20.64 8.47
CA ASN D 133 3.98 21.28 9.69
C ASN D 133 4.91 20.37 10.47
N LEU D 134 5.70 19.54 9.78
CA LEU D 134 6.58 18.61 10.45
C LEU D 134 7.69 19.34 11.22
N GLY D 135 8.17 20.45 10.66
CA GLY D 135 9.24 21.19 11.33
C GLY D 135 8.81 21.69 12.70
N THR D 136 7.57 22.13 12.84
CA THR D 136 7.07 22.57 14.13
C THR D 136 6.90 21.39 15.08
N LYS D 137 6.23 20.33 14.62
CA LYS D 137 5.97 19.18 15.47
C LYS D 137 7.25 18.47 15.86
N LEU D 138 8.22 18.40 14.95
CA LEU D 138 9.48 17.73 15.25
C LEU D 138 10.33 18.54 16.22
N ALA D 139 10.31 19.87 16.07
CA ALA D 139 11.09 20.72 16.96
C ALA D 139 10.61 20.61 18.40
N THR D 140 9.29 20.45 18.59
CA THR D 140 8.75 20.32 19.94
C THR D 140 9.26 19.05 20.60
N GLN D 141 9.25 17.94 19.88
CA GLN D 141 9.66 16.66 20.46
C GLN D 141 11.18 16.60 20.62
N MET D 142 11.92 17.17 19.67
CA MET D 142 13.38 17.09 19.74
C MET D 142 13.93 18.02 20.82
N ARG D 143 13.24 19.13 21.11
CA ARG D 143 13.72 20.02 22.16
C ARG D 143 13.58 19.42 23.55
N LYS D 144 12.92 18.28 23.69
CA LYS D 144 12.96 17.54 24.95
C LYS D 144 14.31 16.87 25.15
N LEU D 145 15.03 16.59 24.06
CA LEU D 145 16.31 15.89 24.11
C LEU D 145 17.51 16.78 23.89
N THR D 146 17.38 17.84 23.08
CA THR D 146 18.52 18.69 22.76
C THR D 146 18.07 20.15 22.74
N SER D 147 18.99 21.04 23.11
CA SER D 147 18.76 22.47 23.01
C SER D 147 19.14 23.01 21.64
N ASN D 148 20.16 22.44 21.01
CA ASN D 148 20.67 22.90 19.72
C ASN D 148 20.22 21.91 18.64
N LEU D 149 19.16 22.27 17.92
CA LEU D 149 18.63 21.47 16.84
C LEU D 149 18.62 22.29 15.56
N ARG D 150 19.12 21.69 14.46
CA ARG D 150 19.03 22.28 13.14
C ARG D 150 18.43 21.25 12.18
N ILE D 151 17.63 21.72 11.24
CA ILE D 151 16.93 20.84 10.31
C ILE D 151 17.03 21.40 8.90
N GLY D 152 17.01 20.49 7.92
CA GLY D 152 17.03 20.85 6.52
C GLY D 152 16.15 19.91 5.72
N PHE D 153 16.07 20.16 4.41
CA PHE D 153 15.19 19.38 3.56
C PHE D 153 15.80 19.19 2.18
N GLY D 154 15.57 18.01 1.61
CA GLY D 154 15.97 17.71 0.25
C GLY D 154 15.05 16.66 -0.33
N ALA D 155 15.04 16.57 -1.65
CA ALA D 155 14.11 15.69 -2.35
C ALA D 155 14.78 15.06 -3.56
N PHE D 156 14.32 13.86 -3.92
CA PHE D 156 14.83 13.13 -5.07
C PHE D 156 13.69 12.43 -5.78
N VAL D 157 13.91 12.11 -7.06
CA VAL D 157 12.99 11.29 -7.84
C VAL D 157 13.79 10.17 -8.49
N ASP D 158 14.43 10.46 -9.61
CA ASP D 158 15.22 9.49 -10.36
C ASP D 158 16.01 10.27 -11.41
N LYS D 159 16.85 9.55 -12.16
CA LYS D 159 17.69 10.20 -13.16
C LYS D 159 16.83 10.75 -14.30
N PRO D 160 16.87 12.05 -14.56
CA PRO D 160 16.02 12.62 -15.62
C PRO D 160 16.49 12.27 -17.02
N VAL D 161 16.33 11.00 -17.42
CA VAL D 161 16.73 10.54 -18.75
C VAL D 161 15.96 9.28 -19.05
N SER D 162 15.63 9.08 -20.33
CA SER D 162 14.99 7.85 -20.76
C SER D 162 15.88 6.65 -20.42
N PRO D 163 15.28 5.50 -20.09
CA PRO D 163 13.84 5.20 -20.03
C PRO D 163 13.18 5.51 -18.69
N TYR D 164 13.95 6.06 -17.75
CA TYR D 164 13.36 6.47 -16.47
C TYR D 164 12.36 7.60 -16.67
N MET D 165 12.65 8.51 -17.59
CA MET D 165 11.85 9.70 -17.81
C MET D 165 10.98 9.55 -19.05
N TYR D 166 9.72 9.98 -18.94
CA TYR D 166 8.86 10.06 -20.10
C TYR D 166 9.30 11.23 -20.98
N ILE D 167 9.35 10.99 -22.29
CA ILE D 167 9.95 11.96 -23.21
C ILE D 167 9.05 12.25 -24.39
N SER D 168 7.74 11.97 -24.26
CA SER D 168 6.83 12.22 -25.38
C SER D 168 5.40 12.28 -24.87
N PRO D 169 4.58 13.22 -25.37
CA PRO D 169 4.88 14.34 -26.26
C PRO D 169 5.67 15.44 -25.52
N PRO D 170 6.03 16.54 -26.21
CA PRO D 170 6.74 17.64 -25.53
C PRO D 170 6.04 18.12 -24.25
N GLU D 171 4.72 17.92 -24.18
CA GLU D 171 3.99 18.28 -22.97
C GLU D 171 4.45 17.47 -21.77
N ALA D 172 4.91 16.23 -22.00
CA ALA D 172 5.33 15.38 -20.90
C ALA D 172 6.63 15.85 -20.26
N LEU D 173 7.43 16.64 -20.97
CA LEU D 173 8.69 17.13 -20.40
C LEU D 173 8.46 18.29 -19.46
N GLU D 174 7.49 19.14 -19.76
CA GLU D 174 7.13 20.23 -18.85
C GLU D 174 6.13 19.77 -17.80
N ASN D 175 5.41 18.69 -18.05
CA ASN D 175 4.41 18.18 -17.11
C ASN D 175 4.31 16.67 -17.31
N PRO D 176 5.06 15.88 -16.54
CA PRO D 176 4.97 14.42 -16.67
C PRO D 176 3.59 13.87 -16.43
N CYS D 177 2.72 14.62 -15.75
CA CYS D 177 1.33 14.22 -15.50
C CYS D 177 0.38 14.81 -16.52
N TYR D 178 0.77 14.81 -17.80
CA TYR D 178 -0.09 15.40 -18.84
C TYR D 178 -1.25 14.48 -19.18
N ASP D 179 -1.01 13.18 -19.32
CA ASP D 179 -2.06 12.24 -19.70
C ASP D 179 -3.05 11.99 -18.58
N MET D 180 -2.69 12.36 -17.36
CA MET D 180 -3.60 12.36 -16.22
C MET D 180 -4.15 13.76 -16.03
N LYS D 181 -5.44 13.86 -15.71
CA LYS D 181 -6.09 15.16 -15.58
C LYS D 181 -5.53 15.94 -14.39
N THR D 182 -4.23 16.22 -14.41
CA THR D 182 -3.57 16.88 -13.29
C THR D 182 -2.27 17.50 -13.80
N THR D 183 -1.40 17.89 -12.86
CA THR D 183 -0.14 18.54 -13.17
C THR D 183 0.87 18.22 -12.08
N CYS D 184 2.11 17.93 -12.50
CA CYS D 184 3.20 17.68 -11.57
C CYS D 184 4.48 18.29 -12.10
N LEU D 185 5.49 18.35 -11.23
CA LEU D 185 6.75 19.02 -11.56
C LEU D 185 7.50 18.26 -12.65
N PRO D 186 8.30 18.98 -13.45
CA PRO D 186 9.25 18.30 -14.34
C PRO D 186 10.23 17.45 -13.53
N MET D 187 10.68 16.36 -14.14
CA MET D 187 11.47 15.38 -13.41
C MET D 187 12.83 15.95 -13.02
N PHE D 188 13.30 15.57 -11.84
CA PHE D 188 14.59 16.02 -11.33
C PHE D 188 15.26 14.88 -10.58
N GLY D 189 16.58 14.87 -10.60
CA GLY D 189 17.34 13.84 -9.92
C GLY D 189 17.40 14.02 -8.41
N TYR D 190 18.06 15.09 -7.97
CA TYR D 190 18.12 15.45 -6.57
C TYR D 190 18.31 16.95 -6.46
N LYS D 191 17.49 17.60 -5.64
CA LYS D 191 17.60 19.04 -5.44
C LYS D 191 17.64 19.35 -3.95
N HIS D 192 18.58 20.20 -3.56
CA HIS D 192 18.65 20.70 -2.19
C HIS D 192 17.67 21.85 -2.03
N VAL D 193 16.88 21.80 -0.96
CA VAL D 193 15.81 22.77 -0.73
C VAL D 193 16.17 23.75 0.38
N LEU D 194 16.54 23.22 1.55
CA LEU D 194 16.76 24.05 2.73
C LEU D 194 18.01 23.57 3.46
N THR D 195 18.95 24.47 3.66
CA THR D 195 20.13 24.18 4.46
C THR D 195 19.74 24.01 5.93
N LEU D 196 20.50 23.18 6.64
CA LEU D 196 20.27 22.96 8.07
C LEU D 196 20.24 24.28 8.82
N THR D 197 19.16 24.51 9.56
CA THR D 197 18.95 25.77 10.26
C THR D 197 18.14 25.50 11.53
N ASP D 198 18.34 26.38 12.52
CA ASP D 198 17.58 26.30 13.76
C ASP D 198 16.22 26.97 13.69
N GLN D 199 16.01 27.85 12.71
CA GLN D 199 14.70 28.46 12.49
C GLN D 199 13.80 27.43 11.82
N VAL D 200 13.11 26.64 12.64
CA VAL D 200 12.32 25.52 12.15
C VAL D 200 11.09 25.96 11.37
N THR D 201 10.76 27.25 11.38
CA THR D 201 9.68 27.73 10.53
C THR D 201 10.06 27.68 9.06
N ARG D 202 11.36 27.82 8.75
CA ARG D 202 11.82 27.73 7.37
C ARG D 202 11.54 26.35 6.78
N PHE D 203 11.48 25.32 7.63
CA PHE D 203 11.18 23.97 7.15
C PHE D 203 9.75 23.88 6.62
N ASN D 204 8.79 24.34 7.42
CA ASN D 204 7.39 24.26 7.00
C ASN D 204 7.12 25.13 5.79
N GLU D 205 7.75 26.31 5.72
CA GLU D 205 7.54 27.21 4.58
C GLU D 205 8.01 26.56 3.28
N GLU D 206 9.17 25.91 3.30
CA GLU D 206 9.71 25.31 2.08
C GLU D 206 8.96 24.04 1.71
N VAL D 207 8.57 23.23 2.70
CA VAL D 207 7.85 21.99 2.42
C VAL D 207 6.49 22.30 1.78
N LYS D 208 5.84 23.38 2.21
CA LYS D 208 4.57 23.77 1.62
C LYS D 208 4.70 24.19 0.16
N LYS D 209 5.90 24.49 -0.30
CA LYS D 209 6.14 24.90 -1.68
C LYS D 209 6.69 23.77 -2.54
N GLN D 210 6.52 22.52 -2.11
CA GLN D 210 7.03 21.36 -2.83
C GLN D 210 5.89 20.56 -3.43
N SER D 211 6.19 19.86 -4.52
CA SER D 211 5.24 18.97 -5.17
C SER D 211 6.01 17.81 -5.78
N VAL D 212 5.27 16.77 -6.16
CA VAL D 212 5.88 15.54 -6.64
C VAL D 212 6.11 15.62 -8.15
N SER D 213 6.85 14.66 -8.69
CA SER D 213 7.02 14.44 -10.10
C SER D 213 6.61 13.01 -10.43
N ARG D 214 6.95 12.55 -11.63
CA ARG D 214 6.52 11.24 -12.09
C ARG D 214 7.57 10.64 -13.00
N ASN D 215 7.96 9.39 -12.71
CA ASN D 215 8.88 8.64 -13.55
C ASN D 215 8.28 7.27 -13.84
N ARG D 216 8.97 6.50 -14.68
CA ARG D 216 8.39 5.30 -15.26
C ARG D 216 8.63 4.04 -14.43
N ASP D 217 9.86 3.82 -13.97
CA ASP D 217 10.24 2.56 -13.34
C ASP D 217 10.26 2.69 -11.82
N ALA D 218 9.81 1.63 -11.15
CA ALA D 218 9.64 1.65 -9.70
C ALA D 218 10.91 1.99 -8.93
N PRO D 219 12.08 1.39 -9.21
CA PRO D 219 13.27 1.79 -8.46
C PRO D 219 13.62 3.24 -8.73
N GLU D 220 14.10 3.91 -7.69
CA GLU D 220 14.38 5.34 -7.76
C GLU D 220 15.84 5.60 -7.44
N GLY D 221 16.27 6.83 -7.75
CA GLY D 221 17.65 7.22 -7.57
C GLY D 221 17.91 7.92 -6.24
N GLY D 222 17.43 7.32 -5.15
CA GLY D 222 17.66 7.90 -3.84
C GLY D 222 19.09 7.77 -3.36
N PHE D 223 19.81 6.76 -3.84
CA PHE D 223 21.21 6.60 -3.46
C PHE D 223 22.07 7.69 -4.07
N ASP D 224 21.70 8.20 -5.24
CA ASP D 224 22.32 9.40 -5.77
C ASP D 224 22.15 10.57 -4.81
N ALA D 225 20.96 10.70 -4.21
CA ALA D 225 20.70 11.79 -3.29
C ALA D 225 21.46 11.61 -1.98
N ILE D 226 21.48 10.38 -1.46
CA ILE D 226 22.19 10.10 -0.21
C ILE D 226 23.66 10.49 -0.34
N MET D 227 24.27 10.16 -1.47
CA MET D 227 25.69 10.49 -1.69
C MET D 227 25.90 12.00 -1.66
N GLN D 228 25.06 12.75 -2.38
CA GLN D 228 25.22 14.19 -2.43
C GLN D 228 24.93 14.84 -1.07
N ALA D 229 23.88 14.37 -0.39
CA ALA D 229 23.57 14.90 0.94
C ALA D 229 24.68 14.61 1.94
N THR D 230 25.52 13.62 1.68
CA THR D 230 26.62 13.26 2.57
C THR D 230 27.89 14.06 2.26
N VAL D 231 28.27 14.15 0.99
CA VAL D 231 29.55 14.73 0.62
C VAL D 231 29.50 16.25 0.42
N CYS D 232 28.32 16.82 0.16
CA CYS D 232 28.21 18.27 -0.01
C CYS D 232 28.04 18.90 1.36
N ASP D 233 29.18 19.08 2.05
CA ASP D 233 29.16 19.61 3.41
C ASP D 233 28.60 21.03 3.45
N GLU D 234 29.16 21.92 2.64
CA GLU D 234 28.82 23.34 2.73
C GLU D 234 27.34 23.61 2.45
N LYS D 235 26.72 22.86 1.53
CA LYS D 235 25.33 23.13 1.19
C LYS D 235 24.35 22.52 2.20
N ILE D 236 24.55 21.26 2.56
CA ILE D 236 23.69 20.65 3.58
C ILE D 236 23.93 21.33 4.92
N GLY D 237 25.18 21.65 5.24
CA GLY D 237 25.48 22.42 6.43
C GLY D 237 25.58 21.61 7.70
N TRP D 238 26.12 20.40 7.63
CA TRP D 238 26.34 19.60 8.83
C TRP D 238 27.31 20.32 9.76
N ARG D 239 26.97 20.34 11.04
CA ARG D 239 27.83 20.97 12.03
C ARG D 239 28.88 19.98 12.53
N ASN D 240 30.06 20.52 12.84
CA ASN D 240 31.20 19.66 13.20
C ASN D 240 30.91 18.86 14.46
N ASP D 241 30.34 19.49 15.48
CA ASP D 241 30.13 18.85 16.78
C ASP D 241 28.63 18.68 17.01
N ALA D 242 28.05 17.70 16.31
CA ALA D 242 26.63 17.41 16.46
C ALA D 242 26.35 16.03 15.87
N SER D 243 25.23 15.45 16.30
CA SER D 243 24.76 14.21 15.69
C SER D 243 24.17 14.50 14.32
N HIS D 244 24.51 13.68 13.35
CA HIS D 244 24.11 13.87 11.96
C HIS D 244 23.12 12.78 11.58
N LEU D 245 21.86 13.17 11.39
CA LEU D 245 20.79 12.25 11.04
C LEU D 245 20.33 12.54 9.62
N LEU D 246 20.56 11.61 8.70
CA LEU D 246 20.05 11.70 7.34
C LEU D 246 18.83 10.80 7.24
N VAL D 247 17.64 11.41 7.23
CA VAL D 247 16.39 10.66 7.20
C VAL D 247 15.97 10.46 5.75
N PHE D 248 15.89 9.20 5.34
CA PHE D 248 15.67 8.80 3.95
C PHE D 248 14.32 8.11 3.85
N THR D 249 13.33 8.82 3.33
CA THR D 249 11.96 8.33 3.23
C THR D 249 11.64 7.97 1.79
N THR D 250 11.18 6.73 1.58
CA THR D 250 10.77 6.27 0.26
C THR D 250 9.81 5.10 0.44
N ASP D 251 9.16 4.72 -0.65
CA ASP D 251 8.19 3.62 -0.63
C ASP D 251 8.41 2.61 -1.73
N ALA D 252 9.60 2.61 -2.35
CA ALA D 252 9.86 1.75 -3.49
C ALA D 252 11.31 1.25 -3.43
N LYS D 253 11.68 0.45 -4.43
CA LYS D 253 13.05 -0.04 -4.57
C LYS D 253 14.02 1.11 -4.79
N THR D 254 15.30 0.78 -4.93
CA THR D 254 16.33 1.78 -5.18
C THR D 254 17.25 1.30 -6.28
N HIS D 255 17.70 2.23 -7.12
CA HIS D 255 18.70 1.92 -8.12
C HIS D 255 20.08 1.82 -7.47
N ILE D 256 20.88 0.88 -7.96
CA ILE D 256 22.22 0.65 -7.44
C ILE D 256 23.22 0.87 -8.57
N ALA D 257 24.50 0.82 -8.21
CA ALA D 257 25.56 0.97 -9.19
C ALA D 257 25.44 -0.11 -10.26
N LEU D 258 25.75 0.27 -11.50
CA LEU D 258 25.67 -0.50 -12.74
C LEU D 258 24.25 -0.57 -13.31
N ASP D 259 23.23 -0.08 -12.59
CA ASP D 259 21.91 0.04 -13.19
C ASP D 259 21.89 1.11 -14.26
N GLY D 260 22.70 2.15 -14.11
CA GLY D 260 22.70 3.30 -15.02
C GLY D 260 23.00 2.96 -16.47
N ARG D 261 23.52 1.76 -16.75
CA ARG D 261 23.82 1.39 -18.12
C ARG D 261 22.57 1.34 -19.00
N LEU D 262 21.39 1.15 -18.41
CA LEU D 262 20.16 1.15 -19.18
C LEU D 262 19.80 2.53 -19.72
N ALA D 263 20.43 3.59 -19.21
CA ALA D 263 20.27 4.93 -19.77
C ALA D 263 21.51 5.37 -20.55
N GLY D 264 22.46 4.47 -20.76
CA GLY D 264 23.72 4.81 -21.37
C GLY D 264 24.77 5.34 -20.41
N ILE D 265 24.55 5.21 -19.11
CA ILE D 265 25.46 5.74 -18.11
C ILE D 265 26.42 4.64 -17.68
N VAL D 266 27.72 4.88 -17.87
CA VAL D 266 28.73 3.91 -17.51
C VAL D 266 29.78 4.46 -16.55
N GLN D 267 29.93 5.78 -16.46
CA GLN D 267 30.95 6.37 -15.60
C GLN D 267 30.67 6.05 -14.14
N PRO D 268 31.61 5.42 -13.42
CA PRO D 268 31.38 5.11 -12.01
C PRO D 268 31.17 6.37 -11.18
N ASN D 269 30.48 6.21 -10.05
CA ASN D 269 30.25 7.31 -9.14
C ASN D 269 31.56 7.70 -8.46
N ASP D 270 31.88 8.99 -8.47
CA ASP D 270 33.16 9.48 -7.99
C ASP D 270 33.12 9.92 -6.52
N GLY D 271 31.96 9.86 -5.88
CA GLY D 271 31.85 10.27 -4.49
C GLY D 271 32.18 11.71 -4.22
N GLN D 272 32.06 12.58 -5.22
CA GLN D 272 32.31 14.01 -5.08
C GLN D 272 31.00 14.79 -5.22
N CYS D 273 31.03 16.03 -4.76
CA CYS D 273 29.83 16.87 -4.80
C CYS D 273 29.69 17.52 -6.17
N HIS D 274 28.45 17.57 -6.66
CA HIS D 274 28.14 18.12 -7.98
C HIS D 274 26.84 18.92 -7.93
N VAL D 275 26.60 19.59 -6.79
CA VAL D 275 25.42 20.42 -6.62
C VAL D 275 25.88 21.87 -6.67
N GLY D 276 25.50 22.58 -7.72
CA GLY D 276 25.89 23.95 -7.93
C GLY D 276 24.91 24.96 -7.36
N SER D 277 25.05 26.21 -7.80
CA SER D 277 24.21 27.29 -7.30
C SER D 277 22.72 27.00 -7.50
N ASP D 278 22.37 26.31 -8.59
CA ASP D 278 20.97 25.95 -8.84
C ASP D 278 20.45 24.89 -7.89
N ASN D 279 21.29 24.38 -6.99
CA ASN D 279 20.89 23.43 -5.95
C ASN D 279 20.39 22.10 -6.51
N HIS D 280 20.68 21.80 -7.77
CA HIS D 280 20.32 20.53 -8.37
C HIS D 280 21.57 19.68 -8.59
N TYR D 281 21.35 18.37 -8.67
CA TYR D 281 22.44 17.41 -8.91
C TYR D 281 22.73 17.38 -10.40
N SER D 282 23.82 18.05 -10.80
CA SER D 282 24.12 18.26 -12.21
C SER D 282 24.67 17.03 -12.91
N ALA D 283 25.28 16.10 -12.16
CA ALA D 283 25.84 14.88 -12.74
C ALA D 283 24.85 13.72 -12.75
N SER D 284 23.55 14.02 -12.69
CA SER D 284 22.55 12.96 -12.61
C SER D 284 22.45 12.16 -13.91
N THR D 285 22.67 12.81 -15.05
CA THR D 285 22.53 12.17 -16.34
C THR D 285 23.88 11.81 -16.97
N THR D 286 24.97 11.91 -16.20
CA THR D 286 26.30 11.57 -16.71
C THR D 286 27.08 10.63 -15.82
N MET D 287 26.61 10.34 -14.60
CA MET D 287 27.34 9.53 -13.64
C MET D 287 26.42 8.47 -13.06
N ASP D 288 26.96 7.27 -12.87
CA ASP D 288 26.17 6.13 -12.42
C ASP D 288 25.81 6.27 -10.94
N TYR D 289 24.85 5.47 -10.51
CA TYR D 289 24.47 5.42 -9.11
C TYR D 289 25.65 4.91 -8.27
N PRO D 290 25.75 5.33 -7.02
CA PRO D 290 26.86 4.86 -6.19
C PRO D 290 26.66 3.42 -5.74
N SER D 291 27.77 2.79 -5.37
CA SER D 291 27.75 1.44 -4.84
C SER D 291 27.66 1.47 -3.31
N LEU D 292 27.35 0.31 -2.73
CA LEU D 292 27.15 0.24 -1.29
C LEU D 292 28.44 0.54 -0.53
N GLY D 293 29.58 0.08 -1.04
CA GLY D 293 30.84 0.36 -0.38
C GLY D 293 31.21 1.83 -0.43
N LEU D 294 30.96 2.49 -1.56
CA LEU D 294 31.26 3.92 -1.66
C LEU D 294 30.36 4.73 -0.74
N MET D 295 29.09 4.35 -0.62
CA MET D 295 28.20 5.02 0.32
C MET D 295 28.66 4.80 1.75
N THR D 296 29.03 3.56 2.09
CA THR D 296 29.55 3.26 3.42
C THR D 296 30.79 4.10 3.72
N GLU D 297 31.67 4.26 2.72
CA GLU D 297 32.89 5.04 2.92
C GLU D 297 32.57 6.50 3.23
N LYS D 298 31.66 7.10 2.47
CA LYS D 298 31.38 8.52 2.64
C LYS D 298 30.58 8.79 3.90
N LEU D 299 29.59 7.93 4.20
CA LEU D 299 28.82 8.09 5.43
C LEU D 299 29.70 8.00 6.66
N SER D 300 30.75 7.16 6.61
CA SER D 300 31.68 7.05 7.73
C SER D 300 32.64 8.22 7.77
N GLN D 301 33.07 8.70 6.61
CA GLN D 301 33.99 9.84 6.55
C GLN D 301 33.33 11.11 7.09
N LYS D 302 32.05 11.29 6.83
CA LYS D 302 31.32 12.47 7.26
C LYS D 302 30.55 12.26 8.55
N ASN D 303 30.62 11.08 9.14
CA ASN D 303 29.90 10.73 10.36
C ASN D 303 28.41 11.00 10.22
N ILE D 304 27.79 10.30 9.28
CA ILE D 304 26.37 10.43 8.98
C ILE D 304 25.66 9.17 9.44
N ASN D 305 24.55 9.35 10.15
CA ASN D 305 23.71 8.24 10.60
C ASN D 305 22.53 8.13 9.63
N LEU D 306 22.69 7.28 8.62
CA LEU D 306 21.64 7.09 7.62
C LEU D 306 20.49 6.30 8.22
N ILE D 307 19.28 6.84 8.12
CA ILE D 307 18.08 6.21 8.66
C ILE D 307 17.17 5.88 7.50
N PHE D 308 16.96 4.58 7.25
CA PHE D 308 16.07 4.12 6.19
C PHE D 308 14.64 4.13 6.73
N ALA D 309 13.88 5.14 6.32
CA ALA D 309 12.47 5.27 6.72
C ALA D 309 11.62 4.83 5.53
N VAL D 310 11.37 3.52 5.45
CA VAL D 310 10.73 2.92 4.28
C VAL D 310 9.40 2.30 4.69
N THR D 311 8.59 1.99 3.68
CA THR D 311 7.28 1.40 3.89
C THR D 311 7.38 -0.12 4.00
N GLU D 312 6.25 -0.74 4.36
CA GLU D 312 6.25 -2.15 4.73
C GLU D 312 6.68 -3.05 3.58
N ASN D 313 6.30 -2.70 2.35
CA ASN D 313 6.61 -3.55 1.20
C ASN D 313 8.11 -3.64 0.91
N VAL D 314 8.93 -2.77 1.50
CA VAL D 314 10.35 -2.76 1.20
C VAL D 314 11.18 -2.72 2.49
N VAL D 315 10.56 -3.09 3.61
CA VAL D 315 11.30 -3.12 4.88
C VAL D 315 12.40 -4.17 4.82
N ASN D 316 12.07 -5.36 4.32
CA ASN D 316 13.07 -6.41 4.21
C ASN D 316 14.21 -6.01 3.30
N LEU D 317 13.90 -5.30 2.21
CA LEU D 317 14.94 -4.84 1.28
C LEU D 317 15.94 -3.94 1.99
N TYR D 318 15.45 -2.86 2.59
CA TYR D 318 16.36 -1.89 3.21
C TYR D 318 16.90 -2.38 4.54
N GLN D 319 16.30 -3.41 5.14
CA GLN D 319 16.91 -4.03 6.31
C GLN D 319 18.13 -4.84 5.92
N ASN D 320 18.05 -5.55 4.79
CA ASN D 320 19.20 -6.33 4.32
C ASN D 320 20.32 -5.43 3.85
N TYR D 321 19.99 -4.30 3.23
CA TYR D 321 21.01 -3.31 2.91
C TYR D 321 21.67 -2.76 4.16
N SER D 322 20.88 -2.57 5.22
CA SER D 322 21.41 -2.02 6.46
C SER D 322 22.46 -2.92 7.08
N GLU D 323 22.41 -4.22 6.80
CA GLU D 323 23.46 -5.11 7.29
C GLU D 323 24.75 -4.94 6.49
N LEU D 324 24.63 -4.56 5.21
CA LEU D 324 25.80 -4.30 4.39
C LEU D 324 26.38 -2.92 4.60
N ILE D 325 25.62 -2.01 5.22
CA ILE D 325 26.11 -0.68 5.56
C ILE D 325 26.04 -0.53 7.08
N PRO D 326 27.06 -0.97 7.82
CA PRO D 326 26.98 -0.92 9.28
C PRO D 326 26.81 0.51 9.79
N GLY D 327 25.98 0.64 10.82
CA GLY D 327 25.67 1.94 11.40
C GLY D 327 24.32 2.50 11.00
N THR D 328 23.69 1.95 9.97
CA THR D 328 22.41 2.46 9.50
C THR D 328 21.26 1.92 10.36
N THR D 329 20.14 2.64 10.31
CA THR D 329 18.95 2.31 11.09
C THR D 329 17.76 2.24 10.16
N VAL D 330 16.86 1.28 10.42
CA VAL D 330 15.68 1.06 9.60
C VAL D 330 14.44 1.28 10.46
N GLY D 331 13.44 1.93 9.88
CA GLY D 331 12.16 2.14 10.56
C GLY D 331 11.03 2.08 9.56
N VAL D 332 9.89 1.57 10.02
CA VAL D 332 8.74 1.34 9.14
C VAL D 332 7.98 2.65 8.98
N LEU D 333 7.84 3.11 7.74
CA LEU D 333 7.15 4.34 7.41
C LEU D 333 5.74 4.04 6.90
N SER D 334 4.80 4.90 7.27
CA SER D 334 3.44 4.76 6.79
C SER D 334 3.34 5.14 5.32
N MET D 335 2.25 4.71 4.67
CA MET D 335 2.01 5.04 3.27
C MET D 335 1.80 6.53 3.06
N ASP D 336 1.57 7.30 4.13
CA ASP D 336 1.44 8.75 4.04
C ASP D 336 2.40 9.48 4.97
N SER D 337 3.43 8.79 5.49
CA SER D 337 4.42 9.38 6.39
C SER D 337 3.79 10.00 7.63
N SER D 338 2.70 9.40 8.11
CA SER D 338 2.02 9.93 9.28
C SER D 338 2.78 9.67 10.58
N ASN D 339 3.67 8.67 10.59
CA ASN D 339 4.43 8.31 11.78
C ASN D 339 5.90 8.68 11.66
N VAL D 340 6.25 9.55 10.71
CA VAL D 340 7.66 9.86 10.46
C VAL D 340 8.28 10.59 11.66
N LEU D 341 7.48 11.31 12.43
CA LEU D 341 8.01 12.03 13.58
C LEU D 341 8.49 11.06 14.65
N GLN D 342 7.62 10.16 15.11
CA GLN D 342 8.01 9.18 16.11
C GLN D 342 9.08 8.26 15.59
N LEU D 343 9.09 8.00 14.27
CA LEU D 343 10.14 7.17 13.68
C LEU D 343 11.50 7.83 13.83
N ILE D 344 11.56 9.15 13.69
CA ILE D 344 12.83 9.87 13.84
C ILE D 344 13.30 9.83 15.28
N VAL D 345 12.38 10.13 16.21
CA VAL D 345 12.74 10.14 17.64
C VAL D 345 13.16 8.76 18.09
N ASP D 346 12.56 7.71 17.54
CA ASP D 346 12.96 6.36 17.90
C ASP D 346 14.36 6.03 17.38
N ALA D 347 14.67 6.44 16.16
CA ALA D 347 15.97 6.15 15.59
C ALA D 347 17.09 6.86 16.36
N TYR D 348 16.86 8.12 16.72
CA TYR D 348 17.88 8.88 17.45
C TYR D 348 18.20 8.21 18.77
N GLY D 349 17.21 7.61 19.42
CA GLY D 349 17.47 6.85 20.63
C GLY D 349 18.21 5.56 20.35
N LYS D 350 17.85 4.87 19.27
CA LYS D 350 18.55 3.65 18.88
C LYS D 350 19.97 3.96 18.41
N ILE D 351 20.20 5.15 17.87
CA ILE D 351 21.53 5.51 17.41
C ILE D 351 22.47 5.74 18.59
N ARG D 352 22.00 6.46 19.60
CA ARG D 352 22.81 6.76 20.77
C ARG D 352 22.70 5.68 21.85
N SER D 353 22.16 4.52 21.52
CA SER D 353 22.06 3.42 22.46
C SER D 353 23.30 2.54 22.46
N LYS D 354 24.20 2.73 21.50
CA LYS D 354 25.36 1.86 21.34
C LYS D 354 26.64 2.66 21.50
N VAL D 355 27.65 2.01 22.09
CA VAL D 355 29.00 2.57 22.16
C VAL D 355 30.00 1.49 21.75
N GLU D 356 30.49 1.57 20.52
CA GLU D 356 31.45 0.61 20.00
C GLU D 356 32.81 1.28 19.83
N LEU D 357 33.85 0.67 20.40
CA LEU D 357 35.19 1.18 20.24
C LEU D 357 35.81 0.65 18.95
N GLU D 358 36.56 1.51 18.27
CA GLU D 358 37.45 1.10 17.19
C GLU D 358 38.86 1.55 17.54
N VAL D 359 39.84 0.95 16.87
CA VAL D 359 41.25 1.25 17.11
C VAL D 359 41.89 1.65 15.80
N ARG D 360 42.60 2.76 15.80
CA ARG D 360 43.25 3.30 14.61
C ARG D 360 44.76 3.36 14.83
N ASP D 361 45.51 3.04 13.78
CA ASP D 361 46.97 3.18 13.76
C ASP D 361 47.64 2.31 14.83
N LEU D 362 47.06 1.16 15.14
CA LEU D 362 47.69 0.25 16.08
C LEU D 362 48.87 -0.44 15.40
N PRO D 363 50.06 -0.41 16.00
CA PRO D 363 51.24 -0.99 15.34
C PRO D 363 51.12 -2.49 15.16
N GLU D 364 52.05 -3.03 14.36
CA GLU D 364 52.01 -4.45 14.00
C GLU D 364 52.22 -5.34 15.21
N GLU D 365 53.10 -4.93 16.12
CA GLU D 365 53.55 -5.77 17.23
C GLU D 365 52.66 -5.68 18.46
N LEU D 366 51.66 -4.80 18.47
CA LEU D 366 50.75 -4.67 19.58
C LEU D 366 49.46 -5.44 19.33
N SER D 367 48.90 -6.00 20.40
CA SER D 367 47.64 -6.72 20.36
C SER D 367 46.83 -6.37 21.60
N LEU D 368 45.60 -5.92 21.40
CA LEU D 368 44.76 -5.44 22.49
C LEU D 368 43.72 -6.48 22.89
N SER D 369 43.24 -6.35 24.13
CA SER D 369 42.15 -7.18 24.66
C SER D 369 41.25 -6.28 25.48
N PHE D 370 39.94 -6.47 25.34
CA PHE D 370 38.94 -5.57 25.90
C PHE D 370 37.99 -6.31 26.82
N ASN D 371 37.58 -5.65 27.90
CA ASN D 371 36.51 -6.11 28.77
C ASN D 371 35.55 -4.95 29.00
N ALA D 372 34.30 -5.11 28.57
CA ALA D 372 33.31 -4.06 28.68
C ALA D 372 32.55 -4.17 30.00
N THR D 373 32.15 -3.02 30.53
CA THR D 373 31.26 -2.92 31.69
C THR D 373 30.08 -2.06 31.25
N CYS D 374 29.07 -2.70 30.66
CA CYS D 374 27.97 -1.98 30.04
C CYS D 374 26.87 -1.66 31.04
N LEU D 375 25.69 -2.24 30.85
CA LEU D 375 24.58 -2.05 31.78
C LEU D 375 24.96 -2.56 33.16
N ASN D 376 24.83 -1.69 34.14
CA ASN D 376 25.21 -1.96 35.53
C ASN D 376 26.73 -2.23 35.55
N ASN D 377 27.20 -2.94 36.56
CA ASN D 377 28.59 -3.36 36.68
C ASN D 377 28.84 -4.73 36.08
N GLU D 378 28.02 -5.16 35.13
CA GLU D 378 28.15 -6.48 34.52
C GLU D 378 29.34 -6.46 33.56
N VAL D 379 30.46 -7.03 34.01
CA VAL D 379 31.66 -7.09 33.17
C VAL D 379 31.47 -8.15 32.11
N ILE D 380 31.72 -7.78 30.85
CA ILE D 380 31.56 -8.70 29.72
C ILE D 380 32.93 -8.93 29.10
N PRO D 381 33.50 -10.14 29.21
CA PRO D 381 34.87 -10.35 28.73
C PRO D 381 34.94 -10.43 27.21
N GLY D 382 36.07 -9.96 26.68
CA GLY D 382 36.32 -10.03 25.25
C GLY D 382 35.33 -9.26 24.41
N LEU D 383 34.97 -8.04 24.84
CA LEU D 383 33.98 -7.25 24.12
C LEU D 383 34.36 -5.78 24.20
N LYS D 384 34.28 -5.10 23.06
CA LYS D 384 34.62 -3.69 22.95
C LYS D 384 33.40 -2.87 22.52
N SER D 385 32.20 -3.29 22.92
CA SER D 385 30.98 -2.63 22.48
C SER D 385 29.89 -2.84 23.52
N CYS D 386 29.00 -1.85 23.63
CA CYS D 386 27.85 -1.93 24.52
C CYS D 386 26.58 -1.58 23.74
N MET D 387 25.46 -2.14 24.19
CA MET D 387 24.16 -1.90 23.57
C MET D 387 23.12 -1.71 24.66
N GLY D 388 21.94 -1.24 24.25
CA GLY D 388 20.85 -1.04 25.19
C GLY D 388 21.00 0.15 26.10
N LEU D 389 21.91 1.07 25.81
CA LEU D 389 22.16 2.21 26.67
C LEU D 389 21.09 3.28 26.48
N LYS D 390 21.07 4.25 27.39
CA LYS D 390 20.21 5.41 27.31
C LYS D 390 21.05 6.66 27.39
N ILE D 391 20.51 7.77 26.86
CA ILE D 391 21.23 9.03 26.89
C ILE D 391 21.52 9.43 28.33
N GLY D 392 22.78 9.77 28.61
CA GLY D 392 23.23 10.10 29.94
C GLY D 392 24.00 8.99 30.63
N ASP D 393 23.87 7.76 30.15
CA ASP D 393 24.57 6.63 30.75
C ASP D 393 26.08 6.76 30.53
N THR D 394 26.82 5.85 31.17
CA THR D 394 28.27 5.83 31.06
C THR D 394 28.74 4.39 31.19
N VAL D 395 29.66 3.99 30.30
CA VAL D 395 30.26 2.66 30.35
C VAL D 395 31.77 2.80 30.47
N SER D 396 32.47 1.67 30.60
CA SER D 396 33.92 1.69 30.71
C SER D 396 34.48 0.40 30.13
N PHE D 397 35.77 0.43 29.79
CA PHE D 397 36.43 -0.70 29.16
C PHE D 397 37.82 -0.87 29.77
N SER D 398 38.12 -2.07 30.26
CA SER D 398 39.46 -2.43 30.68
C SER D 398 40.22 -2.99 29.48
N ILE D 399 41.41 -2.46 29.24
CA ILE D 399 42.19 -2.79 28.05
C ILE D 399 43.59 -3.22 28.48
N GLU D 400 44.06 -4.32 27.89
CA GLU D 400 45.42 -4.81 28.12
C GLU D 400 46.17 -4.84 26.80
N ALA D 401 47.33 -4.20 26.75
CA ALA D 401 48.15 -4.10 25.55
C ALA D 401 49.36 -5.01 25.71
N LYS D 402 49.50 -5.97 24.79
CA LYS D 402 50.59 -6.94 24.83
C LYS D 402 51.46 -6.76 23.60
N VAL D 403 52.72 -6.40 23.82
CA VAL D 403 53.70 -6.25 22.75
C VAL D 403 54.45 -7.57 22.57
N ARG D 404 54.80 -7.88 21.33
CA ARG D 404 55.55 -9.09 21.00
C ARG D 404 56.92 -8.69 20.49
N GLY D 405 57.95 -8.98 21.29
CA GLY D 405 59.31 -8.62 20.90
C GLY D 405 59.64 -7.17 21.23
N CYS D 406 60.52 -6.60 20.43
CA CYS D 406 60.87 -5.18 20.55
C CYS D 406 60.89 -4.55 19.16
N PRO D 407 59.96 -3.65 18.86
CA PRO D 407 59.94 -3.02 17.54
C PRO D 407 61.13 -2.09 17.36
N GLN D 408 61.39 -1.76 16.09
CA GLN D 408 62.50 -0.88 15.77
C GLN D 408 62.30 0.51 16.35
N GLU D 409 61.12 1.09 16.12
CA GLU D 409 60.81 2.42 16.62
C GLU D 409 60.36 2.31 18.08
N LYS D 410 61.04 3.05 18.97
CA LYS D 410 60.77 2.93 20.39
C LYS D 410 59.56 3.73 20.84
N GLU D 411 59.09 4.69 20.03
CA GLU D 411 57.97 5.55 20.42
C GLU D 411 56.94 5.56 19.31
N LYS D 412 55.73 5.10 19.61
CA LYS D 412 54.59 5.16 18.71
C LYS D 412 53.36 5.57 19.50
N SER D 413 52.25 5.77 18.80
CA SER D 413 51.00 6.12 19.45
C SER D 413 49.84 5.73 18.55
N PHE D 414 48.77 5.23 19.16
CA PHE D 414 47.55 4.86 18.44
C PHE D 414 46.36 5.52 19.12
N THR D 415 45.20 5.42 18.47
CA THR D 415 43.99 6.07 18.92
C THR D 415 42.91 5.04 19.19
N ILE D 416 42.20 5.21 20.30
CA ILE D 416 41.03 4.41 20.65
C ILE D 416 39.84 5.38 20.67
N LYS D 417 39.03 5.34 19.61
CA LYS D 417 37.90 6.25 19.48
C LYS D 417 36.59 5.49 19.37
N PRO D 418 35.55 5.92 20.07
CA PRO D 418 34.23 5.31 19.85
C PRO D 418 33.67 5.71 18.50
N VAL D 419 32.92 4.79 17.90
CA VAL D 419 32.35 5.03 16.57
C VAL D 419 31.39 6.21 16.63
N GLY D 420 31.59 7.17 15.74
CA GLY D 420 30.75 8.35 15.67
C GLY D 420 31.04 9.41 16.70
N PHE D 421 31.99 9.18 17.60
CA PHE D 421 32.33 10.14 18.64
C PHE D 421 33.48 11.05 18.18
N LYS D 422 33.43 12.30 18.64
CA LYS D 422 34.53 13.22 18.36
C LYS D 422 35.74 12.93 19.25
N ASP D 423 35.51 12.80 20.55
CA ASP D 423 36.60 12.60 21.50
C ASP D 423 37.15 11.18 21.37
N SER D 424 38.42 11.03 21.77
CA SER D 424 39.11 9.76 21.64
C SER D 424 40.25 9.71 22.65
N LEU D 425 40.73 8.50 22.90
CA LEU D 425 41.85 8.27 23.80
C LEU D 425 43.11 8.02 22.98
N ILE D 426 44.09 8.92 23.12
CA ILE D 426 45.38 8.78 22.45
C ILE D 426 46.32 8.04 23.40
N VAL D 427 46.81 6.89 22.98
CA VAL D 427 47.68 6.05 23.80
C VAL D 427 49.09 6.18 23.24
N GLN D 428 49.92 6.96 23.92
CA GLN D 428 51.32 7.11 23.52
C GLN D 428 52.14 5.98 24.13
N VAL D 429 52.77 5.18 23.26
CA VAL D 429 53.47 3.97 23.67
C VAL D 429 54.97 4.22 23.58
N THR D 430 55.70 3.81 24.62
CA THR D 430 57.16 3.84 24.64
C THR D 430 57.65 2.44 24.98
N PHE D 431 58.47 1.87 24.10
CA PHE D 431 58.98 0.52 24.28
C PHE D 431 60.31 0.57 25.01
N ASP D 432 60.37 -0.07 26.18
CA ASP D 432 61.54 -0.01 27.06
C ASP D 432 62.35 -1.29 26.85
N CYS D 433 63.25 -1.25 25.88
CA CYS D 433 64.10 -2.39 25.58
C CYS D 433 65.56 -2.18 25.97
N ASP D 434 66.02 -0.93 26.02
CA ASP D 434 67.41 -0.63 26.29
C ASP D 434 67.62 -0.32 27.77
N CYS D 435 68.88 -0.36 28.19
CA CYS D 435 69.27 -0.08 29.56
C CYS D 435 69.82 1.33 29.67
N ALA D 436 69.67 1.92 30.86
CA ALA D 436 70.18 3.27 31.09
C ALA D 436 71.70 3.30 31.06
N CYS D 437 72.35 2.22 31.48
CA CYS D 437 73.81 2.14 31.45
C CYS D 437 74.36 2.12 30.03
N GLN D 438 73.51 1.95 29.02
CA GLN D 438 74.00 2.00 27.64
C GLN D 438 74.38 3.42 27.25
N ALA D 439 73.78 4.43 27.88
CA ALA D 439 74.16 5.81 27.60
C ALA D 439 75.60 6.08 28.02
N GLN D 440 76.08 5.42 29.07
CA GLN D 440 77.45 5.56 29.54
C GLN D 440 78.40 4.56 28.89
N ALA D 441 78.05 4.06 27.71
CA ALA D 441 78.93 3.13 27.01
C ALA D 441 80.23 3.83 26.62
N GLU D 442 81.33 3.08 26.66
CA GLU D 442 82.66 3.61 26.38
C GLU D 442 83.19 2.97 25.09
N PRO D 443 83.00 3.62 23.94
CA PRO D 443 83.52 3.05 22.70
C PRO D 443 85.04 3.08 22.67
N ASN D 444 85.62 2.02 22.10
CA ASN D 444 87.07 1.87 22.01
C ASN D 444 87.72 1.95 23.39
N SER D 445 87.17 1.19 24.33
CA SER D 445 87.64 1.21 25.70
C SER D 445 88.94 0.42 25.83
N HIS D 446 89.83 0.92 26.69
CA HIS D 446 91.07 0.20 26.97
C HIS D 446 90.79 -1.13 27.67
N ARG D 447 89.65 -1.22 28.36
CA ARG D 447 89.30 -2.39 29.16
C ARG D 447 88.72 -3.53 28.32
N CYS D 448 88.67 -3.39 27.00
CA CYS D 448 88.09 -4.41 26.13
C CYS D 448 89.03 -4.63 24.94
N ASN D 449 89.85 -5.69 25.03
CA ASN D 449 90.76 -6.07 23.95
C ASN D 449 91.68 -4.92 23.54
N ASN D 450 92.16 -4.17 24.55
CA ASN D 450 93.12 -3.08 24.39
C ASN D 450 92.52 -1.87 23.68
N GLY D 451 91.40 -2.04 23.00
CA GLY D 451 90.75 -0.93 22.33
C GLY D 451 89.95 -1.32 21.10
N ASN D 452 89.59 -2.60 21.00
CA ASN D 452 88.84 -3.10 19.87
C ASN D 452 87.35 -3.26 20.15
N GLY D 453 86.93 -3.16 21.42
CA GLY D 453 85.55 -3.35 21.78
C GLY D 453 85.00 -2.18 22.57
N THR D 454 83.73 -2.31 22.93
CA THR D 454 83.01 -1.29 23.69
C THR D 454 82.64 -1.83 25.06
N PHE D 455 82.78 -0.99 26.09
CA PHE D 455 82.48 -1.34 27.47
C PHE D 455 81.17 -0.66 27.87
N GLU D 456 80.11 -1.44 27.97
CA GLU D 456 78.81 -0.93 28.40
C GLU D 456 78.22 -1.84 29.46
N CYS D 457 77.62 -1.23 30.50
CA CYS D 457 76.88 -1.96 31.54
C CYS D 457 77.74 -3.01 32.23
N GLY D 458 79.05 -2.81 32.27
CA GLY D 458 79.94 -3.69 32.99
C GLY D 458 80.49 -4.86 32.21
N VAL D 459 80.24 -4.94 30.91
CA VAL D 459 80.73 -6.03 30.08
C VAL D 459 81.31 -5.44 28.79
N CYS D 460 82.02 -6.29 28.05
CA CYS D 460 82.66 -5.89 26.80
C CYS D 460 81.84 -6.43 25.63
N ARG D 461 81.40 -5.53 24.75
CA ARG D 461 80.69 -5.88 23.54
C ARG D 461 81.59 -5.61 22.34
N CYS D 462 81.64 -6.56 21.40
CA CYS D 462 82.40 -6.33 20.17
C CYS D 462 81.87 -5.10 19.46
N GLY D 463 82.79 -4.24 19.01
CA GLY D 463 82.42 -2.98 18.42
C GLY D 463 81.84 -3.13 17.03
N PRO D 464 81.45 -2.01 16.44
CA PRO D 464 80.87 -2.05 15.08
C PRO D 464 81.91 -2.39 14.04
N GLY D 465 81.53 -3.24 13.09
CA GLY D 465 82.42 -3.70 12.05
C GLY D 465 83.04 -5.05 12.29
N TRP D 466 82.69 -5.72 13.39
CA TRP D 466 83.23 -7.04 13.70
C TRP D 466 82.14 -8.09 13.60
N LEU D 467 82.56 -9.35 13.45
CA LEU D 467 81.66 -10.48 13.36
C LEU D 467 82.05 -11.52 14.40
N GLY D 468 81.04 -12.15 15.01
CA GLY D 468 81.28 -13.13 16.05
C GLY D 468 81.01 -12.59 17.43
N SER D 469 80.30 -13.35 18.26
CA SER D 469 79.96 -12.91 19.60
C SER D 469 81.20 -12.71 20.46
N GLN D 470 82.31 -13.36 20.12
CA GLN D 470 83.58 -13.17 20.82
C GLN D 470 84.69 -12.71 19.90
N CYS D 471 84.40 -12.46 18.63
CA CYS D 471 85.36 -11.89 17.67
C CYS D 471 86.68 -12.66 17.63
N GLU E 1 5.13 -24.24 -44.89
CA GLU E 1 4.72 -23.37 -45.97
C GLU E 1 3.39 -22.69 -45.65
N VAL E 2 3.32 -21.39 -45.94
CA VAL E 2 2.12 -20.60 -45.65
C VAL E 2 1.05 -20.91 -46.68
N GLN E 3 -0.19 -21.11 -46.20
CA GLN E 3 -1.32 -21.39 -47.07
C GLN E 3 -2.61 -21.17 -46.30
N LEU E 4 -3.54 -20.42 -46.89
CA LEU E 4 -4.82 -20.11 -46.28
C LEU E 4 -5.89 -21.02 -46.86
N GLN E 5 -6.62 -21.73 -46.00
CA GLN E 5 -7.65 -22.69 -46.41
C GLN E 5 -8.99 -22.21 -45.86
N GLN E 6 -9.89 -21.82 -46.77
CA GLN E 6 -11.19 -21.31 -46.40
C GLN E 6 -12.24 -22.42 -46.44
N SER E 7 -13.46 -22.08 -46.08
CA SER E 7 -14.56 -23.03 -46.08
C SER E 7 -15.06 -23.26 -47.51
N GLY E 8 -15.98 -24.22 -47.64
CA GLY E 8 -16.56 -24.53 -48.93
C GLY E 8 -17.63 -23.52 -49.33
N ALA E 9 -18.11 -23.68 -50.56
CA ALA E 9 -19.12 -22.77 -51.09
C ALA E 9 -20.39 -22.83 -50.23
N GLU E 10 -20.97 -21.67 -49.98
CA GLU E 10 -22.14 -21.54 -49.12
C GLU E 10 -23.34 -21.11 -49.95
N LEU E 11 -24.48 -21.74 -49.69
CA LEU E 11 -25.74 -21.45 -50.37
C LEU E 11 -26.79 -21.17 -49.31
N VAL E 12 -27.27 -19.93 -49.26
CA VAL E 12 -28.17 -19.46 -48.21
C VAL E 12 -29.26 -18.61 -48.85
N LYS E 13 -30.31 -18.35 -48.07
CA LYS E 13 -31.46 -17.58 -48.48
C LYS E 13 -31.39 -16.16 -47.95
N PRO E 14 -32.11 -15.21 -48.56
CA PRO E 14 -32.05 -13.82 -48.09
C PRO E 14 -32.48 -13.68 -46.65
N GLY E 15 -31.84 -12.74 -45.95
CA GLY E 15 -32.10 -12.50 -44.55
C GLY E 15 -31.39 -13.43 -43.59
N ALA E 16 -30.81 -14.51 -44.07
CA ALA E 16 -30.11 -15.46 -43.21
C ALA E 16 -28.73 -14.91 -42.85
N SER E 17 -27.94 -15.71 -42.15
CA SER E 17 -26.60 -15.31 -41.73
C SER E 17 -25.66 -16.50 -41.84
N VAL E 18 -24.58 -16.34 -42.62
CA VAL E 18 -23.59 -17.38 -42.82
C VAL E 18 -22.28 -16.94 -42.19
N LYS E 19 -21.55 -17.88 -41.62
CA LYS E 19 -20.28 -17.62 -40.94
C LYS E 19 -19.18 -18.33 -41.72
N LEU E 20 -18.39 -17.56 -42.46
CA LEU E 20 -17.32 -18.13 -43.27
C LEU E 20 -16.09 -18.44 -42.41
N SER E 21 -15.25 -19.32 -42.92
CA SER E 21 -14.10 -19.83 -42.18
C SER E 21 -12.83 -19.63 -43.00
N CYS E 22 -11.70 -19.52 -42.30
CA CYS E 22 -10.39 -19.33 -42.93
C CYS E 22 -9.33 -19.88 -41.97
N THR E 23 -9.02 -21.16 -42.13
CA THR E 23 -8.07 -21.85 -41.28
C THR E 23 -6.65 -21.68 -41.83
N ALA E 24 -5.70 -21.49 -40.93
CA ALA E 24 -4.30 -21.31 -41.29
C ALA E 24 -3.59 -22.65 -41.37
N SER E 25 -2.61 -22.74 -42.26
CA SER E 25 -1.85 -23.96 -42.49
C SER E 25 -0.37 -23.62 -42.60
N GLY E 26 0.43 -24.18 -41.71
CA GLY E 26 1.87 -23.97 -41.74
C GLY E 26 2.37 -22.80 -40.91
N PHE E 27 1.52 -22.20 -40.09
CA PHE E 27 1.90 -21.06 -39.28
C PHE E 27 0.79 -20.77 -38.28
N ASN E 28 1.14 -20.15 -37.15
CA ASN E 28 0.16 -19.73 -36.18
C ASN E 28 -0.56 -18.49 -36.68
N ILE E 29 -1.90 -18.54 -36.70
CA ILE E 29 -2.69 -17.41 -37.17
C ILE E 29 -2.46 -16.17 -36.33
N LYS E 30 -1.96 -16.35 -35.10
CA LYS E 30 -1.68 -15.25 -34.19
C LYS E 30 -0.54 -14.35 -34.67
N ASP E 31 0.18 -14.76 -35.71
CA ASP E 31 1.40 -14.05 -36.10
C ASP E 31 1.09 -12.66 -36.64
N THR E 32 0.16 -12.56 -37.59
CA THR E 32 -0.04 -11.32 -38.34
C THR E 32 -1.52 -10.94 -38.33
N TYR E 33 -1.81 -9.79 -38.94
CA TYR E 33 -3.17 -9.39 -39.22
C TYR E 33 -3.82 -10.38 -40.19
N VAL E 34 -5.15 -10.41 -40.17
CA VAL E 34 -5.94 -11.24 -41.09
C VAL E 34 -7.05 -10.37 -41.66
N HIS E 35 -7.07 -10.20 -42.97
CA HIS E 35 -8.04 -9.36 -43.65
C HIS E 35 -9.11 -10.20 -44.33
N TRP E 36 -10.17 -9.53 -44.75
CA TRP E 36 -11.25 -10.13 -45.53
C TRP E 36 -11.57 -9.23 -46.70
N VAL E 37 -11.67 -9.81 -47.89
CA VAL E 37 -11.86 -9.06 -49.13
C VAL E 37 -13.06 -9.63 -49.88
N LYS E 38 -13.85 -8.73 -50.49
CA LYS E 38 -15.04 -9.10 -51.23
C LYS E 38 -14.81 -8.80 -52.72
N GLN E 39 -15.06 -9.78 -53.57
CA GLN E 39 -14.89 -9.64 -55.01
C GLN E 39 -16.22 -9.87 -55.72
N ARG E 40 -16.66 -8.87 -56.47
CA ARG E 40 -17.82 -8.96 -57.33
C ARG E 40 -17.40 -8.71 -58.78
N PRO E 41 -18.10 -9.31 -59.76
CA PRO E 41 -17.66 -9.16 -61.15
C PRO E 41 -17.71 -7.73 -61.66
N GLU E 42 -18.74 -6.97 -61.30
CA GLU E 42 -18.90 -5.61 -61.80
C GLU E 42 -18.28 -4.57 -60.87
N GLN E 43 -18.56 -4.68 -59.56
CA GLN E 43 -18.07 -3.67 -58.63
C GLN E 43 -16.56 -3.80 -58.41
N GLY E 44 -16.05 -5.03 -58.38
CA GLY E 44 -14.62 -5.24 -58.22
C GLY E 44 -14.23 -5.77 -56.86
N LEU E 45 -13.08 -5.32 -56.35
CA LEU E 45 -12.56 -5.74 -55.06
C LEU E 45 -12.88 -4.70 -54.00
N GLU E 46 -13.42 -5.16 -52.87
CA GLU E 46 -13.73 -4.31 -51.74
C GLU E 46 -13.10 -4.88 -50.48
N TRP E 47 -12.45 -4.01 -49.70
CA TRP E 47 -11.87 -4.41 -48.43
C TRP E 47 -12.91 -4.33 -47.34
N ILE E 48 -13.09 -5.44 -46.62
CA ILE E 48 -14.11 -5.53 -45.58
C ILE E 48 -13.54 -5.06 -44.25
N GLY E 49 -12.52 -5.76 -43.76
CA GLY E 49 -11.92 -5.41 -42.49
C GLY E 49 -10.74 -6.30 -42.18
N ARG E 50 -10.19 -6.13 -40.98
CA ARG E 50 -9.05 -6.91 -40.52
C ARG E 50 -9.26 -7.31 -39.06
N ILE E 51 -8.40 -8.20 -38.58
CA ILE E 51 -8.39 -8.61 -37.19
C ILE E 51 -6.98 -8.98 -36.79
N ASP E 52 -6.62 -8.69 -35.55
CA ASP E 52 -5.38 -9.15 -34.96
C ASP E 52 -5.71 -10.32 -34.04
N PRO E 53 -5.52 -11.57 -34.47
CA PRO E 53 -5.88 -12.71 -33.62
C PRO E 53 -5.14 -12.76 -32.30
N ALA E 54 -4.07 -11.99 -32.15
CA ALA E 54 -3.31 -11.98 -30.90
C ALA E 54 -4.06 -11.30 -29.77
N ASN E 55 -5.18 -10.64 -30.05
CA ASN E 55 -5.90 -9.91 -29.02
C ASN E 55 -7.38 -9.78 -29.38
N GLY E 56 -7.69 -9.80 -30.66
CA GLY E 56 -9.07 -9.73 -31.12
C GLY E 56 -9.52 -8.36 -31.58
N TYR E 57 -8.68 -7.33 -31.47
CA TYR E 57 -9.06 -6.02 -31.95
C TYR E 57 -9.27 -6.03 -33.46
N THR E 58 -10.17 -5.16 -33.93
CA THR E 58 -10.62 -5.20 -35.31
C THR E 58 -10.69 -3.80 -35.89
N LYS E 59 -10.73 -3.75 -37.22
CA LYS E 59 -11.01 -2.55 -37.98
C LYS E 59 -11.94 -2.92 -39.12
N TYR E 60 -12.76 -1.97 -39.56
CA TYR E 60 -13.72 -2.22 -40.62
C TYR E 60 -13.82 -1.02 -41.54
N ASP E 61 -14.12 -1.30 -42.80
CA ASP E 61 -14.61 -0.26 -43.70
C ASP E 61 -16.03 0.11 -43.27
N PRO E 62 -16.31 1.39 -43.03
CA PRO E 62 -17.65 1.77 -42.54
C PRO E 62 -18.80 1.33 -43.44
N LYS E 63 -18.53 0.88 -44.66
CA LYS E 63 -19.60 0.40 -45.53
C LYS E 63 -20.17 -0.94 -45.08
N PHE E 64 -19.41 -1.71 -44.31
CA PHE E 64 -19.83 -3.05 -43.90
C PHE E 64 -20.23 -3.12 -42.43
N GLN E 65 -20.52 -1.99 -41.81
CA GLN E 65 -20.87 -2.00 -40.40
C GLN E 65 -22.23 -2.67 -40.20
N GLY E 66 -22.31 -3.56 -39.23
CA GLY E 66 -23.57 -4.22 -38.96
C GLY E 66 -23.68 -5.51 -39.74
N LYS E 67 -23.17 -5.51 -40.97
CA LYS E 67 -23.25 -6.67 -41.83
C LYS E 67 -22.06 -7.61 -41.64
N ALA E 68 -20.86 -7.07 -41.58
CA ALA E 68 -19.64 -7.86 -41.46
C ALA E 68 -19.20 -7.91 -40.01
N THR E 69 -18.85 -9.11 -39.54
CA THR E 69 -18.41 -9.32 -38.16
C THR E 69 -17.28 -10.34 -38.18
N ILE E 70 -16.05 -9.85 -38.07
CA ILE E 70 -14.87 -10.70 -38.12
C ILE E 70 -14.51 -11.14 -36.70
N THR E 71 -14.22 -12.43 -36.54
CA THR E 71 -13.79 -13.00 -35.27
C THR E 71 -12.62 -13.94 -35.52
N ALA E 72 -12.09 -14.50 -34.44
CA ALA E 72 -10.96 -15.42 -34.54
C ALA E 72 -10.86 -16.24 -33.27
N ASP E 73 -10.40 -17.48 -33.41
CA ASP E 73 -10.19 -18.40 -32.30
C ASP E 73 -8.83 -19.06 -32.48
N THR E 74 -7.86 -18.67 -31.66
CA THR E 74 -6.51 -19.20 -31.79
C THR E 74 -6.45 -20.70 -31.50
N SER E 75 -7.42 -21.24 -30.76
CA SER E 75 -7.42 -22.68 -30.50
C SER E 75 -7.63 -23.46 -31.78
N SER E 76 -8.62 -23.06 -32.59
CA SER E 76 -8.83 -23.68 -33.89
C SER E 76 -7.92 -23.11 -34.97
N ASN E 77 -7.14 -22.06 -34.65
CA ASN E 77 -6.22 -21.43 -35.59
C ASN E 77 -6.97 -20.90 -36.81
N THR E 78 -8.17 -20.38 -36.58
CA THR E 78 -9.07 -20.00 -37.67
C THR E 78 -9.69 -18.64 -37.40
N ALA E 79 -9.76 -17.81 -38.44
CA ALA E 79 -10.48 -16.54 -38.41
C ALA E 79 -11.79 -16.68 -39.18
N TYR E 80 -12.81 -15.98 -38.71
CA TYR E 80 -14.16 -16.12 -39.25
C TYR E 80 -14.68 -14.80 -39.78
N LEU E 81 -15.74 -14.88 -40.57
CA LEU E 81 -16.43 -13.71 -41.12
C LEU E 81 -17.92 -14.00 -41.09
N GLN E 82 -18.64 -13.36 -40.18
CA GLN E 82 -20.07 -13.58 -39.99
C GLN E 82 -20.84 -12.47 -40.72
N LEU E 83 -21.49 -12.83 -41.82
CA LEU E 83 -22.29 -11.90 -42.60
C LEU E 83 -23.75 -12.04 -42.21
N SER E 84 -24.36 -10.96 -41.74
CA SER E 84 -25.73 -10.96 -41.26
C SER E 84 -26.62 -10.14 -42.18
N SER E 85 -27.92 -10.47 -42.17
CA SER E 85 -28.93 -9.81 -42.98
C SER E 85 -28.51 -9.79 -44.46
N LEU E 86 -28.40 -10.99 -45.03
CA LEU E 86 -27.88 -11.13 -46.38
C LEU E 86 -28.88 -10.65 -47.41
N THR E 87 -28.36 -10.06 -48.49
CA THR E 87 -29.15 -9.62 -49.62
C THR E 87 -28.53 -10.19 -50.89
N SER E 88 -29.17 -9.89 -52.03
CA SER E 88 -28.60 -10.31 -53.31
C SER E 88 -27.31 -9.57 -53.62
N GLU E 89 -27.18 -8.34 -53.11
CA GLU E 89 -25.96 -7.57 -53.32
C GLU E 89 -24.76 -8.17 -52.61
N ASP E 90 -24.97 -8.98 -51.58
CA ASP E 90 -23.88 -9.62 -50.85
C ASP E 90 -23.32 -10.84 -51.56
N THR E 91 -24.02 -11.35 -52.58
CA THR E 91 -23.54 -12.50 -53.32
C THR E 91 -22.23 -12.17 -54.02
N ALA E 92 -21.16 -12.85 -53.61
CA ALA E 92 -19.82 -12.56 -54.12
C ALA E 92 -18.89 -13.68 -53.70
N VAL E 93 -17.61 -13.53 -54.06
CA VAL E 93 -16.53 -14.40 -53.61
C VAL E 93 -15.76 -13.65 -52.54
N TYR E 94 -15.44 -14.34 -51.45
CA TYR E 94 -14.79 -13.73 -50.30
C TYR E 94 -13.44 -14.39 -50.05
N TYR E 95 -12.41 -13.56 -49.84
CA TYR E 95 -11.05 -14.02 -49.62
C TYR E 95 -10.55 -13.51 -48.28
N CYS E 96 -9.72 -14.32 -47.62
CA CYS E 96 -8.96 -13.88 -46.46
C CYS E 96 -7.51 -13.69 -46.85
N VAL E 97 -6.90 -12.62 -46.34
CA VAL E 97 -5.58 -12.17 -46.77
C VAL E 97 -4.69 -11.95 -45.55
N ARG E 98 -3.40 -12.25 -45.70
CA ARG E 98 -2.38 -11.95 -44.72
C ARG E 98 -1.12 -11.53 -45.45
N PRO E 99 -0.29 -10.70 -44.84
CA PRO E 99 0.93 -10.24 -45.52
C PRO E 99 2.06 -11.25 -45.41
N LEU E 100 3.15 -10.96 -46.12
CA LEU E 100 4.37 -11.75 -46.07
C LEU E 100 5.38 -11.20 -45.07
N TYR E 101 5.90 -9.99 -45.33
CA TYR E 101 6.80 -9.32 -44.40
C TYR E 101 6.17 -8.05 -43.87
N ASP E 102 5.93 -7.06 -44.73
CA ASP E 102 5.33 -5.79 -44.33
C ASP E 102 4.06 -6.01 -43.53
N TYR E 103 4.03 -5.49 -42.30
CA TYR E 103 2.90 -5.67 -41.40
C TYR E 103 1.57 -5.31 -42.06
N TYR E 104 1.59 -4.41 -43.03
CA TYR E 104 0.37 -3.83 -43.59
C TYR E 104 0.09 -4.30 -45.02
N ALA E 105 0.86 -5.24 -45.55
CA ALA E 105 0.73 -5.64 -46.94
C ALA E 105 -0.39 -6.66 -47.11
N MET E 106 -0.66 -7.02 -48.38
CA MET E 106 -1.70 -7.98 -48.77
C MET E 106 -1.08 -8.92 -49.82
N ASP E 107 -0.37 -9.93 -49.35
CA ASP E 107 0.42 -10.81 -50.21
C ASP E 107 -0.17 -12.20 -50.38
N TYR E 108 -0.46 -12.89 -49.28
CA TYR E 108 -0.98 -14.25 -49.34
C TYR E 108 -2.50 -14.23 -49.27
N TRP E 109 -3.14 -15.01 -50.16
CA TRP E 109 -4.58 -14.99 -50.32
C TRP E 109 -5.13 -16.41 -50.25
N GLY E 110 -6.32 -16.55 -49.68
CA GLY E 110 -7.00 -17.82 -49.70
C GLY E 110 -7.60 -18.11 -51.06
N GLN E 111 -8.00 -19.37 -51.26
CA GLN E 111 -8.56 -19.79 -52.54
C GLN E 111 -9.91 -19.13 -52.81
N GLY E 112 -10.58 -18.62 -51.78
CA GLY E 112 -11.84 -17.93 -51.97
C GLY E 112 -13.06 -18.79 -51.76
N THR E 113 -14.06 -18.26 -51.08
CA THR E 113 -15.32 -18.93 -50.83
C THR E 113 -16.44 -18.17 -51.53
N SER E 114 -17.20 -18.88 -52.37
CA SER E 114 -18.30 -18.27 -53.11
C SER E 114 -19.59 -18.42 -52.32
N VAL E 115 -20.23 -17.30 -52.01
CA VAL E 115 -21.49 -17.27 -51.28
C VAL E 115 -22.59 -16.82 -52.23
N THR E 116 -23.64 -17.63 -52.36
CA THR E 116 -24.76 -17.35 -53.24
C THR E 116 -26.03 -17.21 -52.41
N VAL E 117 -26.71 -16.08 -52.56
CA VAL E 117 -27.94 -15.78 -51.83
C VAL E 117 -29.09 -15.78 -52.82
N SER E 118 -30.06 -16.66 -52.59
CA SER E 118 -31.21 -16.77 -53.47
C SER E 118 -32.37 -17.39 -52.70
N SER E 119 -33.59 -17.15 -53.20
CA SER E 119 -34.79 -17.65 -52.56
C SER E 119 -35.28 -18.95 -53.15
N ALA E 120 -34.99 -19.21 -54.43
CA ALA E 120 -35.49 -20.40 -55.09
C ALA E 120 -34.90 -21.67 -54.48
N LYS E 121 -35.70 -22.72 -54.48
CA LYS E 121 -35.28 -24.02 -53.98
C LYS E 121 -34.56 -24.78 -55.09
N THR E 122 -34.23 -26.05 -54.82
CA THR E 122 -33.59 -26.87 -55.84
C THR E 122 -34.54 -27.09 -57.00
N THR E 123 -34.03 -26.96 -58.23
CA THR E 123 -34.85 -27.06 -59.42
C THR E 123 -34.05 -27.72 -60.54
N ALA E 124 -34.65 -28.71 -61.19
CA ALA E 124 -34.01 -29.41 -62.31
C ALA E 124 -34.15 -28.60 -63.60
N PRO E 125 -33.17 -28.70 -64.49
CA PRO E 125 -33.19 -27.87 -65.70
C PRO E 125 -34.04 -28.46 -66.82
N SER E 126 -34.43 -27.58 -67.73
CA SER E 126 -35.08 -27.98 -68.98
C SER E 126 -34.04 -28.07 -70.09
N VAL E 127 -34.39 -28.79 -71.16
CA VAL E 127 -33.50 -28.97 -72.30
C VAL E 127 -34.31 -28.74 -73.57
N TYR E 128 -33.86 -27.80 -74.40
CA TYR E 128 -34.56 -27.43 -75.63
C TYR E 128 -33.59 -27.49 -76.80
N PRO E 129 -33.84 -28.33 -77.80
CA PRO E 129 -32.94 -28.38 -78.95
C PRO E 129 -33.11 -27.17 -79.86
N LEU E 130 -32.04 -26.84 -80.59
CA LEU E 130 -32.01 -25.67 -81.46
C LEU E 130 -31.43 -26.07 -82.81
N ALA E 131 -32.26 -26.03 -83.85
CA ALA E 131 -31.88 -26.37 -85.20
C ALA E 131 -32.03 -25.15 -86.11
N PRO E 132 -31.32 -25.12 -87.25
CA PRO E 132 -31.41 -23.97 -88.14
C PRO E 132 -32.82 -23.79 -88.72
N VAL E 133 -33.02 -22.61 -89.31
CA VAL E 133 -34.32 -22.24 -89.86
C VAL E 133 -34.53 -22.94 -91.20
N CYS E 134 -35.80 -23.15 -91.55
CA CYS E 134 -36.18 -23.73 -92.83
C CYS E 134 -35.62 -22.91 -94.00
N SER E 137 -22.00 -25.24 -96.47
CA SER E 137 -20.74 -25.92 -96.27
C SER E 137 -20.55 -26.29 -94.80
N SER E 138 -21.20 -25.54 -93.92
CA SER E 138 -21.11 -25.79 -92.48
C SER E 138 -22.43 -25.41 -91.83
N VAL E 139 -22.62 -25.92 -90.61
CA VAL E 139 -23.88 -25.76 -89.89
C VAL E 139 -23.59 -25.64 -88.40
N THR E 140 -24.42 -24.88 -87.70
CA THR E 140 -24.27 -24.66 -86.27
C THR E 140 -25.55 -25.07 -85.55
N LEU E 141 -25.42 -25.94 -84.55
CA LEU E 141 -26.54 -26.38 -83.74
C LEU E 141 -26.56 -25.62 -82.42
N GLY E 142 -27.51 -25.99 -81.55
CA GLY E 142 -27.63 -25.35 -80.26
C GLY E 142 -28.33 -26.25 -79.27
N CYS E 143 -28.22 -25.87 -78.00
CA CYS E 143 -28.81 -26.66 -76.91
C CYS E 143 -29.07 -25.72 -75.73
N LEU E 144 -30.29 -25.22 -75.63
CA LEU E 144 -30.66 -24.27 -74.58
C LEU E 144 -31.07 -25.00 -73.32
N VAL E 145 -30.50 -24.58 -72.19
CA VAL E 145 -30.81 -25.12 -70.88
C VAL E 145 -31.26 -23.96 -69.99
N LYS E 146 -32.43 -24.12 -69.37
CA LYS E 146 -33.00 -23.00 -68.63
C LYS E 146 -33.82 -23.51 -67.45
N GLY E 147 -33.86 -22.71 -66.39
CA GLY E 147 -34.71 -22.97 -65.24
C GLY E 147 -34.16 -24.03 -64.30
N TYR E 148 -33.09 -23.71 -63.59
CA TYR E 148 -32.49 -24.66 -62.66
C TYR E 148 -31.75 -23.91 -61.56
N PHE E 149 -31.56 -24.61 -60.43
CA PHE E 149 -30.89 -24.06 -59.27
C PHE E 149 -30.57 -25.23 -58.36
N PRO E 150 -29.38 -25.29 -57.77
CA PRO E 150 -28.31 -24.31 -57.98
C PRO E 150 -27.28 -24.72 -59.04
N GLU E 151 -26.18 -23.98 -59.08
CA GLU E 151 -25.08 -24.31 -59.98
C GLU E 151 -24.32 -25.52 -59.43
N PRO E 152 -23.60 -26.25 -60.30
CA PRO E 152 -23.48 -26.08 -61.74
C PRO E 152 -24.19 -27.19 -62.54
N VAL E 153 -23.92 -27.23 -63.84
CA VAL E 153 -24.46 -28.26 -64.72
C VAL E 153 -23.39 -28.69 -65.71
N THR E 154 -23.49 -29.93 -66.18
CA THR E 154 -22.54 -30.50 -67.12
C THR E 154 -23.24 -30.67 -68.46
N LEU E 155 -22.68 -30.05 -69.50
CA LEU E 155 -23.20 -30.17 -70.86
C LEU E 155 -22.13 -30.76 -71.76
N THR E 156 -22.48 -31.81 -72.49
CA THR E 156 -21.61 -32.44 -73.48
C THR E 156 -22.40 -32.65 -74.76
N TRP E 157 -21.72 -33.20 -75.77
CA TRP E 157 -22.34 -33.48 -77.06
C TRP E 157 -22.00 -34.92 -77.45
N ASN E 158 -23.03 -35.72 -77.68
CA ASN E 158 -22.89 -37.16 -77.97
C ASN E 158 -22.12 -37.86 -76.85
N SER E 159 -22.53 -37.60 -75.60
CA SER E 159 -21.92 -38.18 -74.42
C SER E 159 -20.43 -37.83 -74.33
N GLY E 160 -20.11 -36.56 -74.59
CA GLY E 160 -18.73 -36.12 -74.55
C GLY E 160 -17.89 -36.58 -75.72
N SER E 161 -18.50 -37.17 -76.75
CA SER E 161 -17.75 -37.61 -77.92
C SER E 161 -17.09 -36.42 -78.63
N LEU E 162 -17.90 -35.50 -79.14
CA LEU E 162 -17.38 -34.33 -79.82
C LEU E 162 -17.22 -33.19 -78.82
N SER E 163 -15.98 -32.72 -78.65
CA SER E 163 -15.70 -31.51 -77.89
C SER E 163 -15.08 -30.40 -78.72
N SER E 164 -14.42 -30.73 -79.83
CA SER E 164 -13.79 -29.72 -80.66
C SER E 164 -14.85 -28.92 -81.41
N GLY E 165 -14.85 -27.60 -81.21
CA GLY E 165 -15.82 -26.74 -81.86
C GLY E 165 -17.06 -26.44 -81.05
N VAL E 166 -16.98 -26.59 -79.73
CA VAL E 166 -18.12 -26.40 -78.85
C VAL E 166 -17.90 -25.15 -78.01
N HIS E 167 -18.87 -24.25 -78.04
CA HIS E 167 -18.84 -23.01 -77.27
C HIS E 167 -19.96 -23.05 -76.24
N THR E 168 -19.64 -23.55 -75.04
CA THR E 168 -20.57 -23.53 -73.93
C THR E 168 -20.44 -22.21 -73.17
N PHE E 169 -21.58 -21.53 -72.98
CA PHE E 169 -21.56 -20.21 -72.40
C PHE E 169 -21.78 -20.26 -70.89
N PRO E 170 -21.21 -19.32 -70.15
CA PRO E 170 -21.45 -19.27 -68.71
C PRO E 170 -22.90 -18.95 -68.41
N ALA E 171 -23.42 -19.60 -67.37
CA ALA E 171 -24.81 -19.41 -66.99
C ALA E 171 -25.04 -17.99 -66.49
N VAL E 172 -26.26 -17.49 -66.68
CA VAL E 172 -26.64 -16.14 -66.31
C VAL E 172 -27.84 -16.22 -65.38
N LEU E 173 -27.85 -15.36 -64.36
CA LEU E 173 -28.92 -15.36 -63.38
C LEU E 173 -30.17 -14.68 -63.95
N GLN E 174 -31.31 -15.36 -63.84
CA GLN E 174 -32.59 -14.84 -64.35
C GLN E 174 -33.66 -15.12 -63.29
N SER E 175 -33.82 -14.17 -62.38
CA SER E 175 -34.84 -14.21 -61.32
C SER E 175 -34.76 -15.53 -60.54
N ASP E 176 -33.66 -15.67 -59.80
CA ASP E 176 -33.41 -16.81 -58.92
C ASP E 176 -33.31 -18.13 -59.66
N LEU E 177 -33.15 -18.10 -60.98
CA LEU E 177 -32.97 -19.31 -61.77
C LEU E 177 -31.95 -19.06 -62.86
N TYR E 178 -31.23 -20.11 -63.25
CA TYR E 178 -30.10 -20.00 -64.17
C TYR E 178 -30.51 -20.40 -65.58
N THR E 179 -29.78 -19.84 -66.55
CA THR E 179 -29.99 -20.13 -67.96
C THR E 179 -28.63 -20.31 -68.62
N LEU E 180 -28.37 -21.51 -69.13
CA LEU E 180 -27.09 -21.84 -69.76
C LEU E 180 -27.34 -22.30 -71.19
N SER E 181 -26.46 -21.90 -72.10
CA SER E 181 -26.61 -22.21 -73.51
C SER E 181 -25.27 -22.61 -74.10
N SER E 182 -25.32 -23.53 -75.07
CA SER E 182 -24.13 -24.03 -75.74
C SER E 182 -24.39 -24.12 -77.23
N SER E 183 -23.30 -24.19 -77.99
CA SER E 183 -23.38 -24.27 -79.45
C SER E 183 -22.26 -25.17 -79.95
N VAL E 184 -22.45 -25.71 -81.15
CA VAL E 184 -21.50 -26.62 -81.77
C VAL E 184 -21.59 -26.46 -83.29
N THR E 185 -20.46 -26.60 -83.96
CA THR E 185 -20.38 -26.40 -85.41
C THR E 185 -19.69 -27.59 -86.05
N VAL E 186 -20.27 -28.08 -87.15
CA VAL E 186 -19.72 -29.18 -87.94
C VAL E 186 -19.91 -28.86 -89.41
N THR E 187 -19.47 -29.78 -90.26
CA THR E 187 -19.66 -29.65 -91.70
C THR E 187 -21.07 -30.07 -92.10
N SER E 188 -21.41 -29.83 -93.36
CA SER E 188 -22.72 -30.23 -93.86
C SER E 188 -22.83 -31.73 -94.02
N SER E 189 -21.70 -32.41 -94.29
CA SER E 189 -21.68 -33.85 -94.45
C SER E 189 -21.64 -34.60 -93.12
N THR E 190 -22.02 -33.94 -92.03
CA THR E 190 -22.06 -34.55 -90.70
C THR E 190 -23.46 -34.57 -90.10
N TRP E 191 -24.25 -33.51 -90.31
CA TRP E 191 -25.59 -33.41 -89.80
C TRP E 191 -26.49 -32.84 -90.90
N PRO E 192 -27.69 -33.39 -91.09
CA PRO E 192 -28.28 -34.48 -90.31
C PRO E 192 -27.90 -35.87 -90.80
N SER E 193 -26.76 -36.00 -91.48
CA SER E 193 -26.31 -37.30 -91.96
C SER E 193 -25.93 -38.23 -90.82
N GLN E 194 -25.69 -37.69 -89.62
CA GLN E 194 -25.38 -38.50 -88.45
C GLN E 194 -26.17 -37.97 -87.26
N SER E 195 -26.58 -38.89 -86.39
CA SER E 195 -27.38 -38.51 -85.23
C SER E 195 -26.53 -37.74 -84.23
N ILE E 196 -27.08 -36.63 -83.73
CA ILE E 196 -26.39 -35.76 -82.79
C ILE E 196 -27.37 -35.36 -81.68
N THR E 197 -27.01 -35.64 -80.44
CA THR E 197 -27.84 -35.34 -79.28
C THR E 197 -27.01 -34.57 -78.24
N CYS E 198 -27.67 -33.65 -77.55
CA CYS E 198 -27.04 -32.83 -76.52
C CYS E 198 -27.30 -33.41 -75.15
N ASN E 199 -26.22 -33.75 -74.43
CA ASN E 199 -26.33 -34.32 -73.09
C ASN E 199 -26.23 -33.23 -72.04
N VAL E 200 -27.12 -33.28 -71.05
CA VAL E 200 -27.15 -32.31 -69.96
C VAL E 200 -27.28 -33.07 -68.65
N ALA E 201 -26.60 -32.58 -67.61
CA ALA E 201 -26.64 -33.20 -66.30
C ALA E 201 -26.66 -32.13 -65.21
N HIS E 202 -27.47 -32.36 -64.18
CA HIS E 202 -27.57 -31.45 -63.03
C HIS E 202 -27.40 -32.26 -61.76
N PRO E 203 -26.22 -32.22 -61.12
CA PRO E 203 -26.00 -33.08 -59.95
C PRO E 203 -26.87 -32.71 -58.75
N ALA E 204 -27.28 -31.46 -58.62
CA ALA E 204 -28.06 -31.05 -57.45
C ALA E 204 -29.38 -31.79 -57.38
N SER E 205 -30.06 -31.95 -58.52
CA SER E 205 -31.30 -32.71 -58.58
C SER E 205 -31.09 -34.12 -59.11
N SER E 206 -29.85 -34.49 -59.45
CA SER E 206 -29.51 -35.83 -59.92
C SER E 206 -30.33 -36.22 -61.15
N THR E 207 -30.34 -35.35 -62.14
CA THR E 207 -31.06 -35.58 -63.39
C THR E 207 -30.08 -35.62 -64.55
N LYS E 208 -30.40 -36.42 -65.57
CA LYS E 208 -29.52 -36.66 -66.70
C LYS E 208 -30.34 -36.79 -67.98
N VAL E 209 -31.03 -35.72 -68.36
CA VAL E 209 -31.91 -35.71 -69.52
C VAL E 209 -31.16 -35.13 -70.72
N ASP E 210 -31.45 -35.66 -71.90
CA ASP E 210 -30.83 -35.20 -73.14
C ASP E 210 -31.89 -35.17 -74.24
N LYS E 211 -31.70 -34.23 -75.18
CA LYS E 211 -32.65 -34.03 -76.27
C LYS E 211 -31.92 -34.11 -77.61
N LYS E 212 -32.46 -34.92 -78.52
CA LYS E 212 -31.86 -35.11 -79.83
C LYS E 212 -32.20 -33.92 -80.74
N ILE E 213 -31.23 -33.53 -81.56
CA ILE E 213 -31.40 -32.40 -82.47
C ILE E 213 -32.11 -32.88 -83.72
N GLU E 214 -33.27 -32.29 -84.02
CA GLU E 214 -34.04 -32.69 -85.19
C GLU E 214 -34.13 -31.56 -86.20
N PRO E 215 -34.07 -31.86 -87.49
CA PRO E 215 -34.20 -30.81 -88.51
C PRO E 215 -35.61 -30.22 -88.53
N ARG E 216 -35.70 -28.99 -89.01
CA ARG E 216 -36.97 -28.30 -89.11
C ARG E 216 -37.53 -28.40 -90.53
N ASP F 1 -11.99 8.02 -47.81
CA ASP F 1 -11.26 6.91 -48.41
C ASP F 1 -10.41 7.37 -49.59
N ILE F 2 -9.43 6.56 -49.97
CA ILE F 2 -8.55 6.85 -51.10
C ILE F 2 -9.03 6.08 -52.31
N LEU F 3 -9.15 6.77 -53.44
CA LEU F 3 -9.60 6.15 -54.68
C LEU F 3 -8.39 5.77 -55.53
N MET F 4 -8.38 4.53 -56.02
CA MET F 4 -7.30 4.02 -56.86
C MET F 4 -7.84 3.88 -58.28
N THR F 5 -7.29 4.67 -59.19
CA THR F 5 -7.71 4.68 -60.59
C THR F 5 -6.67 3.92 -61.41
N GLN F 6 -6.98 2.69 -61.75
CA GLN F 6 -6.08 1.81 -62.48
C GLN F 6 -6.42 1.83 -63.97
N SER F 7 -5.41 2.00 -64.81
CA SER F 7 -5.57 2.09 -66.24
C SER F 7 -4.44 1.34 -66.93
N PRO F 8 -4.71 0.74 -68.10
CA PRO F 8 -6.02 0.69 -68.77
C PRO F 8 -6.92 -0.41 -68.20
N SER F 9 -8.21 -0.36 -68.54
CA SER F 9 -9.12 -1.42 -68.11
C SER F 9 -8.77 -2.75 -68.75
N SER F 10 -8.20 -2.72 -69.95
CA SER F 10 -7.75 -3.92 -70.64
C SER F 10 -6.85 -3.51 -71.79
N MET F 11 -5.94 -4.39 -72.16
CA MET F 11 -5.03 -4.15 -73.27
C MET F 11 -4.87 -5.42 -74.10
N SER F 12 -4.77 -5.25 -75.41
CA SER F 12 -4.58 -6.36 -76.33
C SER F 12 -3.10 -6.43 -76.72
N VAL F 13 -2.40 -7.43 -76.21
CA VAL F 13 -0.97 -7.57 -76.38
C VAL F 13 -0.65 -9.01 -76.78
N SER F 14 0.64 -9.27 -77.05
CA SER F 14 1.10 -10.57 -77.49
C SER F 14 2.32 -10.98 -76.66
N LEU F 15 2.84 -12.17 -76.95
CA LEU F 15 3.97 -12.72 -76.21
C LEU F 15 5.24 -11.91 -76.48
N GLY F 16 6.11 -11.87 -75.47
CA GLY F 16 7.36 -11.15 -75.57
C GLY F 16 7.27 -9.65 -75.44
N ASP F 17 6.07 -9.09 -75.42
CA ASP F 17 5.92 -7.65 -75.32
C ASP F 17 6.28 -7.16 -73.92
N THR F 18 6.75 -5.92 -73.85
CA THR F 18 7.05 -5.26 -72.58
C THR F 18 5.92 -4.26 -72.31
N VAL F 19 5.06 -4.59 -71.35
CA VAL F 19 3.86 -3.83 -71.08
C VAL F 19 3.94 -3.24 -69.68
N SER F 20 3.10 -2.22 -69.45
CA SER F 20 3.05 -1.53 -68.16
C SER F 20 1.60 -1.21 -67.81
N ILE F 21 1.31 -1.24 -66.51
CA ILE F 21 0.00 -0.89 -65.97
C ILE F 21 0.19 0.22 -64.96
N THR F 22 -0.55 1.32 -65.13
CA THR F 22 -0.46 2.44 -64.20
C THR F 22 -1.51 2.30 -63.11
N CYS F 23 -1.37 3.13 -62.08
CA CYS F 23 -2.29 3.12 -60.94
C CYS F 23 -2.18 4.47 -60.25
N HIS F 24 -3.20 5.31 -60.41
CA HIS F 24 -3.22 6.64 -59.84
C HIS F 24 -4.03 6.66 -58.56
N ALA F 25 -3.49 7.28 -57.51
CA ALA F 25 -4.18 7.43 -56.24
C ALA F 25 -4.65 8.86 -56.07
N SER F 26 -5.77 9.02 -55.37
CA SER F 26 -6.34 10.35 -55.15
C SER F 26 -5.40 11.27 -54.39
N GLN F 27 -4.47 10.70 -53.61
CA GLN F 27 -3.47 11.47 -52.89
C GLN F 27 -2.20 10.66 -52.82
N GLY F 28 -1.13 11.27 -52.30
CA GLY F 28 0.13 10.55 -52.17
C GLY F 28 0.03 9.46 -51.13
N ILE F 29 0.76 8.36 -51.35
CA ILE F 29 0.66 7.21 -50.46
C ILE F 29 2.06 6.75 -50.07
N SER F 30 3.07 7.36 -50.68
CA SER F 30 4.47 7.14 -50.33
C SER F 30 4.85 5.65 -50.41
N SER F 31 4.71 5.09 -51.62
CA SER F 31 5.17 3.75 -51.95
C SER F 31 4.51 2.65 -51.12
N ASN F 32 3.34 2.93 -50.52
CA ASN F 32 2.61 1.91 -49.77
C ASN F 32 1.54 1.28 -50.66
N ILE F 33 2.00 0.59 -51.69
CA ILE F 33 1.13 0.00 -52.71
C ILE F 33 1.58 -1.42 -53.00
N GLY F 34 0.61 -2.28 -53.32
CA GLY F 34 0.89 -3.64 -53.72
C GLY F 34 0.24 -3.97 -55.05
N TRP F 35 0.75 -5.02 -55.68
CA TRP F 35 0.24 -5.48 -56.97
C TRP F 35 -0.14 -6.95 -56.88
N LEU F 36 -1.29 -7.28 -57.46
CA LEU F 36 -1.86 -8.62 -57.36
C LEU F 36 -2.14 -9.16 -58.75
N GLN F 37 -2.11 -10.49 -58.85
CA GLN F 37 -2.45 -11.20 -60.07
C GLN F 37 -3.59 -12.19 -59.77
N GLN F 38 -4.46 -12.38 -60.75
CA GLN F 38 -5.53 -13.37 -60.66
C GLN F 38 -5.62 -14.09 -62.00
N LYS F 39 -4.99 -15.26 -62.08
CA LYS F 39 -5.09 -16.07 -63.28
C LYS F 39 -6.53 -16.55 -63.47
N PRO F 40 -6.93 -16.84 -64.72
CA PRO F 40 -8.35 -17.18 -64.99
C PRO F 40 -8.84 -18.34 -64.16
N GLY F 41 -9.93 -18.09 -63.42
CA GLY F 41 -10.56 -19.04 -62.50
C GLY F 41 -9.89 -19.22 -61.15
N LYS F 42 -8.57 -19.11 -61.10
CA LYS F 42 -7.83 -19.31 -59.86
C LYS F 42 -7.95 -18.08 -58.96
N SER F 43 -7.26 -18.12 -57.83
CA SER F 43 -7.34 -17.04 -56.85
C SER F 43 -6.26 -16.00 -57.09
N PHE F 44 -5.81 -15.34 -56.01
CA PHE F 44 -4.88 -14.23 -56.10
C PHE F 44 -3.48 -14.64 -55.67
N MET F 45 -2.49 -14.02 -56.31
CA MET F 45 -1.09 -14.18 -55.96
C MET F 45 -0.46 -12.80 -55.83
N GLY F 46 0.23 -12.56 -54.72
CA GLY F 46 0.88 -11.28 -54.51
C GLY F 46 2.10 -11.13 -55.41
N LEU F 47 2.19 -10.00 -56.09
CA LEU F 47 3.33 -9.69 -56.96
C LEU F 47 4.30 -8.74 -56.29
N ILE F 48 3.84 -7.56 -55.90
CA ILE F 48 4.68 -6.50 -55.35
C ILE F 48 4.11 -6.06 -54.01
N TYR F 49 5.00 -5.68 -53.09
CA TYR F 49 4.60 -5.01 -51.86
C TYR F 49 5.57 -3.87 -51.60
N TYR F 50 5.04 -2.80 -51.00
CA TYR F 50 5.79 -1.57 -50.77
C TYR F 50 6.35 -1.00 -52.06
N GLY F 51 5.57 -1.07 -53.13
CA GLY F 51 5.92 -0.42 -54.39
C GLY F 51 6.87 -1.11 -55.34
N THR F 52 7.99 -1.63 -54.84
CA THR F 52 9.02 -2.19 -55.70
C THR F 52 9.48 -3.59 -55.32
N ASN F 53 9.29 -4.02 -54.08
CA ASN F 53 9.82 -5.31 -53.62
C ASN F 53 8.99 -6.45 -54.20
N LEU F 54 9.65 -7.36 -54.91
CA LEU F 54 8.99 -8.55 -55.41
C LEU F 54 8.62 -9.48 -54.26
N VAL F 55 7.43 -10.08 -54.34
CA VAL F 55 7.07 -11.14 -53.41
C VAL F 55 7.91 -12.38 -53.71
N ASP F 56 8.25 -13.12 -52.66
CA ASP F 56 9.07 -14.32 -52.82
C ASP F 56 8.39 -15.31 -53.76
N GLY F 57 9.13 -15.75 -54.78
CA GLY F 57 8.61 -16.68 -55.78
C GLY F 57 8.21 -16.03 -57.09
N VAL F 58 8.11 -14.71 -57.13
CA VAL F 58 7.70 -14.02 -58.36
C VAL F 58 8.90 -13.91 -59.29
N PRO F 59 8.76 -14.26 -60.57
CA PRO F 59 9.88 -14.13 -61.50
C PRO F 59 10.37 -12.69 -61.60
N SER F 60 11.65 -12.54 -61.97
CA SER F 60 12.27 -11.23 -61.99
C SER F 60 11.79 -10.36 -63.14
N ARG F 61 10.97 -10.89 -64.06
CA ARG F 61 10.46 -10.06 -65.15
C ARG F 61 9.40 -9.08 -64.69
N PHE F 62 8.81 -9.30 -63.51
CA PHE F 62 7.94 -8.30 -62.90
C PHE F 62 8.78 -7.26 -62.16
N SER F 63 8.30 -6.02 -62.16
CA SER F 63 9.01 -4.95 -61.50
C SER F 63 8.06 -3.79 -61.23
N GLY F 64 8.20 -3.18 -60.06
CA GLY F 64 7.39 -2.04 -59.70
C GLY F 64 8.19 -0.75 -59.64
N SER F 65 7.50 0.38 -59.75
CA SER F 65 8.16 1.69 -59.76
C SER F 65 7.11 2.77 -59.53
N GLY F 66 7.58 3.96 -59.20
CA GLY F 66 6.72 5.10 -59.01
C GLY F 66 6.88 5.71 -57.62
N SER F 67 6.32 6.91 -57.48
CA SER F 67 6.37 7.64 -56.22
C SER F 67 5.24 8.66 -56.21
N GLY F 68 4.94 9.16 -55.01
CA GLY F 68 3.87 10.14 -54.84
C GLY F 68 2.49 9.53 -54.94
N ALA F 69 1.79 9.81 -56.04
CA ALA F 69 0.44 9.29 -56.25
C ALA F 69 0.31 8.61 -57.61
N ASP F 70 1.42 8.22 -58.23
CA ASP F 70 1.41 7.60 -59.54
C ASP F 70 2.46 6.49 -59.56
N TYR F 71 2.00 5.26 -59.79
CA TYR F 71 2.86 4.09 -59.73
C TYR F 71 2.60 3.22 -60.95
N SER F 72 3.53 2.29 -61.21
CA SER F 72 3.46 1.48 -62.42
C SER F 72 3.98 0.08 -62.15
N LEU F 73 3.28 -0.91 -62.68
CA LEU F 73 3.76 -2.29 -62.77
C LEU F 73 4.26 -2.54 -64.19
N THR F 74 5.28 -3.39 -64.31
CA THR F 74 5.90 -3.64 -65.60
C THR F 74 6.23 -5.12 -65.74
N ILE F 75 5.87 -5.69 -66.89
CA ILE F 75 6.17 -7.09 -67.21
C ILE F 75 6.97 -7.08 -68.51
N SER F 76 8.25 -7.42 -68.42
CA SER F 76 9.12 -7.50 -69.58
C SER F 76 9.07 -8.92 -70.14
N SER F 77 8.88 -9.02 -71.45
CA SER F 77 8.77 -10.32 -72.14
C SER F 77 7.63 -11.14 -71.55
N LEU F 78 6.41 -10.91 -72.04
CA LEU F 78 5.23 -11.59 -71.52
C LEU F 78 5.29 -13.09 -71.81
N ASP F 79 4.77 -13.88 -70.86
CA ASP F 79 4.63 -15.31 -71.00
C ASP F 79 3.15 -15.67 -71.05
N SER F 80 2.87 -16.90 -71.48
CA SER F 80 1.49 -17.35 -71.59
C SER F 80 0.79 -17.30 -70.23
N GLU F 81 1.52 -17.56 -69.15
CA GLU F 81 0.94 -17.51 -67.82
C GLU F 81 0.57 -16.09 -67.40
N ASP F 82 1.18 -15.07 -68.03
CA ASP F 82 0.97 -13.69 -67.63
C ASP F 82 -0.35 -13.10 -68.12
N PHE F 83 -1.06 -13.79 -69.00
CA PHE F 83 -2.36 -13.31 -69.49
C PHE F 83 -3.39 -13.58 -68.39
N ALA F 84 -3.60 -12.58 -67.54
CA ALA F 84 -4.48 -12.71 -66.39
C ALA F 84 -5.01 -11.32 -66.02
N ASP F 85 -5.62 -11.23 -64.84
CA ASP F 85 -6.09 -9.96 -64.30
C ASP F 85 -5.04 -9.40 -63.34
N TYR F 86 -5.04 -8.08 -63.20
CA TYR F 86 -4.07 -7.39 -62.35
C TYR F 86 -4.75 -6.24 -61.62
N TYR F 87 -4.50 -6.14 -60.32
CA TYR F 87 -5.09 -5.11 -59.48
C TYR F 87 -4.01 -4.48 -58.61
N CYS F 88 -4.11 -3.17 -58.41
CA CYS F 88 -3.28 -2.47 -57.43
C CYS F 88 -4.10 -2.17 -56.18
N VAL F 89 -3.43 -2.15 -55.04
CA VAL F 89 -4.07 -1.90 -53.76
C VAL F 89 -3.17 -0.98 -52.93
N GLN F 90 -3.79 -0.05 -52.22
CA GLN F 90 -3.08 0.84 -51.31
C GLN F 90 -3.38 0.46 -49.87
N TYR F 91 -2.40 0.67 -49.00
CA TYR F 91 -2.60 0.47 -47.58
C TYR F 91 -1.95 1.60 -46.76
N ALA F 92 -1.81 2.77 -47.37
CA ALA F 92 -1.32 3.93 -46.63
C ALA F 92 -2.36 4.40 -45.61
N GLN F 93 -3.63 4.26 -45.92
CA GLN F 93 -4.71 4.63 -45.02
C GLN F 93 -5.77 3.54 -44.97
N LEU F 94 -6.39 3.41 -43.80
CA LEU F 94 -7.60 2.60 -43.70
C LEU F 94 -8.81 3.44 -44.10
N PRO F 95 -9.77 2.88 -44.83
CA PRO F 95 -9.81 1.49 -45.32
C PRO F 95 -8.92 1.24 -46.53
N TYR F 96 -8.45 0.01 -46.68
CA TYR F 96 -7.70 -0.37 -47.87
C TYR F 96 -8.62 -0.30 -49.10
N THR F 97 -8.06 0.13 -50.23
CA THR F 97 -8.83 0.26 -51.45
C THR F 97 -8.04 -0.30 -52.63
N PHE F 98 -8.74 -0.97 -53.53
CA PHE F 98 -8.15 -1.61 -54.69
C PHE F 98 -8.40 -0.77 -55.95
N GLY F 99 -7.77 -1.19 -57.04
CA GLY F 99 -7.95 -0.54 -58.32
C GLY F 99 -9.07 -1.17 -59.14
N GLY F 100 -9.39 -0.51 -60.25
CA GLY F 100 -10.45 -1.00 -61.12
C GLY F 100 -10.14 -2.30 -61.83
N GLY F 101 -8.86 -2.66 -61.92
CA GLY F 101 -8.45 -3.89 -62.55
C GLY F 101 -7.89 -3.67 -63.95
N THR F 102 -7.13 -4.66 -64.41
CA THR F 102 -6.55 -4.63 -65.75
C THR F 102 -6.47 -6.05 -66.27
N LYS F 103 -7.09 -6.30 -67.43
CA LYS F 103 -7.12 -7.62 -68.04
C LYS F 103 -6.25 -7.61 -69.28
N LEU F 104 -5.31 -8.55 -69.35
CA LEU F 104 -4.40 -8.68 -70.49
C LEU F 104 -4.94 -9.76 -71.43
N GLU F 105 -5.18 -9.38 -72.68
CA GLU F 105 -5.78 -10.25 -73.67
C GLU F 105 -4.84 -10.43 -74.85
N ILE F 106 -5.01 -11.54 -75.56
CA ILE F 106 -4.13 -11.90 -76.67
C ILE F 106 -4.53 -11.10 -77.90
N LYS F 107 -3.58 -10.33 -78.43
CA LYS F 107 -3.82 -9.59 -79.67
C LYS F 107 -3.80 -10.53 -80.86
N ARG F 108 -4.72 -10.31 -81.80
CA ARG F 108 -4.78 -11.14 -83.00
C ARG F 108 -5.54 -10.37 -84.07
N ALA F 109 -5.76 -11.04 -85.21
CA ALA F 109 -6.46 -10.41 -86.33
C ALA F 109 -7.94 -10.26 -86.01
N ASP F 110 -8.54 -9.19 -86.53
CA ASP F 110 -9.96 -8.94 -86.34
C ASP F 110 -10.77 -9.95 -87.14
N ALA F 111 -11.77 -10.56 -86.49
CA ALA F 111 -12.62 -11.55 -87.11
C ALA F 111 -14.08 -11.18 -86.89
N ALA F 112 -14.90 -11.38 -87.93
CA ALA F 112 -16.32 -11.06 -87.88
C ALA F 112 -17.09 -12.20 -87.22
N PRO F 113 -18.19 -11.89 -86.54
CA PRO F 113 -18.93 -12.94 -85.84
C PRO F 113 -19.81 -13.76 -86.76
N THR F 114 -19.92 -15.05 -86.46
CA THR F 114 -20.80 -15.96 -87.20
C THR F 114 -22.16 -15.96 -86.51
N VAL F 115 -23.07 -15.14 -87.02
CA VAL F 115 -24.40 -14.99 -86.42
C VAL F 115 -25.26 -16.17 -86.83
N SER F 116 -26.08 -16.66 -85.88
CA SER F 116 -26.97 -17.79 -86.13
C SER F 116 -28.17 -17.66 -85.20
N ILE F 117 -29.34 -17.39 -85.78
CA ILE F 117 -30.57 -17.23 -85.00
C ILE F 117 -31.32 -18.55 -84.99
N PHE F 118 -31.98 -18.83 -83.87
CA PHE F 118 -32.72 -20.08 -83.72
C PHE F 118 -34.06 -19.81 -83.03
N PRO F 119 -35.17 -20.20 -83.65
CA PRO F 119 -36.48 -19.97 -83.04
C PRO F 119 -36.71 -20.92 -81.87
N PRO F 120 -37.76 -20.70 -81.08
CA PRO F 120 -38.05 -21.61 -79.98
C PRO F 120 -38.28 -23.03 -80.46
N SER F 121 -38.11 -23.98 -79.53
CA SER F 121 -38.33 -25.38 -79.80
C SER F 121 -39.80 -25.74 -79.59
N SER F 122 -40.15 -26.96 -80.02
CA SER F 122 -41.52 -27.43 -79.81
C SER F 122 -41.74 -27.81 -78.35
N GLU F 123 -40.73 -28.38 -77.70
CA GLU F 123 -40.84 -28.69 -76.28
C GLU F 123 -40.97 -27.44 -75.44
N GLN F 124 -40.53 -26.29 -75.95
CA GLN F 124 -40.62 -25.06 -75.18
C GLN F 124 -41.97 -24.40 -75.37
N LEU F 125 -42.45 -24.36 -76.61
CA LEU F 125 -43.73 -23.71 -76.88
C LEU F 125 -44.90 -24.48 -76.28
N THR F 126 -44.68 -25.72 -75.87
CA THR F 126 -45.73 -26.51 -75.24
C THR F 126 -45.87 -26.18 -73.76
N SER F 127 -44.85 -25.62 -73.13
CA SER F 127 -44.90 -25.25 -71.73
C SER F 127 -45.30 -23.80 -71.53
N GLY F 128 -45.84 -23.15 -72.55
CA GLY F 128 -46.31 -21.78 -72.43
C GLY F 128 -45.21 -20.75 -72.41
N GLY F 129 -44.17 -20.93 -73.22
CA GLY F 129 -43.06 -20.00 -73.26
C GLY F 129 -42.37 -20.03 -74.62
N ALA F 130 -41.46 -19.08 -74.80
CA ALA F 130 -40.72 -18.97 -76.04
C ALA F 130 -39.45 -18.16 -75.81
N SER F 131 -38.34 -18.64 -76.38
CA SER F 131 -37.06 -17.95 -76.29
C SER F 131 -36.36 -18.05 -77.64
N VAL F 132 -35.91 -16.91 -78.15
CA VAL F 132 -35.17 -16.85 -79.41
C VAL F 132 -33.69 -16.69 -79.09
N VAL F 133 -32.90 -17.67 -79.49
CA VAL F 133 -31.46 -17.68 -79.24
C VAL F 133 -30.73 -17.22 -80.50
N CYS F 134 -29.69 -16.42 -80.32
CA CYS F 134 -28.92 -15.89 -81.43
C CYS F 134 -27.44 -15.93 -81.05
N PHE F 135 -26.69 -16.85 -81.66
CA PHE F 135 -25.28 -17.04 -81.33
C PHE F 135 -24.39 -16.18 -82.20
N LEU F 136 -23.30 -15.67 -81.60
CA LEU F 136 -22.31 -14.84 -82.29
C LEU F 136 -20.94 -15.43 -81.94
N ASN F 137 -20.57 -16.51 -82.61
CA ASN F 137 -19.38 -17.28 -82.26
C ASN F 137 -18.16 -16.77 -83.01
N ASN F 138 -17.02 -16.77 -82.32
CA ASN F 138 -15.72 -16.48 -82.90
C ASN F 138 -15.65 -15.11 -83.54
N PHE F 139 -15.31 -14.09 -82.76
CA PHE F 139 -15.09 -12.75 -83.30
C PHE F 139 -14.02 -12.06 -82.46
N TYR F 140 -13.44 -11.01 -83.05
CA TYR F 140 -12.40 -10.22 -82.38
C TYR F 140 -12.40 -8.83 -82.98
N PRO F 141 -12.25 -7.76 -82.16
CA PRO F 141 -12.09 -7.77 -80.71
C PRO F 141 -13.37 -8.12 -79.95
N LYS F 142 -13.28 -8.14 -78.62
CA LYS F 142 -14.42 -8.50 -77.78
C LYS F 142 -15.57 -7.51 -77.88
N ASP F 143 -15.29 -6.26 -78.24
CA ASP F 143 -16.35 -5.23 -78.29
C ASP F 143 -17.38 -5.59 -79.35
N ILE F 144 -18.64 -5.67 -78.95
CA ILE F 144 -19.73 -6.06 -79.84
C ILE F 144 -21.04 -5.64 -79.20
N ASN F 145 -22.03 -5.34 -80.03
CA ASN F 145 -23.33 -4.86 -79.55
C ASN F 145 -24.43 -5.57 -80.32
N VAL F 146 -25.29 -6.29 -79.59
CA VAL F 146 -26.44 -6.98 -80.18
C VAL F 146 -27.67 -6.10 -80.03
N LYS F 147 -28.59 -6.20 -80.98
CA LYS F 147 -29.83 -5.44 -80.96
C LYS F 147 -30.97 -6.30 -81.48
N TRP F 148 -32.06 -6.35 -80.73
CA TRP F 148 -33.27 -7.05 -81.14
C TRP F 148 -34.27 -6.08 -81.74
N LYS F 149 -34.99 -6.54 -82.76
CA LYS F 149 -36.02 -5.73 -83.42
C LYS F 149 -37.19 -6.63 -83.77
N ILE F 150 -38.30 -6.49 -83.05
CA ILE F 150 -39.52 -7.21 -83.35
C ILE F 150 -40.34 -6.35 -84.31
N ASP F 151 -40.41 -6.78 -85.57
CA ASP F 151 -41.07 -6.01 -86.63
C ASP F 151 -40.47 -4.61 -86.74
N GLY F 152 -39.15 -4.54 -86.66
CA GLY F 152 -38.49 -3.27 -86.84
C GLY F 152 -38.34 -2.55 -85.53
N SER F 153 -39.35 -2.65 -84.66
CA SER F 153 -39.34 -1.97 -83.37
C SER F 153 -38.28 -2.59 -82.47
N GLU F 154 -37.35 -1.76 -82.00
CA GLU F 154 -36.26 -2.24 -81.16
C GLU F 154 -36.79 -2.87 -79.89
N ARG F 155 -36.06 -3.86 -79.38
CA ARG F 155 -36.43 -4.59 -78.18
C ARG F 155 -35.30 -4.54 -77.17
N GLN F 156 -35.63 -4.19 -75.93
CA GLN F 156 -34.66 -4.15 -74.84
C GLN F 156 -35.19 -4.85 -73.59
N ASN F 157 -36.35 -5.50 -73.67
CA ASN F 157 -37.00 -6.10 -72.52
C ASN F 157 -36.79 -7.61 -72.53
N GLY F 158 -36.37 -8.15 -71.38
CA GLY F 158 -36.22 -9.59 -71.23
C GLY F 158 -35.16 -10.22 -72.10
N VAL F 159 -33.97 -9.63 -72.13
CA VAL F 159 -32.84 -10.13 -72.90
C VAL F 159 -31.81 -10.71 -71.96
N LEU F 160 -31.27 -11.87 -72.31
CA LEU F 160 -30.27 -12.56 -71.52
C LEU F 160 -29.05 -12.83 -72.40
N ASN F 161 -27.95 -12.14 -72.11
CA ASN F 161 -26.71 -12.29 -72.87
C ASN F 161 -25.65 -12.97 -72.02
N SER F 162 -24.73 -13.65 -72.68
CA SER F 162 -23.64 -14.35 -72.01
C SER F 162 -22.40 -14.33 -72.90
N TRP F 163 -21.26 -13.98 -72.32
CA TRP F 163 -20.00 -13.92 -73.02
C TRP F 163 -19.09 -15.05 -72.58
N THR F 164 -18.33 -15.60 -73.51
CA THR F 164 -17.28 -16.56 -73.21
C THR F 164 -15.93 -15.85 -73.15
N ASP F 165 -15.01 -16.42 -72.38
CA ASP F 165 -13.67 -15.89 -72.30
C ASP F 165 -12.95 -16.05 -73.64
N GLN F 166 -11.79 -15.42 -73.76
CA GLN F 166 -10.99 -15.53 -74.97
C GLN F 166 -10.62 -16.99 -75.21
N ASP F 167 -11.15 -17.56 -76.29
CA ASP F 167 -11.02 -18.99 -76.55
C ASP F 167 -9.55 -19.39 -76.64
N SER F 168 -9.15 -20.38 -75.83
CA SER F 168 -7.77 -20.81 -75.82
C SER F 168 -7.36 -21.46 -77.14
N LYS F 169 -8.33 -21.80 -77.99
CA LYS F 169 -8.02 -22.48 -79.24
C LYS F 169 -7.58 -21.50 -80.32
N ASP F 170 -8.32 -20.40 -80.48
CA ASP F 170 -8.06 -19.44 -81.56
C ASP F 170 -8.08 -17.99 -81.09
N SER F 171 -8.17 -17.74 -79.78
CA SER F 171 -8.12 -16.39 -79.22
C SER F 171 -9.28 -15.52 -79.71
N THR F 172 -10.45 -16.14 -79.87
CA THR F 172 -11.65 -15.44 -80.29
C THR F 172 -12.68 -15.42 -79.16
N TYR F 173 -13.62 -14.50 -79.27
CA TYR F 173 -14.71 -14.37 -78.31
C TYR F 173 -16.02 -14.81 -78.96
N SER F 174 -16.91 -15.37 -78.14
CA SER F 174 -18.23 -15.79 -78.58
C SER F 174 -19.27 -15.18 -77.66
N MET F 175 -20.48 -14.97 -78.20
CA MET F 175 -21.55 -14.35 -77.44
C MET F 175 -22.87 -15.03 -77.75
N SER F 176 -23.69 -15.21 -76.71
CA SER F 176 -25.04 -15.72 -76.83
C SER F 176 -26.03 -14.63 -76.44
N SER F 177 -27.28 -14.82 -76.84
CA SER F 177 -28.34 -13.85 -76.57
C SER F 177 -29.68 -14.55 -76.63
N THR F 178 -30.46 -14.47 -75.55
CA THR F 178 -31.72 -15.19 -75.44
C THR F 178 -32.83 -14.17 -75.11
N LEU F 179 -33.63 -13.82 -76.10
CA LEU F 179 -34.79 -12.96 -75.90
C LEU F 179 -35.97 -13.83 -75.47
N THR F 180 -36.44 -13.63 -74.25
CA THR F 180 -37.47 -14.48 -73.66
C THR F 180 -38.77 -13.72 -73.49
N LEU F 181 -39.89 -14.40 -73.74
CA LEU F 181 -41.21 -13.88 -73.47
C LEU F 181 -42.18 -15.05 -73.42
N THR F 182 -43.46 -14.75 -73.15
CA THR F 182 -44.47 -15.78 -73.05
C THR F 182 -44.88 -16.28 -74.43
N LYS F 183 -45.48 -17.48 -74.45
CA LYS F 183 -45.97 -18.04 -75.70
C LYS F 183 -47.10 -17.19 -76.28
N ASP F 184 -47.96 -16.64 -75.41
CA ASP F 184 -49.05 -15.80 -75.88
C ASP F 184 -48.54 -14.53 -76.53
N GLU F 185 -47.50 -13.92 -75.96
CA GLU F 185 -46.90 -12.74 -76.58
C GLU F 185 -46.10 -13.11 -77.83
N TYR F 186 -45.56 -14.34 -77.88
CA TYR F 186 -44.83 -14.77 -79.06
C TYR F 186 -45.75 -14.88 -80.27
N GLU F 187 -46.94 -15.43 -80.09
CA GLU F 187 -47.93 -15.56 -81.17
C GLU F 187 -48.63 -14.24 -81.48
N ARG F 188 -47.91 -13.13 -81.45
CA ARG F 188 -48.44 -11.82 -81.78
C ARG F 188 -47.84 -11.23 -83.04
N HIS F 189 -46.57 -11.52 -83.33
CA HIS F 189 -45.85 -10.95 -84.45
C HIS F 189 -45.31 -12.08 -85.33
N ASN F 190 -44.53 -11.71 -86.34
CA ASN F 190 -43.99 -12.69 -87.27
C ASN F 190 -42.49 -12.51 -87.48
N SER F 191 -42.08 -11.31 -87.86
CA SER F 191 -40.67 -11.05 -88.14
C SER F 191 -39.92 -10.78 -86.85
N TYR F 192 -38.76 -11.43 -86.69
CA TYR F 192 -37.92 -11.25 -85.50
C TYR F 192 -36.48 -11.09 -85.96
N THR F 193 -35.91 -9.91 -85.73
CA THR F 193 -34.58 -9.56 -86.19
C THR F 193 -33.55 -9.78 -85.09
N CYS F 194 -32.29 -10.04 -85.49
CA CYS F 194 -31.17 -10.17 -84.57
C CYS F 194 -29.98 -9.43 -85.20
N GLU F 195 -29.83 -8.15 -84.86
CA GLU F 195 -28.76 -7.33 -85.40
C GLU F 195 -27.50 -7.43 -84.54
N ALA F 196 -26.38 -6.98 -85.10
CA ALA F 196 -25.10 -7.05 -84.42
C ALA F 196 -24.14 -6.04 -85.02
N THR F 197 -23.52 -5.23 -84.16
CA THR F 197 -22.57 -4.21 -84.58
C THR F 197 -21.15 -4.64 -84.23
N HIS F 198 -20.23 -4.46 -85.17
CA HIS F 198 -18.85 -4.86 -84.97
C HIS F 198 -17.95 -3.94 -85.79
N LYS F 199 -16.66 -3.90 -85.42
CA LYS F 199 -15.72 -3.05 -86.15
C LYS F 199 -15.33 -3.63 -87.50
N THR F 200 -15.46 -4.94 -87.69
CA THR F 200 -15.14 -5.54 -88.97
C THR F 200 -16.24 -5.29 -90.00
N SER F 201 -17.42 -4.87 -89.56
CA SER F 201 -18.58 -4.70 -90.43
C SER F 201 -19.12 -3.29 -90.27
N THR F 202 -19.02 -2.50 -91.34
CA THR F 202 -19.59 -1.16 -91.32
C THR F 202 -21.11 -1.22 -91.13
N SER F 203 -21.76 -2.23 -91.73
CA SER F 203 -23.19 -2.49 -91.65
C SER F 203 -23.48 -3.60 -90.65
N PRO F 204 -24.60 -3.53 -89.94
CA PRO F 204 -24.91 -4.55 -88.93
C PRO F 204 -25.36 -5.85 -89.57
N ILE F 205 -24.80 -6.96 -89.09
CA ILE F 205 -25.20 -8.28 -89.59
C ILE F 205 -26.58 -8.64 -89.05
N VAL F 206 -27.41 -9.24 -89.90
CA VAL F 206 -28.81 -9.45 -89.61
C VAL F 206 -29.19 -10.90 -89.85
N LYS F 207 -30.02 -11.46 -88.97
CA LYS F 207 -30.59 -12.79 -89.13
C LYS F 207 -32.02 -12.76 -88.64
N SER F 208 -32.97 -13.13 -89.51
CA SER F 208 -34.38 -13.03 -89.21
C SER F 208 -35.10 -14.31 -89.63
N PHE F 209 -36.40 -14.37 -89.32
CA PHE F 209 -37.27 -15.49 -89.66
C PHE F 209 -38.71 -15.10 -89.40
N ASN F 210 -39.62 -15.78 -90.07
CA ASN F 210 -41.06 -15.58 -89.88
C ASN F 210 -41.59 -16.59 -88.87
N ARG F 211 -42.54 -16.15 -88.04
CA ARG F 211 -43.07 -17.00 -86.99
C ARG F 211 -43.85 -18.16 -87.61
N ASN F 212 -43.39 -19.39 -87.33
CA ASN F 212 -44.01 -20.62 -87.83
C ASN F 212 -44.12 -20.58 -89.36
N GLU F 213 -42.95 -20.71 -89.99
CA GLU F 213 -42.87 -20.65 -91.45
C GLU F 213 -43.24 -21.99 -92.08
N CYS F 214 -42.39 -22.99 -91.88
CA CYS F 214 -42.58 -24.32 -92.47
C CYS F 214 -43.90 -24.96 -92.03
N GLU G 1 2.34 -6.95 45.29
CA GLU G 1 2.25 -5.85 46.26
C GLU G 1 3.06 -4.65 45.78
N VAL G 2 2.57 -3.45 46.09
CA VAL G 2 3.24 -2.21 45.73
C VAL G 2 4.34 -1.95 46.73
N GLN G 3 5.60 -1.99 46.27
CA GLN G 3 6.75 -1.67 47.10
C GLN G 3 7.68 -0.76 46.33
N LEU G 4 8.12 0.32 46.97
CA LEU G 4 9.04 1.28 46.37
C LEU G 4 10.41 1.07 47.00
N GLN G 5 11.37 0.61 46.20
CA GLN G 5 12.72 0.30 46.67
C GLN G 5 13.68 1.38 46.19
N GLN G 6 14.26 2.11 47.12
CA GLN G 6 15.16 3.21 46.81
C GLN G 6 16.61 2.79 46.99
N SER G 7 17.51 3.64 46.50
CA SER G 7 18.94 3.36 46.57
C SER G 7 19.44 3.47 48.02
N GLY G 8 20.67 3.03 48.23
CA GLY G 8 21.26 3.07 49.55
C GLY G 8 21.67 4.47 49.95
N ALA G 9 22.07 4.58 51.21
CA ALA G 9 22.49 5.87 51.76
C ALA G 9 23.71 6.40 51.02
N GLU G 10 23.74 7.71 50.81
CA GLU G 10 24.80 8.37 50.06
C GLU G 10 25.61 9.28 50.97
N LEU G 11 26.92 9.23 50.82
CA LEU G 11 27.85 10.10 51.53
C LEU G 11 28.70 10.84 50.50
N VAL G 12 28.48 12.14 50.39
CA VAL G 12 29.11 12.96 49.35
C VAL G 12 29.63 14.25 49.96
N LYS G 13 30.41 15.01 49.16
CA LYS G 13 31.04 16.27 49.53
C LYS G 13 30.23 17.45 48.98
N PRO G 14 30.33 18.62 49.61
CA PRO G 14 29.60 19.79 49.12
C PRO G 14 30.06 20.19 47.72
N GLY G 15 29.15 20.79 46.97
CA GLY G 15 29.42 21.19 45.60
C GLY G 15 29.32 20.07 44.58
N ALA G 16 29.30 18.82 45.01
CA ALA G 16 29.20 17.69 44.09
C ALA G 16 27.73 17.44 43.75
N SER G 17 27.45 16.30 43.11
CA SER G 17 26.09 15.93 42.75
C SER G 17 25.84 14.47 43.11
N VAL G 18 24.57 14.14 43.28
CA VAL G 18 24.15 12.77 43.59
C VAL G 18 22.82 12.53 42.89
N LYS G 19 22.58 11.26 42.56
CA LYS G 19 21.37 10.85 41.84
C LYS G 19 20.75 9.66 42.53
N LEU G 20 19.62 9.88 43.20
CA LEU G 20 18.94 8.80 43.90
C LEU G 20 18.03 8.03 42.95
N SER G 21 17.80 6.76 43.28
CA SER G 21 16.95 5.90 42.47
C SER G 21 15.72 5.46 43.25
N CYS G 22 14.68 5.10 42.52
CA CYS G 22 13.41 4.66 43.11
C CYS G 22 12.80 3.64 42.15
N THR G 23 13.06 2.35 42.43
CA THR G 23 12.65 1.27 41.55
C THR G 23 11.30 0.70 41.99
N ALA G 24 10.42 0.47 41.03
CA ALA G 24 9.08 -0.02 41.30
C ALA G 24 9.08 -1.55 41.37
N SER G 25 8.44 -2.09 42.39
CA SER G 25 8.38 -3.52 42.62
C SER G 25 6.93 -3.96 42.74
N GLY G 26 6.54 -4.95 41.94
CA GLY G 26 5.18 -5.45 41.95
C GLY G 26 4.22 -4.70 41.06
N PHE G 27 4.67 -3.67 40.35
CA PHE G 27 3.82 -2.87 39.49
C PHE G 27 4.70 -2.14 38.49
N ASN G 28 4.07 -1.42 37.56
CA ASN G 28 4.78 -0.65 36.55
C ASN G 28 4.86 0.81 37.00
N ILE G 29 6.08 1.37 36.98
CA ILE G 29 6.29 2.75 37.40
C ILE G 29 5.46 3.72 36.58
N LYS G 30 5.05 3.32 35.38
CA LYS G 30 4.33 4.18 34.45
C LYS G 30 2.87 4.41 34.85
N ASP G 31 2.37 3.71 35.87
CA ASP G 31 0.95 3.75 36.19
C ASP G 31 0.52 5.12 36.70
N THR G 32 1.24 5.64 37.70
CA THR G 32 0.80 6.83 38.43
C THR G 32 1.89 7.89 38.44
N TYR G 33 1.61 8.98 39.15
CA TYR G 33 2.63 9.98 39.46
C TYR G 33 3.66 9.40 40.43
N VAL G 34 4.84 10.01 40.41
CA VAL G 34 5.90 9.68 41.37
C VAL G 34 6.41 10.98 41.96
N HIS G 35 6.26 11.14 43.27
CA HIS G 35 6.68 12.34 43.98
C HIS G 35 7.98 12.10 44.72
N TRP G 36 8.63 13.20 45.11
CA TRP G 36 9.84 13.16 45.92
C TRP G 36 9.65 14.09 47.11
N VAL G 37 9.96 13.61 48.31
CA VAL G 37 9.76 14.34 49.54
C VAL G 37 11.07 14.34 50.34
N LYS G 38 11.38 15.49 50.94
CA LYS G 38 12.57 15.67 51.75
C LYS G 38 12.18 15.80 53.21
N GLN G 39 12.95 15.17 54.09
CA GLN G 39 12.65 15.18 55.52
C GLN G 39 13.90 15.57 56.32
N ARG G 40 13.72 16.52 57.23
CA ARG G 40 14.75 16.96 58.16
C ARG G 40 14.14 17.07 59.56
N PRO G 41 14.95 16.89 60.60
CA PRO G 41 14.38 16.94 61.96
C PRO G 41 13.76 18.28 62.32
N GLU G 42 14.42 19.38 61.99
CA GLU G 42 13.89 20.70 62.33
C GLU G 42 12.86 21.17 61.29
N GLN G 43 13.25 21.19 60.01
CA GLN G 43 12.41 21.75 58.96
C GLN G 43 11.23 20.86 58.61
N GLY G 44 11.22 19.61 59.06
CA GLY G 44 10.09 18.72 58.80
C GLY G 44 10.06 18.16 57.40
N LEU G 45 8.86 18.04 56.83
CA LEU G 45 8.67 17.45 55.51
C LEU G 45 8.45 18.55 54.47
N GLU G 46 9.09 18.39 53.31
CA GLU G 46 8.97 19.32 52.20
C GLU G 46 8.73 18.56 50.91
N TRP G 47 7.87 19.08 50.06
CA TRP G 47 7.56 18.46 48.78
C TRP G 47 8.51 19.01 47.72
N ILE G 48 9.32 18.11 47.15
CA ILE G 48 10.27 18.49 46.11
C ILE G 48 9.53 18.66 44.79
N GLY G 49 9.07 17.56 44.23
CA GLY G 49 8.35 17.63 42.96
C GLY G 49 7.74 16.29 42.61
N ARG G 50 7.23 16.21 41.38
CA ARG G 50 6.58 15.00 40.90
C ARG G 50 6.96 14.78 39.44
N ILE G 51 6.66 13.58 38.93
CA ILE G 51 6.88 13.25 37.54
C ILE G 51 5.83 12.22 37.12
N ASP G 52 5.39 12.31 35.87
CA ASP G 52 4.58 11.28 35.24
C ASP G 52 5.49 10.47 34.34
N PRO G 53 5.88 9.25 34.74
CA PRO G 53 6.84 8.48 33.93
C PRO G 53 6.33 8.13 32.55
N ALA G 54 5.02 8.24 32.30
CA ALA G 54 4.49 7.92 30.98
C ALA G 54 4.88 8.93 29.93
N ASN G 55 5.30 10.14 30.33
CA ASN G 55 5.63 11.17 29.36
C ASN G 55 6.82 12.03 29.77
N GLY G 56 7.22 12.01 31.04
CA GLY G 56 8.37 12.78 31.51
C GLY G 56 8.05 14.16 32.02
N TYR G 57 6.81 14.62 31.91
CA TYR G 57 6.45 15.94 32.40
C TYR G 57 6.59 16.00 33.91
N THR G 58 7.03 17.14 34.42
CA THR G 58 7.40 17.29 35.82
C THR G 58 6.79 18.55 36.41
N LYS G 59 6.76 18.58 37.75
CA LYS G 59 6.37 19.75 38.51
C LYS G 59 7.31 19.88 39.70
N TYR G 60 7.59 21.12 40.11
CA TYR G 60 8.54 21.36 41.18
C TYR G 60 8.03 22.47 42.09
N ASP G 61 8.35 22.34 43.37
CA ASP G 61 8.27 23.47 44.28
C ASP G 61 9.38 24.44 43.91
N PRO G 62 9.07 25.74 43.74
CA PRO G 62 10.11 26.69 43.32
C PRO G 62 11.29 26.77 44.26
N LYS G 63 11.17 26.30 45.50
CA LYS G 63 12.30 26.35 46.42
C LYS G 63 13.44 25.45 45.96
N PHE G 64 13.12 24.40 45.19
CA PHE G 64 14.11 23.43 44.73
C PHE G 64 14.47 23.60 43.26
N GLN G 65 13.96 24.65 42.60
CA GLN G 65 14.25 24.86 41.19
C GLN G 65 15.74 25.09 40.98
N GLY G 66 16.41 24.12 40.37
CA GLY G 66 17.85 24.20 40.16
C GLY G 66 18.57 22.98 40.70
N LYS G 67 18.47 22.75 42.01
CA LYS G 67 19.14 21.60 42.61
C LYS G 67 18.45 20.29 42.23
N ALA G 68 17.14 20.21 42.42
CA ALA G 68 16.41 18.99 42.16
C ALA G 68 16.10 18.84 40.68
N THR G 69 16.23 17.61 40.17
CA THR G 69 15.89 17.30 38.78
C THR G 69 15.35 15.87 38.77
N ILE G 70 14.05 15.73 38.52
CA ILE G 70 13.38 14.44 38.60
C ILE G 70 13.27 13.86 37.19
N THR G 71 13.67 12.60 37.04
CA THR G 71 13.61 11.89 35.77
C THR G 71 13.09 10.48 36.02
N ALA G 72 12.85 9.75 34.93
CA ALA G 72 12.32 8.40 35.03
C ALA G 72 12.66 7.62 33.77
N ASP G 73 12.95 6.33 33.95
CA ASP G 73 13.21 5.40 32.84
C ASP G 73 12.27 4.22 33.00
N THR G 74 11.28 4.12 32.11
CA THR G 74 10.33 3.02 32.18
C THR G 74 10.97 1.67 31.85
N SER G 75 12.12 1.67 31.17
CA SER G 75 12.81 0.43 30.88
C SER G 75 13.23 -0.28 32.16
N SER G 76 14.00 0.40 33.01
CA SER G 76 14.39 -0.15 34.29
C SER G 76 13.30 -0.02 35.35
N ASN G 77 12.14 0.54 34.98
CA ASN G 77 11.01 0.70 35.90
C ASN G 77 11.42 1.52 37.14
N THR G 78 12.16 2.60 36.90
CA THR G 78 12.78 3.37 37.96
C THR G 78 12.53 4.86 37.76
N ALA G 79 12.46 5.59 38.88
CA ALA G 79 12.39 7.04 38.88
C ALA G 79 13.57 7.60 39.67
N TYR G 80 14.13 8.70 39.18
CA TYR G 80 15.37 9.23 39.72
C TYR G 80 15.20 10.65 40.26
N LEU G 81 16.02 10.99 41.24
CA LEU G 81 16.09 12.34 41.79
C LEU G 81 17.56 12.76 41.83
N GLN G 82 17.89 13.79 41.07
CA GLN G 82 19.26 14.30 41.00
C GLN G 82 19.37 15.61 41.77
N LEU G 83 20.38 15.70 42.63
CA LEU G 83 20.65 16.89 43.42
C LEU G 83 22.04 17.41 43.08
N SER G 84 22.14 18.68 42.71
CA SER G 84 23.38 19.29 42.30
C SER G 84 23.74 20.45 43.23
N SER G 85 25.02 20.80 43.22
CA SER G 85 25.56 21.89 44.04
C SER G 85 25.21 21.67 45.52
N LEU G 86 25.62 20.51 46.03
CA LEU G 86 25.18 20.06 47.34
C LEU G 86 25.73 20.93 48.46
N THR G 87 24.96 21.03 49.53
CA THR G 87 25.30 21.84 50.69
C THR G 87 24.99 21.04 51.95
N SER G 88 25.48 21.55 53.08
CA SER G 88 25.18 20.90 54.36
C SER G 88 23.69 20.94 54.70
N GLU G 89 22.94 21.86 54.09
CA GLU G 89 21.50 21.90 54.31
C GLU G 89 20.76 20.85 53.49
N ASP G 90 21.40 20.27 52.47
CA ASP G 90 20.80 19.19 51.71
C ASP G 90 20.84 17.85 52.44
N THR G 91 21.61 17.75 53.52
CA THR G 91 21.66 16.54 54.33
C THR G 91 20.28 16.23 54.88
N ALA G 92 19.65 15.18 54.35
CA ALA G 92 18.27 14.87 54.71
C ALA G 92 17.96 13.46 54.21
N VAL G 93 16.79 12.97 54.62
CA VAL G 93 16.25 11.70 54.12
C VAL G 93 15.28 12.02 53.00
N TYR G 94 15.39 11.27 51.90
CA TYR G 94 14.59 11.52 50.71
C TYR G 94 13.74 10.30 50.39
N TYR G 95 12.43 10.51 50.26
CA TYR G 95 11.47 9.47 49.94
C TYR G 95 10.86 9.73 48.57
N CYS G 96 10.52 8.65 47.86
CA CYS G 96 9.70 8.72 46.68
C CYS G 96 8.31 8.18 47.02
N VAL G 97 7.28 8.87 46.53
CA VAL G 97 5.90 8.62 46.93
C VAL G 97 5.04 8.43 45.69
N ARG G 98 4.06 7.54 45.79
CA ARG G 98 3.05 7.33 44.77
C ARG G 98 1.71 7.12 45.45
N PRO G 99 0.61 7.42 44.78
CA PRO G 99 -0.71 7.26 45.37
C PRO G 99 -1.25 5.84 45.21
N LEU G 100 -2.33 5.57 45.94
CA LEU G 100 -3.02 4.28 45.85
C LEU G 100 -4.12 4.35 44.79
N TYR G 101 -5.20 5.08 45.08
CA TYR G 101 -6.30 5.25 44.15
C TYR G 101 -6.38 6.68 43.63
N ASP G 102 -6.49 7.67 44.53
CA ASP G 102 -6.60 9.06 44.12
C ASP G 102 -5.38 9.50 43.32
N TYR G 103 -5.64 10.07 42.14
CA TYR G 103 -4.56 10.51 41.24
C TYR G 103 -3.55 11.40 41.93
N TYR G 104 -4.00 12.24 42.88
CA TYR G 104 -3.17 13.28 43.45
C TYR G 104 -2.73 12.97 44.88
N ALA G 105 -2.96 11.75 45.36
CA ALA G 105 -2.72 11.42 46.76
C ALA G 105 -1.25 11.10 47.00
N MET G 106 -0.93 10.79 48.28
CA MET G 106 0.43 10.48 48.74
C MET G 106 0.30 9.34 49.76
N ASP G 107 0.26 8.11 49.26
CA ASP G 107 -0.11 6.97 50.08
C ASP G 107 1.03 5.96 50.27
N TYR G 108 1.68 5.55 49.19
CA TYR G 108 2.76 4.56 49.25
C TYR G 108 4.11 5.26 49.27
N TRP G 109 4.98 4.84 50.17
CA TRP G 109 6.27 5.48 50.39
C TRP G 109 7.38 4.44 50.36
N GLY G 110 8.54 4.84 49.83
CA GLY G 110 9.72 4.02 49.91
C GLY G 110 10.37 4.09 51.28
N GLN G 111 11.41 3.27 51.46
CA GLN G 111 12.07 3.21 52.76
C GLN G 111 12.87 4.46 53.07
N GLY G 112 13.19 5.27 52.05
CA GLY G 112 13.93 6.50 52.27
C GLY G 112 15.43 6.34 52.07
N THR G 113 16.04 7.29 51.37
CA THR G 113 17.46 7.28 51.09
C THR G 113 18.14 8.37 51.91
N SER G 114 19.12 7.98 52.72
CA SER G 114 19.86 8.94 53.53
C SER G 114 20.96 9.60 52.71
N VAL G 115 21.14 10.90 52.91
CA VAL G 115 22.16 11.68 52.23
C VAL G 115 22.91 12.51 53.26
N THR G 116 24.23 12.45 53.24
CA THR G 116 25.08 13.20 54.16
C THR G 116 26.12 13.96 53.34
N VAL G 117 26.09 15.29 53.44
CA VAL G 117 27.01 16.16 52.72
C VAL G 117 28.00 16.73 53.73
N SER G 118 29.29 16.44 53.52
CA SER G 118 30.32 16.90 54.43
C SER G 118 31.68 16.79 53.75
N SER G 119 32.58 17.72 54.11
CA SER G 119 33.96 17.68 53.66
C SER G 119 34.86 16.86 54.56
N ALA G 120 34.32 16.32 55.65
CA ALA G 120 35.13 15.59 56.62
C ALA G 120 35.66 14.29 56.02
N LYS G 121 36.87 13.91 56.44
CA LYS G 121 37.48 12.66 56.03
C LYS G 121 37.11 11.56 57.02
N THR G 122 37.43 10.32 56.63
CA THR G 122 37.15 9.16 57.48
C THR G 122 38.06 9.22 58.71
N THR G 123 37.50 9.66 59.83
CA THR G 123 38.25 9.83 61.07
C THR G 123 37.79 8.81 62.10
N ALA G 124 38.77 8.22 62.82
CA ALA G 124 38.52 7.23 63.87
C ALA G 124 38.21 7.93 65.19
N PRO G 125 37.34 7.34 66.01
CA PRO G 125 36.96 7.99 67.26
C PRO G 125 38.06 7.95 68.31
N SER G 126 37.90 8.80 69.32
CA SER G 126 38.77 8.84 70.49
C SER G 126 37.92 8.51 71.71
N VAL G 127 38.07 7.30 72.22
CA VAL G 127 37.23 6.80 73.30
C VAL G 127 37.85 7.18 74.64
N TYR G 128 37.02 7.70 75.55
CA TYR G 128 37.47 8.15 76.85
C TYR G 128 36.63 7.51 77.94
N PRO G 129 37.24 6.95 78.99
CA PRO G 129 36.46 6.39 80.09
C PRO G 129 35.96 7.47 81.04
N LEU G 130 34.76 7.27 81.56
CA LEU G 130 34.10 8.23 82.45
C LEU G 130 33.86 7.55 83.80
N ALA G 131 34.81 7.74 84.73
CA ALA G 131 34.68 7.21 86.07
C ALA G 131 34.18 8.28 87.03
N PRO G 132 33.37 7.91 88.03
CA PRO G 132 32.81 8.93 88.94
C PRO G 132 33.85 9.59 89.82
N VAL G 133 33.40 10.47 90.70
CA VAL G 133 34.28 11.27 91.53
C VAL G 133 34.41 10.60 92.90
N CYS G 134 35.51 10.90 93.59
CA CYS G 134 35.77 10.37 94.92
C CYS G 134 34.68 10.81 95.90
N THR G 135 29.38 6.25 96.67
CA THR G 135 28.91 6.72 97.96
C THR G 135 27.49 6.23 98.24
N GLY G 136 26.71 6.02 97.18
CA GLY G 136 25.35 5.55 97.30
C GLY G 136 25.21 4.07 97.02
N SER G 137 23.96 3.65 96.85
CA SER G 137 23.68 2.24 96.56
C SER G 137 23.79 1.91 95.08
N SER G 138 23.72 2.91 94.21
CA SER G 138 23.79 2.71 92.76
C SER G 138 24.90 3.57 92.18
N VAL G 139 25.76 2.96 91.38
CA VAL G 139 26.88 3.65 90.74
C VAL G 139 26.58 3.79 89.25
N THR G 140 27.10 4.86 88.65
CA THR G 140 26.89 5.15 87.24
C THR G 140 28.23 5.40 86.57
N LEU G 141 28.49 4.70 85.47
CA LEU G 141 29.70 4.87 84.67
C LEU G 141 29.34 5.49 83.33
N GLY G 142 30.36 5.74 82.52
CA GLY G 142 30.14 6.37 81.23
C GLY G 142 31.26 6.07 80.26
N CYS G 143 31.10 6.58 79.04
CA CYS G 143 32.07 6.36 77.97
C CYS G 143 31.85 7.42 76.91
N LEU G 144 32.91 8.18 76.59
CA LEU G 144 32.82 9.29 75.64
C LEU G 144 33.49 8.91 74.34
N VAL G 145 32.71 8.89 73.26
CA VAL G 145 33.19 8.65 71.91
C VAL G 145 33.18 9.98 71.18
N LYS G 146 34.36 10.49 70.84
CA LYS G 146 34.49 11.84 70.32
C LYS G 146 35.30 11.86 69.03
N GLY G 147 34.86 12.68 68.09
CA GLY G 147 35.63 12.98 66.89
C GLY G 147 35.79 11.85 65.91
N TYR G 148 34.69 11.27 65.45
CA TYR G 148 34.71 10.24 64.42
C TYR G 148 33.87 10.66 63.24
N PHE G 149 34.16 10.07 62.08
CA PHE G 149 33.41 10.34 60.86
C PHE G 149 33.72 9.23 59.86
N PRO G 150 32.73 8.72 59.12
CA PRO G 150 31.32 9.09 59.29
C PRO G 150 30.58 8.16 60.26
N GLU G 151 29.27 8.35 60.37
CA GLU G 151 28.45 7.46 61.18
C GLU G 151 28.33 6.10 60.49
N PRO G 152 27.93 5.05 61.24
CA PRO G 152 27.63 5.01 62.67
C PRO G 152 28.73 4.36 63.50
N VAL G 153 28.42 4.14 64.78
CA VAL G 153 29.31 3.42 65.69
C VAL G 153 28.46 2.51 66.57
N THR G 154 28.99 1.34 66.89
CA THR G 154 28.34 0.38 67.78
C THR G 154 29.05 0.41 69.13
N LEU G 155 28.27 0.50 70.20
CA LEU G 155 28.82 0.58 71.56
C LEU G 155 28.13 -0.45 72.43
N THR G 156 28.92 -1.26 73.13
CA THR G 156 28.42 -2.25 74.07
C THR G 156 29.26 -2.17 75.34
N TRP G 157 28.81 -2.90 76.36
CA TRP G 157 29.51 -2.99 77.64
C TRP G 157 29.84 -4.45 77.91
N ASN G 158 31.13 -4.73 78.14
CA ASN G 158 31.62 -6.09 78.39
C ASN G 158 31.29 -7.01 77.21
N SER G 159 31.40 -6.48 75.99
CA SER G 159 31.14 -7.23 74.76
C SER G 159 29.72 -7.78 74.73
N GLY G 160 28.75 -6.88 74.92
CA GLY G 160 27.35 -7.24 74.89
C GLY G 160 26.81 -7.92 76.13
N SER G 161 27.69 -8.30 77.07
CA SER G 161 27.23 -8.97 78.28
C SER G 161 26.31 -8.07 79.10
N LEU G 162 26.82 -6.93 79.55
CA LEU G 162 26.03 -5.96 80.31
C LEU G 162 25.21 -5.14 79.32
N SER G 163 23.93 -5.49 79.17
CA SER G 163 23.02 -4.83 78.25
C SER G 163 21.94 -4.03 78.94
N SER G 164 21.38 -4.54 80.04
CA SER G 164 20.34 -3.83 80.75
C SER G 164 20.92 -2.69 81.58
N GLY G 165 20.11 -1.69 81.85
CA GLY G 165 20.54 -0.53 82.61
C GLY G 165 21.57 0.29 81.88
N VAL G 166 21.32 0.59 80.61
CA VAL G 166 22.25 1.32 79.75
C VAL G 166 21.48 2.37 78.98
N HIS G 167 22.13 3.49 78.70
CA HIS G 167 21.57 4.55 77.86
C HIS G 167 22.66 5.04 76.91
N THR G 168 22.57 4.63 75.64
CA THR G 168 23.48 5.09 74.60
C THR G 168 22.80 6.23 73.85
N PHE G 169 23.32 7.43 74.02
CA PHE G 169 22.67 8.62 73.48
C PHE G 169 22.99 8.79 71.99
N PRO G 170 22.09 9.43 71.24
CA PRO G 170 22.34 9.65 69.81
C PRO G 170 23.58 10.49 69.58
N ALA G 171 24.24 10.24 68.46
CA ALA G 171 25.41 11.01 68.09
C ALA G 171 25.03 12.46 67.80
N VAL G 172 26.01 13.35 67.93
CA VAL G 172 25.81 14.78 67.70
C VAL G 172 26.96 15.31 66.88
N LEU G 173 26.65 15.99 65.78
CA LEU G 173 27.67 16.55 64.90
C LEU G 173 28.36 17.74 65.57
N GLN G 174 29.67 17.62 65.78
CA GLN G 174 30.47 18.66 66.42
C GLN G 174 31.55 19.09 65.44
N SER G 175 31.24 20.13 64.65
CA SER G 175 32.17 20.71 63.68
C SER G 175 32.70 19.63 62.72
N ASP G 176 31.79 19.16 61.87
CA ASP G 176 32.05 18.16 60.84
C ASP G 176 32.49 16.81 61.39
N LEU G 177 32.40 16.61 62.71
CA LEU G 177 32.78 15.35 63.33
C LEU G 177 31.76 15.01 64.41
N TYR G 178 31.41 13.73 64.50
CA TYR G 178 30.35 13.29 65.40
C TYR G 178 30.90 12.99 66.79
N THR G 179 30.02 13.09 67.78
CA THR G 179 30.36 12.80 69.17
C THR G 179 29.21 12.03 69.80
N LEU G 180 29.55 10.98 70.55
CA LEU G 180 28.56 10.09 71.14
C LEU G 180 28.98 9.76 72.57
N SER G 181 27.99 9.49 73.41
CA SER G 181 28.23 9.14 74.82
C SER G 181 27.24 8.07 75.25
N SER G 182 27.64 7.30 76.25
CA SER G 182 26.82 6.21 76.76
C SER G 182 27.02 6.07 78.26
N SER G 183 25.95 5.76 78.98
CA SER G 183 25.98 5.59 80.42
C SER G 183 25.47 4.20 80.79
N VAL G 184 25.85 3.75 81.98
CA VAL G 184 25.46 2.44 82.49
C VAL G 184 25.41 2.51 84.01
N THR G 185 24.43 1.83 84.59
CA THR G 185 24.18 1.89 86.03
C THR G 185 24.09 0.48 86.61
N VAL G 186 24.82 0.25 87.70
CA VAL G 186 24.74 -1.00 88.45
C VAL G 186 24.74 -0.68 89.94
N THR G 187 24.84 -1.71 90.77
CA THR G 187 24.89 -1.50 92.21
C THR G 187 26.31 -1.22 92.67
N SER G 188 26.44 -0.83 93.94
CA SER G 188 27.76 -0.46 94.46
C SER G 188 28.66 -1.68 94.58
N SER G 189 28.08 -2.83 94.91
CA SER G 189 28.87 -4.03 95.11
C SER G 189 29.40 -4.61 93.80
N THR G 190 28.99 -4.07 92.66
CA THR G 190 29.44 -4.56 91.36
C THR G 190 30.74 -3.90 90.91
N TRP G 191 30.87 -2.59 91.12
CA TRP G 191 32.02 -1.83 90.66
C TRP G 191 32.61 -1.05 91.82
N PRO G 192 33.95 -0.96 91.91
CA PRO G 192 34.96 -1.55 91.02
C PRO G 192 35.25 -3.03 91.30
N SER G 193 34.29 -3.71 91.94
CA SER G 193 34.48 -5.13 92.24
C SER G 193 34.60 -5.95 90.96
N GLN G 194 33.85 -5.60 89.93
CA GLN G 194 33.88 -6.30 88.65
C GLN G 194 34.30 -5.35 87.55
N SER G 195 35.10 -5.86 86.62
CA SER G 195 35.61 -5.04 85.53
C SER G 195 34.49 -4.69 84.55
N ILE G 196 34.43 -3.42 84.15
CA ILE G 196 33.46 -2.93 83.18
C ILE G 196 34.23 -2.22 82.08
N THR G 197 34.07 -2.69 80.85
CA THR G 197 34.81 -2.18 79.70
C THR G 197 33.84 -1.61 78.68
N CYS G 198 34.25 -0.53 78.02
CA CYS G 198 33.46 0.12 76.98
C CYS G 198 33.96 -0.33 75.61
N ASN G 199 33.15 -1.11 74.90
CA ASN G 199 33.49 -1.61 73.58
C ASN G 199 32.89 -0.71 72.51
N VAL G 200 33.73 -0.21 71.61
CA VAL G 200 33.32 0.70 70.55
C VAL G 200 33.91 0.21 69.23
N ALA G 201 33.11 0.24 68.18
CA ALA G 201 33.55 -0.17 66.85
C ALA G 201 33.16 0.90 65.83
N HIS G 202 34.10 1.23 64.94
CA HIS G 202 33.86 2.19 63.87
C HIS G 202 34.26 1.51 62.56
N PRO G 203 33.33 0.80 61.93
CA PRO G 203 33.69 0.03 60.71
C PRO G 203 34.19 0.89 59.57
N ALA G 204 33.88 2.19 59.55
CA ALA G 204 34.37 3.05 58.48
C ALA G 204 35.89 3.09 58.46
N SER G 205 36.50 3.36 59.61
CA SER G 205 37.95 3.33 59.74
C SER G 205 38.49 1.97 60.16
N SER G 206 37.60 1.00 60.37
CA SER G 206 37.98 -0.36 60.78
C SER G 206 38.77 -0.33 62.08
N THR G 207 38.13 0.20 63.12
CA THR G 207 38.72 0.31 64.45
C THR G 207 37.74 -0.20 65.49
N LYS G 208 38.26 -1.00 66.44
CA LYS G 208 37.47 -1.55 67.55
C LYS G 208 38.26 -1.36 68.84
N VAL G 209 38.15 -0.18 69.43
CA VAL G 209 38.87 0.16 70.65
C VAL G 209 37.99 -0.19 71.86
N ASP G 210 38.64 -0.58 72.96
CA ASP G 210 37.94 -0.88 74.20
C ASP G 210 38.70 -0.24 75.36
N LYS G 211 37.97 0.47 76.22
CA LYS G 211 38.54 1.16 77.37
C LYS G 211 37.89 0.62 78.64
N LYS G 212 38.72 0.15 79.57
CA LYS G 212 38.22 -0.31 80.86
C LYS G 212 38.09 0.88 81.81
N ILE G 213 36.95 0.95 82.50
CA ILE G 213 36.68 2.07 83.40
C ILE G 213 37.45 1.85 84.70
N GLU G 214 38.28 2.82 85.07
CA GLU G 214 39.12 2.73 86.26
C GLU G 214 38.78 3.85 87.23
N PRO G 215 38.62 3.56 88.52
CA PRO G 215 38.24 4.62 89.48
C PRO G 215 39.34 5.64 89.66
N ARG G 216 38.97 6.73 90.34
CA ARG G 216 39.89 7.84 90.57
C ARG G 216 40.50 7.76 91.97
N ASP H 1 2.27 29.69 49.12
CA ASP H 1 1.92 28.30 49.40
C ASP H 1 0.86 28.21 50.49
N ILE H 2 0.34 27.01 50.72
CA ILE H 2 -0.68 26.78 51.73
C ILE H 2 0.00 26.33 53.02
N LEU H 3 -0.15 27.13 54.07
CA LEU H 3 0.40 26.78 55.38
C LEU H 3 -0.46 25.72 56.04
N MET H 4 0.18 24.69 56.57
CA MET H 4 -0.50 23.60 57.27
C MET H 4 -0.06 23.63 58.74
N THR H 5 -0.95 24.09 59.60
CA THR H 5 -0.67 24.20 61.04
C THR H 5 -1.25 22.97 61.73
N GLN H 6 -0.38 22.03 62.08
CA GLN H 6 -0.78 20.82 62.78
C GLN H 6 -0.59 21.01 64.29
N SER H 7 -1.50 20.42 65.05
CA SER H 7 -1.49 20.56 66.51
C SER H 7 -2.09 19.31 67.13
N PRO H 8 -1.59 18.87 68.29
CA PRO H 8 -0.47 19.49 69.01
C PRO H 8 0.89 18.99 68.50
N SER H 9 1.98 19.57 69.02
CA SER H 9 3.30 19.09 68.66
C SER H 9 3.57 17.72 69.27
N SER H 10 2.97 17.43 70.43
CA SER H 10 3.10 16.14 71.08
C SER H 10 2.02 16.02 72.14
N MET H 11 1.78 14.79 72.57
CA MET H 11 0.79 14.53 73.61
C MET H 11 1.15 13.24 74.34
N SER H 12 0.94 13.25 75.66
CA SER H 12 1.17 12.07 76.50
C SER H 12 -0.19 11.43 76.80
N VAL H 13 -0.36 10.18 76.36
CA VAL H 13 -1.62 9.47 76.48
C VAL H 13 -1.35 8.01 76.78
N SER H 14 -2.40 7.30 77.18
CA SER H 14 -2.32 5.89 77.55
C SER H 14 -3.03 5.03 76.52
N LEU H 15 -2.85 3.72 76.65
CA LEU H 15 -3.53 2.77 75.79
C LEU H 15 -5.04 2.85 75.99
N GLY H 16 -5.78 2.56 74.92
CA GLY H 16 -7.23 2.61 74.97
C GLY H 16 -7.83 3.99 74.94
N ASP H 17 -7.03 5.04 75.09
CA ASP H 17 -7.56 6.39 75.03
C ASP H 17 -8.02 6.73 73.62
N THR H 18 -8.90 7.72 73.53
CA THR H 18 -9.39 8.24 72.25
C THR H 18 -8.82 9.64 72.09
N VAL H 19 -7.93 9.81 71.12
CA VAL H 19 -7.20 11.06 70.93
C VAL H 19 -7.55 11.63 69.56
N SER H 20 -7.28 12.93 69.40
CA SER H 20 -7.61 13.65 68.18
C SER H 20 -6.49 14.60 67.83
N ILE H 21 -5.94 14.46 66.63
CA ILE H 21 -4.94 15.38 66.08
C ILE H 21 -5.62 16.27 65.07
N THR H 22 -5.34 17.57 65.13
CA THR H 22 -5.98 18.55 64.27
C THR H 22 -4.98 19.14 63.29
N CYS H 23 -5.50 19.67 62.18
CA CYS H 23 -4.68 20.22 61.11
C CYS H 23 -5.46 21.35 60.46
N HIS H 24 -4.95 22.58 60.60
CA HIS H 24 -5.59 23.77 60.05
C HIS H 24 -4.81 24.26 58.84
N ALA H 25 -5.53 24.69 57.82
CA ALA H 25 -4.93 25.17 56.58
C ALA H 25 -5.13 26.68 56.44
N SER H 26 -4.19 27.32 55.74
CA SER H 26 -4.26 28.76 55.53
C SER H 26 -5.44 29.16 54.65
N GLN H 27 -6.01 28.21 53.92
CA GLN H 27 -7.18 28.48 53.07
C GLN H 27 -7.97 27.19 52.93
N GLY H 28 -9.15 27.30 52.33
CA GLY H 28 -9.99 26.13 52.14
C GLY H 28 -9.38 25.18 51.13
N ILE H 29 -9.38 23.88 51.46
CA ILE H 29 -8.81 22.87 50.59
C ILE H 29 -9.79 21.76 50.25
N SER H 30 -10.99 21.79 50.82
CA SER H 30 -12.11 20.92 50.45
C SER H 30 -11.70 19.44 50.44
N SER H 31 -11.32 18.96 51.63
CA SER H 31 -11.07 17.55 51.91
C SER H 31 -9.90 16.97 51.13
N ASN H 32 -9.15 17.79 50.40
CA ASN H 32 -7.97 17.30 49.67
C ASN H 32 -6.77 17.20 50.60
N ILE H 33 -6.88 16.30 51.57
CA ILE H 33 -5.90 16.17 52.64
C ILE H 33 -5.61 14.69 52.88
N GLY H 34 -4.40 14.40 53.32
CA GLY H 34 -4.02 13.05 53.68
C GLY H 34 -3.26 13.03 54.99
N TRP H 35 -3.36 11.89 55.68
CA TRP H 35 -2.70 11.68 56.96
C TRP H 35 -1.66 10.58 56.83
N LEU H 36 -0.55 10.74 57.55
CA LEU H 36 0.59 9.85 57.44
C LEU H 36 1.04 9.42 58.83
N GLN H 37 1.69 8.25 58.88
CA GLN H 37 2.24 7.70 60.12
C GLN H 37 3.69 7.32 59.89
N GLN H 38 4.54 7.62 60.88
CA GLN H 38 5.95 7.26 60.83
C GLN H 38 6.34 6.67 62.19
N LYS H 39 6.36 5.34 62.25
CA LYS H 39 6.78 4.67 63.46
C LYS H 39 8.26 4.94 63.73
N PRO H 40 8.69 4.90 65.02
CA PRO H 40 10.07 5.26 65.36
C PRO H 40 11.13 4.58 64.53
N GLY H 41 11.97 5.37 63.87
CA GLY H 41 13.07 4.84 63.09
C GLY H 41 12.66 4.05 61.87
N LYS H 42 11.51 4.36 61.27
CA LYS H 42 11.03 3.64 60.09
C LYS H 42 10.43 4.64 59.10
N SER H 43 9.94 4.11 57.99
CA SER H 43 9.47 4.94 56.88
C SER H 43 8.02 5.37 57.11
N PHE H 44 7.39 5.87 56.05
CA PHE H 44 6.05 6.44 56.15
C PHE H 44 4.99 5.44 55.67
N MET H 45 3.83 5.47 56.31
CA MET H 45 2.67 4.68 55.93
C MET H 45 1.48 5.62 55.74
N GLY H 46 0.74 5.40 54.66
CA GLY H 46 -0.44 6.23 54.39
C GLY H 46 -1.62 5.75 55.20
N LEU H 47 -2.27 6.69 55.89
CA LEU H 47 -3.44 6.39 56.72
C LEU H 47 -4.74 6.80 56.05
N ILE H 48 -4.87 8.07 55.69
CA ILE H 48 -6.10 8.62 55.13
C ILE H 48 -5.77 9.36 53.83
N TYR H 49 -6.72 9.33 52.91
CA TYR H 49 -6.64 10.13 51.70
C TYR H 49 -8.02 10.71 51.40
N TYR H 50 -8.02 11.92 50.82
CA TYR H 50 -9.25 12.67 50.56
C TYR H 50 -10.07 12.83 51.83
N GLY H 51 -9.40 13.14 52.92
CA GLY H 51 -10.06 13.48 54.18
C GLY H 51 -10.61 12.35 55.04
N THR H 52 -11.35 11.42 54.43
CA THR H 52 -12.08 10.41 55.20
C THR H 52 -11.82 8.97 54.76
N ASN H 53 -11.19 8.74 53.62
CA ASN H 53 -11.05 7.40 53.07
C ASN H 53 -9.82 6.71 53.66
N LEU H 54 -10.03 5.53 54.25
CA LEU H 54 -8.93 4.76 54.80
C LEU H 54 -8.10 4.12 53.70
N VAL H 55 -6.78 4.20 53.83
CA VAL H 55 -5.90 3.44 52.96
C VAL H 55 -6.07 1.95 53.25
N ASP H 56 -6.04 1.14 52.19
CA ASP H 56 -6.25 -0.30 52.34
C ASP H 56 -5.23 -0.90 53.30
N GLY H 57 -5.73 -1.67 54.27
CA GLY H 57 -4.91 -2.27 55.29
C GLY H 57 -4.93 -1.55 56.62
N VAL H 58 -5.33 -0.29 56.64
CA VAL H 58 -5.35 0.49 57.89
C VAL H 58 -6.51 0.02 58.75
N PRO H 59 -6.32 -0.15 60.06
CA PRO H 59 -7.44 -0.56 60.92
C PRO H 59 -8.55 0.50 60.94
N SER H 60 -9.74 0.04 61.34
CA SER H 60 -10.91 0.92 61.38
C SER H 60 -10.89 1.89 62.56
N ARG H 61 -10.00 1.70 63.54
CA ARG H 61 -9.91 2.64 64.66
C ARG H 61 -9.43 4.02 64.22
N PHE H 62 -8.69 4.10 63.10
CA PHE H 62 -8.36 5.39 62.52
C PHE H 62 -9.56 5.96 61.78
N SER H 63 -9.74 7.28 61.87
CA SER H 63 -10.90 7.92 61.27
C SER H 63 -10.58 9.40 61.05
N GLY H 64 -10.81 9.87 59.83
CA GLY H 64 -10.56 11.26 59.47
C GLY H 64 -11.87 12.01 59.28
N SER H 65 -11.83 13.32 59.52
CA SER H 65 -13.00 14.15 59.40
C SER H 65 -12.56 15.59 59.20
N GLY H 66 -13.52 16.45 58.87
CA GLY H 66 -13.29 17.86 58.67
C GLY H 66 -13.69 18.33 57.28
N SER H 67 -13.66 19.65 57.12
CA SER H 67 -13.98 20.27 55.85
C SER H 67 -13.45 21.70 55.87
N GLY H 68 -13.43 22.32 54.69
CA GLY H 68 -12.96 23.68 54.55
C GLY H 68 -11.47 23.82 54.78
N ALA H 69 -11.09 24.33 55.95
CA ALA H 69 -9.69 24.51 56.31
C ALA H 69 -9.37 23.92 57.68
N ASP H 70 -10.20 23.00 58.17
CA ASP H 70 -10.03 22.41 59.50
C ASP H 70 -10.36 20.93 59.41
N TYR H 71 -9.41 20.08 59.78
CA TYR H 71 -9.58 18.63 59.69
C TYR H 71 -9.01 18.00 60.95
N SER H 72 -9.27 16.70 61.11
CA SER H 72 -8.83 15.99 62.31
C SER H 72 -8.56 14.53 61.99
N LEU H 73 -7.66 13.93 62.76
CA LEU H 73 -7.38 12.50 62.74
C LEU H 73 -7.65 11.96 64.14
N THR H 74 -8.54 10.98 64.23
CA THR H 74 -8.97 10.43 65.52
C THR H 74 -8.61 8.96 65.59
N ILE H 75 -8.01 8.56 66.71
CA ILE H 75 -7.65 7.17 66.96
C ILE H 75 -8.46 6.70 68.17
N SER H 76 -9.43 5.83 67.93
CA SER H 76 -10.22 5.26 69.02
C SER H 76 -9.49 4.04 69.59
N SER H 77 -9.31 4.02 70.90
CA SER H 77 -8.63 2.94 71.60
C SER H 77 -7.21 2.73 71.05
N LEU H 78 -6.25 3.47 71.60
CA LEU H 78 -4.88 3.42 71.09
C LEU H 78 -4.26 2.04 71.31
N ASP H 79 -3.47 1.61 70.34
CA ASP H 79 -2.70 0.38 70.43
C ASP H 79 -1.23 0.72 70.64
N SER H 80 -0.47 -0.28 71.10
CA SER H 80 0.95 -0.07 71.38
C SER H 80 1.71 0.40 70.14
N GLU H 81 1.31 -0.07 68.96
CA GLU H 81 1.97 0.34 67.73
C GLU H 81 1.56 1.73 67.26
N ASP H 82 0.54 2.33 67.86
CA ASP H 82 0.09 3.66 67.46
C ASP H 82 0.97 4.77 68.01
N PHE H 83 1.87 4.47 68.95
CA PHE H 83 2.76 5.48 69.52
C PHE H 83 3.86 5.78 68.51
N ALA H 84 3.62 6.82 67.71
CA ALA H 84 4.50 7.18 66.61
C ALA H 84 4.24 8.63 66.23
N ASP H 85 4.82 9.06 65.12
CA ASP H 85 4.60 10.40 64.58
C ASP H 85 3.44 10.38 63.60
N TYR H 86 2.82 11.55 63.42
CA TYR H 86 1.68 11.69 62.51
C TYR H 86 1.74 13.05 61.84
N TYR H 87 1.63 13.06 60.52
CA TYR H 87 1.69 14.28 59.72
C TYR H 87 0.45 14.39 58.85
N CYS H 88 -0.02 15.61 58.65
CA CYS H 88 -1.04 15.90 57.65
C CYS H 88 -0.41 16.55 56.44
N VAL H 89 -1.04 16.37 55.28
CA VAL H 89 -0.52 16.91 54.02
C VAL H 89 -1.71 17.26 53.13
N GLN H 90 -1.68 18.48 52.59
CA GLN H 90 -2.68 18.91 51.63
C GLN H 90 -2.14 18.72 50.21
N TYR H 91 -3.04 18.38 49.29
CA TYR H 91 -2.69 18.36 47.89
C TYR H 91 -3.77 19.03 47.05
N ALA H 92 -4.42 20.06 47.60
CA ALA H 92 -5.36 20.84 46.81
C ALA H 92 -4.65 21.73 45.82
N GLN H 93 -3.52 22.31 46.21
CA GLN H 93 -2.71 23.15 45.34
C GLN H 93 -1.28 22.67 45.34
N LEU H 94 -0.57 22.98 44.25
CA LEU H 94 0.86 22.78 44.12
C LEU H 94 1.59 24.06 44.54
N PRO H 95 2.67 23.96 45.33
CA PRO H 95 3.28 22.72 45.83
C PRO H 95 2.55 22.11 47.02
N TYR H 96 2.65 20.78 47.16
CA TYR H 96 2.09 20.12 48.34
C TYR H 96 2.83 20.60 49.58
N THR H 97 2.10 20.71 50.69
CA THR H 97 2.67 21.17 51.95
C THR H 97 2.22 20.26 53.08
N PHE H 98 3.11 20.07 54.05
CA PHE H 98 2.89 19.19 55.19
C PHE H 98 2.69 20.00 56.46
N GLY H 99 2.22 19.31 57.50
CA GLY H 99 2.11 19.90 58.81
C GLY H 99 3.38 19.76 59.62
N GLY H 100 3.38 20.39 60.79
CA GLY H 100 4.56 20.36 61.63
C GLY H 100 4.88 18.98 62.17
N GLY H 101 3.85 18.20 62.49
CA GLY H 101 4.04 16.85 62.99
C GLY H 101 3.56 16.72 64.42
N THR H 102 2.96 15.57 64.73
CA THR H 102 2.45 15.27 66.06
C THR H 102 3.04 13.95 66.52
N LYS H 103 3.59 13.95 67.73
CA LYS H 103 4.22 12.76 68.31
C LYS H 103 3.37 12.26 69.48
N LEU H 104 3.03 10.98 69.45
CA LEU H 104 2.27 10.35 70.52
C LEU H 104 3.24 9.63 71.45
N GLU H 105 3.24 10.03 72.72
CA GLU H 105 4.16 9.51 73.72
C GLU H 105 3.40 8.84 74.85
N ILE H 106 4.03 7.85 75.47
CA ILE H 106 3.40 7.12 76.57
C ILE H 106 3.40 7.97 77.81
N LYS H 107 2.24 8.05 78.46
CA LYS H 107 2.13 8.77 79.73
C LYS H 107 2.50 7.85 80.88
N ARG H 108 3.10 8.43 81.91
CA ARG H 108 3.45 7.68 83.12
C ARG H 108 3.62 8.68 84.27
N ALA H 109 3.86 8.13 85.46
CA ALA H 109 4.04 8.96 86.64
C ALA H 109 5.33 9.78 86.52
N ASP H 110 5.31 10.97 87.10
CA ASP H 110 6.49 11.82 87.10
C ASP H 110 7.65 11.13 87.81
N ALA H 111 8.87 11.42 87.36
CA ALA H 111 10.05 10.81 87.93
C ALA H 111 11.20 11.80 87.85
N ALA H 112 11.85 12.04 88.99
CA ALA H 112 13.00 12.94 89.02
C ALA H 112 14.22 12.26 88.39
N PRO H 113 15.10 13.02 87.76
CA PRO H 113 16.25 12.42 87.08
C PRO H 113 17.30 11.93 88.05
N THR H 114 18.17 11.06 87.52
CA THR H 114 19.34 10.56 88.24
C THR H 114 20.57 11.22 87.62
N VAL H 115 21.15 12.18 88.34
CA VAL H 115 22.24 12.99 87.82
C VAL H 115 23.58 12.34 88.20
N SER H 116 24.58 12.56 87.35
CA SER H 116 25.93 12.06 87.60
C SER H 116 26.90 12.88 86.76
N ILE H 117 27.88 13.50 87.41
CA ILE H 117 28.86 14.35 86.75
C ILE H 117 30.20 13.62 86.69
N PHE H 118 30.94 13.85 85.61
CA PHE H 118 32.17 13.10 85.32
C PHE H 118 33.26 14.07 84.88
N PRO H 119 34.36 14.17 85.61
CA PRO H 119 35.48 15.01 85.19
C PRO H 119 36.15 14.46 83.95
N PRO H 120 37.05 15.23 83.33
CA PRO H 120 37.77 14.70 82.15
C PRO H 120 38.61 13.49 82.49
N SER H 121 38.72 12.58 81.53
CA SER H 121 39.53 11.39 81.70
C SER H 121 41.01 11.74 81.63
N SER H 122 41.83 10.87 82.21
CA SER H 122 43.27 11.08 82.17
C SER H 122 43.81 11.00 80.75
N GLU H 123 43.22 10.15 79.91
CA GLU H 123 43.64 10.04 78.52
C GLU H 123 43.37 11.33 77.74
N GLN H 124 42.17 11.90 77.94
CA GLN H 124 41.80 13.10 77.20
C GLN H 124 42.66 14.29 77.59
N LEU H 125 42.89 14.48 78.89
CA LEU H 125 43.67 15.62 79.36
C LEU H 125 45.08 15.61 78.80
N THR H 126 45.67 14.42 78.62
CA THR H 126 47.01 14.33 78.06
C THR H 126 47.05 14.72 76.59
N SER H 127 45.91 14.68 75.90
CA SER H 127 45.88 15.02 74.48
C SER H 127 45.65 16.50 74.23
N GLY H 128 45.22 17.26 75.24
CA GLY H 128 45.00 18.69 75.10
C GLY H 128 43.55 19.12 75.22
N GLY H 129 42.62 18.19 75.46
CA GLY H 129 41.23 18.50 75.64
C GLY H 129 40.74 18.26 77.05
N ALA H 130 39.48 18.62 77.27
CA ALA H 130 38.85 18.45 78.58
C ALA H 130 37.34 18.51 78.41
N SER H 131 36.66 17.41 78.70
CA SER H 131 35.21 17.33 78.59
C SER H 131 34.62 16.90 79.92
N VAL H 132 33.65 17.67 80.42
CA VAL H 132 32.94 17.36 81.65
C VAL H 132 31.56 16.87 81.25
N VAL H 133 31.27 15.60 81.52
CA VAL H 133 30.02 14.96 81.11
C VAL H 133 29.07 14.94 82.30
N CYS H 134 27.79 15.16 82.02
CA CYS H 134 26.75 15.18 83.04
C CYS H 134 25.54 14.43 82.49
N PHE H 135 25.29 13.23 83.01
CA PHE H 135 24.17 12.42 82.58
C PHE H 135 22.93 12.70 83.42
N LEU H 136 21.77 12.62 82.77
CA LEU H 136 20.47 12.84 83.43
C LEU H 136 19.55 11.74 82.92
N ASN H 137 19.50 10.62 83.64
CA ASN H 137 18.87 9.40 83.15
C ASN H 137 17.55 9.13 83.86
N ASN H 138 16.59 8.60 83.09
CA ASN H 138 15.31 8.12 83.61
C ASN H 138 14.54 9.21 84.35
N PHE H 139 13.83 10.06 83.60
CA PHE H 139 12.99 11.09 84.19
C PHE H 139 11.77 11.29 83.32
N TYR H 140 10.70 11.79 83.95
CA TYR H 140 9.45 12.10 83.27
C TYR H 140 8.83 13.30 83.97
N PRO H 141 8.28 14.26 83.22
CA PRO H 141 8.19 14.30 81.76
C PRO H 141 9.50 14.65 81.06
N LYS H 142 9.45 14.83 79.75
CA LYS H 142 10.64 15.07 78.95
C LYS H 142 11.21 16.48 79.12
N ASP H 143 10.38 17.45 79.49
CA ASP H 143 10.84 18.83 79.63
C ASP H 143 11.88 18.95 80.74
N ILE H 144 13.07 19.45 80.40
CA ILE H 144 14.15 19.56 81.35
C ILE H 144 15.15 20.60 80.83
N ASN H 145 15.78 21.31 81.76
CA ASN H 145 16.77 22.34 81.42
C ASN H 145 18.04 22.09 82.22
N VAL H 146 19.16 21.95 81.53
CA VAL H 146 20.46 21.78 82.16
C VAL H 146 21.18 23.12 82.17
N LYS H 147 21.99 23.34 83.21
CA LYS H 147 22.74 24.59 83.35
C LYS H 147 24.12 24.28 83.91
N TRP H 148 25.15 24.65 83.17
CA TRP H 148 26.53 24.45 83.61
C TRP H 148 27.02 25.68 84.36
N LYS H 149 27.84 25.43 85.38
CA LYS H 149 28.39 26.51 86.20
C LYS H 149 29.86 26.24 86.47
N ILE H 150 30.71 27.21 86.11
CA ILE H 150 32.13 27.17 86.39
C ILE H 150 32.41 28.20 87.48
N ASP H 151 32.91 27.73 88.63
CA ASP H 151 33.15 28.59 89.80
C ASP H 151 31.89 29.35 90.19
N GLY H 152 30.74 28.69 90.04
CA GLY H 152 29.46 29.27 90.39
C GLY H 152 28.86 30.18 89.35
N SER H 153 29.51 30.36 88.20
CA SER H 153 29.04 31.26 87.16
C SER H 153 28.68 30.46 85.90
N GLU H 154 27.59 30.86 85.26
CA GLU H 154 27.04 30.10 84.14
C GLU H 154 27.99 30.09 82.95
N ARG H 155 27.93 29.02 82.16
CA ARG H 155 28.70 28.86 80.94
C ARG H 155 27.80 28.27 79.87
N GLN H 156 27.76 28.92 78.71
CA GLN H 156 26.88 28.51 77.63
C GLN H 156 27.58 28.07 76.36
N ASN H 157 28.82 28.50 76.14
CA ASN H 157 29.56 28.15 74.93
C ASN H 157 30.31 26.85 75.15
N GLY H 158 30.15 25.91 74.21
CA GLY H 158 30.83 24.64 74.29
C GLY H 158 30.02 23.52 74.91
N VAL H 159 28.71 23.68 75.05
CA VAL H 159 27.85 22.64 75.59
C VAL H 159 27.27 21.82 74.46
N LEU H 160 27.28 20.50 74.61
CA LEU H 160 26.78 19.57 73.60
C LEU H 160 25.77 18.65 74.28
N ASN H 161 24.50 18.80 73.92
CA ASN H 161 23.42 18.05 74.55
C ASN H 161 22.91 16.95 73.62
N SER H 162 22.25 15.96 74.22
CA SER H 162 21.69 14.84 73.48
C SER H 162 20.62 14.18 74.33
N TRP H 163 19.50 13.85 73.71
CA TRP H 163 18.35 13.25 74.38
C TRP H 163 18.01 11.92 73.73
N THR H 164 17.58 10.97 74.54
CA THR H 164 17.08 9.70 74.05
C THR H 164 15.57 9.77 73.82
N ASP H 165 15.09 8.85 72.98
CA ASP H 165 13.65 8.69 72.86
C ASP H 165 13.09 8.03 74.12
N GLN H 166 11.77 7.96 74.20
CA GLN H 166 11.12 7.36 75.37
C GLN H 166 11.51 5.89 75.48
N ASP H 167 11.99 5.50 76.65
CA ASP H 167 12.48 4.15 76.85
C ASP H 167 11.34 3.14 76.70
N SER H 168 11.65 1.99 76.11
CA SER H 168 10.62 0.99 75.86
C SER H 168 10.18 0.30 77.14
N LYS H 169 11.06 0.23 78.15
CA LYS H 169 10.71 -0.47 79.38
C LYS H 169 9.89 0.41 80.31
N ASP H 170 10.52 1.42 80.91
CA ASP H 170 9.89 2.25 81.93
C ASP H 170 9.27 3.52 81.39
N SER H 171 9.36 3.76 80.08
CA SER H 171 8.74 4.91 79.43
C SER H 171 9.26 6.23 80.00
N THR H 172 10.55 6.29 80.28
CA THR H 172 11.20 7.50 80.76
C THR H 172 12.08 8.09 79.66
N TYR H 173 12.63 9.27 79.95
CA TYR H 173 13.56 9.94 79.06
C TYR H 173 14.90 10.13 79.75
N SER H 174 15.93 10.38 78.96
CA SER H 174 17.27 10.58 79.48
C SER H 174 17.97 11.68 78.69
N MET H 175 19.06 12.20 79.24
CA MET H 175 19.77 13.30 78.63
C MET H 175 21.25 13.23 78.96
N SER H 176 22.07 13.65 78.00
CA SER H 176 23.52 13.71 78.16
C SER H 176 24.00 15.12 77.79
N SER H 177 24.61 15.81 78.74
CA SER H 177 25.17 17.13 78.53
C SER H 177 26.68 17.06 78.68
N THR H 178 27.40 17.65 77.72
CA THR H 178 28.85 17.54 77.65
C THR H 178 29.44 18.93 77.44
N LEU H 179 30.26 19.36 78.40
CA LEU H 179 30.94 20.65 78.33
C LEU H 179 32.41 20.43 77.96
N THR H 180 32.82 20.94 76.81
CA THR H 180 34.15 20.72 76.27
C THR H 180 34.95 22.02 76.35
N LEU H 181 36.10 21.97 76.99
CA LEU H 181 37.03 23.09 77.10
C LEU H 181 38.40 22.64 76.61
N THR H 182 39.34 23.57 76.56
CA THR H 182 40.73 23.21 76.32
C THR H 182 41.40 22.85 77.65
N LYS H 183 42.47 22.06 77.56
CA LYS H 183 43.19 21.66 78.76
C LYS H 183 43.68 22.88 79.54
N ASP H 184 44.15 23.90 78.83
CA ASP H 184 44.62 25.12 79.49
C ASP H 184 43.47 25.86 80.16
N GLU H 185 42.40 26.12 79.42
CA GLU H 185 41.23 26.81 79.96
C GLU H 185 40.56 26.04 81.08
N TYR H 186 40.70 24.71 81.10
CA TYR H 186 40.09 23.90 82.15
C TYR H 186 40.78 24.10 83.49
N GLU H 187 42.09 24.35 83.49
CA GLU H 187 42.86 24.48 84.71
C GLU H 187 42.91 25.90 85.25
N ARG H 188 42.28 26.86 84.56
CA ARG H 188 42.16 28.21 85.11
C ARG H 188 41.13 28.30 86.22
N HIS H 189 40.32 27.26 86.41
CA HIS H 189 39.21 27.27 87.36
C HIS H 189 39.26 26.00 88.20
N ASN H 190 38.28 25.85 89.09
CA ASN H 190 38.28 24.73 90.03
C ASN H 190 36.92 24.02 90.08
N SER H 191 35.88 24.77 90.45
CA SER H 191 34.56 24.18 90.61
C SER H 191 33.88 23.96 89.26
N TYR H 192 33.17 22.84 89.13
CA TYR H 192 32.43 22.51 87.92
C TYR H 192 31.11 21.87 88.31
N THR H 193 30.01 22.45 87.82
CA THR H 193 28.68 22.08 88.27
C THR H 193 27.73 21.98 87.09
N CYS H 194 26.79 21.03 87.16
CA CYS H 194 25.67 20.97 86.23
C CYS H 194 24.38 20.93 87.04
N GLU H 195 23.54 21.96 86.87
CA GLU H 195 22.26 22.04 87.54
C GLU H 195 21.15 21.57 86.62
N ALA H 196 20.14 20.94 87.21
CA ALA H 196 19.01 20.39 86.46
C ALA H 196 17.71 20.97 87.00
N THR H 197 16.87 21.48 86.08
CA THR H 197 15.58 22.05 86.43
C THR H 197 14.49 21.12 85.90
N HIS H 198 13.63 20.65 86.80
CA HIS H 198 12.55 19.75 86.45
C HIS H 198 11.31 20.12 87.24
N LYS H 199 10.14 19.76 86.72
CA LYS H 199 8.90 20.03 87.45
C LYS H 199 8.74 19.16 88.68
N THR H 200 9.60 18.14 88.85
CA THR H 200 9.52 17.29 90.03
C THR H 200 10.03 18.00 91.28
N SER H 201 10.81 19.07 91.13
CA SER H 201 11.40 19.75 92.28
C SER H 201 11.52 21.23 91.97
N THR H 202 10.96 22.06 92.85
CA THR H 202 11.13 23.52 92.71
C THR H 202 12.59 23.91 92.81
N SER H 203 13.35 23.22 93.66
CA SER H 203 14.78 23.42 93.80
C SER H 203 15.53 22.60 92.76
N PRO H 204 16.55 23.18 92.12
CA PRO H 204 17.29 22.44 91.09
C PRO H 204 18.16 21.35 91.70
N ILE H 205 18.21 20.22 91.00
CA ILE H 205 19.11 19.13 91.40
C ILE H 205 20.53 19.49 90.95
N VAL H 206 21.47 19.41 91.87
CA VAL H 206 22.82 19.92 91.66
C VAL H 206 23.83 18.82 91.93
N LYS H 207 24.80 18.67 91.03
CA LYS H 207 25.94 17.79 91.23
C LYS H 207 27.20 18.50 90.72
N SER H 208 28.30 18.32 91.43
CA SER H 208 29.51 19.07 91.13
C SER H 208 30.73 18.37 91.71
N PHE H 209 31.89 18.77 91.19
CA PHE H 209 33.17 18.28 91.69
C PHE H 209 34.17 19.44 91.65
N ASN H 210 35.32 19.23 92.28
CA ASN H 210 36.39 20.21 92.30
C ASN H 210 37.62 19.61 91.63
N ARG H 211 38.28 20.41 90.78
CA ARG H 211 39.51 19.99 90.15
C ARG H 211 40.59 19.76 91.21
N ASN H 212 41.57 18.92 90.87
CA ASN H 212 42.65 18.51 91.77
C ASN H 212 42.09 17.76 92.98
N GLU H 213 41.19 18.39 93.73
CA GLU H 213 40.60 17.76 94.90
C GLU H 213 39.82 16.51 94.52
N CYS H 214 40.01 15.43 95.28
CA CYS H 214 39.24 14.21 95.11
C CYS H 214 39.33 13.35 96.36
C1 NAG I . -13.87 1.26 -3.56
C2 NAG I . -12.88 1.00 -2.42
C3 NAG I . -11.70 0.16 -2.91
C4 NAG I . -12.18 -1.08 -3.65
C5 NAG I . -13.18 -0.71 -4.74
C6 NAG I . -13.79 -1.90 -5.44
C7 NAG I . -12.91 2.84 -0.79
C8 NAG I . -12.28 4.13 -0.37
N2 NAG I . -12.39 2.26 -1.87
O3 NAG I . -10.89 -0.23 -1.80
O4 NAG I . -11.07 -1.74 -4.25
O5 NAG I . -14.26 0.01 -4.15
O6 NAG I . -14.26 -2.88 -4.51
O7 NAG I . -13.85 2.35 -0.17
C1 NAG I . -10.98 -3.07 -3.68
C2 NAG I . -10.26 -3.95 -4.68
C3 NAG I . -10.18 -5.37 -4.14
C4 NAG I . -9.51 -5.37 -2.77
C5 NAG I . -10.18 -4.36 -1.83
C6 NAG I . -9.41 -4.17 -0.54
C7 NAG I . -10.47 -3.16 -6.98
C8 NAG I . -11.24 -3.25 -8.27
N2 NAG I . -10.90 -3.93 -5.98
O3 NAG I . -9.46 -6.18 -5.06
O4 NAG I . -9.57 -6.66 -2.20
O5 NAG I . -10.28 -3.07 -2.43
O6 NAG I . -8.53 -3.05 -0.62
O7 NAG I . -9.50 -2.42 -6.87
C1 BMA I . -8.30 -7.30 -2.42
C2 BMA I . -8.14 -8.42 -1.41
C3 BMA I . -6.73 -8.96 -1.55
C4 BMA I . -6.40 -9.36 -3.00
C5 BMA I . -6.92 -8.36 -4.07
C6 BMA I . -7.04 -9.01 -5.42
O2 BMA I . -9.02 -9.50 -1.71
O3 BMA I . -6.53 -10.08 -0.70
O4 BMA I . -4.98 -9.46 -3.15
O5 BMA I . -8.23 -7.87 -3.71
O6 BMA I . -7.37 -8.03 -6.39
C1 MAN I . -5.60 -9.75 0.35
C2 MAN I . -5.16 -11.07 1.00
C3 MAN I . -6.35 -11.69 1.72
C4 MAN I . -7.00 -10.69 2.70
C5 MAN I . -7.37 -9.40 1.97
C6 MAN I . -7.89 -8.31 2.89
O2 MAN I . -4.17 -10.84 2.00
O3 MAN I . -5.98 -12.89 2.40
O4 MAN I . -8.17 -11.26 3.27
O5 MAN I . -6.20 -8.88 1.30
O6 MAN I . -8.11 -7.14 2.10
C1 MAN I . -6.82 -8.46 -7.65
C2 MAN I . -5.65 -7.50 -7.99
C3 MAN I . -6.19 -6.12 -8.33
C4 MAN I . -7.31 -6.19 -9.39
C5 MAN I . -8.41 -7.15 -8.92
C6 MAN I . -9.49 -7.35 -9.95
O2 MAN I . -4.94 -7.93 -9.15
O3 MAN I . -5.16 -5.25 -8.76
O4 MAN I . -7.87 -4.91 -9.60
O5 MAN I . -7.82 -8.43 -8.66
O6 MAN I . -9.62 -6.16 -10.72
C1 NAG J . -34.80 -6.93 -32.08
C2 NAG J . -36.18 -7.43 -32.49
C3 NAG J . -36.18 -8.95 -32.55
C4 NAG J . -35.05 -9.46 -33.42
C5 NAG J . -33.72 -8.83 -33.03
C6 NAG J . -32.60 -9.16 -33.98
C7 NAG J . -37.87 -5.80 -31.74
C8 NAG J . -38.89 -5.47 -30.70
N2 NAG J . -37.20 -6.95 -31.57
O3 NAG J . -37.43 -9.39 -33.07
O4 NAG J . -34.94 -10.87 -33.30
O5 NAG J . -33.83 -7.40 -33.01
O6 NAG J . -31.33 -8.79 -33.45
O7 NAG J . -37.65 -5.06 -32.70
C1 NAG J . -35.34 -11.49 -34.53
C2 NAG J . -35.49 -13.00 -34.30
C3 NAG J . -35.98 -13.67 -35.58
C4 NAG J . -37.25 -12.99 -36.10
C5 NAG J . -37.02 -11.50 -36.25
C6 NAG J . -38.27 -10.74 -36.63
C7 NAG J . -34.16 -14.48 -32.85
C8 NAG J . -35.45 -14.84 -32.18
N2 NAG J . -34.24 -13.59 -33.85
O3 NAG J . -36.24 -15.05 -35.32
O4 NAG J . -37.61 -13.54 -37.36
O5 NAG J . -36.58 -10.95 -34.99
O6 NAG J . -38.76 -11.16 -37.90
O7 NAG J . -33.09 -14.96 -32.50
C1 NAG K . 16.62 -10.39 3.18
C2 NAG K . 15.81 -10.90 1.98
C3 NAG K . 15.15 -12.24 2.30
C4 NAG K . 16.15 -13.24 2.87
C5 NAG K . 16.88 -12.60 4.04
C6 NAG K . 17.97 -13.49 4.62
C7 NAG K . 14.97 -9.04 0.60
C8 NAG K . 13.81 -8.13 0.34
N2 NAG K . 14.81 -9.93 1.59
O3 NAG K . 14.58 -12.76 1.11
O4 NAG K . 15.41 -14.37 3.33
O5 NAG K . 17.52 -11.40 3.61
O6 NAG K . 18.85 -13.95 3.60
O7 NAG K . 16.01 -8.98 -0.05
C1 NAG K . 15.92 -15.60 2.79
C2 NAG K . 15.58 -16.63 3.87
C3 NAG K . 16.07 -18.01 3.42
C4 NAG K . 15.49 -18.36 2.06
C5 NAG K . 15.80 -17.24 1.05
C6 NAG K . 15.14 -17.46 -0.29
C7 NAG K . 15.50 -16.34 6.29
C8 NAG K . 16.24 -15.92 7.52
N2 NAG K . 16.18 -16.27 5.14
O3 NAG K . 15.66 -18.96 4.40
O4 NAG K . 16.07 -19.58 1.61
O5 NAG K . 15.33 -15.99 1.55
O6 NAG K . 13.72 -17.41 -0.20
O7 NAG K . 14.33 -16.73 6.34
C1 BMA K . 15.26 -20.70 1.99
C2 BMA K . 15.44 -21.63 0.84
C3 BMA K . 14.86 -23.01 1.14
C4 BMA K . 15.40 -23.54 2.47
C5 BMA K . 15.10 -22.53 3.59
C6 BMA K . 15.70 -22.92 4.90
O2 BMA K . 16.84 -21.82 0.62
O3 BMA K . 15.20 -23.91 0.09
O4 BMA K . 14.83 -24.81 2.76
O5 BMA K . 15.71 -21.25 3.23
O6 BMA K . 14.65 -23.06 5.85
C1 MAN K . 14.28 -23.81 -1.03
C2 MAN K . 14.51 -25.04 -1.95
C3 MAN K . 15.89 -24.95 -2.59
C4 MAN K . 16.11 -23.63 -3.35
C5 MAN K . 15.74 -22.45 -2.46
C6 MAN K . 15.76 -21.09 -3.18
O2 MAN K . 13.58 -25.07 -3.01
O3 MAN K . 16.12 -26.05 -3.42
O4 MAN K . 17.49 -23.52 -3.68
O5 MAN K . 14.42 -22.65 -1.84
O6 MAN K . 15.10 -20.15 -2.32
C1 MAN K . 14.60 -21.88 6.70
C2 MAN K . 15.34 -22.18 8.04
C3 MAN K . 15.09 -21.06 9.08
C4 MAN K . 14.31 -19.89 8.47
C5 MAN K . 13.00 -20.41 7.86
C6 MAN K . 12.21 -19.33 7.11
O2 MAN K . 16.76 -22.21 7.86
O3 MAN K . 16.32 -20.58 9.65
O4 MAN K . 14.02 -18.93 9.48
O5 MAN K . 13.25 -21.50 6.92
O6 MAN K . 12.09 -18.18 7.96
C1 NAG L . 39.39 -9.45 30.95
C2 NAG L . 40.72 -9.19 31.68
C3 NAG L . 41.54 -10.48 31.75
C4 NAG L . 40.71 -11.58 32.38
C5 NAG L . 39.42 -11.77 31.60
C6 NAG L . 38.51 -12.82 32.20
C7 NAG L . 41.32 -6.83 31.35
C8 NAG L . 42.17 -5.87 30.57
N2 NAG L . 41.47 -8.13 31.04
O3 NAG L . 42.73 -10.23 32.49
O4 NAG L . 41.45 -12.81 32.41
O5 NAG L . 38.68 -10.55 31.58
O6 NAG L . 37.54 -12.24 33.06
O7 NAG L . 40.53 -6.47 32.21
C1 NAG L . 41.86 -13.01 33.78
C2 NAG L . 42.21 -14.49 33.99
C3 NAG L . 42.71 -14.72 35.41
C4 NAG L . 43.85 -13.76 35.74
C5 NAG L . 43.43 -12.32 35.45
C6 NAG L . 44.56 -11.33 35.66
C7 NAG L . 40.92 -16.05 32.59
C8 NAG L . 42.04 -15.94 31.60
N2 NAG L . 41.05 -15.33 33.71
O3 NAG L . 43.15 -16.07 35.55
O4 NAG L . 44.20 -13.88 37.12
O5 NAG L . 43.00 -12.20 34.10
O6 NAG L . 45.48 -11.38 34.58
O7 NAG L . 39.93 -16.75 32.38
S SO4 M . -50.37 -1.19 24.88
O1 SO4 M . -51.78 -1.19 24.50
O2 SO4 M . -50.25 -1.58 26.28
O3 SO4 M . -49.64 -2.13 24.05
O4 SO4 M . -49.82 0.15 24.69
S SO4 N . -36.13 -23.81 6.09
O1 SO4 N . -37.02 -24.83 6.64
O2 SO4 N . -36.37 -22.54 6.76
O3 SO4 N . -36.39 -23.67 4.66
O4 SO4 N . -34.74 -24.22 6.29
CA CA O . -10.97 -18.67 25.05
CA CA P . -21.45 -23.91 16.69
CA CA Q . -34.35 -24.60 19.31
CA CA R . -40.65 -18.83 30.48
S SO4 S . -3.25 -3.90 11.59
O1 SO4 S . -4.14 -4.81 10.85
O2 SO4 S . -3.97 -2.66 11.88
O3 SO4 S . -2.84 -4.54 12.83
O4 SO4 S . -2.07 -3.59 10.78
S SO4 T . -8.34 -9.15 6.58
O1 SO4 T . -9.27 -10.26 6.42
O2 SO4 T . -8.96 -7.92 6.10
O3 SO4 T . -7.11 -9.41 5.82
O4 SO4 T . -8.00 -9.01 8.00
S SO4 U . -50.97 3.05 14.20
O1 SO4 U . -52.37 3.47 14.20
O2 SO4 U . -50.77 1.90 15.08
O3 SO4 U . -50.57 2.69 12.84
O4 SO4 U . -50.15 4.17 14.68
C1 GOL V . -5.56 -3.51 17.17
O1 GOL V . -6.54 -4.36 17.73
C2 GOL V . -6.19 -2.19 16.75
O2 GOL V . -6.27 -2.13 15.35
C3 GOL V . -7.59 -2.06 17.35
O3 GOL V . -8.11 -0.79 17.05
MN MN W . -13.91 19.43 7.05
MN MN X . -9.08 23.68 0.71
MN MN Y . -17.25 16.42 10.81
C1 NAG Z . -42.73 -3.97 -36.77
C2 NAG Z . -42.86 -2.48 -37.11
C3 NAG Z . -42.78 -2.26 -38.62
C4 NAG Z . -41.53 -2.92 -39.19
C5 NAG Z . -41.50 -4.39 -38.80
C6 NAG Z . -40.25 -5.09 -39.26
C7 NAG Z . -44.33 -0.64 -36.37
C8 NAG Z . -45.68 -0.28 -35.83
N2 NAG Z . -44.12 -1.94 -36.59
O3 NAG Z . -42.77 -0.86 -38.91
O4 NAG Z . -41.51 -2.80 -40.60
O5 NAG Z . -41.53 -4.50 -37.37
O6 NAG Z . -39.23 -5.05 -38.27
O7 NAG Z . -43.46 0.20 -36.59
C13 I1F AA . -7.50 17.91 13.15
C16 I1F AA . -8.53 20.53 12.71
C22 I1F AA . -7.79 15.27 11.30
C25 I1F AA . -8.85 15.67 9.05
C26 I1F AA . -9.01 17.08 8.45
C27 I1F AA . -9.84 17.97 9.29
C30 I1F AA . -11.61 20.98 10.23
C31 I1F AA . -13.16 21.07 9.81
C34 I1F AA . -11.08 18.65 11.03
N24 I1F AA . -8.87 15.68 10.54
O23 I1F AA . -6.78 14.84 10.77
C02 I1F AA . -5.43 7.92 15.22
C04 I1F AA . -6.05 9.16 14.70
C05 I1F AA . -6.73 9.18 13.49
C06 I1F AA . -7.29 10.35 12.99
C07 I1F AA . -7.23 11.55 13.70
C08 I1F AA . -7.80 12.82 13.18
C11 I1F AA . -7.82 15.30 12.89
C12 I1F AA . -6.96 16.54 13.39
C14 I1F AA . -7.35 18.57 11.93
C15 I1F AA . -7.84 19.83 11.68
C20 I1F AA . -8.70 19.90 13.97
C21 I1F AA . -8.19 18.63 14.16
C35 I1F AA . -10.36 17.56 10.54
C36 I1F AA . -10.10 16.22 11.10
C37 I1F AA . -6.53 11.52 14.91
C38 I1F AA . -5.96 10.35 15.40
N01 I1F AA . -4.46 7.29 14.70
N03 I1F AA . -5.98 7.37 16.45
N10 I1F AA . -7.25 14.08 13.43
N17 I1F AA . -9.06 21.83 12.53
N28 I1F AA . -10.23 19.26 9.02
N29 I1F AA . -10.97 19.67 10.08
O09 I1F AA . -8.81 12.76 12.48
O18 I1F AA . -9.90 22.35 13.19
O19 I1F AA . -8.53 22.53 11.53
O32 I1F AA . -13.50 20.32 8.88
O33 I1F AA . -13.84 21.88 10.47
S SO4 BA . 16.63 10.40 -27.64
O1 SO4 BA . 16.74 9.50 -26.50
O2 SO4 BA . 15.63 11.43 -27.36
O3 SO4 BA . 16.24 9.63 -28.82
O4 SO4 BA . 17.92 11.04 -27.90
S SO4 CA . 47.05 -22.87 -7.22
O1 SO4 CA . 45.99 -23.88 -7.30
O2 SO4 CA . 47.09 -22.30 -5.88
O3 SO4 CA . 48.33 -23.50 -7.54
O4 SO4 CA . 46.77 -21.81 -8.19
S SO4 DA . 9.33 -19.38 -11.88
O1 SO4 DA . 8.30 -20.41 -12.02
O2 SO4 DA . 8.72 -18.06 -12.02
O3 SO4 DA . 9.96 -19.51 -10.57
O4 SO4 DA . 10.35 -19.55 -12.92
CL CL EA . 49.68 4.23 -25.97
CL CL FA . 51.36 -8.37 -40.11
CA CA GA . 22.23 -29.01 -26.00
CA CA HA . 34.35 -28.92 -17.88
CA CA IA . 45.91 -23.85 -20.81
CA CA JA . 48.81 -15.67 -31.94
MN MN KA . 8.21 6.35 -7.10
MN MN LA . 2.35 7.77 -0.47
MN MN MA . 12.35 5.16 -11.07
C1 NAG NA . 44.61 -4.02 35.75
C2 NAG NA . 43.65 -2.92 36.21
C3 NAG NA . 43.20 -3.15 37.66
C4 NAG NA . 42.63 -4.55 37.81
C5 NAG NA . 43.67 -5.57 37.37
C6 NAG NA . 43.17 -7.00 37.42
C7 NAG NA . 43.78 -0.63 35.33
C8 NAG NA . 44.56 0.65 35.33
N2 NAG NA . 44.28 -1.61 36.09
O3 NAG NA . 42.22 -2.19 38.01
O4 NAG NA . 42.27 -4.79 39.17
O5 NAG NA . 44.03 -5.31 36.00
O6 NAG NA . 43.64 -7.75 36.31
O7 NAG NA . 42.77 -0.77 34.66
CL CL OA . 27.17 11.23 19.99
C13 I1F PA . 2.98 2.14 -13.20
C16 I1F PA . 2.72 4.92 -12.61
C22 I1F PA . 4.51 -0.08 -11.47
C25 I1F PA . 5.36 0.88 -9.29
C26 I1F PA . 4.83 2.23 -8.73
C27 I1F PA . 5.19 3.38 -9.59
C30 I1F PA . 5.54 6.85 -10.59
C31 I1F PA . 6.61 7.65 -9.72
C34 I1F PA . 5.97 4.49 -11.37
N24 I1F PA . 5.28 0.84 -10.77
O23 I1F PA . 3.84 -0.92 -10.88
C02 I1F PA . 5.36 -7.80 -15.66
C04 I1F PA . 5.41 -6.42 -15.06
C05 I1F PA . 6.09 -6.13 -13.89
C06 I1F PA . 6.14 -4.84 -13.35
C07 I1F PA . 5.49 -3.76 -13.96
C08 I1F PA . 5.50 -2.37 -13.41
C11 I1F PA . 4.45 -0.08 -13.07
C12 I1F PA . 3.12 0.68 -13.51
C14 I1F PA . 2.43 2.61 -12.00
C15 I1F PA . 2.29 3.94 -11.69
C20 I1F PA . 3.29 4.49 -13.86
C21 I1F PA . 3.41 3.15 -14.11
C35 I1F PA . 5.79 3.20 -10.87
C36 I1F PA . 6.09 1.87 -11.43
C37 I1F PA . 4.80 -4.07 -15.13
C38 I1F PA . 4.76 -5.35 -15.67
N01 I1F PA . 4.59 -8.76 -15.32
N03 I1F PA . 6.29 -8.08 -16.74
N10 I1F PA . 4.45 -1.44 -13.60
N17 I1F PA . 2.62 6.32 -12.38
N28 I1F PA . 5.02 4.73 -9.33
N29 I1F PA . 5.50 5.38 -10.42
O09 I1F PA . 6.47 -2.00 -12.75
O18 I1F PA . 2.96 7.18 -13.10
O19 I1F PA . 2.06 6.64 -11.21
O32 I1F PA . 7.36 6.96 -9.02
O33 I1F PA . 6.57 8.89 -9.84
S SO4 QA . -15.82 22.31 51.54
O1 SO4 QA . -16.24 21.43 50.45
O2 SO4 QA . -16.99 22.68 52.34
O3 SO4 QA . -14.86 21.60 52.38
O4 SO4 QA . -15.21 23.51 51.00
#